data_7S6D
#
_entry.id   7S6D
#
_cell.length_a   1.00
_cell.length_b   1.00
_cell.length_c   1.00
_cell.angle_alpha   90.00
_cell.angle_beta   90.00
_cell.angle_gamma   90.00
#
_symmetry.space_group_name_H-M   'P 1'
#
loop_
_entity.id
_entity.type
_entity.pdbx_description
1 polymer '6-deoxyerythronolide-B synthase EryA2, modules 3 and 4, Lsd14 Polyketide synthase fusion'
2 polymer 'Fab 1B2 heavy chain'
3 polymer 'Fab 1B2 light chain'
4 non-polymer "2'-MONOPHOSPHOADENOSINE-5'-DIPHOSPHATE"
#
loop_
_entity_poly.entity_id
_entity_poly.type
_entity_poly.pdbx_seq_one_letter_code
_entity_poly.pdbx_strand_id
1 'polypeptide(L)'
;MVTDSEKVAEYLRRATLDLRAARQRIRELESEPIAIIGMACRLPGGVDSPEGLWELVDSGTDAIAGFPLDRGWDVEGMYD
PDAEAPGKTYVKEAGFLYDAGEFDAGFFGISPREAVSMDPQQRLMLEASWEAFERAGLDPARQRGTATGVFVGATATGYV
SPAAEVPEGAEGFAITGNMTAVTSGRISYTLGLQGPAVTIDTACSSSLVALHLACQSLRQGECTTALAGGVTVMPTPTAF
TEFSRQRGLAPDGRCKSFAAAADGTNWAEGVAVLVVERLSDARRNGHRVLAVVRGTAINQDGASNGLSAPNDLAQERVIR
SALDNAGLTASDVDAVEAHGTGTTLGDPIEAQALLAAYGHERPAHRPLRVGSLKSNIGHAGPAAGVAGVIKMVMAMRHGV
LPRSLHIDEPTPQVDWSSGAVTLLTEPVDWPDSDRPRRAGVSAFGISGTNAHVILEQAPTQDPQQPAPPVPAAPWLLSAK
TPAALRAQARRLHTHLARHPHPDPTDIAHALATTRTPHEHRAALVTDDHGTRGPALAALAEGAPDACLISGTALSKGRTV
FVFPGQGSQWTGMGRELLHTSPEFAAYIAECETALNDFVDWSLTDVLRGTEGAPGYDRVDVVQPALFAVMVSLARLWQHH
GIHPDAVIGHSQGEIAAAHIAGALSLQDAARIVALRSQALLPLAGLGGMTSLALPHDQALQLIQPWGQDLSIASVNGPHS
TVVSGTTHALDELHTTCDTQGVRARRIPVDYASHSAQVESIRDTVLQAATGINPQPTTIPLYSTVTGQPIDGTQLDADYW
YTNLRHTVRFEETTRALLGSGHRHFIETTAHPVLALALEETIEATGSDARVTGTLRRDHGDLTQLHTALATAWTHGIDVD
WTAVLGDRRTPFELPTYAFQRQRYWLEPGAGVGVPVGGTSAEARFWDAVEDEDLEALVAAIGADGDDASWAGVLPALAGW
RRRQREQSALDDLRYKVTWKPTAVADGASATGTWLVVVPESLAGGGWPVVVARAVDQAGGRPVVLSVDAADGADRSRLGL
RIHEALGEGPVPDAVVSLLALDPSALPGLPDVPQALASTAALVQALLDLGLEARLWCVTSGAVSVSGADGPSAPEQAAVW
GFGRVAGLEHPHLWAGLVDLPPEADERTAARLVGVLAGAGGEDQVALRSSGVFVRRLVRAPASEVPAVRSWKPGGTVLVT
GGTGGLGRQVARWLARGGADHLLLVSRRGVDAPGADELVDELTDLGARVTVAACDVADRDAVQRLLSEQVPSDAPLTAVI
HTAAVLDDGVIDSLSPERMEQVLRVKVGGAVHLYELTRESDLSAFVLFSSFGSTFGLPGLGNYAPGNAALEALAEQWRAE
GRPATAVGWGTWAGGGMADGGVGERGRTHGIHELEPALATAALEQALERDESSPVIIDIDWERFAVAFHAKRPTRGFELV
PEAQAALEAADGGPGPDGGAGDPSELLDRLAALPDAERDRALLEVVRGNAASVMSHGAMRTATLEAVEPTRAFRDLGFDS
LMAVELRNRIGAATGLRLAPTLVFDHPTPEAVVRHLRAELGLEGDGAPDPVFDELDGLERALSSYTPDTDTRVKITKRLE
SLLWEWTRSEADAPDPVDAADLAAVSDDEMFELIDRELGSALEHHHHHH
;
C,A,B
2 'polypeptide(L)'
;MAEVQLVQSGGGLVQPGRSLRLSCTASGFTFGDYAMSWVRQAPGKGLEWVGFIRSKAYGGTTEYAASVKGRFTISRDDSK
SIAYLQMNSLKTEDTAVYYCTRGGTLFDYWGQGTLVTVSSASTKGPSVFPLAPSSKSTSGGTAALGCLVKDYFPEPVTVS
WNSGALTSGVHTFPAVLQSSGLYSLSSVVTVPSSSLGTQTYICNVNHKPSNTKVDKKVEPKSCAALVPRGSAHHHHHHAA
DYKDDDDKA
;
E,D
3 'polypeptide(L)'
;LFAIPLVVPFYSHSALDVVMTQSPLSLPVTPGEPASISCRSSQSLLHSNGYNYLDWYLQKPGQSPQLLIYLGSNRASGVP
DRFSGSGSGTDFTLKISRVEAEDVGVYYCMQSLQTPRLTFGPGTKVDIKRTVAAPSVFIFPPSDEQLKSGTASVVCLLNN
FYPRGAKVQWKVDNALQSGNSQESVTEQDSKDSTYSLSSTLTLSKADYEKHKVYACEVTHQGLSSPVTKSFNRGEC
;
G,F
#
loop_
_chem_comp.id
_chem_comp.type
_chem_comp.name
_chem_comp.formula
ATR non-polymer 2'-MONOPHOSPHOADENOSINE-5'-DIPHOSPHATE 'C10 H16 N5 O13 P3'
#
# COMPACT_ATOMS: atom_id res chain seq x y z
N TRP A 960 35.90 -7.15 58.91
CA TRP A 960 35.49 -7.05 57.51
C TRP A 960 34.82 -8.34 57.04
N ARG A 961 35.50 -9.47 57.27
CA ARG A 961 34.92 -10.76 56.91
C ARG A 961 33.63 -11.00 57.70
N ARG A 962 33.65 -10.72 59.00
CA ARG A 962 32.44 -10.84 59.80
C ARG A 962 31.36 -9.89 59.30
N ARG A 963 31.75 -8.64 59.01
CA ARG A 963 30.77 -7.66 58.52
C ARG A 963 30.20 -8.07 57.17
N GLN A 964 31.05 -8.56 56.27
CA GLN A 964 30.57 -9.00 54.97
C GLN A 964 29.61 -10.18 55.12
N ARG A 965 29.99 -11.17 55.94
CA ARG A 965 29.15 -12.35 56.11
C ARG A 965 27.80 -12.00 56.73
N GLU A 966 27.81 -11.18 57.78
CA GLU A 966 26.55 -10.85 58.44
C GLU A 966 25.69 -9.94 57.57
N GLN A 967 26.30 -9.05 56.79
CA GLN A 967 25.51 -8.23 55.87
C GLN A 967 24.86 -9.10 54.80
N SER A 968 25.60 -10.07 54.26
CA SER A 968 25.03 -10.97 53.28
C SER A 968 23.88 -11.78 53.88
N ALA A 969 24.07 -12.29 55.10
CA ALA A 969 23.00 -13.05 55.75
C ALA A 969 21.79 -12.16 56.01
N LEU A 970 22.03 -10.90 56.41
CA LEU A 970 20.93 -9.97 56.67
C LEU A 970 20.13 -9.71 55.40
N ASP A 971 20.81 -9.46 54.28
CA ASP A 971 20.09 -9.20 53.03
C ASP A 971 19.47 -10.46 52.46
N ASP A 972 19.95 -11.65 52.85
CA ASP A 972 19.33 -12.89 52.41
C ASP A 972 17.90 -13.04 52.91
N LEU A 973 17.55 -12.41 54.04
CA LEU A 973 16.25 -12.57 54.68
C LEU A 973 15.39 -11.31 54.55
N ARG A 974 15.59 -10.53 53.48
CA ARG A 974 14.80 -9.34 53.20
C ARG A 974 13.78 -9.67 52.12
N TYR A 975 12.55 -9.19 52.29
CA TYR A 975 11.46 -9.44 51.36
C TYR A 975 10.54 -8.24 51.33
N LYS A 976 9.61 -8.26 50.37
CA LYS A 976 8.64 -7.18 50.22
C LYS A 976 7.43 -7.71 49.45
N VAL A 977 6.25 -7.29 49.88
CA VAL A 977 5.01 -7.62 49.20
C VAL A 977 4.77 -6.59 48.11
N THR A 978 4.22 -7.02 46.98
CA THR A 978 3.93 -6.13 45.87
C THR A 978 2.77 -6.74 45.07
N TRP A 979 2.41 -6.05 43.99
CA TRP A 979 1.25 -6.41 43.19
C TRP A 979 1.67 -6.52 41.73
N LYS A 980 1.89 -7.75 41.29
CA LYS A 980 2.30 -8.01 39.91
C LYS A 980 1.12 -7.75 38.98
N PRO A 981 1.26 -6.89 37.96
CA PRO A 981 0.21 -6.85 36.93
C PRO A 981 0.17 -8.15 36.15
N THR A 982 -1.03 -8.49 35.67
CA THR A 982 -1.23 -9.73 34.95
C THR A 982 -2.28 -9.52 33.87
N ALA A 983 -2.26 -10.40 32.86
CA ALA A 983 -3.19 -10.30 31.76
C ALA A 983 -4.61 -10.55 32.23
N VAL A 984 -5.56 -9.79 31.68
CA VAL A 984 -6.96 -9.95 32.04
C VAL A 984 -7.45 -11.30 31.55
N ALA A 985 -8.01 -12.09 32.46
CA ALA A 985 -8.53 -13.40 32.09
C ALA A 985 -9.74 -13.26 31.17
N ASP A 986 -9.84 -14.18 30.21
CA ASP A 986 -10.98 -14.14 29.29
C ASP A 986 -12.30 -14.36 30.00
N GLY A 987 -12.28 -15.13 31.10
CA GLY A 987 -13.50 -15.41 31.84
C GLY A 987 -14.25 -16.59 31.26
N ALA A 988 -15.40 -16.87 31.89
CA ALA A 988 -16.25 -17.98 31.47
C ALA A 988 -17.68 -17.67 31.87
N SER A 989 -18.58 -18.60 31.58
CA SER A 989 -19.98 -18.44 31.90
C SER A 989 -20.22 -18.72 33.38
N ALA A 990 -21.06 -17.90 34.00
CA ALA A 990 -21.42 -18.07 35.40
C ALA A 990 -22.46 -19.18 35.50
N THR A 991 -21.99 -20.40 35.77
CA THR A 991 -22.87 -21.56 35.83
C THR A 991 -23.63 -21.60 37.14
N GLY A 992 -24.89 -22.02 37.07
CA GLY A 992 -25.68 -22.22 38.28
C GLY A 992 -26.12 -20.91 38.91
N THR A 993 -26.52 -21.03 40.18
CA THR A 993 -27.01 -19.90 40.96
C THR A 993 -25.92 -19.41 41.90
N TRP A 994 -25.82 -18.09 42.02
CA TRP A 994 -24.82 -17.43 42.86
C TRP A 994 -25.53 -16.63 43.93
N LEU A 995 -25.08 -16.77 45.18
CA LEU A 995 -25.69 -16.11 46.32
C LEU A 995 -24.89 -14.85 46.65
N VAL A 996 -25.47 -13.69 46.35
CA VAL A 996 -24.84 -12.40 46.65
C VAL A 996 -25.44 -11.89 47.95
N VAL A 997 -24.58 -11.55 48.91
CA VAL A 997 -25.00 -11.02 50.21
C VAL A 997 -24.46 -9.60 50.34
N VAL A 998 -25.32 -8.67 50.73
CA VAL A 998 -25.03 -7.24 50.71
C VAL A 998 -25.45 -6.64 52.06
N PRO A 999 -24.78 -5.60 52.56
CA PRO A 999 -25.30 -4.93 53.76
C PRO A 999 -26.60 -4.20 53.47
N GLU A 1000 -27.43 -4.08 54.51
CA GLU A 1000 -28.65 -3.29 54.39
C GLU A 1000 -28.35 -1.80 54.32
N SER A 1001 -27.24 -1.36 54.93
CA SER A 1001 -26.89 0.05 54.88
C SER A 1001 -26.62 0.50 53.45
N LEU A 1002 -25.90 -0.32 52.68
CA LEU A 1002 -25.66 0.01 51.28
C LEU A 1002 -26.97 0.03 50.49
N ALA A 1003 -27.84 -0.95 50.72
CA ALA A 1003 -29.10 -1.10 49.98
C ALA A 1003 -28.75 -1.24 48.50
N GLY A 1004 -29.64 -0.83 47.61
CA GLY A 1004 -29.31 -0.76 46.20
C GLY A 1004 -28.69 0.57 45.85
N GLY A 1005 -27.36 0.62 45.89
CA GLY A 1005 -26.61 1.83 45.62
C GLY A 1005 -25.71 1.71 44.41
N GLY A 1006 -24.43 1.48 44.68
CA GLY A 1006 -23.40 1.40 43.66
C GLY A 1006 -23.03 -0.02 43.32
N TRP A 1007 -21.98 -0.53 43.95
CA TRP A 1007 -21.45 -1.86 43.64
C TRP A 1007 -22.48 -2.99 43.65
N PRO A 1008 -23.42 -3.08 44.61
CA PRO A 1008 -24.30 -4.27 44.64
C PRO A 1008 -25.15 -4.46 43.39
N VAL A 1009 -25.84 -3.42 42.94
CA VAL A 1009 -26.73 -3.57 41.79
C VAL A 1009 -25.92 -3.91 40.55
N VAL A 1010 -24.74 -3.30 40.39
CA VAL A 1010 -23.96 -3.54 39.18
C VAL A 1010 -23.39 -4.95 39.18
N VAL A 1011 -22.93 -5.46 40.33
CA VAL A 1011 -22.41 -6.82 40.34
C VAL A 1011 -23.54 -7.82 40.14
N ALA A 1012 -24.73 -7.53 40.69
CA ALA A 1012 -25.88 -8.38 40.45
C ALA A 1012 -26.20 -8.43 38.96
N ARG A 1013 -26.19 -7.27 38.29
CA ARG A 1013 -26.43 -7.23 36.86
C ARG A 1013 -25.35 -8.00 36.10
N ALA A 1014 -24.10 -7.86 36.52
CA ALA A 1014 -22.99 -8.53 35.85
C ALA A 1014 -23.14 -10.05 35.92
N VAL A 1015 -23.46 -10.57 37.11
CA VAL A 1015 -23.66 -12.01 37.21
C VAL A 1015 -24.93 -12.43 36.48
N ASP A 1016 -25.93 -11.54 36.37
CA ASP A 1016 -27.11 -11.85 35.59
C ASP A 1016 -26.77 -12.07 34.11
N GLN A 1017 -25.98 -11.16 33.53
CA GLN A 1017 -25.54 -11.36 32.15
C GLN A 1017 -24.44 -12.42 32.01
N ALA A 1018 -23.84 -12.86 33.12
CA ALA A 1018 -22.81 -13.89 33.04
C ALA A 1018 -23.35 -15.29 32.86
N GLY A 1019 -24.68 -15.47 32.84
CA GLY A 1019 -25.32 -16.75 32.73
C GLY A 1019 -25.86 -17.31 34.03
N GLY A 1020 -25.42 -16.77 35.17
CA GLY A 1020 -25.97 -17.18 36.45
C GLY A 1020 -27.19 -16.37 36.82
N ARG A 1021 -27.85 -16.81 37.90
CA ARG A 1021 -29.04 -16.17 38.42
C ARG A 1021 -28.70 -15.48 39.73
N PRO A 1022 -28.71 -14.14 39.83
CA PRO A 1022 -28.39 -13.51 41.11
C PRO A 1022 -29.44 -13.79 42.16
N VAL A 1023 -28.99 -13.84 43.42
CA VAL A 1023 -29.88 -13.93 44.58
C VAL A 1023 -29.44 -12.81 45.53
N VAL A 1024 -30.05 -11.65 45.39
CA VAL A 1024 -29.73 -10.51 46.23
C VAL A 1024 -30.33 -10.73 47.61
N LEU A 1025 -29.50 -10.55 48.65
CA LEU A 1025 -29.91 -10.79 50.04
C LEU A 1025 -29.35 -9.67 50.89
N SER A 1026 -30.15 -8.63 51.09
CA SER A 1026 -29.76 -7.56 52.00
C SER A 1026 -29.72 -8.07 53.43
N VAL A 1027 -28.71 -7.65 54.18
CA VAL A 1027 -28.48 -8.09 55.55
C VAL A 1027 -28.30 -6.87 56.43
N ASP A 1028 -29.01 -6.84 57.55
CA ASP A 1028 -28.86 -5.74 58.50
C ASP A 1028 -27.48 -5.79 59.16
N ALA A 1029 -27.01 -4.62 59.60
CA ALA A 1029 -25.71 -4.54 60.25
C ALA A 1029 -25.67 -5.35 61.52
N ALA A 1030 -26.72 -5.25 62.34
CA ALA A 1030 -26.79 -6.06 63.55
C ALA A 1030 -26.87 -7.55 63.23
N ASP A 1031 -27.63 -7.90 62.20
CA ASP A 1031 -27.75 -9.30 61.79
C ASP A 1031 -26.42 -9.88 61.32
N GLY A 1032 -25.54 -9.05 60.76
CA GLY A 1032 -24.28 -9.53 60.25
C GLY A 1032 -23.30 -10.00 61.31
N ALA A 1033 -23.54 -9.68 62.58
CA ALA A 1033 -22.61 -10.06 63.64
C ALA A 1033 -22.81 -11.52 64.06
N ASP A 1034 -24.01 -11.86 64.49
CA ASP A 1034 -24.27 -13.21 64.98
C ASP A 1034 -24.16 -14.22 63.84
N ARG A 1035 -23.48 -15.35 64.12
CA ARG A 1035 -23.37 -16.40 63.13
C ARG A 1035 -24.66 -17.19 63.00
N SER A 1036 -25.34 -17.46 64.11
CA SER A 1036 -26.58 -18.25 64.06
C SER A 1036 -27.68 -17.50 63.33
N ARG A 1037 -27.88 -16.22 63.68
CA ARG A 1037 -28.92 -15.44 63.03
C ARG A 1037 -28.61 -15.25 61.55
N LEU A 1038 -27.34 -15.00 61.21
CA LEU A 1038 -26.97 -14.86 59.81
C LEU A 1038 -27.19 -16.17 59.05
N GLY A 1039 -26.83 -17.30 59.66
CA GLY A 1039 -27.06 -18.58 59.00
C GLY A 1039 -28.54 -18.85 58.78
N LEU A 1040 -29.37 -18.48 59.76
CA LEU A 1040 -30.82 -18.60 59.57
C LEU A 1040 -31.28 -17.70 58.42
N ARG A 1041 -30.71 -16.50 58.31
CA ARG A 1041 -31.06 -15.61 57.21
C ARG A 1041 -30.69 -16.22 55.87
N ILE A 1042 -29.49 -16.81 55.76
CA ILE A 1042 -29.11 -17.48 54.52
C ILE A 1042 -30.07 -18.61 54.22
N HIS A 1043 -30.39 -19.43 55.23
CA HIS A 1043 -31.24 -20.59 55.00
C HIS A 1043 -32.64 -20.18 54.54
N GLU A 1044 -33.22 -19.15 55.15
CA GLU A 1044 -34.56 -18.76 54.78
C GLU A 1044 -34.59 -18.02 53.44
N ALA A 1045 -33.60 -17.19 53.17
CA ALA A 1045 -33.57 -16.48 51.89
C ALA A 1045 -33.35 -17.43 50.73
N LEU A 1046 -32.43 -18.38 50.89
CA LEU A 1046 -32.12 -19.35 49.85
C LEU A 1046 -33.00 -20.59 49.91
N GLY A 1047 -33.82 -20.75 50.94
CA GLY A 1047 -34.59 -21.98 51.09
C GLY A 1047 -35.57 -22.18 49.97
N GLU A 1048 -35.92 -23.44 49.73
CA GLU A 1048 -36.78 -23.85 48.62
C GLU A 1048 -36.20 -23.39 47.29
N GLY A 1049 -35.01 -23.90 47.00
CA GLY A 1049 -34.31 -23.58 45.77
C GLY A 1049 -33.04 -24.37 45.63
N PRO A 1050 -32.35 -24.22 44.49
CA PRO A 1050 -31.09 -24.95 44.30
C PRO A 1050 -30.02 -24.46 45.26
N VAL A 1051 -29.10 -25.37 45.59
CA VAL A 1051 -27.97 -25.02 46.44
C VAL A 1051 -27.08 -24.05 45.67
N PRO A 1052 -26.32 -23.19 46.33
CA PRO A 1052 -25.55 -22.18 45.58
C PRO A 1052 -24.27 -22.75 45.00
N ASP A 1053 -23.99 -22.37 43.75
CA ASP A 1053 -22.71 -22.73 43.14
C ASP A 1053 -21.57 -21.92 43.73
N ALA A 1054 -21.80 -20.65 44.03
CA ALA A 1054 -20.79 -19.80 44.65
C ALA A 1054 -21.49 -18.71 45.45
N VAL A 1055 -20.73 -18.10 46.35
CA VAL A 1055 -21.22 -17.03 47.21
C VAL A 1055 -20.32 -15.81 47.02
N VAL A 1056 -20.94 -14.64 46.89
CA VAL A 1056 -20.25 -13.37 46.75
C VAL A 1056 -20.60 -12.52 47.96
N SER A 1057 -19.58 -11.98 48.62
CA SER A 1057 -19.73 -11.22 49.86
C SER A 1057 -19.29 -9.79 49.62
N LEU A 1058 -20.26 -8.89 49.57
CA LEU A 1058 -20.04 -7.45 49.57
C LEU A 1058 -20.06 -6.87 50.98
N LEU A 1059 -20.13 -7.73 52.01
CA LEU A 1059 -20.25 -7.24 53.39
C LEU A 1059 -19.06 -6.42 53.83
N ALA A 1060 -17.90 -6.57 53.19
CA ALA A 1060 -16.72 -5.83 53.57
C ALA A 1060 -16.77 -4.35 53.16
N LEU A 1061 -17.79 -3.94 52.40
CA LEU A 1061 -17.85 -2.58 51.89
C LEU A 1061 -18.43 -1.58 52.88
N ASP A 1062 -18.86 -2.02 54.07
CA ASP A 1062 -19.47 -1.12 55.04
C ASP A 1062 -18.38 -0.50 55.91
N PRO A 1063 -18.14 0.83 55.84
CA PRO A 1063 -17.11 1.44 56.72
C PRO A 1063 -17.68 1.91 58.07
N SER A 1064 -17.95 0.96 58.95
CA SER A 1064 -18.51 1.28 60.25
C SER A 1064 -18.03 0.26 61.28
N ALA A 1065 -18.10 0.65 62.54
CA ALA A 1065 -17.69 -0.17 63.67
C ALA A 1065 -18.90 -0.86 64.29
N LEU A 1066 -18.66 -1.99 64.94
CA LEU A 1066 -19.72 -2.76 65.56
C LEU A 1066 -20.21 -2.04 66.82
N PRO A 1067 -21.51 -1.75 66.96
CA PRO A 1067 -21.98 -1.17 68.22
C PRO A 1067 -21.76 -2.12 69.39
N GLY A 1068 -21.38 -1.56 70.53
CA GLY A 1068 -21.04 -2.32 71.71
C GLY A 1068 -19.58 -2.75 71.77
N LEU A 1069 -18.95 -2.95 70.61
CA LEU A 1069 -17.55 -3.33 70.50
C LEU A 1069 -16.86 -2.30 69.61
N PRO A 1070 -16.66 -1.08 70.11
CA PRO A 1070 -16.23 0.02 69.23
C PRO A 1070 -14.87 -0.19 68.57
N ASP A 1071 -14.01 -1.05 69.13
CA ASP A 1071 -12.68 -1.28 68.59
C ASP A 1071 -12.64 -2.49 67.66
N VAL A 1072 -13.74 -2.79 66.98
CA VAL A 1072 -13.80 -3.81 65.95
C VAL A 1072 -14.52 -3.21 64.74
N PRO A 1073 -14.12 -3.50 63.51
CA PRO A 1073 -14.90 -3.02 62.36
C PRO A 1073 -16.01 -3.98 61.99
N GLN A 1074 -17.10 -3.41 61.48
CA GLN A 1074 -18.24 -4.21 61.07
C GLN A 1074 -17.87 -5.18 59.96
N ALA A 1075 -16.91 -4.81 59.11
CA ALA A 1075 -16.56 -5.64 57.96
C ALA A 1075 -15.95 -6.96 58.40
N LEU A 1076 -14.97 -6.93 59.29
CA LEU A 1076 -14.31 -8.17 59.72
C LEU A 1076 -15.29 -9.08 60.46
N ALA A 1077 -16.10 -8.51 61.35
CA ALA A 1077 -17.07 -9.32 62.08
C ALA A 1077 -18.08 -9.94 61.12
N SER A 1078 -18.55 -9.16 60.14
CA SER A 1078 -19.51 -9.69 59.17
C SER A 1078 -18.91 -10.79 58.34
N THR A 1079 -17.65 -10.63 57.91
CA THR A 1079 -17.01 -11.68 57.11
C THR A 1079 -16.82 -12.95 57.92
N ALA A 1080 -16.39 -12.82 59.18
CA ALA A 1080 -16.24 -13.99 60.03
C ALA A 1080 -17.59 -14.68 60.25
N ALA A 1081 -18.63 -13.89 60.50
CA ALA A 1081 -19.96 -14.46 60.69
C ALA A 1081 -20.41 -15.19 59.43
N LEU A 1082 -20.18 -14.60 58.27
CA LEU A 1082 -20.62 -15.23 57.02
C LEU A 1082 -19.91 -16.55 56.79
N VAL A 1083 -18.58 -16.57 56.96
CA VAL A 1083 -17.84 -17.79 56.66
C VAL A 1083 -18.20 -18.90 57.67
N GLN A 1084 -18.31 -18.56 58.95
CA GLN A 1084 -18.64 -19.60 59.91
C GLN A 1084 -20.11 -20.01 59.84
N ALA A 1085 -21.00 -19.12 59.39
CA ALA A 1085 -22.37 -19.53 59.13
C ALA A 1085 -22.45 -20.48 57.95
N LEU A 1086 -21.67 -20.22 56.89
CA LEU A 1086 -21.61 -21.15 55.77
C LEU A 1086 -21.05 -22.49 56.23
N LEU A 1087 -20.08 -22.47 57.14
CA LEU A 1087 -19.59 -23.71 57.74
C LEU A 1087 -20.72 -24.44 58.47
N ASP A 1088 -21.53 -23.69 59.23
CA ASP A 1088 -22.64 -24.30 59.96
C ASP A 1088 -23.64 -24.94 59.00
N LEU A 1089 -23.97 -24.25 57.91
CA LEU A 1089 -24.94 -24.78 56.96
C LEU A 1089 -24.40 -25.96 56.16
N GLY A 1090 -23.08 -26.14 56.12
CA GLY A 1090 -22.51 -27.25 55.39
C GLY A 1090 -22.55 -27.12 53.89
N LEU A 1091 -22.80 -25.92 53.36
CA LEU A 1091 -22.84 -25.73 51.92
C LEU A 1091 -21.45 -25.91 51.32
N GLU A 1092 -21.42 -26.47 50.11
CA GLU A 1092 -20.18 -26.73 49.38
C GLU A 1092 -19.78 -25.58 48.47
N ALA A 1093 -20.49 -24.46 48.50
CA ALA A 1093 -20.21 -23.36 47.61
C ALA A 1093 -18.86 -22.72 47.92
N ARG A 1094 -18.25 -22.13 46.90
CA ARG A 1094 -17.00 -21.40 47.06
C ARG A 1094 -17.30 -19.95 47.40
N LEU A 1095 -16.58 -19.42 48.39
CA LEU A 1095 -16.84 -18.08 48.92
C LEU A 1095 -15.80 -17.12 48.34
N TRP A 1096 -16.29 -16.06 47.70
CA TRP A 1096 -15.45 -14.93 47.26
C TRP A 1096 -15.93 -13.69 47.98
N CYS A 1097 -15.00 -12.95 48.58
CA CYS A 1097 -15.30 -11.71 49.28
C CYS A 1097 -14.63 -10.55 48.55
N VAL A 1098 -15.38 -9.47 48.35
CA VAL A 1098 -14.90 -8.31 47.60
C VAL A 1098 -14.78 -7.13 48.54
N THR A 1099 -13.70 -6.36 48.36
CA THR A 1099 -13.39 -5.20 49.19
C THR A 1099 -13.17 -3.99 48.29
N SER A 1100 -13.20 -2.81 48.91
CA SER A 1100 -13.01 -1.54 48.20
C SER A 1100 -11.99 -0.71 48.96
N GLY A 1101 -10.97 -0.25 48.26
CA GLY A 1101 -9.92 0.54 48.88
C GLY A 1101 -9.17 -0.21 49.96
N ALA A 1102 -8.98 -1.51 49.78
CA ALA A 1102 -8.36 -2.35 50.79
C ALA A 1102 -6.84 -2.36 50.71
N VAL A 1103 -6.27 -2.15 49.52
CA VAL A 1103 -4.84 -2.25 49.28
C VAL A 1103 -4.44 -1.17 48.30
N SER A 1104 -3.13 -1.02 48.12
CA SER A 1104 -2.54 -0.04 47.21
C SER A 1104 -1.58 -0.77 46.29
N VAL A 1105 -2.02 -1.04 45.06
CA VAL A 1105 -1.16 -1.73 44.10
C VAL A 1105 0.04 -0.86 43.74
N SER A 1106 -0.15 0.46 43.69
CA SER A 1106 0.93 1.39 43.35
C SER A 1106 0.67 2.71 44.07
N GLY A 1107 1.57 3.66 43.84
CA GLY A 1107 1.44 4.98 44.46
C GLY A 1107 0.24 5.77 43.96
N ALA A 1108 -0.28 5.43 42.78
CA ALA A 1108 -1.45 6.13 42.27
C ALA A 1108 -2.67 5.92 43.15
N ASP A 1109 -2.75 4.78 43.83
CA ASP A 1109 -3.89 4.51 44.70
C ASP A 1109 -3.83 5.39 45.95
N GLY A 1110 -4.99 5.65 46.52
CA GLY A 1110 -5.06 6.29 47.81
C GLY A 1110 -4.63 5.31 48.89
N PRO A 1111 -4.37 5.80 50.09
CA PRO A 1111 -3.96 4.90 51.17
C PRO A 1111 -5.05 3.90 51.52
N SER A 1112 -4.64 2.68 51.83
CA SER A 1112 -5.59 1.62 52.16
C SER A 1112 -6.20 1.85 53.53
N ALA A 1113 -7.49 1.54 53.65
CA ALA A 1113 -8.19 1.70 54.91
C ALA A 1113 -7.89 0.53 55.85
N PRO A 1114 -8.07 0.71 57.17
CA PRO A 1114 -7.68 -0.36 58.10
C PRO A 1114 -8.58 -1.59 58.05
N GLU A 1115 -9.90 -1.39 58.06
CA GLU A 1115 -10.81 -2.50 58.25
C GLU A 1115 -10.79 -3.48 57.08
N GLN A 1116 -10.72 -2.97 55.85
CA GLN A 1116 -10.66 -3.89 54.71
C GLN A 1116 -9.33 -4.61 54.65
N ALA A 1117 -8.24 -3.98 55.11
CA ALA A 1117 -6.98 -4.70 55.23
C ALA A 1117 -7.09 -5.82 56.26
N ALA A 1118 -7.78 -5.56 57.37
CA ALA A 1118 -8.02 -6.61 58.34
C ALA A 1118 -8.83 -7.75 57.74
N VAL A 1119 -9.82 -7.40 56.91
CA VAL A 1119 -10.60 -8.42 56.21
C VAL A 1119 -9.70 -9.23 55.29
N TRP A 1120 -8.77 -8.56 54.61
CA TRP A 1120 -7.86 -9.26 53.71
C TRP A 1120 -6.97 -10.23 54.48
N GLY A 1121 -6.44 -9.81 55.63
CA GLY A 1121 -5.66 -10.72 56.45
C GLY A 1121 -6.47 -11.89 56.96
N PHE A 1122 -7.72 -11.62 57.36
CA PHE A 1122 -8.62 -12.68 57.79
C PHE A 1122 -8.85 -13.69 56.68
N GLY A 1123 -9.08 -13.20 55.47
CA GLY A 1123 -9.26 -14.09 54.34
C GLY A 1123 -8.00 -14.88 54.02
N ARG A 1124 -6.84 -14.25 54.15
CA ARG A 1124 -5.59 -14.96 53.90
C ARG A 1124 -5.43 -16.13 54.86
N VAL A 1125 -5.66 -15.90 56.16
CA VAL A 1125 -5.51 -16.99 57.11
C VAL A 1125 -6.62 -18.03 56.92
N ALA A 1126 -7.83 -17.59 56.57
CA ALA A 1126 -8.93 -18.53 56.39
C ALA A 1126 -8.72 -19.44 55.18
N GLY A 1127 -8.06 -18.93 54.13
CA GLY A 1127 -7.87 -19.72 52.94
C GLY A 1127 -7.07 -21.00 53.15
N LEU A 1128 -6.26 -21.05 54.19
CA LEU A 1128 -5.42 -22.22 54.45
C LEU A 1128 -6.18 -23.31 55.19
N GLU A 1129 -6.78 -22.98 56.33
CA GLU A 1129 -7.49 -23.98 57.12
C GLU A 1129 -8.76 -24.47 56.45
N HIS A 1130 -9.31 -23.71 55.50
CA HIS A 1130 -10.50 -24.10 54.75
C HIS A 1130 -10.27 -23.83 53.27
N PRO A 1131 -9.43 -24.65 52.61
CA PRO A 1131 -9.16 -24.40 51.18
C PRO A 1131 -10.40 -24.49 50.31
N HIS A 1132 -11.29 -25.44 50.58
CA HIS A 1132 -12.44 -25.65 49.70
C HIS A 1132 -13.46 -24.53 49.86
N LEU A 1133 -13.79 -24.16 51.10
CA LEU A 1133 -14.83 -23.17 51.32
C LEU A 1133 -14.39 -21.79 50.82
N TRP A 1134 -13.22 -21.35 51.24
CA TRP A 1134 -12.73 -20.02 50.87
C TRP A 1134 -12.01 -20.11 49.53
N ALA A 1135 -12.41 -19.25 48.60
CA ALA A 1135 -11.86 -19.23 47.25
C ALA A 1135 -10.80 -18.15 47.08
N GLY A 1136 -11.14 -16.90 47.38
CA GLY A 1136 -10.18 -15.82 47.23
C GLY A 1136 -10.81 -14.49 47.54
N LEU A 1137 -10.05 -13.43 47.25
CA LEU A 1137 -10.49 -12.06 47.45
C LEU A 1137 -10.22 -11.25 46.18
N VAL A 1138 -11.08 -10.26 45.94
CA VAL A 1138 -10.97 -9.40 44.77
C VAL A 1138 -11.29 -7.97 45.22
N ASP A 1139 -10.28 -7.13 45.32
CA ASP A 1139 -10.51 -5.73 45.64
C ASP A 1139 -11.06 -4.99 44.41
N LEU A 1140 -11.85 -3.95 44.68
CA LEU A 1140 -12.51 -3.16 43.66
C LEU A 1140 -12.14 -1.68 43.84
N PRO A 1141 -12.25 -0.86 42.79
CA PRO A 1141 -11.95 0.56 42.95
C PRO A 1141 -13.02 1.26 43.77
N PRO A 1142 -12.81 2.52 44.15
CA PRO A 1142 -13.82 3.22 44.96
C PRO A 1142 -15.17 3.36 44.28
N GLU A 1143 -15.19 3.53 42.96
CA GLU A 1143 -16.42 3.86 42.22
C GLU A 1143 -16.89 2.64 41.44
N ALA A 1144 -18.19 2.35 41.54
CA ALA A 1144 -18.78 1.26 40.78
C ALA A 1144 -18.82 1.60 39.30
N ASP A 1145 -18.59 0.59 38.46
CA ASP A 1145 -18.61 0.76 37.02
C ASP A 1145 -18.97 -0.58 36.41
N GLU A 1146 -19.62 -0.53 35.24
CA GLU A 1146 -20.07 -1.76 34.60
C GLU A 1146 -18.89 -2.58 34.07
N ARG A 1147 -17.87 -1.91 33.53
CA ARG A 1147 -16.71 -2.63 33.03
C ARG A 1147 -15.99 -3.37 34.16
N THR A 1148 -15.81 -2.69 35.29
CA THR A 1148 -15.18 -3.33 36.44
C THR A 1148 -16.00 -4.50 36.94
N ALA A 1149 -17.33 -4.35 36.95
CA ALA A 1149 -18.20 -5.46 37.36
C ALA A 1149 -18.08 -6.64 36.40
N ALA A 1150 -17.99 -6.35 35.10
CA ALA A 1150 -17.83 -7.41 34.12
C ALA A 1150 -16.52 -8.16 34.35
N ARG A 1151 -15.43 -7.43 34.58
CA ARG A 1151 -14.16 -8.09 34.87
C ARG A 1151 -14.23 -8.86 36.19
N LEU A 1152 -14.97 -8.34 37.16
CA LEU A 1152 -15.13 -9.01 38.44
C LEU A 1152 -15.82 -10.36 38.27
N VAL A 1153 -16.93 -10.39 37.54
CA VAL A 1153 -17.62 -11.66 37.34
C VAL A 1153 -16.76 -12.58 36.48
N GLY A 1154 -15.97 -12.02 35.55
CA GLY A 1154 -15.09 -12.87 34.77
C GLY A 1154 -14.05 -13.57 35.62
N VAL A 1155 -13.40 -12.84 36.51
CA VAL A 1155 -12.39 -13.47 37.36
C VAL A 1155 -13.04 -14.37 38.40
N LEU A 1156 -14.23 -14.02 38.87
CA LEU A 1156 -14.90 -14.83 39.90
C LEU A 1156 -15.22 -16.23 39.39
N ALA A 1157 -15.46 -16.37 38.09
CA ALA A 1157 -15.78 -17.66 37.49
C ALA A 1157 -14.55 -18.45 37.09
N GLY A 1158 -13.35 -17.94 37.35
CA GLY A 1158 -12.15 -18.64 36.94
C GLY A 1158 -11.96 -19.94 37.70
N ALA A 1159 -11.07 -20.78 37.16
CA ALA A 1159 -10.83 -22.09 37.75
C ALA A 1159 -10.19 -21.97 39.12
N GLY A 1160 -9.13 -21.18 39.22
CA GLY A 1160 -8.44 -21.01 40.49
C GLY A 1160 -7.03 -20.53 40.26
N GLY A 1161 -6.30 -20.41 41.37
CA GLY A 1161 -4.94 -19.93 41.39
C GLY A 1161 -4.81 -18.45 41.64
N GLU A 1162 -5.72 -17.66 41.09
CA GLU A 1162 -5.72 -16.19 41.27
C GLU A 1162 -6.49 -15.85 42.54
N ASP A 1163 -5.91 -16.25 43.67
CA ASP A 1163 -6.58 -16.09 44.95
C ASP A 1163 -6.67 -14.62 45.35
N GLN A 1164 -5.53 -13.96 45.50
CA GLN A 1164 -5.45 -12.58 45.98
C GLN A 1164 -5.19 -11.67 44.80
N VAL A 1165 -6.25 -11.01 44.32
CA VAL A 1165 -6.18 -10.10 43.17
C VAL A 1165 -6.90 -8.81 43.53
N ALA A 1166 -6.64 -7.79 42.70
CA ALA A 1166 -7.25 -6.47 42.86
C ALA A 1166 -7.52 -5.89 41.49
N LEU A 1167 -8.67 -5.23 41.36
CA LEU A 1167 -9.10 -4.61 40.12
C LEU A 1167 -9.01 -3.10 40.25
N ARG A 1168 -8.41 -2.46 39.25
CA ARG A 1168 -8.31 -1.01 39.19
C ARG A 1168 -8.58 -0.56 37.76
N SER A 1169 -8.78 0.75 37.59
CA SER A 1169 -8.96 1.29 36.25
C SER A 1169 -7.74 1.04 35.37
N SER A 1170 -6.55 0.99 35.97
CA SER A 1170 -5.35 0.64 35.22
C SER A 1170 -5.44 -0.79 34.68
N GLY A 1171 -5.95 -1.72 35.48
CA GLY A 1171 -6.10 -3.09 35.06
C GLY A 1171 -6.39 -4.04 36.20
N VAL A 1172 -5.74 -5.21 36.18
CA VAL A 1172 -5.90 -6.24 37.20
C VAL A 1172 -4.52 -6.64 37.68
N PHE A 1173 -4.38 -6.83 39.00
CA PHE A 1173 -3.11 -7.16 39.63
C PHE A 1173 -3.31 -8.34 40.57
N VAL A 1174 -2.23 -9.07 40.80
CA VAL A 1174 -2.21 -10.22 41.71
C VAL A 1174 -1.14 -9.98 42.77
N ARG A 1175 -1.50 -10.17 44.03
CA ARG A 1175 -0.55 -9.94 45.11
C ARG A 1175 0.51 -11.04 45.12
N ARG A 1176 1.78 -10.65 45.18
CA ARG A 1176 2.88 -11.60 45.21
C ARG A 1176 4.04 -11.01 45.97
N LEU A 1177 4.92 -11.89 46.45
CA LEU A 1177 6.05 -11.52 47.31
C LEU A 1177 7.35 -11.66 46.54
N VAL A 1178 8.27 -10.72 46.77
CA VAL A 1178 9.54 -10.65 46.06
C VAL A 1178 10.65 -10.39 47.06
N ARG A 1179 11.88 -10.65 46.62
CA ARG A 1179 13.05 -10.26 47.39
C ARG A 1179 13.31 -8.77 47.23
N ALA A 1180 13.93 -8.18 48.25
CA ALA A 1180 14.24 -6.74 48.25
C ALA A 1180 15.52 -6.52 49.05
N PRO A 1181 16.66 -6.99 48.54
CA PRO A 1181 17.92 -6.74 49.24
C PRO A 1181 18.25 -5.26 49.28
N ALA A 1182 18.80 -4.82 50.41
CA ALA A 1182 19.14 -3.42 50.64
C ALA A 1182 20.64 -3.15 50.53
N SER A 1183 21.40 -4.08 49.95
CA SER A 1183 22.85 -3.87 49.84
C SER A 1183 23.17 -2.67 48.97
N GLU A 1184 22.50 -2.54 47.83
CA GLU A 1184 22.80 -1.49 46.87
C GLU A 1184 22.06 -0.18 47.15
N VAL A 1185 21.06 -0.19 48.02
CA VAL A 1185 20.28 1.01 48.29
C VAL A 1185 21.08 1.91 49.25
N PRO A 1186 21.27 3.20 48.95
CA PRO A 1186 22.05 4.03 49.88
C PRO A 1186 21.33 4.24 51.20
N ALA A 1187 22.13 4.48 52.25
CA ALA A 1187 21.59 4.79 53.56
C ALA A 1187 21.29 6.29 53.66
N VAL A 1188 20.11 6.61 54.20
CA VAL A 1188 19.68 8.00 54.34
C VAL A 1188 18.98 8.15 55.68
N ARG A 1189 19.29 9.24 56.39
CA ARG A 1189 18.69 9.53 57.70
C ARG A 1189 18.96 8.38 58.68
N SER A 1190 20.24 8.23 59.00
CA SER A 1190 20.68 7.16 59.89
C SER A 1190 20.01 7.28 61.26
N TRP A 1191 19.72 6.13 61.86
CA TRP A 1191 18.91 6.06 63.08
C TRP A 1191 19.75 6.49 64.28
N LYS A 1192 19.57 7.74 64.68
CA LYS A 1192 20.16 8.29 65.91
C LYS A 1192 19.06 8.94 66.73
N PRO A 1193 18.25 8.14 67.44
CA PRO A 1193 17.21 8.72 68.31
C PRO A 1193 17.84 9.47 69.47
N GLY A 1194 17.46 10.74 69.64
CA GLY A 1194 18.04 11.61 70.64
C GLY A 1194 17.16 11.86 71.84
N GLY A 1195 15.85 11.99 71.61
CA GLY A 1195 14.90 12.29 72.66
C GLY A 1195 14.37 11.04 73.33
N THR A 1196 13.25 11.20 74.03
CA THR A 1196 12.60 10.07 74.67
C THR A 1196 12.09 9.10 73.60
N VAL A 1197 12.27 7.81 73.87
CA VAL A 1197 11.83 6.74 72.98
C VAL A 1197 10.76 5.96 73.71
N LEU A 1198 9.53 5.99 73.19
CA LEU A 1198 8.40 5.31 73.81
C LEU A 1198 8.31 3.88 73.26
N VAL A 1199 8.31 2.90 74.16
CA VAL A 1199 8.22 1.50 73.79
C VAL A 1199 7.07 0.87 74.57
N THR A 1200 6.04 0.42 73.86
CA THR A 1200 4.91 -0.27 74.49
C THR A 1200 5.23 -1.75 74.63
N GLY A 1201 4.83 -2.32 75.76
CA GLY A 1201 5.15 -3.71 76.03
C GLY A 1201 6.62 -3.97 76.14
N GLY A 1202 7.40 -3.01 76.67
CA GLY A 1202 8.82 -3.18 76.82
C GLY A 1202 9.21 -4.35 77.70
N THR A 1203 8.38 -4.65 78.70
CA THR A 1203 8.64 -5.78 79.59
C THR A 1203 8.47 -7.13 78.90
N GLY A 1204 7.86 -7.19 77.73
CA GLY A 1204 7.72 -8.42 76.99
C GLY A 1204 9.02 -8.80 76.31
N GLY A 1205 8.96 -9.90 75.56
CA GLY A 1205 10.16 -10.41 74.90
C GLY A 1205 10.66 -9.50 73.80
N LEU A 1206 9.84 -9.29 72.79
CA LEU A 1206 10.24 -8.40 71.69
C LEU A 1206 10.48 -6.99 72.19
N GLY A 1207 9.64 -6.51 73.11
CA GLY A 1207 9.85 -5.20 73.69
C GLY A 1207 11.17 -5.10 74.44
N ARG A 1208 11.51 -6.15 75.20
CA ARG A 1208 12.78 -6.16 75.91
C ARG A 1208 13.96 -6.13 74.94
N GLN A 1209 13.87 -6.94 73.88
CA GLN A 1209 14.96 -6.98 72.90
C GLN A 1209 15.12 -5.62 72.23
N VAL A 1210 14.02 -4.99 71.85
CA VAL A 1210 14.08 -3.67 71.22
C VAL A 1210 14.63 -2.64 72.20
N ALA A 1211 14.26 -2.75 73.48
CA ALA A 1211 14.73 -1.80 74.48
C ALA A 1211 16.25 -1.90 74.64
N ARG A 1212 16.76 -3.13 74.75
CA ARG A 1212 18.22 -3.27 74.88
C ARG A 1212 18.94 -2.87 73.60
N TRP A 1213 18.31 -3.08 72.44
CA TRP A 1213 18.90 -2.58 71.20
C TRP A 1213 19.00 -1.07 71.21
N LEU A 1214 17.94 -0.39 71.68
CA LEU A 1214 17.99 1.05 71.81
C LEU A 1214 19.08 1.47 72.79
N ALA A 1215 19.24 0.72 73.88
CA ALA A 1215 20.25 1.03 74.87
C ALA A 1215 21.65 0.96 74.28
N ARG A 1216 21.91 -0.03 73.42
CA ARG A 1216 23.22 -0.20 72.79
C ARG A 1216 23.36 0.81 71.66
N GLY A 1217 23.52 2.08 72.05
CA GLY A 1217 23.75 3.16 71.12
C GLY A 1217 22.57 4.09 70.96
N GLY A 1218 22.82 5.39 71.10
CA GLY A 1218 21.79 6.39 70.87
C GLY A 1218 20.61 6.30 71.81
N ALA A 1219 20.88 6.14 73.10
CA ALA A 1219 19.86 6.04 74.14
C ALA A 1219 19.91 7.26 75.04
N ASP A 1220 18.75 7.90 75.23
CA ASP A 1220 18.58 9.01 76.15
C ASP A 1220 17.58 8.70 77.25
N HIS A 1221 16.39 8.25 76.90
CA HIS A 1221 15.35 7.97 77.90
C HIS A 1221 14.36 6.99 77.29
N LEU A 1222 14.40 5.74 77.74
CA LEU A 1222 13.54 4.69 77.22
C LEU A 1222 12.27 4.63 78.06
N LEU A 1223 11.23 5.33 77.60
CA LEU A 1223 9.94 5.34 78.28
C LEU A 1223 9.23 4.03 77.93
N LEU A 1224 9.39 3.04 78.82
CA LEU A 1224 8.70 1.77 78.66
C LEU A 1224 7.29 1.87 79.24
N VAL A 1225 6.34 1.27 78.55
CA VAL A 1225 4.95 1.24 78.97
C VAL A 1225 4.46 -0.21 78.93
N SER A 1226 3.83 -0.64 80.02
CA SER A 1226 3.30 -1.98 80.12
C SER A 1226 2.09 -1.96 81.05
N ARG A 1227 1.24 -2.98 80.93
CA ARG A 1227 0.10 -3.08 81.83
C ARG A 1227 0.56 -3.28 83.26
N ARG A 1228 1.58 -4.11 83.47
CA ARG A 1228 2.14 -4.35 84.80
C ARG A 1228 3.27 -3.39 85.11
N GLY A 1229 4.27 -3.33 84.24
CA GLY A 1229 5.43 -2.48 84.45
C GLY A 1229 6.45 -3.12 85.37
N VAL A 1230 6.53 -2.62 86.61
CA VAL A 1230 7.49 -3.16 87.56
C VAL A 1230 7.13 -4.60 87.91
N ASP A 1231 5.84 -4.93 87.97
CA ASP A 1231 5.41 -6.26 88.38
C ASP A 1231 5.70 -7.34 87.34
N ALA A 1232 6.14 -6.96 86.14
CA ALA A 1232 6.39 -7.96 85.11
C ALA A 1232 7.55 -8.87 85.51
N PRO A 1233 7.59 -10.11 85.01
CA PRO A 1233 8.62 -11.06 85.50
C PRO A 1233 10.00 -10.82 84.90
N GLY A 1234 10.73 -9.88 85.52
CA GLY A 1234 12.08 -9.55 85.14
C GLY A 1234 12.27 -8.08 84.79
N ALA A 1235 11.35 -7.23 85.25
CA ALA A 1235 11.47 -5.81 84.98
C ALA A 1235 12.70 -5.22 85.65
N ASP A 1236 12.98 -5.63 86.89
CA ASP A 1236 14.09 -5.07 87.64
C ASP A 1236 15.43 -5.35 86.96
N GLU A 1237 15.64 -6.59 86.52
CA GLU A 1237 16.87 -6.93 85.82
C GLU A 1237 17.00 -6.14 84.52
N LEU A 1238 15.89 -6.02 83.78
CA LEU A 1238 15.94 -5.29 82.51
C LEU A 1238 16.32 -3.83 82.73
N VAL A 1239 15.69 -3.17 83.71
CA VAL A 1239 16.06 -1.78 83.97
C VAL A 1239 17.49 -1.71 84.50
N ASP A 1240 17.96 -2.73 85.20
CA ASP A 1240 19.33 -2.72 85.69
C ASP A 1240 20.32 -2.67 84.53
N GLU A 1241 20.19 -3.59 83.56
CA GLU A 1241 21.11 -3.51 82.42
C GLU A 1241 20.89 -2.25 81.59
N LEU A 1242 19.64 -1.81 81.41
CA LEU A 1242 19.40 -0.61 80.62
C LEU A 1242 20.05 0.61 81.24
N THR A 1243 19.97 0.74 82.57
CA THR A 1243 20.67 1.82 83.25
C THR A 1243 22.18 1.63 83.17
N ASP A 1244 22.66 0.38 83.22
CA ASP A 1244 24.09 0.14 83.08
C ASP A 1244 24.59 0.62 81.73
N LEU A 1245 23.76 0.54 80.69
CA LEU A 1245 24.09 1.09 79.38
C LEU A 1245 23.70 2.56 79.25
N GLY A 1246 23.48 3.25 80.36
CA GLY A 1246 23.27 4.69 80.33
C GLY A 1246 21.86 5.14 79.98
N ALA A 1247 20.91 4.22 79.87
CA ALA A 1247 19.56 4.59 79.51
C ALA A 1247 18.76 5.00 80.74
N ARG A 1248 18.06 6.14 80.64
CA ARG A 1248 17.19 6.61 81.72
C ARG A 1248 15.83 5.92 81.55
N VAL A 1249 15.68 4.78 82.20
CA VAL A 1249 14.48 3.97 82.08
C VAL A 1249 13.38 4.57 82.96
N THR A 1250 12.15 4.52 82.47
CA THR A 1250 10.98 4.93 83.26
C THR A 1250 9.81 4.06 82.81
N VAL A 1251 9.58 2.99 83.57
CA VAL A 1251 8.51 2.04 83.25
C VAL A 1251 7.18 2.63 83.68
N ALA A 1252 6.08 2.01 83.24
CA ALA A 1252 4.74 2.46 83.57
C ALA A 1252 3.84 1.24 83.78
N ALA A 1253 2.75 1.47 84.49
CA ALA A 1253 1.74 0.45 84.78
C ALA A 1253 0.38 1.00 84.39
N CYS A 1254 0.02 0.87 83.12
CA CYS A 1254 -1.26 1.35 82.64
C CYS A 1254 -1.56 0.66 81.30
N ASP A 1255 -2.85 0.42 81.06
CA ASP A 1255 -3.27 -0.11 79.78
C ASP A 1255 -3.15 0.96 78.71
N VAL A 1256 -2.75 0.54 77.50
CA VAL A 1256 -2.53 1.49 76.42
C VAL A 1256 -3.84 1.90 75.75
N ALA A 1257 -4.86 1.05 75.81
CA ALA A 1257 -6.11 1.35 75.11
C ALA A 1257 -6.83 2.55 75.72
N ASP A 1258 -6.73 2.70 77.05
CA ASP A 1258 -7.41 3.80 77.72
C ASP A 1258 -6.83 5.14 77.26
N ARG A 1259 -7.64 5.94 76.60
CA ARG A 1259 -7.17 7.22 76.07
C ARG A 1259 -6.73 8.15 77.20
N ASP A 1260 -7.50 8.20 78.29
CA ASP A 1260 -7.13 9.05 79.41
C ASP A 1260 -5.80 8.63 80.02
N ALA A 1261 -5.58 7.32 80.13
CA ALA A 1261 -4.35 6.82 80.74
C ALA A 1261 -3.13 7.24 79.93
N VAL A 1262 -3.13 6.97 78.63
CA VAL A 1262 -1.97 7.32 77.81
C VAL A 1262 -1.83 8.83 77.69
N GLN A 1263 -2.94 9.57 77.66
CA GLN A 1263 -2.86 11.02 77.59
C GLN A 1263 -2.19 11.59 78.83
N ARG A 1264 -2.63 11.15 80.01
CA ARG A 1264 -2.00 11.61 81.24
C ARG A 1264 -0.56 11.15 81.33
N LEU A 1265 -0.26 9.93 80.88
CA LEU A 1265 1.11 9.43 80.89
C LEU A 1265 2.02 10.32 80.04
N LEU A 1266 1.55 10.68 78.85
CA LEU A 1266 2.32 11.61 78.01
C LEU A 1266 2.47 12.95 78.69
N SER A 1267 1.42 13.41 79.39
CA SER A 1267 1.48 14.73 80.02
C SER A 1267 2.52 14.78 81.13
N GLU A 1268 2.55 13.76 81.99
CA GLU A 1268 3.37 13.83 83.22
C GLU A 1268 4.64 12.99 83.16
N GLN A 1269 4.60 11.80 82.56
CA GLN A 1269 5.73 10.89 82.62
C GLN A 1269 6.82 11.22 81.60
N VAL A 1270 6.56 12.09 80.64
CA VAL A 1270 7.55 12.48 79.64
C VAL A 1270 8.44 13.55 80.26
N PRO A 1271 9.77 13.35 80.33
CA PRO A 1271 10.63 14.45 80.77
C PRO A 1271 10.52 15.65 79.85
N SER A 1272 10.59 16.85 80.44
CA SER A 1272 10.51 18.08 79.65
C SER A 1272 11.75 18.27 78.78
N ASP A 1273 12.91 17.75 79.23
CA ASP A 1273 14.17 17.93 78.52
C ASP A 1273 14.41 16.86 77.47
N ALA A 1274 13.36 16.19 76.99
CA ALA A 1274 13.51 15.13 76.00
C ALA A 1274 12.18 14.87 75.32
N PRO A 1275 11.80 15.69 74.33
CA PRO A 1275 10.53 15.44 73.62
C PRO A 1275 10.54 14.09 72.91
N LEU A 1276 9.34 13.52 72.80
CA LEU A 1276 9.20 12.19 72.21
C LEU A 1276 9.42 12.26 70.71
N THR A 1277 10.38 11.45 70.23
CA THR A 1277 10.72 11.38 68.81
C THR A 1277 10.39 10.02 68.21
N ALA A 1278 10.92 8.95 68.80
CA ALA A 1278 10.70 7.59 68.33
C ALA A 1278 9.66 6.90 69.20
N VAL A 1279 8.78 6.13 68.56
CA VAL A 1279 7.74 5.39 69.26
C VAL A 1279 7.68 3.99 68.66
N ILE A 1280 7.67 2.97 69.54
CA ILE A 1280 7.65 1.57 69.14
C ILE A 1280 6.37 0.94 69.69
N HIS A 1281 5.69 0.17 68.85
CA HIS A 1281 4.49 -0.55 69.22
C HIS A 1281 4.73 -2.04 68.95
N THR A 1282 4.93 -2.81 70.03
CA THR A 1282 5.13 -4.25 69.93
C THR A 1282 4.38 -4.98 71.04
N ALA A 1283 3.30 -4.40 71.55
CA ALA A 1283 2.52 -4.96 72.64
C ALA A 1283 1.23 -5.53 72.09
N ALA A 1284 0.95 -6.79 72.41
CA ALA A 1284 -0.27 -7.43 71.94
C ALA A 1284 -0.50 -8.72 72.70
N VAL A 1285 -1.75 -8.95 73.10
CA VAL A 1285 -2.12 -10.19 73.77
C VAL A 1285 -2.25 -11.30 72.74
N LEU A 1286 -1.68 -12.46 73.06
CA LEU A 1286 -1.70 -13.63 72.17
C LEU A 1286 -2.87 -14.51 72.60
N ASP A 1287 -4.03 -14.27 72.00
CA ASP A 1287 -5.24 -15.06 72.24
C ASP A 1287 -5.39 -16.02 71.06
N ASP A 1288 -4.75 -17.18 71.16
CA ASP A 1288 -4.81 -18.17 70.11
C ASP A 1288 -6.23 -18.71 69.97
N GLY A 1289 -6.64 -18.95 68.73
CA GLY A 1289 -7.97 -19.47 68.48
C GLY A 1289 -8.09 -19.97 67.06
N VAL A 1290 -9.06 -20.86 66.86
CA VAL A 1290 -9.32 -21.47 65.57
C VAL A 1290 -10.55 -20.79 64.98
N ILE A 1291 -10.66 -20.86 63.64
CA ILE A 1291 -11.75 -20.21 62.94
C ILE A 1291 -13.11 -20.75 63.40
N ASP A 1292 -13.16 -22.03 63.78
CA ASP A 1292 -14.42 -22.61 64.22
C ASP A 1292 -14.87 -22.08 65.58
N SER A 1293 -13.96 -21.48 66.35
CA SER A 1293 -14.25 -21.02 67.71
C SER A 1293 -14.00 -19.52 67.86
N LEU A 1294 -14.21 -18.75 66.80
CA LEU A 1294 -14.09 -17.30 66.87
C LEU A 1294 -15.41 -16.68 67.30
N SER A 1295 -15.30 -15.49 67.90
CA SER A 1295 -16.47 -14.73 68.30
C SER A 1295 -16.07 -13.25 68.36
N PRO A 1296 -17.01 -12.32 68.12
CA PRO A 1296 -16.62 -10.91 68.06
C PRO A 1296 -16.00 -10.38 69.34
N GLU A 1297 -16.33 -10.95 70.49
CA GLU A 1297 -15.68 -10.54 71.74
C GLU A 1297 -14.19 -10.87 71.71
N ARG A 1298 -13.83 -12.03 71.15
CA ARG A 1298 -12.42 -12.40 71.09
C ARG A 1298 -11.65 -11.47 70.15
N MET A 1299 -12.23 -11.16 68.99
CA MET A 1299 -11.61 -10.17 68.11
C MET A 1299 -11.54 -8.81 68.79
N GLU A 1300 -12.53 -8.46 69.61
CA GLU A 1300 -12.46 -7.21 70.34
C GLU A 1300 -11.27 -7.20 71.30
N GLN A 1301 -11.08 -8.29 72.04
CA GLN A 1301 -9.96 -8.35 72.97
C GLN A 1301 -8.63 -8.26 72.23
N VAL A 1302 -8.50 -8.97 71.11
CA VAL A 1302 -7.21 -8.95 70.40
C VAL A 1302 -6.99 -7.60 69.73
N LEU A 1303 -7.99 -7.06 69.05
CA LEU A 1303 -7.85 -5.84 68.28
C LEU A 1303 -7.93 -4.58 69.13
N ARG A 1304 -8.26 -4.69 70.42
CA ARG A 1304 -8.19 -3.54 71.30
C ARG A 1304 -6.76 -3.01 71.36
N VAL A 1305 -5.84 -3.83 71.86
CA VAL A 1305 -4.49 -3.36 72.17
C VAL A 1305 -3.81 -2.76 70.94
N LYS A 1306 -3.66 -3.55 69.87
CA LYS A 1306 -2.91 -3.12 68.70
C LYS A 1306 -3.51 -1.87 68.06
N VAL A 1307 -4.74 -1.99 67.55
CA VAL A 1307 -5.33 -0.91 66.78
C VAL A 1307 -5.59 0.30 67.66
N GLY A 1308 -6.22 0.11 68.82
CA GLY A 1308 -6.53 1.24 69.67
C GLY A 1308 -5.28 1.96 70.14
N GLY A 1309 -4.26 1.21 70.56
CA GLY A 1309 -3.04 1.85 71.00
C GLY A 1309 -2.34 2.61 69.89
N ALA A 1310 -2.29 2.02 68.70
CA ALA A 1310 -1.66 2.72 67.58
C ALA A 1310 -2.40 4.01 67.25
N VAL A 1311 -3.73 3.94 67.20
CA VAL A 1311 -4.52 5.13 66.86
C VAL A 1311 -4.38 6.19 67.94
N HIS A 1312 -4.42 5.80 69.21
CA HIS A 1312 -4.33 6.76 70.29
C HIS A 1312 -2.93 7.39 70.36
N LEU A 1313 -1.89 6.59 70.15
CA LEU A 1313 -0.54 7.14 70.14
C LEU A 1313 -0.36 8.11 68.98
N TYR A 1314 -0.93 7.80 67.81
CA TYR A 1314 -0.86 8.73 66.70
C TYR A 1314 -1.63 10.02 67.00
N GLU A 1315 -2.81 9.89 67.63
CA GLU A 1315 -3.63 11.07 67.86
C GLU A 1315 -3.03 11.98 68.92
N LEU A 1316 -2.55 11.40 70.02
CA LEU A 1316 -1.92 12.22 71.07
C LEU A 1316 -0.66 12.90 70.57
N THR A 1317 -0.01 12.36 69.54
CA THR A 1317 1.08 13.03 68.86
C THR A 1317 0.49 14.06 67.90
N ARG A 1318 1.28 14.58 66.96
CA ARG A 1318 0.97 15.67 66.04
C ARG A 1318 1.13 17.04 66.71
N GLU A 1319 1.42 17.09 68.01
CA GLU A 1319 1.87 18.30 68.66
C GLU A 1319 3.39 18.35 68.84
N SER A 1320 4.06 17.20 68.74
CA SER A 1320 5.51 17.09 68.83
C SER A 1320 6.01 16.31 67.63
N ASP A 1321 7.16 16.72 67.11
CA ASP A 1321 7.76 16.03 65.98
C ASP A 1321 8.17 14.62 66.37
N LEU A 1322 8.14 13.71 65.40
CA LEU A 1322 8.49 12.31 65.60
C LEU A 1322 9.55 11.91 64.59
N SER A 1323 10.65 11.33 65.09
CA SER A 1323 11.66 10.77 64.20
C SER A 1323 11.12 9.58 63.42
N ALA A 1324 10.36 8.71 64.07
CA ALA A 1324 9.79 7.54 63.42
C ALA A 1324 8.65 7.02 64.27
N PHE A 1325 7.82 6.17 63.67
CA PHE A 1325 6.74 5.49 64.38
C PHE A 1325 6.72 4.06 63.86
N VAL A 1326 7.29 3.14 64.62
CA VAL A 1326 7.45 1.75 64.19
C VAL A 1326 6.25 0.95 64.64
N LEU A 1327 5.87 -0.03 63.82
CA LEU A 1327 4.86 -1.02 64.14
C LEU A 1327 5.39 -2.40 63.79
N PHE A 1328 5.09 -3.38 64.64
CA PHE A 1328 5.61 -4.73 64.52
C PHE A 1328 4.47 -5.65 64.08
N SER A 1329 4.26 -5.72 62.77
CA SER A 1329 3.31 -6.67 62.22
C SER A 1329 3.96 -8.04 62.11
N SER A 1330 3.12 -9.07 62.00
CA SER A 1330 3.58 -10.45 62.01
C SER A 1330 3.67 -11.00 60.58
N PHE A 1331 4.40 -12.11 60.46
CA PHE A 1331 4.47 -12.83 59.20
C PHE A 1331 3.10 -13.36 58.79
N GLY A 1332 2.23 -13.64 59.76
CA GLY A 1332 0.89 -14.11 59.44
C GLY A 1332 0.10 -13.14 58.61
N SER A 1333 0.36 -11.83 58.77
CA SER A 1333 -0.26 -10.85 57.90
C SER A 1333 0.16 -11.05 56.45
N THR A 1334 1.43 -11.35 56.23
CA THR A 1334 1.94 -11.50 54.87
C THR A 1334 1.61 -12.87 54.29
N PHE A 1335 2.12 -13.93 54.92
CA PHE A 1335 1.90 -15.27 54.40
C PHE A 1335 0.54 -15.81 54.84
N GLY A 1336 0.25 -15.74 56.13
CA GLY A 1336 -0.89 -16.43 56.70
C GLY A 1336 -0.49 -17.84 57.09
N LEU A 1337 -0.97 -18.29 58.25
CA LEU A 1337 -0.67 -19.62 58.77
C LEU A 1337 -1.93 -20.18 59.41
N PRO A 1338 -2.13 -21.49 59.41
CA PRO A 1338 -3.30 -22.05 60.11
C PRO A 1338 -3.26 -21.73 61.59
N GLY A 1339 -4.44 -21.45 62.14
CA GLY A 1339 -4.60 -21.17 63.56
C GLY A 1339 -4.49 -19.70 63.93
N LEU A 1340 -3.97 -18.86 63.03
CA LEU A 1340 -3.83 -17.43 63.31
C LEU A 1340 -5.04 -16.65 62.81
N GLY A 1341 -6.22 -17.11 63.23
CA GLY A 1341 -7.46 -16.46 62.82
C GLY A 1341 -7.72 -15.19 63.59
N ASN A 1342 -7.66 -15.28 64.91
CA ASN A 1342 -7.91 -14.13 65.77
C ASN A 1342 -6.75 -13.13 65.80
N TYR A 1343 -5.60 -13.50 65.23
CA TYR A 1343 -4.36 -12.75 65.39
C TYR A 1343 -3.89 -12.04 64.13
N ALA A 1344 -4.16 -12.63 62.96
CA ALA A 1344 -3.77 -12.01 61.69
C ALA A 1344 -4.42 -10.67 61.41
N PRO A 1345 -5.74 -10.47 61.60
CA PRO A 1345 -6.37 -9.23 61.11
C PRO A 1345 -5.79 -7.94 61.70
N GLY A 1346 -5.41 -7.95 62.98
CA GLY A 1346 -4.80 -6.76 63.54
C GLY A 1346 -3.46 -6.44 62.90
N ASN A 1347 -2.64 -7.47 62.69
CA ASN A 1347 -1.37 -7.28 61.99
C ASN A 1347 -1.60 -6.74 60.60
N ALA A 1348 -2.61 -7.26 59.90
CA ALA A 1348 -2.93 -6.74 58.57
C ALA A 1348 -3.34 -5.28 58.62
N ALA A 1349 -4.15 -4.91 59.61
CA ALA A 1349 -4.57 -3.52 59.75
C ALA A 1349 -3.41 -2.59 60.10
N LEU A 1350 -2.35 -3.11 60.72
CA LEU A 1350 -1.21 -2.25 61.04
C LEU A 1350 -0.58 -1.67 59.79
N GLU A 1351 -0.40 -2.47 58.73
CA GLU A 1351 0.16 -1.94 57.50
C GLU A 1351 -0.72 -0.87 56.90
N ALA A 1352 -2.05 -1.08 56.93
CA ALA A 1352 -2.96 -0.08 56.40
C ALA A 1352 -2.88 1.22 57.19
N LEU A 1353 -2.79 1.12 58.51
CA LEU A 1353 -2.66 2.32 59.34
C LEU A 1353 -1.36 3.06 59.02
N ALA A 1354 -0.27 2.32 58.86
CA ALA A 1354 1.01 2.93 58.52
C ALA A 1354 0.93 3.61 57.16
N GLU A 1355 0.27 2.98 56.20
CA GLU A 1355 0.10 3.59 54.89
C GLU A 1355 -0.73 4.86 54.97
N GLN A 1356 -1.80 4.83 55.78
CA GLN A 1356 -2.63 6.01 55.99
C GLN A 1356 -1.79 7.17 56.52
N TRP A 1357 -0.97 6.91 57.54
CA TRP A 1357 -0.17 7.97 58.13
C TRP A 1357 0.95 8.42 57.20
N ARG A 1358 1.53 7.48 56.43
CA ARG A 1358 2.54 7.87 55.45
C ARG A 1358 1.96 8.79 54.39
N ALA A 1359 0.75 8.51 53.93
CA ALA A 1359 0.05 9.43 53.05
C ALA A 1359 -0.21 10.75 53.75
N GLU A 1360 -0.54 10.69 55.04
CA GLU A 1360 -0.72 11.91 55.83
C GLU A 1360 0.57 12.70 55.99
N GLY A 1361 1.72 12.07 55.80
CA GLY A 1361 3.00 12.75 55.88
C GLY A 1361 3.64 12.66 57.25
N ARG A 1362 3.79 11.44 57.76
CA ARG A 1362 4.48 11.16 59.01
C ARG A 1362 5.40 9.97 58.82
N PRO A 1363 6.47 9.86 59.63
CA PRO A 1363 7.43 8.75 59.41
C PRO A 1363 6.97 7.45 60.07
N ALA A 1364 6.10 6.74 59.36
CA ALA A 1364 5.52 5.48 59.83
C ALA A 1364 6.25 4.30 59.21
N THR A 1365 6.25 3.18 59.94
CA THR A 1365 6.82 1.94 59.45
C THR A 1365 6.00 0.78 59.99
N ALA A 1366 5.89 -0.28 59.20
CA ALA A 1366 5.03 -1.42 59.46
C ALA A 1366 5.79 -2.72 59.29
N VAL A 1367 6.94 -2.82 59.99
CA VAL A 1367 7.87 -3.91 59.71
C VAL A 1367 7.23 -5.25 60.04
N GLY A 1368 7.30 -6.18 59.08
CA GLY A 1368 6.81 -7.53 59.27
C GLY A 1368 7.90 -8.41 59.86
N TRP A 1369 7.51 -9.27 60.80
CA TRP A 1369 8.44 -10.06 61.59
C TRP A 1369 8.07 -11.53 61.50
N GLY A 1370 9.09 -12.37 61.66
CA GLY A 1370 8.93 -13.81 61.58
C GLY A 1370 8.81 -14.45 62.95
N THR A 1371 9.89 -15.10 63.39
CA THR A 1371 9.93 -15.77 64.68
C THR A 1371 11.19 -15.35 65.41
N TRP A 1372 11.03 -14.62 66.51
CA TRP A 1372 12.17 -14.18 67.30
C TRP A 1372 12.65 -15.30 68.20
N ALA A 1373 13.97 -15.39 68.40
CA ALA A 1373 14.57 -16.40 69.26
C ALA A 1373 14.48 -15.93 70.72
N GLY A 1374 13.27 -15.93 71.24
CA GLY A 1374 13.02 -15.50 72.60
C GLY A 1374 11.57 -15.12 72.84
N THR A 1388 6.90 -24.27 64.60
CA THR A 1388 6.51 -24.08 63.20
C THR A 1388 7.29 -25.03 62.30
N HIS A 1389 6.83 -25.17 61.06
CA HIS A 1389 7.44 -26.06 60.06
C HIS A 1389 7.91 -25.20 58.89
N GLY A 1390 9.21 -24.96 58.82
CA GLY A 1390 9.83 -24.25 57.72
C GLY A 1390 10.43 -22.92 58.11
N ILE A 1391 9.74 -22.18 58.97
CA ILE A 1391 10.21 -20.86 59.40
C ILE A 1391 11.23 -21.05 60.51
N HIS A 1392 12.42 -20.49 60.32
CA HIS A 1392 13.47 -20.55 61.32
C HIS A 1392 13.43 -19.31 62.21
N GLU A 1393 14.06 -19.43 63.38
CA GLU A 1393 14.06 -18.35 64.35
C GLU A 1393 15.00 -17.24 63.91
N LEU A 1394 14.81 -16.06 64.51
CA LEU A 1394 15.64 -14.88 64.27
C LEU A 1394 16.42 -14.54 65.53
N GLU A 1395 17.69 -14.21 65.35
CA GLU A 1395 18.54 -13.85 66.48
C GLU A 1395 18.21 -12.43 66.93
N PRO A 1396 18.52 -12.07 68.19
CA PRO A 1396 18.30 -10.68 68.60
C PRO A 1396 19.14 -9.68 67.83
N ALA A 1397 20.45 -9.90 67.77
CA ALA A 1397 21.34 -8.93 67.14
C ALA A 1397 21.07 -8.80 65.64
N LEU A 1398 20.89 -9.94 64.96
CA LEU A 1398 20.66 -9.90 63.52
C LEU A 1398 19.32 -9.23 63.20
N ALA A 1399 18.28 -9.56 63.97
CA ALA A 1399 16.98 -8.92 63.76
C ALA A 1399 17.05 -7.43 64.01
N THR A 1400 17.75 -7.02 65.06
CA THR A 1400 17.87 -5.60 65.36
C THR A 1400 18.64 -4.87 64.28
N ALA A 1401 19.70 -5.49 63.74
CA ALA A 1401 20.45 -4.89 62.65
C ALA A 1401 19.58 -4.75 61.41
N ALA A 1402 18.78 -5.77 61.11
CA ALA A 1402 17.86 -5.69 59.97
C ALA A 1402 16.85 -4.56 60.16
N LEU A 1403 16.35 -4.41 61.38
CA LEU A 1403 15.43 -3.31 61.66
C LEU A 1403 16.11 -1.96 61.49
N GLU A 1404 17.36 -1.84 61.95
CA GLU A 1404 18.12 -0.61 61.73
C GLU A 1404 18.24 -0.31 60.24
N GLN A 1405 18.60 -1.31 59.46
CA GLN A 1405 18.77 -1.11 58.02
C GLN A 1405 17.44 -0.71 57.38
N ALA A 1406 16.34 -1.32 57.83
CA ALA A 1406 15.03 -0.95 57.30
C ALA A 1406 14.67 0.50 57.62
N LEU A 1407 14.90 0.94 58.86
CA LEU A 1407 14.59 2.32 59.21
C LEU A 1407 15.45 3.31 58.45
N GLU A 1408 16.75 3.05 58.34
CA GLU A 1408 17.63 4.01 57.67
C GLU A 1408 17.53 3.93 56.15
N ARG A 1409 16.79 2.96 55.60
CA ARG A 1409 16.49 2.91 54.18
C ARG A 1409 15.12 3.51 53.84
N ASP A 1410 14.35 3.96 54.84
CA ASP A 1410 13.03 4.53 54.64
C ASP A 1410 12.10 3.54 53.93
N GLU A 1411 11.89 2.39 54.58
CA GLU A 1411 10.99 1.36 54.08
C GLU A 1411 9.61 1.58 54.69
N SER A 1412 8.62 1.82 53.84
CA SER A 1412 7.27 2.08 54.33
C SER A 1412 6.62 0.82 54.89
N SER A 1413 6.95 -0.34 54.35
CA SER A 1413 6.36 -1.62 54.79
C SER A 1413 7.34 -2.74 54.51
N PRO A 1414 8.46 -2.79 55.22
CA PRO A 1414 9.42 -3.87 55.01
C PRO A 1414 8.91 -5.20 55.58
N VAL A 1415 9.57 -6.27 55.16
CA VAL A 1415 9.24 -7.63 55.55
C VAL A 1415 10.55 -8.32 55.89
N ILE A 1416 10.71 -8.68 57.16
CA ILE A 1416 11.98 -9.22 57.68
C ILE A 1416 11.68 -10.60 58.24
N ILE A 1417 11.81 -11.62 57.40
CA ILE A 1417 11.66 -13.01 57.81
C ILE A 1417 12.73 -13.83 57.10
N ASP A 1418 13.20 -14.88 57.77
CA ASP A 1418 14.09 -15.87 57.19
C ASP A 1418 13.36 -17.21 57.12
N ILE A 1419 13.44 -17.85 55.95
CA ILE A 1419 12.79 -19.14 55.74
C ILE A 1419 13.63 -19.98 54.80
N ASP A 1420 13.57 -21.29 54.99
CA ASP A 1420 14.20 -22.25 54.08
C ASP A 1420 13.16 -22.66 53.04
N TRP A 1421 13.31 -22.18 51.81
CA TRP A 1421 12.29 -22.39 50.79
C TRP A 1421 12.13 -23.87 50.42
N GLU A 1422 13.19 -24.67 50.55
CA GLU A 1422 13.16 -26.06 50.08
C GLU A 1422 12.05 -26.85 50.77
N ARG A 1423 11.78 -26.55 52.03
CA ARG A 1423 10.71 -27.18 52.80
C ARG A 1423 9.46 -26.32 52.88
N PHE A 1424 9.63 -25.02 53.09
CA PHE A 1424 8.47 -24.14 53.28
C PHE A 1424 7.62 -24.06 52.02
N ALA A 1425 8.25 -23.99 50.85
CA ALA A 1425 7.49 -23.86 49.61
C ALA A 1425 6.61 -25.08 49.38
N VAL A 1426 7.18 -26.28 49.51
CA VAL A 1426 6.40 -27.49 49.27
C VAL A 1426 5.34 -27.66 50.34
N ALA A 1427 5.66 -27.31 51.59
CA ALA A 1427 4.65 -27.42 52.65
C ALA A 1427 3.49 -26.48 52.40
N PHE A 1428 3.78 -25.24 52.02
CA PHE A 1428 2.72 -24.27 51.77
C PHE A 1428 1.88 -24.68 50.57
N HIS A 1429 2.52 -25.19 49.52
CA HIS A 1429 1.77 -25.63 48.34
C HIS A 1429 0.88 -26.83 48.69
N ALA A 1430 1.38 -27.74 49.53
CA ALA A 1430 0.56 -28.86 49.96
C ALA A 1430 -0.63 -28.36 50.79
N LYS A 1431 -0.42 -27.35 51.63
CA LYS A 1431 -1.52 -26.79 52.39
C LYS A 1431 -2.56 -26.17 51.47
N ARG A 1432 -2.13 -25.47 50.42
CA ARG A 1432 -3.04 -24.92 49.44
C ARG A 1432 -2.26 -24.57 48.17
N PRO A 1433 -2.72 -24.96 46.97
CA PRO A 1433 -2.05 -24.46 45.76
C PRO A 1433 -2.22 -22.95 45.63
N THR A 1434 -1.10 -22.27 45.36
CA THR A 1434 -1.10 -20.82 45.24
C THR A 1434 0.02 -20.40 44.30
N ARG A 1435 -0.08 -19.17 43.82
CA ARG A 1435 0.91 -18.55 42.95
C ARG A 1435 1.44 -17.25 43.56
N GLY A 1436 1.61 -17.24 44.87
CA GLY A 1436 2.15 -16.09 45.56
C GLY A 1436 3.66 -16.03 45.49
N PHE A 1437 4.30 -17.18 45.70
CA PHE A 1437 5.76 -17.29 45.67
C PHE A 1437 6.26 -17.67 44.27
N GLU A 1438 5.82 -16.90 43.27
CA GLU A 1438 6.21 -17.17 41.89
C GLU A 1438 7.45 -16.40 41.47
N LEU A 1439 7.66 -15.19 41.99
CA LEU A 1439 8.77 -14.36 41.61
C LEU A 1439 10.04 -14.62 42.43
N VAL A 1440 9.99 -15.51 43.41
CA VAL A 1440 11.17 -15.93 44.15
C VAL A 1440 11.76 -17.14 43.43
N PRO A 1441 12.99 -17.06 42.88
CA PRO A 1441 13.54 -18.23 42.18
C PRO A 1441 13.67 -19.46 43.07
N GLU A 1442 13.96 -19.29 44.35
CA GLU A 1442 14.09 -20.44 45.25
C GLU A 1442 12.76 -21.19 45.36
N ALA A 1443 11.66 -20.45 45.43
CA ALA A 1443 10.34 -21.10 45.51
C ALA A 1443 10.06 -21.94 44.27
N GLN A 1444 10.36 -21.39 43.08
CA GLN A 1444 10.13 -22.15 41.85
C GLN A 1444 11.04 -23.37 41.79
N ALA A 1445 12.30 -23.22 42.21
CA ALA A 1445 13.21 -24.36 42.20
C ALA A 1445 12.72 -25.46 43.14
N ALA A 1446 12.27 -25.08 44.34
CA ALA A 1446 11.74 -26.06 45.27
C ALA A 1446 10.47 -26.72 44.73
N LEU A 1447 9.60 -25.94 44.10
CA LEU A 1447 8.36 -26.49 43.55
C LEU A 1447 8.65 -27.49 42.45
N GLU A 1448 9.60 -27.17 41.56
CA GLU A 1448 9.93 -28.10 40.49
C GLU A 1448 10.71 -29.30 41.01
N ALA A 1449 11.44 -29.15 42.12
CA ALA A 1449 12.17 -30.28 42.69
C ALA A 1449 11.23 -31.39 43.12
N ALA A 1450 10.12 -31.03 43.76
CA ALA A 1450 9.15 -32.02 44.22
C ALA A 1450 8.26 -32.48 43.08
N VAL B 2 -25.19 -0.21 -47.07
CA VAL B 2 -25.30 0.68 -45.92
C VAL B 2 -24.65 2.02 -46.21
N THR B 3 -25.28 3.09 -45.72
CA THR B 3 -24.70 4.41 -45.85
C THR B 3 -23.41 4.51 -45.03
N ASP B 4 -22.51 5.36 -45.49
CA ASP B 4 -21.23 5.54 -44.80
C ASP B 4 -21.43 6.12 -43.41
N SER B 5 -22.51 6.89 -43.21
CA SER B 5 -22.73 7.54 -41.92
C SER B 5 -22.89 6.52 -40.80
N GLU B 6 -23.80 5.56 -40.97
CA GLU B 6 -23.97 4.54 -39.95
C GLU B 6 -22.75 3.63 -39.86
N LYS B 7 -22.09 3.39 -41.00
CA LYS B 7 -20.89 2.54 -41.00
C LYS B 7 -19.81 3.12 -40.11
N VAL B 8 -19.58 4.44 -40.21
CA VAL B 8 -18.57 5.06 -39.34
C VAL B 8 -19.13 5.31 -37.95
N ALA B 9 -20.45 5.44 -37.81
CA ALA B 9 -21.03 5.64 -36.48
C ALA B 9 -20.82 4.41 -35.60
N GLU B 10 -20.96 3.21 -36.17
CA GLU B 10 -20.72 2.01 -35.38
C GLU B 10 -19.26 1.92 -34.93
N TYR B 11 -18.34 2.29 -35.81
CA TYR B 11 -16.94 2.33 -35.43
C TYR B 11 -16.70 3.35 -34.32
N LEU B 12 -17.36 4.50 -34.40
CA LEU B 12 -17.26 5.50 -33.33
C LEU B 12 -17.78 4.93 -32.01
N ARG B 13 -18.87 4.18 -32.06
CA ARG B 13 -19.40 3.57 -30.84
C ARG B 13 -18.41 2.59 -30.24
N ARG B 14 -17.81 1.74 -31.08
CA ARG B 14 -16.81 0.81 -30.57
C ARG B 14 -15.62 1.56 -29.98
N ALA B 15 -15.16 2.62 -30.67
CA ALA B 15 -14.00 3.35 -30.20
C ALA B 15 -14.27 4.04 -28.88
N THR B 16 -15.42 4.68 -28.73
CA THR B 16 -15.70 5.37 -27.47
C THR B 16 -15.98 4.40 -26.34
N LEU B 17 -16.59 3.24 -26.63
CA LEU B 17 -16.74 2.23 -25.59
C LEU B 17 -15.37 1.73 -25.12
N ASP B 18 -14.47 1.47 -26.05
CA ASP B 18 -13.12 1.04 -25.67
C ASP B 18 -12.40 2.13 -24.89
N LEU B 19 -12.62 3.39 -25.28
CA LEU B 19 -12.02 4.51 -24.55
C LEU B 19 -12.53 4.56 -23.12
N ARG B 20 -13.83 4.37 -22.92
CA ARG B 20 -14.37 4.36 -21.57
C ARG B 20 -13.79 3.22 -20.76
N ALA B 21 -13.65 2.05 -21.37
CA ALA B 21 -13.06 0.91 -20.66
C ALA B 21 -11.62 1.21 -20.27
N ALA B 22 -10.83 1.77 -21.19
CA ALA B 22 -9.44 2.08 -20.89
C ALA B 22 -9.32 3.15 -19.81
N ARG B 23 -10.18 4.16 -19.86
CA ARG B 23 -10.14 5.21 -18.84
C ARG B 23 -10.51 4.65 -17.47
N GLN B 24 -11.50 3.77 -17.42
CA GLN B 24 -11.85 3.14 -16.14
C GLN B 24 -10.71 2.26 -15.64
N ARG B 25 -10.01 1.58 -16.55
CA ARG B 25 -8.85 0.80 -16.14
C ARG B 25 -7.75 1.70 -15.58
N ILE B 26 -7.55 2.86 -16.20
CA ILE B 26 -6.58 3.82 -15.66
C ILE B 26 -7.00 4.25 -14.27
N ARG B 27 -8.29 4.52 -14.08
CA ARG B 27 -8.77 4.96 -12.78
C ARG B 27 -8.55 3.89 -11.71
N GLU B 28 -8.82 2.63 -12.05
CA GLU B 28 -8.64 1.56 -11.08
C GLU B 28 -7.20 1.11 -10.93
N LEU B 29 -6.31 1.49 -11.85
CA LEU B 29 -4.89 1.18 -11.72
C LEU B 29 -4.12 2.28 -11.00
N GLU B 30 -4.58 3.52 -11.08
CA GLU B 30 -3.93 4.61 -10.36
C GLU B 30 -4.33 4.62 -8.89
N SER B 31 -5.63 4.79 -8.62
CA SER B 31 -6.15 4.88 -7.25
C SER B 31 -7.50 4.17 -7.22
N GLU B 32 -7.48 2.88 -6.85
CA GLU B 32 -8.68 2.10 -6.59
C GLU B 32 -8.93 2.04 -5.08
N PRO B 33 -10.18 2.05 -4.61
CA PRO B 33 -10.39 1.93 -3.16
C PRO B 33 -10.08 0.52 -2.69
N ILE B 34 -9.40 0.42 -1.54
CA ILE B 34 -8.90 -0.84 -1.02
C ILE B 34 -9.73 -1.20 0.21
N ALA B 35 -10.41 -2.33 0.15
CA ALA B 35 -11.32 -2.73 1.23
C ALA B 35 -10.53 -3.39 2.35
N ILE B 36 -10.82 -2.99 3.59
CA ILE B 36 -10.26 -3.64 4.79
C ILE B 36 -11.27 -4.71 5.17
N ILE B 37 -11.05 -5.93 4.66
CA ILE B 37 -12.02 -7.01 4.90
C ILE B 37 -11.82 -7.71 6.23
N GLY B 38 -10.69 -7.49 6.92
CA GLY B 38 -10.53 -8.05 8.25
C GLY B 38 -9.51 -7.27 9.05
N MET B 39 -9.63 -7.33 10.37
CA MET B 39 -8.68 -6.69 11.27
C MET B 39 -8.45 -7.59 12.47
N ALA B 40 -7.29 -7.42 13.10
CA ALA B 40 -6.99 -8.09 14.36
C ALA B 40 -5.98 -7.24 15.11
N CYS B 41 -6.04 -7.31 16.44
CA CYS B 41 -5.16 -6.49 17.25
C CYS B 41 -5.08 -7.05 18.66
N ARG B 42 -3.90 -6.88 19.27
CA ARG B 42 -3.68 -7.15 20.68
C ARG B 42 -2.90 -5.97 21.25
N LEU B 43 -3.54 -5.22 22.13
CA LEU B 43 -3.03 -3.95 22.64
C LEU B 43 -3.10 -3.96 24.15
N PRO B 44 -2.41 -3.02 24.82
CA PRO B 44 -2.46 -2.99 26.29
C PRO B 44 -3.87 -2.74 26.80
N GLY B 45 -4.04 -2.99 28.10
CA GLY B 45 -5.35 -2.86 28.71
C GLY B 45 -6.26 -4.03 28.53
N GLY B 46 -5.71 -5.22 28.28
CA GLY B 46 -6.52 -6.41 28.08
C GLY B 46 -7.23 -6.48 26.75
N VAL B 47 -6.77 -5.74 25.75
CA VAL B 47 -7.39 -5.75 24.43
C VAL B 47 -6.85 -6.93 23.63
N ASP B 48 -7.75 -7.68 23.01
CA ASP B 48 -7.37 -8.80 22.16
C ASP B 48 -8.21 -8.88 20.89
N SER B 49 -8.98 -7.85 20.56
CA SER B 49 -9.81 -7.84 19.36
C SER B 49 -10.18 -6.40 19.05
N PRO B 50 -10.66 -6.12 17.84
CA PRO B 50 -11.15 -4.75 17.56
C PRO B 50 -12.29 -4.35 18.48
N GLU B 51 -13.17 -5.28 18.85
CA GLU B 51 -14.23 -4.97 19.79
C GLU B 51 -13.67 -4.60 21.15
N GLY B 52 -12.61 -5.29 21.59
CA GLY B 52 -11.97 -4.92 22.83
C GLY B 52 -11.38 -3.52 22.78
N LEU B 53 -10.75 -3.17 21.67
CA LEU B 53 -10.22 -1.82 21.51
C LEU B 53 -11.33 -0.79 21.54
N TRP B 54 -12.46 -1.09 20.88
CA TRP B 54 -13.57 -0.16 20.90
C TRP B 54 -14.13 0.00 22.31
N GLU B 55 -14.23 -1.09 23.06
CA GLU B 55 -14.69 -1.00 24.43
C GLU B 55 -13.73 -0.17 25.27
N LEU B 56 -12.43 -0.33 25.04
CA LEU B 56 -11.44 0.44 25.80
C LEU B 56 -11.56 1.94 25.51
N VAL B 57 -11.56 2.30 24.22
CA VAL B 57 -11.56 3.73 23.88
C VAL B 57 -12.90 4.38 24.20
N ASP B 58 -14.01 3.66 23.97
CA ASP B 58 -15.32 4.22 24.22
C ASP B 58 -15.53 4.50 25.70
N SER B 59 -15.08 3.59 26.56
CA SER B 59 -15.17 3.79 28.00
C SER B 59 -14.17 4.82 28.52
N GLY B 60 -13.22 5.25 27.69
CA GLY B 60 -12.21 6.19 28.14
C GLY B 60 -11.27 5.60 29.18
N THR B 61 -10.93 4.32 29.03
CA THR B 61 -10.06 3.63 29.97
C THR B 61 -8.61 3.88 29.62
N ASP B 62 -7.78 4.08 30.65
CA ASP B 62 -6.36 4.28 30.49
C ASP B 62 -5.65 2.94 30.73
N ALA B 63 -4.94 2.46 29.72
CA ALA B 63 -4.29 1.16 29.78
C ALA B 63 -2.89 1.22 30.40
N ILE B 64 -2.42 2.40 30.81
CA ILE B 64 -1.08 2.50 31.38
C ILE B 64 -1.06 1.80 32.73
N ALA B 65 -0.05 0.97 32.95
CA ALA B 65 0.06 0.18 34.16
C ALA B 65 1.53 -0.06 34.46
N GLY B 66 1.79 -0.73 35.58
CA GLY B 66 3.15 -0.94 36.02
C GLY B 66 3.92 -1.87 35.11
N PHE B 67 5.23 -1.91 35.33
CA PHE B 67 6.11 -2.70 34.49
C PHE B 67 5.86 -4.20 34.71
N PRO B 68 6.17 -5.04 33.73
CA PRO B 68 6.06 -6.49 33.97
C PRO B 68 7.11 -6.96 34.96
N LEU B 69 6.74 -7.97 35.74
CA LEU B 69 7.61 -8.54 36.75
C LEU B 69 8.10 -9.95 36.40
N ASP B 70 7.54 -10.59 35.38
CA ASP B 70 7.89 -11.95 35.01
C ASP B 70 8.94 -12.03 33.91
N ARG B 71 9.47 -10.89 33.45
CA ARG B 71 10.43 -10.85 32.35
C ARG B 71 11.87 -10.78 32.83
N GLY B 72 12.12 -10.99 34.12
CA GLY B 72 13.47 -10.90 34.65
C GLY B 72 13.97 -9.49 34.85
N TRP B 73 13.11 -8.48 34.74
CA TRP B 73 13.53 -7.10 34.95
C TRP B 73 13.70 -6.83 36.44
N ASP B 74 14.75 -6.10 36.78
CA ASP B 74 15.00 -5.71 38.16
C ASP B 74 14.26 -4.40 38.47
N VAL B 75 12.93 -4.47 38.34
CA VAL B 75 12.08 -3.29 38.34
C VAL B 75 12.25 -2.47 39.60
N GLU B 76 12.51 -3.11 40.73
CA GLU B 76 12.76 -2.36 41.96
C GLU B 76 14.04 -1.56 41.86
N GLY B 77 15.07 -2.12 41.23
CA GLY B 77 16.39 -1.51 41.17
C GLY B 77 16.71 -0.77 39.89
N MET B 78 15.70 -0.40 39.11
CA MET B 78 15.89 0.40 37.90
C MET B 78 14.91 1.56 37.89
N TYR B 79 14.73 2.21 39.04
CA TYR B 79 13.95 3.44 39.13
C TYR B 79 14.65 4.40 40.08
N ASP B 80 15.04 5.56 39.56
CA ASP B 80 15.47 6.69 40.36
C ASP B 80 14.98 8.00 39.76
N PRO B 81 14.71 9.03 40.58
CA PRO B 81 14.03 10.22 40.03
C PRO B 81 14.85 11.01 39.03
N ASP B 82 16.17 11.07 39.17
CA ASP B 82 16.96 11.96 38.33
C ASP B 82 16.98 11.46 36.89
N ALA B 83 17.05 12.40 35.95
CA ALA B 83 16.89 12.11 34.54
C ALA B 83 18.19 11.73 33.83
N GLU B 84 19.32 11.73 34.55
CA GLU B 84 20.63 11.46 33.96
C GLU B 84 21.32 10.38 34.80
N ALA B 85 21.18 9.12 34.40
CA ALA B 85 21.87 8.02 35.04
C ALA B 85 21.79 6.79 34.15
N PRO B 86 22.89 6.06 33.89
CA PRO B 86 22.78 4.89 33.02
C PRO B 86 22.04 3.75 33.71
N GLY B 87 21.22 3.04 32.94
CA GLY B 87 20.51 1.89 33.46
C GLY B 87 19.36 2.21 34.38
N LYS B 88 18.96 3.47 34.47
CA LYS B 88 17.88 3.91 35.35
C LYS B 88 16.92 4.80 34.57
N THR B 89 15.64 4.73 34.93
CA THR B 89 14.60 5.52 34.29
C THR B 89 13.65 6.03 35.36
N TYR B 90 13.02 7.17 35.07
CA TYR B 90 12.10 7.81 35.99
C TYR B 90 10.64 7.47 35.70
N VAL B 91 10.37 6.57 34.76
CA VAL B 91 9.00 6.20 34.39
C VAL B 91 8.59 4.96 35.16
N LYS B 92 7.46 5.04 35.86
CA LYS B 92 6.93 3.92 36.62
C LYS B 92 6.06 2.99 35.78
N GLU B 93 5.30 3.55 34.84
CA GLU B 93 4.22 2.84 34.17
C GLU B 93 4.28 3.08 32.67
N ALA B 94 3.74 2.11 31.92
CA ALA B 94 3.65 2.18 30.47
C ALA B 94 2.76 1.06 30.00
N GLY B 95 2.31 1.18 28.75
CA GLY B 95 1.53 0.11 28.16
C GLY B 95 2.36 -1.14 27.98
N PHE B 96 1.75 -2.30 28.21
CA PHE B 96 2.44 -3.57 28.11
C PHE B 96 1.45 -4.66 27.72
N LEU B 97 1.99 -5.72 27.11
CA LEU B 97 1.26 -6.97 26.87
C LEU B 97 1.82 -7.99 27.85
N TYR B 98 1.15 -8.14 28.98
CA TYR B 98 1.62 -9.07 30.00
C TYR B 98 1.50 -10.53 29.55
N ASP B 99 0.67 -10.80 28.54
CA ASP B 99 0.59 -12.10 27.90
C ASP B 99 1.40 -12.16 26.60
N ALA B 100 2.45 -11.35 26.51
CA ALA B 100 3.27 -11.34 25.29
C ALA B 100 3.95 -12.68 25.08
N GLY B 101 4.45 -13.29 26.16
CA GLY B 101 5.08 -14.59 26.05
C GLY B 101 4.11 -15.73 25.80
N GLU B 102 2.83 -15.52 26.10
CA GLU B 102 1.83 -16.56 25.88
C GLU B 102 1.69 -16.84 24.38
N PHE B 103 1.69 -18.12 24.02
CA PHE B 103 1.64 -18.52 22.63
C PHE B 103 1.19 -19.97 22.54
N ASP B 104 0.33 -20.26 21.57
CA ASP B 104 -0.17 -21.62 21.33
C ASP B 104 0.77 -22.28 20.34
N ALA B 105 1.84 -22.89 20.85
CA ALA B 105 2.84 -23.49 19.98
C ALA B 105 2.29 -24.70 19.24
N GLY B 106 1.44 -25.50 19.91
CA GLY B 106 0.94 -26.71 19.28
C GLY B 106 0.04 -26.45 18.09
N PHE B 107 -0.63 -25.30 18.04
CA PHE B 107 -1.55 -25.02 16.95
C PHE B 107 -0.82 -24.94 15.61
N PHE B 108 0.34 -24.28 15.59
CA PHE B 108 1.08 -24.06 14.36
C PHE B 108 2.16 -25.11 14.10
N GLY B 109 2.19 -26.19 14.87
CA GLY B 109 3.18 -27.22 14.67
C GLY B 109 4.58 -26.84 15.09
N ILE B 110 4.72 -25.87 16.00
CA ILE B 110 6.02 -25.44 16.50
C ILE B 110 6.28 -26.16 17.82
N SER B 111 7.45 -26.77 17.94
CA SER B 111 7.79 -27.47 19.16
C SER B 111 8.06 -26.48 20.28
N PRO B 112 7.95 -26.90 21.55
CA PRO B 112 8.22 -25.95 22.65
C PRO B 112 9.62 -25.38 22.64
N ARG B 113 10.63 -26.18 22.30
CA ARG B 113 12.00 -25.69 22.32
C ARG B 113 12.21 -24.62 21.24
N GLU B 114 11.61 -24.80 20.07
CA GLU B 114 11.66 -23.75 19.06
C GLU B 114 10.93 -22.51 19.53
N ALA B 115 9.77 -22.67 20.16
CA ALA B 115 8.99 -21.52 20.61
C ALA B 115 9.73 -20.70 21.65
N VAL B 116 10.46 -21.38 22.54
CA VAL B 116 11.22 -20.65 23.57
C VAL B 116 12.29 -19.78 22.91
N SER B 117 12.93 -20.30 21.86
CA SER B 117 13.96 -19.57 21.12
C SER B 117 13.37 -18.77 19.96
N MET B 118 12.11 -18.36 20.06
CA MET B 118 11.42 -17.64 19.00
C MET B 118 11.10 -16.23 19.49
N ASP B 119 11.23 -15.26 18.61
CA ASP B 119 10.95 -13.88 18.99
C ASP B 119 9.48 -13.74 19.36
N PRO B 120 9.14 -13.00 20.43
CA PRO B 120 7.71 -12.78 20.72
C PRO B 120 6.98 -12.06 19.59
N GLN B 121 7.68 -11.23 18.82
CA GLN B 121 7.04 -10.54 17.71
C GLN B 121 6.52 -11.52 16.69
N GLN B 122 7.29 -12.55 16.37
CA GLN B 122 6.84 -13.56 15.41
C GLN B 122 5.61 -14.29 15.90
N ARG B 123 5.60 -14.67 17.19
CA ARG B 123 4.46 -15.38 17.74
C ARG B 123 3.20 -14.52 17.72
N LEU B 124 3.33 -13.27 18.18
CA LEU B 124 2.18 -12.37 18.18
C LEU B 124 1.68 -12.13 16.77
N MET B 125 2.59 -11.96 15.82
CA MET B 125 2.18 -11.72 14.44
C MET B 125 1.47 -12.94 13.86
N LEU B 126 1.95 -14.15 14.17
CA LEU B 126 1.28 -15.36 13.70
C LEU B 126 -0.14 -15.42 14.24
N GLU B 127 -0.30 -15.25 15.55
CA GLU B 127 -1.64 -15.34 16.14
C GLU B 127 -2.56 -14.25 15.59
N ALA B 128 -2.04 -13.02 15.47
CA ALA B 128 -2.86 -11.93 14.98
C ALA B 128 -3.24 -12.13 13.52
N SER B 129 -2.34 -12.68 12.71
CA SER B 129 -2.66 -12.93 11.31
C SER B 129 -3.72 -14.02 11.18
N TRP B 130 -3.61 -15.09 11.98
CA TRP B 130 -4.65 -16.11 11.95
C TRP B 130 -5.99 -15.53 12.36
N GLU B 131 -6.00 -14.72 13.42
CA GLU B 131 -7.25 -14.11 13.87
C GLU B 131 -7.82 -13.18 12.80
N ALA B 132 -6.96 -12.41 12.14
CA ALA B 132 -7.43 -11.49 11.11
C ALA B 132 -8.02 -12.24 9.93
N PHE B 133 -7.38 -13.33 9.51
CA PHE B 133 -7.94 -14.12 8.42
C PHE B 133 -9.27 -14.74 8.82
N GLU B 134 -9.38 -15.23 10.05
CA GLU B 134 -10.64 -15.79 10.50
C GLU B 134 -11.74 -14.75 10.55
N ARG B 135 -11.41 -13.53 11.00
CA ARG B 135 -12.40 -12.47 11.09
C ARG B 135 -12.83 -11.95 9.72
N ALA B 136 -12.05 -12.19 8.67
CA ALA B 136 -12.38 -11.73 7.34
C ALA B 136 -13.33 -12.66 6.61
N GLY B 137 -13.81 -13.73 7.25
CA GLY B 137 -14.61 -14.72 6.57
C GLY B 137 -13.82 -15.71 5.74
N LEU B 138 -12.49 -15.68 5.82
CA LEU B 138 -11.62 -16.58 5.07
C LEU B 138 -11.11 -17.68 6.00
N ASP B 139 -11.16 -18.90 5.50
CA ASP B 139 -10.52 -19.99 6.22
C ASP B 139 -9.00 -19.85 6.07
N PRO B 140 -8.23 -19.68 7.14
CA PRO B 140 -6.78 -19.52 6.96
C PRO B 140 -6.12 -20.74 6.33
N ALA B 141 -6.65 -21.93 6.58
CA ALA B 141 -6.06 -23.13 5.99
C ALA B 141 -6.22 -23.14 4.48
N ARG B 142 -7.35 -22.65 3.98
CA ARG B 142 -7.61 -22.66 2.54
C ARG B 142 -6.87 -21.57 1.78
N GLN B 143 -6.21 -20.64 2.48
CA GLN B 143 -5.37 -19.64 1.83
C GLN B 143 -4.04 -20.20 1.37
N ARG B 144 -3.73 -21.47 1.69
CA ARG B 144 -2.48 -22.08 1.27
C ARG B 144 -2.37 -22.08 -0.25
N GLY B 145 -1.21 -21.66 -0.76
CA GLY B 145 -0.98 -21.57 -2.18
C GLY B 145 -1.54 -20.33 -2.85
N THR B 146 -2.14 -19.42 -2.08
CA THR B 146 -2.72 -18.20 -2.64
C THR B 146 -1.66 -17.11 -2.74
N ALA B 147 -1.86 -16.22 -3.71
CA ALA B 147 -0.95 -15.09 -3.93
C ALA B 147 -1.32 -13.98 -2.95
N THR B 148 -0.97 -14.18 -1.69
CA THR B 148 -1.27 -13.26 -0.60
C THR B 148 0.04 -12.67 -0.07
N GLY B 149 0.12 -11.34 -0.05
CA GLY B 149 1.31 -10.68 0.45
C GLY B 149 1.26 -10.46 1.95
N VAL B 150 2.44 -10.23 2.53
CA VAL B 150 2.58 -9.97 3.96
C VAL B 150 3.55 -8.83 4.18
N PHE B 151 3.03 -7.63 4.40
CA PHE B 151 3.84 -6.45 4.68
C PHE B 151 3.69 -6.11 6.16
N VAL B 152 4.81 -6.14 6.88
CA VAL B 152 4.81 -6.03 8.34
C VAL B 152 5.84 -4.99 8.77
N GLY B 153 5.45 -4.14 9.71
CA GLY B 153 6.35 -3.19 10.31
C GLY B 153 6.89 -3.72 11.63
N ALA B 154 8.20 -3.83 11.72
CA ALA B 154 8.83 -4.41 12.91
C ALA B 154 10.25 -3.92 13.03
N THR B 155 10.82 -4.12 14.21
CA THR B 155 12.18 -3.72 14.53
C THR B 155 12.87 -4.83 15.30
N ALA B 156 14.20 -4.84 15.24
CA ALA B 156 15.01 -5.81 15.96
C ALA B 156 15.12 -5.35 17.41
N THR B 157 14.36 -6.00 18.29
CA THR B 157 14.30 -5.63 19.70
C THR B 157 15.29 -6.41 20.56
N GLY B 158 16.07 -7.31 19.99
CA GLY B 158 17.06 -8.05 20.76
C GLY B 158 16.44 -8.95 21.80
N TYR B 159 15.66 -9.93 21.35
CA TYR B 159 15.03 -10.86 22.29
C TYR B 159 16.06 -11.70 23.03
N VAL B 160 17.07 -12.19 22.33
CA VAL B 160 18.12 -13.00 22.96
C VAL B 160 19.22 -12.09 23.50
N GLY B 169 20.36 -28.40 20.97
CA GLY B 169 19.41 -29.05 20.09
C GLY B 169 18.62 -28.07 19.24
N ALA B 170 18.32 -26.90 19.82
CA ALA B 170 17.58 -25.85 19.14
C ALA B 170 18.49 -24.81 18.50
N GLU B 171 19.69 -25.22 18.08
CA GLU B 171 20.62 -24.27 17.47
C GLU B 171 20.07 -23.72 16.16
N GLY B 172 19.42 -24.56 15.36
CA GLY B 172 18.86 -24.09 14.10
C GLY B 172 17.71 -23.12 14.28
N PHE B 173 16.87 -23.34 15.29
CA PHE B 173 15.71 -22.48 15.49
C PHE B 173 16.12 -21.08 15.95
N ALA B 174 17.21 -20.98 16.70
CA ALA B 174 17.63 -19.68 17.23
C ALA B 174 18.03 -18.70 16.14
N ILE B 175 18.41 -19.19 14.96
CA ILE B 175 18.84 -18.30 13.89
C ILE B 175 17.64 -17.64 13.22
N THR B 176 16.74 -18.45 12.67
CA THR B 176 15.55 -17.91 12.03
C THR B 176 14.52 -17.38 13.02
N GLY B 177 14.67 -17.70 14.31
CA GLY B 177 13.72 -17.26 15.32
C GLY B 177 13.93 -15.86 15.85
N ASN B 178 14.94 -15.14 15.37
CA ASN B 178 15.21 -13.77 15.83
C ASN B 178 15.48 -12.78 14.71
N MET B 179 15.60 -13.22 13.46
CA MET B 179 15.81 -12.30 12.35
C MET B 179 14.51 -11.57 12.03
N THR B 180 14.61 -10.24 11.90
CA THR B 180 13.40 -9.46 11.63
C THR B 180 12.81 -9.79 10.27
N ALA B 181 13.64 -10.19 9.30
CA ALA B 181 13.13 -10.56 7.99
C ALA B 181 12.17 -11.74 8.08
N VAL B 182 12.39 -12.63 9.05
CA VAL B 182 11.48 -13.75 9.25
C VAL B 182 10.13 -13.31 9.80
N THR B 183 10.06 -12.14 10.44
CA THR B 183 8.85 -11.71 11.13
C THR B 183 7.65 -11.66 10.20
N SER B 184 7.86 -11.33 8.93
CA SER B 184 6.83 -11.47 7.91
C SER B 184 6.91 -12.83 7.22
N GLY B 185 8.12 -13.30 6.95
CA GLY B 185 8.27 -14.51 6.15
C GLY B 185 7.62 -15.72 6.78
N ARG B 186 7.79 -15.88 8.10
CA ARG B 186 7.17 -17.00 8.80
C ARG B 186 5.66 -17.00 8.61
N ILE B 187 5.04 -15.81 8.58
CA ILE B 187 3.60 -15.72 8.39
C ILE B 187 3.22 -16.36 7.07
N SER B 188 4.00 -16.11 6.03
CA SER B 188 3.75 -16.69 4.72
C SER B 188 4.25 -18.12 4.60
N TYR B 189 5.08 -18.58 5.55
CA TYR B 189 5.53 -19.97 5.54
C TYR B 189 4.58 -20.88 6.31
N THR B 190 4.16 -20.45 7.50
CA THR B 190 3.23 -21.24 8.28
C THR B 190 1.88 -21.37 7.57
N LEU B 191 1.37 -20.27 7.02
CA LEU B 191 0.10 -20.29 6.29
C LEU B 191 0.27 -20.73 4.84
N GLY B 192 1.50 -20.83 4.34
CA GLY B 192 1.71 -21.25 2.98
C GLY B 192 1.39 -20.21 1.93
N LEU B 193 1.39 -18.93 2.30
CA LEU B 193 1.12 -17.88 1.34
C LEU B 193 2.27 -17.76 0.35
N GLN B 194 1.97 -17.21 -0.83
CA GLN B 194 2.92 -17.14 -1.94
C GLN B 194 3.19 -15.72 -2.44
N GLY B 195 2.46 -14.72 -1.97
CA GLY B 195 2.74 -13.35 -2.32
C GLY B 195 3.99 -12.86 -1.61
N PRO B 196 4.51 -11.71 -2.01
CA PRO B 196 5.75 -11.21 -1.39
C PRO B 196 5.59 -10.96 0.10
N ALA B 197 6.63 -11.28 0.86
CA ALA B 197 6.68 -11.05 2.30
C ALA B 197 7.84 -10.10 2.56
N VAL B 198 7.52 -8.88 3.01
CA VAL B 198 8.50 -7.83 3.21
C VAL B 198 8.30 -7.27 4.62
N THR B 199 9.40 -7.17 5.37
CA THR B 199 9.38 -6.57 6.70
C THR B 199 9.90 -5.14 6.60
N ILE B 200 8.99 -4.19 6.76
CA ILE B 200 9.34 -2.77 6.74
C ILE B 200 9.86 -2.38 8.11
N ASP B 201 10.73 -1.37 8.14
CA ASP B 201 11.26 -0.86 9.40
C ASP B 201 11.49 0.63 9.15
N THR B 202 10.54 1.45 9.59
CA THR B 202 10.61 2.90 9.43
C THR B 202 10.16 3.57 10.72
N ALA B 203 10.55 3.00 11.86
CA ALA B 203 10.26 3.58 13.19
C ALA B 203 8.74 3.62 13.37
N CYS B 204 8.19 4.68 13.98
CA CYS B 204 6.77 4.72 14.32
C CYS B 204 5.87 4.67 13.09
N SER B 205 6.39 5.02 11.92
CA SER B 205 5.62 4.99 10.68
C SER B 205 5.66 3.63 9.99
N SER B 206 6.28 2.62 10.62
CA SER B 206 6.58 1.38 9.91
C SER B 206 5.32 0.67 9.43
N SER B 207 4.34 0.50 10.32
CA SER B 207 3.15 -0.27 9.96
C SER B 207 2.32 0.46 8.91
N LEU B 208 2.02 1.74 9.14
CA LEU B 208 1.20 2.49 8.19
C LEU B 208 1.86 2.55 6.82
N VAL B 209 3.18 2.80 6.80
CA VAL B 209 3.92 2.77 5.54
C VAL B 209 3.73 1.43 4.86
N ALA B 210 3.82 0.33 5.62
CA ALA B 210 3.62 -0.99 5.05
C ALA B 210 2.25 -1.09 4.41
N LEU B 211 1.22 -0.56 5.07
CA LEU B 211 -0.12 -0.60 4.50
C LEU B 211 -0.15 0.11 3.16
N HIS B 212 0.52 1.26 3.06
CA HIS B 212 0.59 1.97 1.78
C HIS B 212 1.22 1.07 0.73
N LEU B 213 2.34 0.42 1.08
CA LEU B 213 2.97 -0.48 0.13
C LEU B 213 2.03 -1.61 -0.25
N ALA B 214 1.29 -2.14 0.74
CA ALA B 214 0.34 -3.21 0.45
C ALA B 214 -0.68 -2.76 -0.58
N CYS B 215 -1.15 -1.52 -0.47
CA CYS B 215 -2.12 -1.01 -1.43
C CYS B 215 -1.53 -1.05 -2.83
N GLN B 216 -0.27 -0.62 -2.96
CA GLN B 216 0.37 -0.68 -4.28
C GLN B 216 0.44 -2.12 -4.75
N SER B 217 0.80 -3.05 -3.86
CA SER B 217 0.88 -4.44 -4.24
C SER B 217 -0.48 -4.97 -4.67
N LEU B 218 -1.57 -4.40 -4.14
CA LEU B 218 -2.89 -4.80 -4.59
C LEU B 218 -3.24 -4.18 -5.93
N ARG B 219 -2.81 -2.94 -6.15
CA ARG B 219 -3.26 -2.22 -7.34
C ARG B 219 -2.55 -2.72 -8.61
N GLN B 220 -1.30 -3.15 -8.49
CA GLN B 220 -0.58 -3.69 -9.63
C GLN B 220 -1.01 -5.10 -10.00
N GLY B 221 -1.85 -5.75 -9.19
CA GLY B 221 -2.23 -7.11 -9.43
C GLY B 221 -1.25 -8.15 -8.90
N GLU B 222 -0.18 -7.72 -8.23
CA GLU B 222 0.78 -8.66 -7.66
C GLU B 222 0.18 -9.50 -6.54
N CYS B 223 -0.89 -9.01 -5.89
CA CYS B 223 -1.54 -9.73 -4.81
C CYS B 223 -3.05 -9.69 -5.01
N THR B 224 -3.71 -10.74 -4.54
CA THR B 224 -5.17 -10.74 -4.42
C THR B 224 -5.62 -10.31 -3.03
N THR B 225 -4.79 -10.52 -2.02
CA THR B 225 -5.05 -10.11 -0.65
C THR B 225 -3.71 -9.79 -0.01
N ALA B 226 -3.74 -9.02 1.08
CA ALA B 226 -2.50 -8.65 1.74
C ALA B 226 -2.72 -8.51 3.23
N LEU B 227 -1.66 -8.76 4.00
CA LEU B 227 -1.61 -8.49 5.43
C LEU B 227 -0.75 -7.25 5.65
N ALA B 228 -1.38 -6.19 6.15
CA ALA B 228 -0.68 -4.94 6.46
C ALA B 228 -0.77 -4.72 7.97
N GLY B 229 0.38 -4.64 8.63
CA GLY B 229 0.33 -4.52 10.07
C GLY B 229 1.69 -4.24 10.67
N GLY B 230 1.70 -4.27 12.00
CA GLY B 230 2.91 -4.01 12.75
C GLY B 230 2.85 -4.70 14.10
N VAL B 231 4.03 -4.79 14.72
CA VAL B 231 4.19 -5.44 16.02
C VAL B 231 5.29 -4.71 16.78
N THR B 232 5.14 -4.67 18.10
CA THR B 232 6.08 -3.97 18.96
C THR B 232 6.13 -4.70 20.30
N VAL B 233 7.31 -5.17 20.67
CA VAL B 233 7.53 -5.86 21.93
C VAL B 233 8.85 -5.37 22.50
N MET B 234 8.94 -5.32 23.83
CA MET B 234 10.10 -4.82 24.56
C MET B 234 10.59 -5.92 25.50
N PRO B 235 11.38 -6.88 25.00
CA PRO B 235 11.91 -7.92 25.89
C PRO B 235 12.84 -7.37 26.96
N THR B 236 13.42 -6.20 26.77
CA THR B 236 14.33 -5.57 27.71
C THR B 236 13.89 -4.13 27.93
N PRO B 237 14.32 -3.51 29.05
CA PRO B 237 13.87 -2.14 29.32
C PRO B 237 14.75 -1.08 28.68
N THR B 238 15.56 -1.47 27.69
CA THR B 238 16.50 -0.53 27.07
C THR B 238 15.79 0.67 26.47
N ALA B 239 14.56 0.50 25.98
CA ALA B 239 13.80 1.62 25.46
C ALA B 239 13.45 2.64 26.54
N PHE B 240 13.46 2.24 27.81
CA PHE B 240 13.10 3.12 28.92
C PHE B 240 14.30 3.75 29.60
N THR B 241 15.43 3.04 29.67
CA THR B 241 16.59 3.57 30.39
C THR B 241 17.39 4.54 29.53
N GLU B 242 17.71 4.14 28.29
CA GLU B 242 18.56 4.96 27.45
C GLU B 242 17.83 6.19 26.90
N PHE B 243 16.58 6.01 26.47
CA PHE B 243 15.83 7.12 25.88
C PHE B 243 15.46 8.18 26.92
N SER B 244 15.44 7.82 28.20
CA SER B 244 15.09 8.77 29.26
C SER B 244 16.21 9.75 29.58
N ARG B 245 17.40 9.59 28.98
CA ARG B 245 18.52 10.46 29.30
C ARG B 245 18.21 11.91 28.95
N GLN B 246 17.52 12.14 27.83
CA GLN B 246 17.21 13.49 27.36
C GLN B 246 15.81 13.94 27.76
N ARG B 247 15.23 13.34 28.81
CA ARG B 247 13.88 13.69 29.27
C ARG B 247 12.86 13.51 28.15
N GLY B 248 13.02 12.45 27.35
CA GLY B 248 12.10 12.20 26.27
C GLY B 248 10.75 11.67 26.72
N LEU B 249 10.74 10.88 27.80
CA LEU B 249 9.52 10.27 28.30
C LEU B 249 8.83 11.19 29.30
N ALA B 250 7.52 11.03 29.42
CA ALA B 250 6.77 11.81 30.39
C ALA B 250 7.11 11.34 31.80
N PRO B 251 6.98 12.21 32.81
CA PRO B 251 7.28 11.75 34.18
C PRO B 251 6.32 10.69 34.68
N ASP B 252 5.02 10.96 34.61
CA ASP B 252 4.01 10.00 35.05
C ASP B 252 3.74 8.90 34.05
N GLY B 253 4.20 9.06 32.80
CA GLY B 253 4.05 8.02 31.80
C GLY B 253 2.79 8.10 30.97
N ARG B 254 2.07 9.22 31.01
CA ARG B 254 0.86 9.41 30.22
C ARG B 254 1.16 10.28 29.01
N CYS B 255 0.75 9.82 27.84
CA CYS B 255 0.96 10.56 26.59
C CYS B 255 -0.14 11.61 26.46
N LYS B 256 0.11 12.77 27.04
CA LYS B 256 -0.86 13.88 26.99
C LYS B 256 -0.87 14.47 25.59
N SER B 257 -1.79 14.02 24.75
CA SER B 257 -1.84 14.44 23.36
C SER B 257 -2.58 15.76 23.24
N PHE B 258 -1.89 16.77 22.70
CA PHE B 258 -2.49 18.08 22.41
C PHE B 258 -3.07 18.71 23.68
N ALA B 259 -2.34 18.61 24.78
CA ALA B 259 -2.74 19.16 26.06
C ALA B 259 -1.63 20.06 26.60
N ALA B 260 -2.03 21.04 27.42
CA ALA B 260 -1.05 21.94 28.01
C ALA B 260 -0.06 21.20 28.90
N ALA B 261 -0.48 20.08 29.50
CA ALA B 261 0.38 19.28 30.35
C ALA B 261 1.26 18.31 29.57
N ALA B 262 1.30 18.42 28.24
CA ALA B 262 2.14 17.54 27.43
C ALA B 262 3.60 17.74 27.79
N ASP B 263 4.21 16.71 28.40
CA ASP B 263 5.58 16.79 28.91
C ASP B 263 6.34 15.52 28.58
N GLY B 264 6.06 14.93 27.42
CA GLY B 264 6.75 13.76 26.92
C GLY B 264 5.78 12.71 26.43
N THR B 265 6.35 11.58 26.02
CA THR B 265 5.62 10.43 25.51
C THR B 265 5.88 9.22 26.41
N ASN B 266 5.37 8.07 25.99
CA ASN B 266 5.63 6.83 26.70
C ASN B 266 5.43 5.67 25.74
N TRP B 267 6.29 4.67 25.84
CA TRP B 267 6.24 3.53 24.93
C TRP B 267 5.14 2.57 25.34
N ALA B 268 4.83 1.66 24.42
CA ALA B 268 3.83 0.64 24.67
C ALA B 268 3.99 -0.48 23.65
N GLU B 269 3.73 -1.71 24.09
CA GLU B 269 3.77 -2.86 23.22
C GLU B 269 2.43 -3.01 22.50
N GLY B 270 2.39 -3.89 21.51
CA GLY B 270 1.15 -4.14 20.81
C GLY B 270 1.39 -4.90 19.52
N VAL B 271 0.28 -5.20 18.86
CA VAL B 271 0.30 -5.82 17.54
C VAL B 271 -1.03 -5.49 16.87
N ALA B 272 -0.98 -5.23 15.57
CA ALA B 272 -2.19 -4.89 14.83
C ALA B 272 -2.00 -5.21 13.36
N VAL B 273 -2.91 -5.99 12.80
CA VAL B 273 -2.84 -6.41 11.40
C VAL B 273 -4.20 -6.20 10.75
N LEU B 274 -4.16 -6.04 9.43
CA LEU B 274 -5.34 -5.84 8.60
C LEU B 274 -5.23 -6.74 7.38
N VAL B 275 -6.25 -7.55 7.15
CA VAL B 275 -6.39 -8.31 5.91
C VAL B 275 -7.14 -7.41 4.94
N VAL B 276 -6.46 -6.97 3.89
CA VAL B 276 -6.94 -5.97 2.96
C VAL B 276 -7.01 -6.57 1.56
N GLU B 277 -8.07 -6.20 0.83
CA GLU B 277 -8.30 -6.68 -0.52
C GLU B 277 -8.90 -5.53 -1.33
N ARG B 278 -8.74 -5.60 -2.64
CA ARG B 278 -9.34 -4.60 -3.51
C ARG B 278 -10.86 -4.59 -3.34
N LEU B 279 -11.44 -3.39 -3.39
CA LEU B 279 -12.87 -3.26 -3.13
C LEU B 279 -13.69 -4.04 -4.16
N SER B 280 -13.30 -3.97 -5.43
CA SER B 280 -14.02 -4.73 -6.45
C SER B 280 -13.89 -6.23 -6.21
N ASP B 281 -12.69 -6.69 -5.87
CA ASP B 281 -12.50 -8.12 -5.60
C ASP B 281 -13.28 -8.56 -4.36
N ALA B 282 -13.27 -7.73 -3.31
CA ALA B 282 -14.03 -8.06 -2.11
C ALA B 282 -15.52 -8.11 -2.40
N ARG B 283 -16.03 -7.17 -3.21
CA ARG B 283 -17.43 -7.20 -3.58
C ARG B 283 -17.76 -8.43 -4.41
N ARG B 284 -16.86 -8.83 -5.30
CA ARG B 284 -17.11 -9.99 -6.15
C ARG B 284 -17.20 -11.27 -5.32
N ASN B 285 -16.34 -11.42 -4.32
CA ASN B 285 -16.32 -12.62 -3.49
C ASN B 285 -17.33 -12.56 -2.35
N GLY B 286 -18.12 -11.49 -2.24
CA GLY B 286 -19.11 -11.40 -1.19
C GLY B 286 -18.52 -11.30 0.20
N HIS B 287 -17.40 -10.60 0.35
CA HIS B 287 -16.76 -10.40 1.64
C HIS B 287 -17.36 -9.18 2.33
N ARG B 288 -17.34 -9.21 3.66
CA ARG B 288 -17.77 -8.06 4.45
C ARG B 288 -16.69 -7.00 4.44
N VAL B 289 -17.05 -5.79 3.99
CA VAL B 289 -16.13 -4.66 3.94
C VAL B 289 -16.36 -3.82 5.18
N LEU B 290 -15.31 -3.65 5.98
CA LEU B 290 -15.40 -2.85 7.20
C LEU B 290 -15.14 -1.37 6.93
N ALA B 291 -14.07 -1.07 6.20
CA ALA B 291 -13.76 0.30 5.80
C ALA B 291 -13.05 0.24 4.46
N VAL B 292 -12.76 1.40 3.90
CA VAL B 292 -12.18 1.51 2.57
C VAL B 292 -11.04 2.53 2.62
N VAL B 293 -9.80 2.05 2.51
CA VAL B 293 -8.67 2.94 2.33
C VAL B 293 -8.80 3.56 0.94
N ARG B 294 -9.07 4.87 0.89
CA ARG B 294 -9.27 5.54 -0.39
C ARG B 294 -7.96 6.01 -0.99
N GLY B 295 -7.06 6.53 -0.17
CA GLY B 295 -5.77 6.98 -0.68
C GLY B 295 -4.76 7.10 0.44
N THR B 296 -3.49 7.01 0.05
CA THR B 296 -2.38 7.05 1.00
C THR B 296 -1.23 7.82 0.38
N ALA B 297 -0.32 8.29 1.23
CA ALA B 297 0.85 9.00 0.77
C ALA B 297 1.92 8.93 1.85
N ILE B 298 3.17 8.96 1.40
CA ILE B 298 4.33 8.93 2.30
C ILE B 298 5.41 9.84 1.72
N ASN B 299 6.10 10.56 2.59
CA ASN B 299 7.23 11.38 2.19
C ASN B 299 8.21 11.42 3.36
N GLN B 300 9.15 12.37 3.32
CA GLN B 300 10.17 12.52 4.35
C GLN B 300 10.28 13.98 4.74
N ASP B 301 10.61 14.22 6.01
CA ASP B 301 10.85 15.59 6.47
C ASP B 301 12.00 16.23 5.71
N GLY B 302 13.08 15.49 5.49
CA GLY B 302 14.22 16.06 4.79
C GLY B 302 14.98 17.00 5.69
N ALA B 303 15.26 18.20 5.17
CA ALA B 303 15.95 19.21 5.95
C ALA B 303 15.08 19.64 7.13
N SER B 304 15.61 19.51 8.33
CA SER B 304 14.85 19.82 9.54
C SER B 304 15.84 20.15 10.65
N ASN B 305 15.30 20.70 11.75
CA ASN B 305 16.12 21.09 12.90
C ASN B 305 16.51 19.81 13.65
N GLY B 306 17.53 19.14 13.12
CA GLY B 306 17.98 17.87 13.64
C GLY B 306 17.29 16.69 12.98
N LEU B 307 17.93 15.53 13.08
CA LEU B 307 17.38 14.32 12.47
C LEU B 307 16.05 13.93 13.11
N SER B 308 15.99 13.96 14.45
CA SER B 308 14.79 13.59 15.19
C SER B 308 14.04 14.86 15.57
N ALA B 309 13.33 15.42 14.59
CA ALA B 309 12.51 16.60 14.82
C ALA B 309 11.48 16.74 13.70
N PRO B 310 10.19 16.93 14.00
CA PRO B 310 9.22 17.00 12.91
C PRO B 310 9.31 18.32 12.15
N ASN B 311 8.73 18.30 10.95
CA ASN B 311 8.66 19.47 10.08
C ASN B 311 7.22 19.65 9.64
N ASP B 312 6.62 20.79 9.99
CA ASP B 312 5.21 21.01 9.70
C ASP B 312 4.93 21.01 8.21
N LEU B 313 5.87 21.53 7.41
CA LEU B 313 5.68 21.59 5.96
C LEU B 313 5.55 20.19 5.37
N ALA B 314 6.38 19.26 5.84
CA ALA B 314 6.31 17.90 5.34
C ALA B 314 4.99 17.23 5.71
N GLN B 315 4.49 17.48 6.92
CA GLN B 315 3.21 16.92 7.32
C GLN B 315 2.07 17.50 6.49
N GLU B 316 2.11 18.81 6.22
CA GLU B 316 1.12 19.39 5.33
C GLU B 316 1.20 18.76 3.94
N ARG B 317 2.42 18.55 3.45
CA ARG B 317 2.60 17.98 2.12
C ARG B 317 2.04 16.56 2.05
N VAL B 318 2.33 15.73 3.05
CA VAL B 318 1.86 14.35 2.99
C VAL B 318 0.35 14.29 3.17
N ILE B 319 -0.22 15.16 4.01
CA ILE B 319 -1.67 15.18 4.16
C ILE B 319 -2.33 15.58 2.83
N ARG B 320 -1.80 16.60 2.18
CA ARG B 320 -2.37 17.03 0.90
C ARG B 320 -2.19 15.97 -0.17
N SER B 321 -1.04 15.28 -0.17
CA SER B 321 -0.82 14.22 -1.15
C SER B 321 -1.78 13.06 -0.93
N ALA B 322 -2.01 12.68 0.33
CA ALA B 322 -2.97 11.62 0.61
C ALA B 322 -4.37 12.02 0.20
N LEU B 323 -4.75 13.28 0.46
CA LEU B 323 -6.07 13.74 0.06
C LEU B 323 -6.22 13.72 -1.46
N ASP B 324 -5.19 14.16 -2.18
CA ASP B 324 -5.24 14.15 -3.64
C ASP B 324 -5.32 12.73 -4.18
N ASN B 325 -4.53 11.82 -3.61
CA ASN B 325 -4.58 10.42 -4.04
C ASN B 325 -5.95 9.81 -3.79
N ALA B 326 -6.55 10.12 -2.63
CA ALA B 326 -7.90 9.65 -2.34
C ALA B 326 -8.96 10.38 -3.16
N GLY B 327 -8.63 11.51 -3.79
CA GLY B 327 -9.62 12.29 -4.49
C GLY B 327 -10.66 12.89 -3.58
N LEU B 328 -10.24 13.40 -2.42
CA LEU B 328 -11.13 13.95 -1.41
C LEU B 328 -10.61 15.31 -0.98
N THR B 329 -11.53 16.19 -0.60
CA THR B 329 -11.19 17.54 -0.18
C THR B 329 -10.83 17.56 1.31
N ALA B 330 -10.30 18.70 1.75
CA ALA B 330 -10.04 18.88 3.17
C ALA B 330 -11.32 18.84 3.98
N SER B 331 -12.39 19.46 3.46
CA SER B 331 -13.68 19.45 4.14
C SER B 331 -14.38 18.10 4.09
N ASP B 332 -13.94 17.19 3.21
CA ASP B 332 -14.58 15.89 3.11
C ASP B 332 -14.24 14.97 4.28
N VAL B 333 -13.16 15.23 5.00
CA VAL B 333 -12.73 14.38 6.11
C VAL B 333 -13.36 14.90 7.39
N ASP B 334 -14.03 14.01 8.12
CA ASP B 334 -14.77 14.40 9.32
C ASP B 334 -13.90 14.42 10.57
N ALA B 335 -12.87 13.59 10.64
CA ALA B 335 -12.02 13.51 11.83
C ALA B 335 -10.67 12.97 11.42
N VAL B 336 -9.70 13.08 12.33
CA VAL B 336 -8.34 12.63 12.09
C VAL B 336 -7.83 11.93 13.34
N GLU B 337 -7.17 10.79 13.16
CA GLU B 337 -6.42 10.12 14.24
C GLU B 337 -5.02 10.71 14.21
N ALA B 338 -4.84 11.82 14.91
CA ALA B 338 -3.53 12.49 14.92
C ALA B 338 -2.50 11.59 15.58
N HIS B 339 -1.24 11.79 15.17
CA HIS B 339 -0.14 11.01 15.75
C HIS B 339 -0.07 11.23 17.26
N GLY B 340 -0.01 12.48 17.70
CA GLY B 340 -0.12 12.83 19.10
C GLY B 340 0.83 12.11 20.03
N THR B 341 2.13 12.29 19.82
CA THR B 341 3.12 11.61 20.66
C THR B 341 3.08 12.07 22.11
N GLY B 342 2.58 13.28 22.37
CA GLY B 342 2.61 13.86 23.69
C GLY B 342 3.84 14.67 24.01
N THR B 343 4.79 14.78 23.08
CA THR B 343 5.98 15.57 23.33
C THR B 343 5.65 17.06 23.28
N THR B 344 6.46 17.86 23.98
CA THR B 344 6.23 19.29 24.04
C THR B 344 6.46 19.95 22.68
N LEU B 345 7.47 19.49 21.95
CA LEU B 345 7.82 20.09 20.66
C LEU B 345 7.03 19.47 19.51
N GLY B 346 6.76 18.17 19.56
CA GLY B 346 6.07 17.53 18.46
C GLY B 346 4.62 17.96 18.32
N ASP B 347 3.92 18.10 19.44
CA ASP B 347 2.47 18.36 19.39
C ASP B 347 2.12 19.68 18.73
N PRO B 348 2.74 20.82 19.06
CA PRO B 348 2.41 22.06 18.33
C PRO B 348 2.67 21.97 16.85
N ILE B 349 3.74 21.27 16.45
CA ILE B 349 4.04 21.11 15.03
C ILE B 349 2.91 20.36 14.33
N GLU B 350 2.46 19.26 14.94
CA GLU B 350 1.37 18.49 14.36
C GLU B 350 0.08 19.28 14.32
N ALA B 351 -0.20 20.05 15.37
CA ALA B 351 -1.41 20.87 15.38
C ALA B 351 -1.38 21.92 14.28
N GLN B 352 -0.21 22.57 14.09
CA GLN B 352 -0.08 23.55 13.03
C GLN B 352 -0.27 22.89 11.66
N ALA B 353 0.31 21.70 11.47
CA ALA B 353 0.15 21.00 10.20
C ALA B 353 -1.31 20.65 9.94
N LEU B 354 -2.01 20.17 10.96
CA LEU B 354 -3.42 19.82 10.78
C LEU B 354 -4.25 21.05 10.48
N LEU B 355 -4.01 22.15 11.19
CA LEU B 355 -4.76 23.38 10.94
C LEU B 355 -4.51 23.91 9.53
N ALA B 356 -3.26 23.89 9.08
CA ALA B 356 -2.95 24.39 7.75
C ALA B 356 -3.54 23.49 6.67
N ALA B 357 -3.48 22.18 6.85
CA ALA B 357 -3.89 21.25 5.80
C ALA B 357 -5.40 21.03 5.80
N TYR B 358 -5.96 20.63 6.94
CA TYR B 358 -7.38 20.26 7.01
C TYR B 358 -8.26 21.46 7.31
N GLY B 359 -8.03 22.12 8.46
CA GLY B 359 -8.91 23.17 8.91
C GLY B 359 -8.61 24.52 8.28
N HIS B 360 -8.80 24.63 6.97
CA HIS B 360 -8.59 25.87 6.23
C HIS B 360 -9.83 26.36 5.50
N GLU B 361 -10.57 25.46 4.84
CA GLU B 361 -11.78 25.82 4.08
C GLU B 361 -12.83 24.76 4.36
N ARG B 362 -13.67 25.03 5.35
CA ARG B 362 -14.76 24.12 5.70
C ARG B 362 -15.79 24.89 6.51
N PRO B 363 -17.01 24.37 6.66
CA PRO B 363 -18.01 25.09 7.47
C PRO B 363 -17.57 25.22 8.91
N ALA B 364 -17.94 26.34 9.53
CA ALA B 364 -17.58 26.59 10.92
C ALA B 364 -18.29 25.62 11.86
N HIS B 365 -19.45 25.11 11.47
CA HIS B 365 -20.24 24.22 12.31
C HIS B 365 -19.83 22.76 12.19
N ARG B 366 -18.83 22.44 11.38
CA ARG B 366 -18.31 21.07 11.23
C ARG B 366 -16.79 21.11 11.35
N PRO B 367 -16.27 21.41 12.54
CA PRO B 367 -14.82 21.42 12.71
C PRO B 367 -14.23 20.02 12.64
N LEU B 368 -12.96 19.95 12.26
CA LEU B 368 -12.26 18.68 12.19
C LEU B 368 -11.98 18.17 13.59
N ARG B 369 -12.52 16.99 13.91
CA ARG B 369 -12.29 16.38 15.22
C ARG B 369 -10.97 15.65 15.22
N VAL B 370 -10.11 15.98 16.19
CA VAL B 370 -8.77 15.40 16.30
C VAL B 370 -8.72 14.55 17.56
N GLY B 371 -8.27 13.30 17.40
CA GLY B 371 -8.08 12.40 18.52
C GLY B 371 -6.74 11.70 18.42
N SER B 372 -6.45 10.88 19.42
CA SER B 372 -5.18 10.16 19.46
C SER B 372 -5.36 8.91 20.31
N LEU B 373 -5.10 7.75 19.70
CA LEU B 373 -5.15 6.50 20.46
C LEU B 373 -4.04 6.43 21.50
N LYS B 374 -2.94 7.14 21.28
CA LYS B 374 -1.81 7.08 22.21
C LYS B 374 -2.16 7.62 23.58
N SER B 375 -3.18 8.47 23.68
CA SER B 375 -3.63 8.92 25.00
C SER B 375 -4.16 7.76 25.82
N ASN B 376 -4.73 6.74 25.17
CA ASN B 376 -5.30 5.59 25.87
C ASN B 376 -4.24 4.55 26.21
N ILE B 377 -3.42 4.16 25.23
CA ILE B 377 -2.49 3.04 25.35
C ILE B 377 -1.03 3.47 25.26
N GLY B 378 -0.75 4.76 25.09
CA GLY B 378 0.61 5.20 24.92
C GLY B 378 1.11 4.99 23.50
N HIS B 379 2.37 5.35 23.29
CA HIS B 379 2.99 5.21 21.97
C HIS B 379 3.24 3.73 21.71
N ALA B 380 2.40 3.12 20.88
CA ALA B 380 2.49 1.70 20.62
C ALA B 380 3.69 1.32 19.76
N GLY B 381 4.40 2.29 19.19
CA GLY B 381 5.60 2.02 18.43
C GLY B 381 5.30 1.79 16.96
N PRO B 382 6.05 0.90 16.31
CA PRO B 382 5.75 0.57 14.90
C PRO B 382 4.32 0.14 14.65
N ALA B 383 3.70 -0.58 15.58
CA ALA B 383 2.33 -1.04 15.42
C ALA B 383 1.30 0.05 15.66
N ALA B 384 1.72 1.27 16.00
CA ALA B 384 0.76 2.31 16.38
C ALA B 384 -0.16 2.68 15.22
N GLY B 385 0.43 3.01 14.06
CA GLY B 385 -0.35 3.62 13.00
C GLY B 385 -1.49 2.73 12.52
N VAL B 386 -1.18 1.46 12.25
CA VAL B 386 -2.23 0.52 11.85
C VAL B 386 -3.25 0.38 12.97
N ALA B 387 -2.79 0.29 14.22
CA ALA B 387 -3.72 0.23 15.34
C ALA B 387 -4.65 1.43 15.33
N GLY B 388 -4.11 2.59 14.95
CA GLY B 388 -4.93 3.78 14.87
C GLY B 388 -6.11 3.60 13.94
N VAL B 389 -5.86 3.04 12.74
CA VAL B 389 -6.98 2.92 11.79
C VAL B 389 -8.02 1.98 12.34
N ILE B 390 -7.60 0.97 13.11
CA ILE B 390 -8.58 0.04 13.69
C ILE B 390 -9.54 0.80 14.59
N LYS B 391 -9.01 1.69 15.42
CA LYS B 391 -9.88 2.56 16.20
C LYS B 391 -10.78 3.36 15.28
N MET B 392 -10.19 4.01 14.28
CA MET B 392 -10.98 4.82 13.37
C MET B 392 -11.89 3.97 12.49
N VAL B 393 -11.69 2.65 12.46
CA VAL B 393 -12.68 1.78 11.82
C VAL B 393 -13.85 1.54 12.77
N MET B 394 -13.54 1.17 14.02
CA MET B 394 -14.60 0.75 14.93
C MET B 394 -15.55 1.90 15.25
N ALA B 395 -14.99 3.08 15.53
CA ALA B 395 -15.83 4.27 15.67
C ALA B 395 -16.66 4.49 14.42
N MET B 396 -16.04 4.31 13.24
CA MET B 396 -16.75 4.49 11.99
C MET B 396 -17.88 3.47 11.86
N ARG B 397 -17.74 2.31 12.50
CA ARG B 397 -18.83 1.34 12.52
C ARG B 397 -19.91 1.75 13.52
N HIS B 398 -19.51 2.36 14.64
CA HIS B 398 -20.44 2.73 15.69
C HIS B 398 -20.95 4.16 15.59
N GLY B 399 -20.38 4.97 14.70
CA GLY B 399 -20.83 6.35 14.56
C GLY B 399 -20.60 7.21 15.77
N VAL B 400 -19.60 6.89 16.58
CA VAL B 400 -19.26 7.65 17.78
C VAL B 400 -17.77 7.87 17.80
N LEU B 401 -17.35 9.13 17.96
CA LEU B 401 -15.93 9.47 18.03
C LEU B 401 -15.49 9.41 19.48
N PRO B 402 -14.62 8.48 19.89
CA PRO B 402 -14.24 8.42 21.30
C PRO B 402 -13.40 9.62 21.71
N ARG B 403 -13.48 9.96 23.00
CA ARG B 403 -12.75 11.11 23.52
C ARG B 403 -11.28 10.76 23.74
N SER B 404 -10.44 11.79 23.65
CA SER B 404 -9.02 11.66 23.95
C SER B 404 -8.77 12.03 25.40
N LEU B 405 -8.04 11.19 26.10
CA LEU B 405 -7.88 11.32 27.54
C LEU B 405 -6.76 12.31 27.90
N HIS B 406 -6.77 12.74 29.15
CA HIS B 406 -5.72 13.59 29.71
C HIS B 406 -5.58 14.90 28.95
N ILE B 407 -6.71 15.52 28.63
CA ILE B 407 -6.74 16.84 28.00
C ILE B 407 -7.47 17.77 28.97
N ASP B 408 -6.71 18.42 29.86
CA ASP B 408 -7.30 19.45 30.71
C ASP B 408 -7.77 20.62 29.88
N GLU B 409 -6.99 21.02 28.88
CA GLU B 409 -7.38 22.05 27.93
C GLU B 409 -6.49 21.93 26.70
N PRO B 410 -6.88 22.51 25.57
CA PRO B 410 -5.99 22.53 24.41
C PRO B 410 -4.70 23.26 24.74
N THR B 411 -3.60 22.78 24.15
CA THR B 411 -2.30 23.36 24.45
C THR B 411 -2.25 24.81 23.92
N PRO B 412 -1.59 25.72 24.63
CA PRO B 412 -1.56 27.11 24.15
C PRO B 412 -0.47 27.39 23.13
N GLN B 413 0.40 26.43 22.84
CA GLN B 413 1.47 26.66 21.87
C GLN B 413 0.90 26.95 20.48
N VAL B 414 -0.10 26.18 20.06
CA VAL B 414 -0.79 26.39 18.80
C VAL B 414 -2.03 27.23 19.05
N ASP B 415 -2.43 27.99 18.03
CA ASP B 415 -3.59 28.88 18.13
C ASP B 415 -4.81 28.18 17.53
N TRP B 416 -5.83 27.96 18.36
CA TRP B 416 -7.10 27.41 17.93
C TRP B 416 -8.10 28.50 17.56
N SER B 417 -7.62 29.72 17.29
CA SER B 417 -8.53 30.83 17.02
C SER B 417 -9.35 30.60 15.76
N SER B 418 -8.81 29.86 14.79
CA SER B 418 -9.55 29.60 13.57
C SER B 418 -10.82 28.80 13.85
N GLY B 419 -10.74 27.84 14.76
CA GLY B 419 -11.89 27.04 15.14
C GLY B 419 -12.22 25.91 14.20
N ALA B 420 -11.45 25.71 13.13
CA ALA B 420 -11.72 24.63 12.19
C ALA B 420 -11.31 23.26 12.74
N VAL B 421 -10.40 23.22 13.70
CA VAL B 421 -9.90 21.98 14.29
C VAL B 421 -10.20 22.01 15.79
N THR B 422 -10.79 20.93 16.29
CA THR B 422 -11.16 20.82 17.69
C THR B 422 -10.77 19.45 18.22
N LEU B 423 -10.26 19.42 19.44
CA LEU B 423 -9.90 18.16 20.08
C LEU B 423 -11.14 17.45 20.61
N LEU B 424 -11.06 16.13 20.70
CA LEU B 424 -12.17 15.31 21.21
C LEU B 424 -12.08 15.22 22.73
N THR B 425 -12.44 16.34 23.37
CA THR B 425 -12.43 16.38 24.83
C THR B 425 -13.47 15.43 25.42
N GLU B 426 -14.65 15.36 24.81
CA GLU B 426 -15.72 14.45 25.19
C GLU B 426 -16.23 13.74 23.94
N PRO B 427 -16.90 12.59 24.10
CA PRO B 427 -17.38 11.87 22.91
C PRO B 427 -18.38 12.71 22.12
N VAL B 428 -18.32 12.57 20.80
CA VAL B 428 -19.16 13.32 19.88
C VAL B 428 -19.82 12.31 18.94
N ASP B 429 -21.15 12.41 18.82
CA ASP B 429 -21.86 11.55 17.88
C ASP B 429 -21.49 11.89 16.46
N TRP B 430 -21.27 10.86 15.65
CA TRP B 430 -20.83 11.04 14.27
C TRP B 430 -22.04 11.14 13.35
N PRO B 431 -22.23 12.25 12.62
CA PRO B 431 -23.37 12.28 11.68
C PRO B 431 -23.21 11.27 10.56
N ASP B 432 -24.35 10.78 10.07
CA ASP B 432 -24.43 9.78 9.02
C ASP B 432 -25.37 10.23 7.92
N SER B 433 -25.22 11.48 7.49
CA SER B 433 -26.13 12.10 6.53
C SER B 433 -25.34 12.81 5.44
N ASP B 434 -25.87 12.73 4.21
CA ASP B 434 -25.43 13.51 3.06
C ASP B 434 -24.10 13.07 2.47
N ARG B 435 -23.40 12.13 3.11
CA ARG B 435 -22.13 11.62 2.59
C ARG B 435 -21.62 10.50 3.47
N PRO B 436 -20.76 9.61 2.96
CA PRO B 436 -20.19 8.58 3.84
C PRO B 436 -19.26 9.18 4.86
N ARG B 437 -19.19 8.54 6.03
CA ARG B 437 -18.23 8.94 7.04
C ARG B 437 -16.81 8.72 6.52
N ARG B 438 -15.95 9.71 6.73
CA ARG B 438 -14.56 9.65 6.30
C ARG B 438 -13.67 10.13 7.43
N ALA B 439 -12.43 9.68 7.42
CA ALA B 439 -11.49 10.00 8.49
C ALA B 439 -10.07 9.85 7.96
N GLY B 440 -9.12 10.27 8.80
CA GLY B 440 -7.71 10.18 8.45
C GLY B 440 -6.90 9.70 9.63
N VAL B 441 -5.74 9.12 9.32
CA VAL B 441 -4.81 8.61 10.32
C VAL B 441 -3.40 9.02 9.92
N SER B 442 -2.61 9.46 10.91
CA SER B 442 -1.25 9.93 10.71
C SER B 442 -0.30 9.10 11.56
N ALA B 443 0.86 8.78 10.99
CA ALA B 443 1.87 7.93 11.64
C ALA B 443 3.25 8.54 11.45
N PHE B 444 3.39 9.82 11.79
CA PHE B 444 4.67 10.51 11.61
C PHE B 444 5.77 9.82 12.42
N GLY B 445 6.91 9.57 11.77
CA GLY B 445 7.96 8.76 12.32
C GLY B 445 9.13 9.56 12.87
N ILE B 446 9.89 8.92 13.76
CA ILE B 446 11.07 9.56 14.35
C ILE B 446 12.12 9.80 13.28
N SER B 447 12.35 8.82 12.40
CA SER B 447 13.35 8.96 11.36
C SER B 447 12.99 10.03 10.32
N GLY B 448 11.75 10.50 10.30
CA GLY B 448 11.31 11.56 9.42
C GLY B 448 10.32 11.14 8.36
N THR B 449 10.05 9.84 8.21
CA THR B 449 9.14 9.35 7.19
C THR B 449 7.71 9.54 7.68
N ASN B 450 6.99 10.48 7.07
CA ASN B 450 5.60 10.71 7.41
C ASN B 450 4.70 9.78 6.60
N ALA B 451 3.50 9.54 7.13
CA ALA B 451 2.54 8.67 6.48
C ALA B 451 1.14 9.11 6.88
N HIS B 452 0.27 9.27 5.89
CA HIS B 452 -1.13 9.64 6.12
C HIS B 452 -2.01 8.72 5.30
N VAL B 453 -3.09 8.24 5.91
CA VAL B 453 -4.03 7.32 5.29
C VAL B 453 -5.43 7.89 5.44
N ILE B 454 -6.25 7.76 4.40
CA ILE B 454 -7.62 8.26 4.37
C ILE B 454 -8.56 7.07 4.30
N LEU B 455 -9.50 7.00 5.25
CA LEU B 455 -10.48 5.94 5.33
C LEU B 455 -11.86 6.48 5.03
N GLU B 456 -12.67 5.64 4.37
CA GLU B 456 -14.04 5.96 4.01
C GLU B 456 -14.94 4.82 4.44
N GLN B 457 -16.18 5.17 4.79
CA GLN B 457 -17.13 4.17 5.27
C GLN B 457 -17.41 3.14 4.19
N ALA B 458 -17.61 1.90 4.61
CA ALA B 458 -17.85 0.83 3.65
C ALA B 458 -19.17 1.07 2.93
N PRO B 459 -19.27 0.81 1.63
CA PRO B 459 -20.51 1.08 0.91
C PRO B 459 -21.61 0.11 1.31
N THR B 460 -22.84 0.58 1.22
CA THR B 460 -23.98 -0.27 1.52
C THR B 460 -24.13 -1.34 0.43
N GLN B 461 -24.40 -2.57 0.85
CA GLN B 461 -24.53 -3.69 -0.09
C GLN B 461 -25.97 -3.79 -0.59
N PRO B 466 -32.20 -12.70 -0.78
CA PRO B 466 -32.02 -13.73 0.24
C PRO B 466 -32.41 -15.12 -0.25
N ALA B 467 -32.21 -16.13 0.60
CA ALA B 467 -32.52 -17.53 0.31
C ALA B 467 -33.36 -18.10 1.43
N PRO B 468 -34.17 -19.13 1.15
CA PRO B 468 -35.04 -19.66 2.20
C PRO B 468 -34.23 -20.36 3.27
N PRO B 469 -34.73 -20.43 4.50
CA PRO B 469 -33.95 -21.07 5.57
C PRO B 469 -34.05 -22.58 5.49
N VAL B 470 -32.91 -23.24 5.36
CA VAL B 470 -32.89 -24.71 5.33
C VAL B 470 -33.31 -25.24 6.70
N PRO B 471 -34.13 -26.29 6.79
CA PRO B 471 -34.54 -26.76 8.11
C PRO B 471 -33.49 -27.64 8.75
N ALA B 472 -33.28 -27.44 10.05
CA ALA B 472 -32.31 -28.21 10.84
C ALA B 472 -30.91 -28.08 10.24
N ALA B 473 -30.46 -26.83 10.13
CA ALA B 473 -29.11 -26.58 9.62
C ALA B 473 -28.10 -27.04 10.66
N PRO B 474 -27.17 -27.94 10.34
CA PRO B 474 -26.17 -28.33 11.34
C PRO B 474 -25.26 -27.16 11.71
N TRP B 475 -24.99 -27.03 13.00
CA TRP B 475 -23.98 -26.10 13.52
C TRP B 475 -22.73 -26.91 13.82
N LEU B 476 -21.65 -26.62 13.12
CA LEU B 476 -20.41 -27.38 13.20
C LEU B 476 -19.38 -26.64 14.03
N LEU B 477 -18.66 -27.38 14.87
CA LEU B 477 -17.57 -26.84 15.65
C LEU B 477 -16.41 -27.82 15.58
N SER B 478 -15.19 -27.28 15.68
CA SER B 478 -14.01 -28.13 15.60
C SER B 478 -12.86 -27.44 16.29
N ALA B 479 -11.87 -28.24 16.68
CA ALA B 479 -10.70 -27.71 17.37
C ALA B 479 -9.60 -28.75 17.36
N LYS B 480 -8.40 -28.31 17.75
CA LYS B 480 -7.24 -29.19 17.73
C LYS B 480 -7.28 -30.18 18.88
N THR B 481 -7.80 -29.77 20.03
CA THR B 481 -7.86 -30.57 21.25
C THR B 481 -9.24 -30.46 21.86
N PRO B 482 -9.63 -31.41 22.73
CA PRO B 482 -10.96 -31.32 23.34
C PRO B 482 -11.16 -30.05 24.17
N ALA B 483 -10.13 -29.61 24.88
CA ALA B 483 -10.24 -28.37 25.66
C ALA B 483 -10.48 -27.18 24.74
N ALA B 484 -9.78 -27.14 23.61
CA ALA B 484 -10.00 -26.07 22.65
C ALA B 484 -11.41 -26.14 22.07
N LEU B 485 -11.93 -27.35 21.87
CA LEU B 485 -13.31 -27.48 21.39
C LEU B 485 -14.31 -26.94 22.41
N ARG B 486 -14.10 -27.26 23.69
CA ARG B 486 -14.99 -26.72 24.72
C ARG B 486 -14.90 -25.20 24.80
N ALA B 487 -13.68 -24.66 24.67
CA ALA B 487 -13.51 -23.22 24.66
C ALA B 487 -14.22 -22.59 23.46
N GLN B 488 -14.13 -23.24 22.30
CA GLN B 488 -14.84 -22.76 21.12
C GLN B 488 -16.34 -22.73 21.35
N ALA B 489 -16.88 -23.80 21.94
CA ALA B 489 -18.31 -23.85 22.21
C ALA B 489 -18.73 -22.75 23.17
N ARG B 490 -17.96 -22.55 24.24
CA ARG B 490 -18.29 -21.51 25.21
C ARG B 490 -18.22 -20.13 24.57
N ARG B 491 -17.19 -19.88 23.76
CA ARG B 491 -17.06 -18.58 23.11
C ARG B 491 -18.22 -18.33 22.15
N LEU B 492 -18.61 -19.35 21.39
CA LEU B 492 -19.73 -19.19 20.48
C LEU B 492 -21.02 -18.93 21.24
N HIS B 493 -21.21 -19.62 22.37
CA HIS B 493 -22.41 -19.38 23.17
C HIS B 493 -22.46 -17.95 23.69
N THR B 494 -21.33 -17.46 24.22
CA THR B 494 -21.30 -16.10 24.72
C THR B 494 -21.51 -15.09 23.60
N HIS B 495 -20.92 -15.34 22.43
CA HIS B 495 -21.10 -14.43 21.30
C HIS B 495 -22.56 -14.40 20.85
N LEU B 496 -23.21 -15.56 20.79
CA LEU B 496 -24.60 -15.60 20.35
C LEU B 496 -25.54 -15.01 21.41
N ALA B 497 -25.15 -15.06 22.69
CA ALA B 497 -26.01 -14.51 23.73
C ALA B 497 -26.22 -13.01 23.53
N ARG B 498 -25.16 -12.29 23.18
CA ARG B 498 -25.25 -10.85 22.93
C ARG B 498 -25.49 -10.56 21.45
N HIS B 499 -26.61 -11.08 20.96
CA HIS B 499 -26.99 -10.93 19.55
C HIS B 499 -28.50 -11.00 19.46
N PRO B 500 -29.17 -10.06 18.74
CA PRO B 500 -30.65 -10.09 18.74
C PRO B 500 -31.26 -11.07 17.74
N HIS B 501 -31.31 -12.34 18.15
CA HIS B 501 -31.97 -13.39 17.38
C HIS B 501 -31.34 -13.56 16.00
N PRO B 502 -30.08 -14.01 15.91
CA PRO B 502 -29.45 -14.20 14.61
C PRO B 502 -30.08 -15.36 13.86
N ASP B 503 -29.96 -15.30 12.54
CA ASP B 503 -30.52 -16.35 11.68
C ASP B 503 -29.72 -17.64 11.88
N PRO B 504 -30.33 -18.77 12.26
CA PRO B 504 -29.53 -19.97 12.47
C PRO B 504 -28.86 -20.49 11.20
N THR B 505 -29.49 -20.31 10.04
CA THR B 505 -28.90 -20.82 8.80
C THR B 505 -27.63 -20.06 8.46
N ASP B 506 -27.62 -18.74 8.68
CA ASP B 506 -26.41 -17.97 8.43
C ASP B 506 -25.27 -18.42 9.33
N ILE B 507 -25.58 -18.68 10.60
CA ILE B 507 -24.56 -19.17 11.53
C ILE B 507 -24.05 -20.53 11.07
N ALA B 508 -24.94 -21.41 10.63
CA ALA B 508 -24.52 -22.72 10.13
C ALA B 508 -23.61 -22.59 8.93
N HIS B 509 -23.97 -21.72 7.98
CA HIS B 509 -23.13 -21.54 6.79
C HIS B 509 -21.77 -20.96 7.16
N ALA B 510 -21.75 -19.98 8.06
CA ALA B 510 -20.47 -19.39 8.47
C ALA B 510 -19.59 -20.41 9.17
N LEU B 511 -20.17 -21.23 10.05
CA LEU B 511 -19.39 -22.25 10.73
C LEU B 511 -18.87 -23.30 9.75
N ALA B 512 -19.70 -23.70 8.78
CA ALA B 512 -19.33 -24.80 7.90
C ALA B 512 -18.27 -24.36 6.88
N THR B 513 -18.44 -23.17 6.29
CA THR B 513 -17.61 -22.76 5.16
C THR B 513 -16.40 -21.94 5.59
N THR B 514 -16.60 -20.95 6.47
CA THR B 514 -15.57 -19.97 6.80
C THR B 514 -14.77 -20.34 8.04
N ARG B 515 -14.64 -21.62 8.35
CA ARG B 515 -13.83 -22.07 9.48
C ARG B 515 -13.10 -23.36 9.10
N THR B 516 -11.90 -23.51 9.65
CA THR B 516 -11.09 -24.67 9.33
C THR B 516 -11.63 -25.91 10.01
N PRO B 517 -11.71 -27.07 9.32
CA PRO B 517 -12.06 -28.32 10.01
C PRO B 517 -10.84 -28.95 10.66
N HIS B 518 -10.83 -28.97 11.99
CA HIS B 518 -9.74 -29.53 12.78
C HIS B 518 -10.06 -30.97 13.16
N GLU B 519 -9.23 -31.55 14.03
CA GLU B 519 -9.35 -32.97 14.35
C GLU B 519 -10.58 -33.25 15.19
N HIS B 520 -10.66 -32.66 16.37
CA HIS B 520 -11.76 -32.95 17.30
C HIS B 520 -12.98 -32.14 16.88
N ARG B 521 -14.04 -32.82 16.44
CA ARG B 521 -15.21 -32.17 15.86
C ARG B 521 -16.46 -32.46 16.67
N ALA B 522 -17.42 -31.56 16.54
CA ALA B 522 -18.73 -31.72 17.16
C ALA B 522 -19.77 -31.01 16.31
N ALA B 523 -21.02 -31.40 16.47
CA ALA B 523 -22.11 -30.90 15.66
C ALA B 523 -23.38 -30.80 16.49
N LEU B 524 -24.23 -29.85 16.11
CA LEU B 524 -25.54 -29.65 16.73
C LEU B 524 -26.58 -29.59 15.62
N VAL B 525 -27.50 -30.56 15.61
CA VAL B 525 -28.54 -30.66 14.59
C VAL B 525 -29.88 -30.69 15.32
N THR B 526 -30.69 -29.66 15.13
CA THR B 526 -32.01 -29.61 15.71
C THR B 526 -32.86 -28.64 14.90
N ASP B 527 -34.17 -28.90 14.86
CA ASP B 527 -35.09 -28.17 14.02
C ASP B 527 -35.70 -26.94 14.69
N ASP B 528 -35.49 -26.75 15.99
CA ASP B 528 -36.07 -25.65 16.74
C ASP B 528 -34.98 -24.87 17.45
N HIS B 529 -35.15 -23.55 17.52
CA HIS B 529 -34.17 -22.67 18.15
C HIS B 529 -34.49 -22.48 19.63
N GLY B 530 -34.64 -23.60 20.34
CA GLY B 530 -34.77 -23.60 21.79
C GLY B 530 -33.80 -24.55 22.46
N THR B 531 -33.30 -25.53 21.71
CA THR B 531 -32.34 -26.52 22.21
C THR B 531 -30.90 -26.20 21.85
N ARG B 532 -30.68 -25.31 20.87
CA ARG B 532 -29.31 -25.03 20.43
C ARG B 532 -28.48 -24.38 21.53
N GLY B 533 -29.09 -23.46 22.29
CA GLY B 533 -28.40 -22.81 23.37
C GLY B 533 -27.99 -23.78 24.48
N PRO B 534 -28.96 -24.53 25.01
CA PRO B 534 -28.61 -25.57 25.97
C PRO B 534 -27.65 -26.61 25.44
N ALA B 535 -27.75 -26.95 24.15
CA ALA B 535 -26.80 -27.90 23.58
C ALA B 535 -25.39 -27.33 23.53
N LEU B 536 -25.26 -26.06 23.17
CA LEU B 536 -23.96 -25.40 23.20
C LEU B 536 -23.41 -25.38 24.62
N ALA B 537 -24.27 -25.12 25.61
CA ALA B 537 -23.82 -25.16 27.00
C ALA B 537 -23.33 -26.56 27.38
N ALA B 538 -24.11 -27.58 27.03
CA ALA B 538 -23.73 -28.96 27.38
C ALA B 538 -22.41 -29.32 26.73
N LEU B 539 -22.17 -28.86 25.51
CA LEU B 539 -20.86 -29.06 24.89
C LEU B 539 -19.79 -28.28 25.64
N ALA B 540 -20.13 -27.09 26.15
CA ALA B 540 -19.13 -26.26 26.84
C ALA B 540 -18.64 -26.93 28.10
N GLU B 541 -19.55 -27.36 28.98
CA GLU B 541 -19.13 -28.18 30.12
C GLU B 541 -18.94 -29.65 29.76
N GLY B 542 -19.22 -30.05 28.52
CA GLY B 542 -18.90 -31.38 28.06
C GLY B 542 -19.92 -32.45 28.37
N ALA B 543 -21.02 -32.10 29.05
CA ALA B 543 -22.04 -33.09 29.32
C ALA B 543 -22.73 -33.49 28.02
N PRO B 544 -23.26 -34.72 27.93
CA PRO B 544 -23.92 -35.14 26.70
C PRO B 544 -25.27 -34.49 26.52
N ASP B 545 -25.76 -34.52 25.28
CA ASP B 545 -27.05 -33.97 24.94
C ASP B 545 -27.65 -34.76 23.79
N ALA B 546 -28.98 -34.66 23.66
CA ALA B 546 -29.68 -35.44 22.64
C ALA B 546 -29.27 -35.02 21.24
N CYS B 547 -29.20 -33.71 20.99
CA CYS B 547 -28.90 -33.18 19.67
C CYS B 547 -27.42 -32.87 19.46
N LEU B 548 -26.56 -33.21 20.42
CA LEU B 548 -25.12 -32.98 20.32
C LEU B 548 -24.45 -34.25 19.83
N ILE B 549 -23.53 -34.09 18.87
CA ILE B 549 -22.72 -35.18 18.34
C ILE B 549 -21.27 -34.77 18.50
N SER B 550 -20.40 -35.73 18.82
CA SER B 550 -18.98 -35.46 19.01
C SER B 550 -18.17 -36.60 18.40
N GLY B 551 -16.93 -36.30 18.06
CA GLY B 551 -16.06 -37.34 17.55
C GLY B 551 -14.69 -36.78 17.19
N THR B 552 -13.85 -37.69 16.72
CA THR B 552 -12.49 -37.38 16.29
C THR B 552 -12.32 -37.87 14.86
N ALA B 553 -12.09 -36.93 13.95
CA ALA B 553 -11.98 -37.27 12.54
C ALA B 553 -10.74 -38.11 12.27
N LEU B 554 -10.83 -38.98 11.28
CA LEU B 554 -9.73 -39.82 10.85
C LEU B 554 -9.00 -39.14 9.70
N SER B 555 -7.67 -39.05 9.81
CA SER B 555 -6.89 -38.38 8.79
C SER B 555 -6.99 -39.09 7.45
N LYS B 556 -6.91 -40.41 7.45
CA LYS B 556 -6.95 -41.23 6.25
C LYS B 556 -8.00 -42.31 6.40
N GLY B 557 -8.54 -42.75 5.26
CA GLY B 557 -9.54 -43.80 5.24
C GLY B 557 -10.49 -43.67 4.07
N ARG B 558 -10.76 -44.80 3.41
CA ARG B 558 -11.65 -44.82 2.26
C ARG B 558 -13.07 -45.16 2.70
N THR B 559 -14.03 -44.66 1.95
CA THR B 559 -15.45 -44.78 2.29
C THR B 559 -16.06 -46.00 1.61
N VAL B 560 -17.06 -46.59 2.28
CA VAL B 560 -17.77 -47.75 1.78
C VAL B 560 -19.27 -47.52 2.01
N PHE B 561 -20.06 -47.86 1.00
CA PHE B 561 -21.51 -47.88 1.11
C PHE B 561 -21.96 -49.31 1.29
N VAL B 562 -22.65 -49.58 2.40
CA VAL B 562 -23.19 -50.90 2.71
C VAL B 562 -24.64 -50.92 2.26
N PHE B 563 -25.08 -52.05 1.72
CA PHE B 563 -26.43 -52.22 1.20
C PHE B 563 -27.04 -53.48 1.82
N PRO B 564 -27.53 -53.38 3.05
CA PRO B 564 -28.21 -54.52 3.67
C PRO B 564 -29.44 -54.96 2.90
N GLY B 565 -29.79 -56.24 3.08
CA GLY B 565 -30.97 -56.79 2.44
C GLY B 565 -32.22 -56.61 3.27
N GLN B 566 -32.88 -57.70 3.61
CA GLN B 566 -34.13 -57.62 4.35
C GLN B 566 -33.87 -57.13 5.77
N GLY B 567 -34.85 -56.41 6.32
CA GLY B 567 -34.85 -55.99 7.71
C GLY B 567 -35.11 -54.52 7.92
N SER B 568 -34.58 -53.69 7.01
CA SER B 568 -34.64 -52.24 7.17
C SER B 568 -35.83 -51.65 6.40
N GLN B 569 -37.04 -52.03 6.83
CA GLN B 569 -38.27 -51.51 6.27
C GLN B 569 -39.20 -51.07 7.39
N TRP B 570 -39.93 -49.99 7.14
CA TRP B 570 -40.97 -49.54 8.05
C TRP B 570 -41.93 -48.66 7.28
N THR B 571 -43.20 -48.68 7.69
CA THR B 571 -44.23 -47.95 6.97
C THR B 571 -43.95 -46.45 7.00
N GLY B 572 -44.13 -45.80 5.86
CA GLY B 572 -43.89 -44.38 5.74
C GLY B 572 -42.45 -43.98 5.52
N MET B 573 -41.55 -44.95 5.32
CA MET B 573 -40.15 -44.62 5.09
C MET B 573 -40.01 -43.85 3.78
N GLY B 574 -39.23 -42.78 3.81
CA GLY B 574 -39.07 -41.93 2.65
C GLY B 574 -40.25 -41.05 2.33
N ARG B 575 -41.32 -41.10 3.13
CA ARG B 575 -42.50 -40.28 2.84
C ARG B 575 -42.20 -38.80 3.00
N GLU B 576 -41.44 -38.45 4.04
CA GLU B 576 -41.14 -37.04 4.29
C GLU B 576 -40.14 -36.50 3.27
N LEU B 577 -39.16 -37.32 2.88
CA LEU B 577 -38.17 -36.86 1.90
C LEU B 577 -38.80 -36.59 0.54
N LEU B 578 -39.90 -37.27 0.22
CA LEU B 578 -40.56 -37.04 -1.06
C LEU B 578 -41.05 -35.60 -1.18
N HIS B 579 -41.51 -35.03 -0.07
CA HIS B 579 -41.93 -33.63 -0.04
C HIS B 579 -40.76 -32.69 0.19
N THR B 580 -40.00 -32.91 1.25
CA THR B 580 -38.96 -31.96 1.63
C THR B 580 -37.80 -31.96 0.65
N SER B 581 -37.29 -33.14 0.30
CA SER B 581 -36.09 -33.24 -0.52
C SER B 581 -36.48 -33.36 -1.99
N PRO B 582 -36.09 -32.42 -2.88
CA PRO B 582 -36.45 -32.58 -4.29
C PRO B 582 -35.58 -33.60 -5.02
N GLU B 583 -34.30 -33.70 -4.63
CA GLU B 583 -33.41 -34.66 -5.28
C GLU B 583 -33.86 -36.08 -5.00
N PHE B 584 -34.26 -36.36 -3.75
CA PHE B 584 -34.77 -37.68 -3.41
C PHE B 584 -36.03 -38.00 -4.20
N ALA B 585 -36.91 -37.01 -4.35
CA ALA B 585 -38.13 -37.22 -5.15
C ALA B 585 -37.78 -37.52 -6.59
N ALA B 586 -36.80 -36.81 -7.15
CA ALA B 586 -36.40 -37.05 -8.54
C ALA B 586 -35.84 -38.46 -8.70
N TYR B 587 -34.99 -38.89 -7.77
CA TYR B 587 -34.43 -40.23 -7.86
C TYR B 587 -35.51 -41.29 -7.71
N ILE B 588 -36.47 -41.06 -6.80
CA ILE B 588 -37.56 -42.01 -6.63
C ILE B 588 -38.41 -42.07 -7.90
N ALA B 589 -38.64 -40.92 -8.54
CA ALA B 589 -39.39 -40.92 -9.79
C ALA B 589 -38.64 -41.68 -10.88
N GLU B 590 -37.32 -41.53 -10.93
CA GLU B 590 -36.53 -42.27 -11.91
C GLU B 590 -36.63 -43.77 -11.67
N CYS B 591 -36.52 -44.19 -10.40
CA CYS B 591 -36.67 -45.60 -10.09
C CYS B 591 -38.07 -46.10 -10.41
N GLU B 592 -39.09 -45.27 -10.16
CA GLU B 592 -40.47 -45.64 -10.47
C GLU B 592 -40.64 -45.86 -11.98
N THR B 593 -40.10 -44.95 -12.79
CA THR B 593 -40.19 -45.09 -14.24
C THR B 593 -39.46 -46.35 -14.70
N ALA B 594 -38.28 -46.62 -14.15
CA ALA B 594 -37.55 -47.81 -14.52
C ALA B 594 -38.24 -49.08 -14.07
N LEU B 595 -39.00 -49.04 -12.97
CA LEU B 595 -39.63 -50.21 -12.38
C LEU B 595 -41.04 -50.47 -12.88
N ASN B 596 -41.67 -49.49 -13.54
CA ASN B 596 -43.05 -49.68 -14.01
C ASN B 596 -43.19 -50.81 -15.02
N ASP B 597 -42.10 -51.20 -15.69
CA ASP B 597 -42.21 -52.16 -16.79
C ASP B 597 -42.70 -53.51 -16.31
N PHE B 598 -42.08 -54.06 -15.28
CA PHE B 598 -42.35 -55.41 -14.79
C PHE B 598 -42.93 -55.39 -13.38
N VAL B 599 -43.78 -54.42 -13.09
CA VAL B 599 -44.43 -54.30 -11.78
C VAL B 599 -45.82 -53.71 -12.00
N ASP B 600 -46.80 -54.23 -11.26
CA ASP B 600 -48.20 -53.89 -11.42
C ASP B 600 -48.68 -52.84 -10.41
N TRP B 601 -47.79 -51.95 -9.97
CA TRP B 601 -48.17 -50.89 -9.06
C TRP B 601 -47.11 -49.81 -9.12
N SER B 602 -47.44 -48.63 -8.61
CA SER B 602 -46.55 -47.48 -8.61
C SER B 602 -45.82 -47.41 -7.29
N LEU B 603 -44.49 -47.23 -7.36
CA LEU B 603 -43.67 -47.16 -6.16
C LEU B 603 -44.07 -45.99 -5.28
N THR B 604 -44.40 -44.85 -5.88
CA THR B 604 -44.72 -43.67 -5.10
C THR B 604 -45.96 -43.90 -4.24
N ASP B 605 -46.95 -44.62 -4.75
CA ASP B 605 -48.13 -44.94 -3.95
C ASP B 605 -47.76 -45.84 -2.78
N VAL B 606 -46.89 -46.82 -3.01
CA VAL B 606 -46.49 -47.74 -1.95
C VAL B 606 -45.77 -46.98 -0.85
N LEU B 607 -44.82 -46.12 -1.24
CA LEU B 607 -44.06 -45.36 -0.25
C LEU B 607 -44.96 -44.39 0.50
N ARG B 608 -45.81 -43.65 -0.22
CA ARG B 608 -46.72 -42.71 0.44
C ARG B 608 -47.85 -43.42 1.17
N GLY B 609 -48.04 -44.72 0.93
CA GLY B 609 -49.09 -45.45 1.63
C GLY B 609 -50.49 -45.02 1.25
N THR B 610 -50.72 -44.72 -0.03
CA THR B 610 -52.05 -44.34 -0.47
C THR B 610 -52.99 -45.54 -0.41
N GLU B 611 -54.28 -45.26 -0.47
CA GLU B 611 -55.28 -46.31 -0.38
C GLU B 611 -55.20 -47.24 -1.60
N GLY B 612 -55.29 -48.54 -1.34
CA GLY B 612 -55.28 -49.53 -2.38
C GLY B 612 -53.91 -50.06 -2.76
N ALA B 613 -52.84 -49.36 -2.39
CA ALA B 613 -51.51 -49.85 -2.71
C ALA B 613 -51.14 -51.02 -1.79
N PRO B 614 -50.34 -51.97 -2.29
CA PRO B 614 -49.99 -53.12 -1.44
C PRO B 614 -49.08 -52.71 -0.29
N GLY B 615 -49.21 -53.44 0.82
CA GLY B 615 -48.36 -53.22 1.97
C GLY B 615 -47.03 -53.91 1.85
N TYR B 616 -46.14 -53.62 2.82
CA TYR B 616 -44.82 -54.23 2.84
C TYR B 616 -44.83 -55.68 3.30
N ASP B 617 -45.96 -56.20 3.75
CA ASP B 617 -46.03 -57.62 4.12
C ASP B 617 -45.77 -58.52 2.92
N ARG B 618 -46.29 -58.14 1.75
CA ARG B 618 -46.08 -58.93 0.55
C ARG B 618 -44.59 -58.97 0.19
N VAL B 619 -44.12 -60.16 -0.17
CA VAL B 619 -42.70 -60.33 -0.48
C VAL B 619 -42.36 -59.64 -1.79
N ASP B 620 -43.20 -59.78 -2.80
CA ASP B 620 -42.85 -59.31 -4.14
C ASP B 620 -42.67 -57.79 -4.22
N VAL B 621 -43.18 -57.04 -3.24
CA VAL B 621 -43.08 -55.58 -3.26
C VAL B 621 -42.02 -55.02 -2.32
N VAL B 622 -41.60 -55.77 -1.29
CA VAL B 622 -40.67 -55.20 -0.33
C VAL B 622 -39.28 -55.04 -0.94
N GLN B 623 -38.79 -56.04 -1.68
CA GLN B 623 -37.47 -55.93 -2.29
C GLN B 623 -37.39 -54.83 -3.34
N PRO B 624 -38.34 -54.69 -4.27
CA PRO B 624 -38.29 -53.52 -5.17
C PRO B 624 -38.33 -52.19 -4.42
N ALA B 625 -39.18 -52.07 -3.40
CA ALA B 625 -39.27 -50.82 -2.66
C ALA B 625 -37.98 -50.54 -1.90
N LEU B 626 -37.44 -51.55 -1.23
CA LEU B 626 -36.18 -51.38 -0.52
C LEU B 626 -35.05 -51.02 -1.49
N PHE B 627 -35.02 -51.68 -2.64
CA PHE B 627 -34.01 -51.38 -3.65
C PHE B 627 -34.09 -49.93 -4.10
N ALA B 628 -35.30 -49.47 -4.40
CA ALA B 628 -35.46 -48.09 -4.88
C ALA B 628 -35.08 -47.10 -3.79
N VAL B 629 -35.54 -47.32 -2.56
CA VAL B 629 -35.22 -46.40 -1.47
C VAL B 629 -33.73 -46.37 -1.22
N MET B 630 -33.08 -47.53 -1.23
CA MET B 630 -31.65 -47.62 -0.96
C MET B 630 -30.85 -46.95 -2.06
N VAL B 631 -31.22 -47.16 -3.32
CA VAL B 631 -30.54 -46.52 -4.43
C VAL B 631 -30.70 -45.00 -4.35
N SER B 632 -31.91 -44.54 -4.06
CA SER B 632 -32.16 -43.11 -3.96
C SER B 632 -31.35 -42.50 -2.82
N LEU B 633 -31.26 -43.19 -1.68
CA LEU B 633 -30.47 -42.66 -0.56
C LEU B 633 -28.99 -42.64 -0.91
N ALA B 634 -28.50 -43.66 -1.59
CA ALA B 634 -27.09 -43.67 -1.99
C ALA B 634 -26.80 -42.53 -2.94
N ARG B 635 -27.67 -42.29 -3.91
CA ARG B 635 -27.46 -41.18 -4.85
C ARG B 635 -27.62 -39.84 -4.15
N LEU B 636 -28.45 -39.77 -3.11
CA LEU B 636 -28.54 -38.54 -2.32
C LEU B 636 -27.26 -38.28 -1.55
N TRP B 637 -26.67 -39.34 -0.99
CA TRP B 637 -25.36 -39.20 -0.36
C TRP B 637 -24.32 -38.73 -1.36
N GLN B 638 -24.33 -39.30 -2.56
CA GLN B 638 -23.41 -38.85 -3.61
C GLN B 638 -23.66 -37.41 -3.98
N HIS B 639 -24.92 -36.97 -3.96
CA HIS B 639 -25.24 -35.58 -4.32
C HIS B 639 -24.63 -34.61 -3.32
N HIS B 640 -24.46 -35.02 -2.06
CA HIS B 640 -23.85 -34.18 -1.04
C HIS B 640 -22.32 -34.30 -1.02
N GLY B 641 -21.72 -34.95 -2.02
CA GLY B 641 -20.28 -35.00 -2.16
C GLY B 641 -19.60 -36.17 -1.52
N ILE B 642 -20.33 -37.10 -0.91
CA ILE B 642 -19.76 -38.30 -0.30
C ILE B 642 -19.75 -39.37 -1.38
N HIS B 643 -18.69 -39.37 -2.19
CA HIS B 643 -18.57 -40.34 -3.27
C HIS B 643 -17.94 -41.62 -2.73
N PRO B 644 -18.59 -42.79 -2.83
CA PRO B 644 -18.00 -44.00 -2.26
C PRO B 644 -16.76 -44.43 -3.00
N ASP B 645 -15.84 -45.05 -2.24
CA ASP B 645 -14.67 -45.70 -2.81
C ASP B 645 -14.88 -47.20 -3.02
N ALA B 646 -16.03 -47.73 -2.63
CA ALA B 646 -16.36 -49.15 -2.80
C ALA B 646 -17.82 -49.33 -2.41
N VAL B 647 -18.33 -50.53 -2.65
CA VAL B 647 -19.69 -50.90 -2.28
C VAL B 647 -19.71 -52.36 -1.85
N ILE B 648 -20.72 -52.70 -1.04
CA ILE B 648 -20.91 -54.05 -0.55
C ILE B 648 -22.40 -54.27 -0.37
N GLY B 649 -22.86 -55.48 -0.72
CA GLY B 649 -24.26 -55.83 -0.67
C GLY B 649 -24.55 -56.91 0.36
N HIS B 650 -25.82 -57.32 0.38
CA HIS B 650 -26.26 -58.39 1.27
C HIS B 650 -27.51 -59.01 0.66
N SER B 651 -27.34 -60.16 0.01
CA SER B 651 -28.44 -60.84 -0.68
C SER B 651 -29.01 -59.93 -1.77
N GLN B 652 -30.22 -59.40 -1.59
CA GLN B 652 -30.81 -58.58 -2.64
C GLN B 652 -30.11 -57.22 -2.74
N GLY B 653 -29.55 -56.73 -1.64
CA GLY B 653 -28.90 -55.43 -1.67
C GLY B 653 -27.75 -55.37 -2.66
N GLU B 654 -27.12 -56.51 -2.95
CA GLU B 654 -26.08 -56.58 -3.98
C GLU B 654 -26.56 -55.97 -5.28
N ILE B 655 -27.81 -56.25 -5.66
CA ILE B 655 -28.38 -55.68 -6.88
C ILE B 655 -28.30 -54.16 -6.81
N ALA B 656 -28.77 -53.58 -5.71
CA ALA B 656 -28.67 -52.13 -5.53
C ALA B 656 -27.21 -51.70 -5.58
N ALA B 657 -26.34 -52.45 -4.91
CA ALA B 657 -24.92 -52.12 -4.93
C ALA B 657 -24.39 -52.14 -6.35
N ALA B 658 -24.83 -53.13 -7.13
CA ALA B 658 -24.37 -53.21 -8.52
C ALA B 658 -24.75 -51.95 -9.28
N HIS B 659 -25.97 -51.44 -9.05
CA HIS B 659 -26.39 -50.23 -9.74
C HIS B 659 -25.52 -49.06 -9.35
N ILE B 660 -25.06 -49.01 -8.10
CA ILE B 660 -24.15 -47.94 -7.70
C ILE B 660 -22.74 -48.22 -8.18
N ALA B 661 -22.39 -49.48 -8.42
CA ALA B 661 -21.07 -49.80 -8.95
C ALA B 661 -20.95 -49.54 -10.44
N GLY B 662 -22.05 -49.24 -11.13
CA GLY B 662 -22.05 -49.09 -12.56
C GLY B 662 -22.11 -50.39 -13.32
N ALA B 663 -22.14 -51.53 -12.63
CA ALA B 663 -22.21 -52.82 -13.33
C ALA B 663 -23.51 -52.97 -14.09
N LEU B 664 -24.62 -52.55 -13.48
CA LEU B 664 -25.96 -52.70 -14.05
C LEU B 664 -26.61 -51.33 -14.18
N SER B 665 -27.30 -51.12 -15.29
CA SER B 665 -28.11 -49.94 -15.46
C SER B 665 -29.31 -49.98 -14.52
N LEU B 666 -30.02 -48.86 -14.42
CA LEU B 666 -31.20 -48.81 -13.57
C LEU B 666 -32.27 -49.78 -14.07
N GLN B 667 -32.46 -49.84 -15.39
CA GLN B 667 -33.45 -50.76 -15.95
C GLN B 667 -33.09 -52.20 -15.63
N ASP B 668 -31.83 -52.57 -15.81
CA ASP B 668 -31.42 -53.95 -15.55
C ASP B 668 -31.56 -54.30 -14.08
N ALA B 669 -31.14 -53.40 -13.18
CA ALA B 669 -31.28 -53.68 -11.76
C ALA B 669 -32.74 -53.80 -11.35
N ALA B 670 -33.59 -52.93 -11.87
CA ALA B 670 -35.02 -53.01 -11.57
C ALA B 670 -35.60 -54.33 -12.07
N ARG B 671 -35.22 -54.73 -13.29
CA ARG B 671 -35.68 -56.00 -13.84
C ARG B 671 -35.28 -57.17 -12.95
N ILE B 672 -34.00 -57.21 -12.56
CA ILE B 672 -33.50 -58.31 -11.75
C ILE B 672 -34.24 -58.36 -10.42
N VAL B 673 -34.31 -57.24 -9.71
CA VAL B 673 -34.91 -57.26 -8.38
C VAL B 673 -36.39 -57.60 -8.46
N ALA B 674 -37.11 -57.02 -9.42
CA ALA B 674 -38.55 -57.27 -9.51
C ALA B 674 -38.83 -58.73 -9.86
N LEU B 675 -38.18 -59.25 -10.89
CA LEU B 675 -38.46 -60.63 -11.30
C LEU B 675 -37.96 -61.63 -10.27
N ARG B 676 -36.84 -61.34 -9.60
CA ARG B 676 -36.35 -62.23 -8.56
C ARG B 676 -37.30 -62.25 -7.37
N SER B 677 -37.84 -61.09 -6.99
CA SER B 677 -38.83 -61.04 -5.91
C SER B 677 -40.09 -61.80 -6.31
N GLN B 678 -40.53 -61.65 -7.56
CA GLN B 678 -41.72 -62.36 -8.01
C GLN B 678 -41.49 -63.87 -8.00
N ALA B 679 -40.29 -64.31 -8.39
CA ALA B 679 -39.99 -65.74 -8.41
C ALA B 679 -39.96 -66.36 -7.03
N LEU B 680 -39.84 -65.56 -5.97
CA LEU B 680 -39.85 -66.08 -4.61
C LEU B 680 -41.26 -66.33 -4.08
N LEU B 681 -42.29 -65.96 -4.83
CA LEU B 681 -43.65 -66.10 -4.32
C LEU B 681 -44.05 -67.55 -3.99
N PRO B 682 -43.75 -68.56 -4.80
CA PRO B 682 -44.11 -69.93 -4.41
C PRO B 682 -43.46 -70.40 -3.13
N LEU B 683 -42.34 -69.80 -2.72
CA LEU B 683 -41.67 -70.19 -1.48
C LEU B 683 -42.40 -69.69 -0.23
N ALA B 684 -43.43 -68.87 -0.37
CA ALA B 684 -44.10 -68.30 0.79
C ALA B 684 -44.71 -69.38 1.66
N GLY B 685 -44.45 -69.30 2.96
CA GLY B 685 -44.99 -70.23 3.93
C GLY B 685 -44.26 -71.54 4.05
N LEU B 686 -43.32 -71.84 3.15
CA LEU B 686 -42.63 -73.13 3.20
C LEU B 686 -41.57 -73.16 4.30
N GLY B 687 -40.91 -72.03 4.55
CA GLY B 687 -39.88 -71.97 5.55
C GLY B 687 -39.65 -70.57 6.04
N GLY B 688 -38.48 -70.35 6.62
CA GLY B 688 -38.14 -69.05 7.16
C GLY B 688 -36.72 -69.02 7.67
N MET B 689 -36.34 -67.84 8.15
CA MET B 689 -35.01 -67.56 8.67
C MET B 689 -35.07 -67.31 10.17
N THR B 690 -33.94 -67.54 10.83
CA THR B 690 -33.81 -67.27 12.26
C THR B 690 -32.38 -66.81 12.51
N SER B 691 -32.25 -65.68 13.22
CA SER B 691 -30.95 -65.11 13.53
C SER B 691 -30.56 -65.50 14.96
N LEU B 692 -29.36 -66.07 15.10
CA LEU B 692 -28.83 -66.50 16.39
C LEU B 692 -27.41 -65.99 16.54
N ALA B 693 -27.03 -65.68 17.77
CA ALA B 693 -25.74 -65.08 18.09
C ALA B 693 -24.77 -66.17 18.48
N LEU B 694 -24.05 -66.70 17.50
CA LEU B 694 -22.98 -67.66 17.73
C LEU B 694 -21.96 -67.52 16.61
N PRO B 695 -20.74 -68.00 16.81
CA PRO B 695 -19.78 -68.04 15.70
C PRO B 695 -20.24 -68.97 14.59
N HIS B 696 -19.49 -68.93 13.48
CA HIS B 696 -19.83 -69.77 12.34
C HIS B 696 -19.73 -71.25 12.68
N ASP B 697 -18.65 -71.64 13.36
CA ASP B 697 -18.43 -73.06 13.64
C ASP B 697 -19.51 -73.62 14.58
N GLN B 698 -19.83 -72.87 15.64
CA GLN B 698 -20.84 -73.35 16.59
C GLN B 698 -22.21 -73.46 15.94
N ALA B 699 -22.58 -72.46 15.13
CA ALA B 699 -23.85 -72.54 14.41
C ALA B 699 -23.86 -73.70 13.43
N LEU B 700 -22.75 -73.92 12.73
CA LEU B 700 -22.68 -74.99 11.74
C LEU B 700 -22.83 -76.35 12.39
N GLN B 701 -22.10 -76.59 13.49
CA GLN B 701 -22.21 -77.87 14.19
C GLN B 701 -23.51 -77.99 14.97
N LEU B 702 -24.19 -76.87 15.25
CA LEU B 702 -25.47 -76.95 15.95
C LEU B 702 -26.58 -77.47 15.04
N ILE B 703 -26.48 -77.22 13.73
CA ILE B 703 -27.50 -77.69 12.79
C ILE B 703 -27.22 -79.09 12.26
N GLN B 704 -26.13 -79.72 12.69
CA GLN B 704 -25.81 -81.06 12.20
C GLN B 704 -26.90 -82.10 12.50
N PRO B 705 -27.55 -82.12 13.67
CA PRO B 705 -28.63 -83.11 13.87
C PRO B 705 -29.74 -83.02 12.85
N TRP B 706 -30.10 -81.81 12.41
CA TRP B 706 -31.09 -81.65 11.36
C TRP B 706 -30.53 -81.95 9.98
N GLY B 707 -29.20 -82.01 9.83
CA GLY B 707 -28.63 -82.39 8.55
C GLY B 707 -28.88 -81.35 7.48
N GLN B 708 -29.41 -81.81 6.35
CA GLN B 708 -29.57 -80.96 5.17
C GLN B 708 -30.82 -80.09 5.19
N ASP B 709 -31.68 -80.24 6.20
CA ASP B 709 -32.89 -79.43 6.25
C ASP B 709 -32.56 -77.95 6.41
N LEU B 710 -31.61 -77.62 7.29
CA LEU B 710 -31.21 -76.26 7.57
C LEU B 710 -29.90 -75.93 6.88
N SER B 711 -29.58 -74.64 6.83
CA SER B 711 -28.33 -74.18 6.25
C SER B 711 -28.00 -72.82 6.83
N ILE B 712 -26.72 -72.46 6.76
CA ILE B 712 -26.24 -71.17 7.23
C ILE B 712 -26.60 -70.14 6.16
N ALA B 713 -27.67 -69.38 6.40
CA ALA B 713 -28.11 -68.39 5.42
C ALA B 713 -27.09 -67.28 5.28
N SER B 714 -26.53 -66.80 6.39
CA SER B 714 -25.59 -65.69 6.32
C SER B 714 -24.73 -65.67 7.59
N VAL B 715 -23.49 -65.21 7.41
CA VAL B 715 -22.57 -64.98 8.53
C VAL B 715 -22.35 -63.47 8.63
N ASN B 716 -23.16 -62.80 9.45
CA ASN B 716 -23.09 -61.34 9.52
C ASN B 716 -21.84 -60.89 10.27
N GLY B 717 -21.53 -61.52 11.39
CA GLY B 717 -20.41 -61.12 12.21
C GLY B 717 -19.80 -62.28 12.99
N PRO B 718 -18.76 -62.00 13.76
CA PRO B 718 -18.08 -63.08 14.50
C PRO B 718 -18.97 -63.75 15.53
N HIS B 719 -20.03 -63.10 15.99
CA HIS B 719 -20.98 -63.68 16.94
C HIS B 719 -22.41 -63.39 16.51
N SER B 720 -22.67 -63.48 15.21
CA SER B 720 -24.01 -63.25 14.68
C SER B 720 -24.14 -64.00 13.37
N THR B 721 -25.14 -64.87 13.28
CA THR B 721 -25.39 -65.66 12.07
C THR B 721 -26.90 -65.80 11.88
N VAL B 722 -27.28 -66.14 10.65
CA VAL B 722 -28.67 -66.37 10.29
C VAL B 722 -28.76 -67.72 9.60
N VAL B 723 -29.68 -68.56 10.05
CA VAL B 723 -29.89 -69.90 9.51
C VAL B 723 -31.30 -69.96 8.93
N SER B 724 -31.40 -70.48 7.71
CA SER B 724 -32.66 -70.57 6.98
C SER B 724 -33.04 -72.02 6.77
N GLY B 725 -34.34 -72.29 6.75
CA GLY B 725 -34.80 -73.65 6.52
C GLY B 725 -36.29 -73.77 6.74
N THR B 726 -36.76 -75.02 6.66
CA THR B 726 -38.18 -75.29 6.77
C THR B 726 -38.70 -74.91 8.15
N THR B 727 -40.00 -74.60 8.21
CA THR B 727 -40.60 -74.14 9.45
C THR B 727 -40.51 -75.21 10.54
N HIS B 728 -40.73 -76.47 10.17
CA HIS B 728 -40.63 -77.56 11.14
C HIS B 728 -39.21 -77.66 11.70
N ALA B 729 -38.21 -77.62 10.82
CA ALA B 729 -36.83 -77.63 11.30
C ALA B 729 -36.52 -76.39 12.12
N LEU B 730 -37.06 -75.24 11.70
CA LEU B 730 -36.74 -73.98 12.39
C LEU B 730 -37.27 -73.98 13.81
N ASP B 731 -38.56 -74.31 14.00
CA ASP B 731 -39.12 -74.32 15.34
C ASP B 731 -38.74 -75.57 16.13
N GLU B 732 -38.16 -76.59 15.48
CA GLU B 732 -37.50 -77.65 16.25
C GLU B 732 -36.17 -77.15 16.81
N LEU B 733 -35.40 -76.41 16.01
CA LEU B 733 -34.14 -75.85 16.49
C LEU B 733 -34.35 -74.73 17.48
N HIS B 734 -35.50 -74.05 17.45
CA HIS B 734 -35.76 -72.97 18.38
C HIS B 734 -35.76 -73.48 19.82
N THR B 735 -36.43 -74.60 20.07
CA THR B 735 -36.45 -75.15 21.44
C THR B 735 -35.08 -75.67 21.84
N THR B 736 -34.30 -76.20 20.89
CA THR B 736 -32.94 -76.62 21.21
C THR B 736 -32.09 -75.43 21.63
N CYS B 737 -32.22 -74.31 20.91
CA CYS B 737 -31.49 -73.11 21.31
C CYS B 737 -31.96 -72.60 22.66
N ASP B 738 -33.27 -72.70 22.94
CA ASP B 738 -33.77 -72.32 24.25
C ASP B 738 -33.15 -73.18 25.34
N THR B 739 -33.02 -74.48 25.08
CA THR B 739 -32.32 -75.35 26.02
C THR B 739 -30.87 -74.93 26.19
N GLN B 740 -30.20 -74.59 25.10
CA GLN B 740 -28.80 -74.14 25.16
C GLN B 740 -28.66 -72.67 25.55
N GLY B 741 -29.76 -71.91 25.60
CA GLY B 741 -29.69 -70.52 25.98
C GLY B 741 -29.01 -69.65 24.95
N VAL B 742 -29.60 -69.58 23.76
CA VAL B 742 -29.11 -68.74 22.67
C VAL B 742 -30.29 -67.93 22.15
N ARG B 743 -30.09 -66.61 22.00
CA ARG B 743 -31.19 -65.71 21.64
C ARG B 743 -31.43 -65.83 20.14
N ALA B 744 -32.12 -66.90 19.76
CA ALA B 744 -32.39 -67.19 18.35
C ALA B 744 -33.57 -66.34 17.89
N ARG B 745 -33.28 -65.10 17.52
CA ARG B 745 -34.33 -64.18 17.08
C ARG B 745 -34.85 -64.60 15.71
N ARG B 746 -36.18 -64.62 15.58
CA ARG B 746 -36.85 -65.05 14.36
C ARG B 746 -37.07 -63.84 13.47
N ILE B 747 -36.54 -63.89 12.26
CA ILE B 747 -36.71 -62.79 11.31
C ILE B 747 -38.13 -62.83 10.75
N PRO B 748 -38.89 -61.72 10.74
CA PRO B 748 -40.24 -61.79 10.16
C PRO B 748 -40.22 -61.93 8.64
N VAL B 749 -40.03 -63.17 8.17
CA VAL B 749 -40.13 -63.50 6.75
C VAL B 749 -40.84 -64.83 6.62
N ASP B 750 -41.31 -65.11 5.40
CA ASP B 750 -42.04 -66.35 5.09
C ASP B 750 -41.35 -67.14 3.98
N TYR B 751 -40.06 -66.91 3.75
CA TYR B 751 -39.33 -67.51 2.65
C TYR B 751 -37.94 -67.89 3.11
N ALA B 752 -37.54 -69.13 2.80
CA ALA B 752 -36.27 -69.69 3.26
C ALA B 752 -35.22 -69.61 2.15
N SER B 753 -34.86 -68.37 1.81
CA SER B 753 -33.78 -68.18 0.85
C SER B 753 -32.44 -68.51 1.47
N HIS B 754 -31.42 -68.59 0.60
CA HIS B 754 -30.09 -69.03 0.99
C HIS B 754 -30.14 -70.43 1.59
N SER B 755 -30.98 -71.29 1.02
CA SER B 755 -31.17 -72.66 1.46
C SER B 755 -31.42 -73.53 0.24
N ALA B 756 -31.76 -74.80 0.49
CA ALA B 756 -31.97 -75.73 -0.61
C ALA B 756 -33.25 -75.45 -1.39
N GLN B 757 -34.27 -74.88 -0.73
CA GLN B 757 -35.58 -74.74 -1.37
C GLN B 757 -35.51 -73.87 -2.62
N VAL B 758 -34.55 -72.95 -2.69
CA VAL B 758 -34.45 -72.06 -3.85
C VAL B 758 -34.16 -72.86 -5.12
N GLU B 759 -33.54 -74.05 -4.99
CA GLU B 759 -33.33 -74.88 -6.17
C GLU B 759 -34.64 -75.18 -6.89
N SER B 760 -35.72 -75.33 -6.13
CA SER B 760 -37.02 -75.61 -6.73
C SER B 760 -37.47 -74.52 -7.69
N ILE B 761 -36.95 -73.30 -7.57
CA ILE B 761 -37.30 -72.19 -8.43
C ILE B 761 -36.13 -71.77 -9.33
N ARG B 762 -35.11 -72.63 -9.44
CA ARG B 762 -33.84 -72.23 -10.06
C ARG B 762 -34.06 -71.70 -11.48
N ASP B 763 -34.74 -72.48 -12.32
CA ASP B 763 -34.97 -72.06 -13.70
C ASP B 763 -35.64 -70.71 -13.76
N THR B 764 -36.61 -70.47 -12.86
CA THR B 764 -37.31 -69.20 -12.89
C THR B 764 -36.36 -68.03 -12.65
N VAL B 765 -35.46 -68.16 -11.67
CA VAL B 765 -34.55 -67.04 -11.44
C VAL B 765 -33.57 -66.93 -12.59
N LEU B 766 -33.26 -68.05 -13.26
CA LEU B 766 -32.44 -67.96 -14.46
C LEU B 766 -33.16 -67.18 -15.54
N GLN B 767 -34.48 -67.26 -15.58
CA GLN B 767 -35.25 -66.42 -16.49
C GLN B 767 -35.33 -64.99 -15.96
N ALA B 768 -35.24 -64.80 -14.65
CA ALA B 768 -35.39 -63.46 -14.09
C ALA B 768 -34.26 -62.54 -14.54
N ALA B 769 -33.03 -63.05 -14.55
CA ALA B 769 -31.86 -62.26 -14.88
C ALA B 769 -31.49 -62.33 -16.36
N THR B 770 -32.29 -62.97 -17.19
CA THR B 770 -31.99 -63.06 -18.61
C THR B 770 -32.21 -61.72 -19.30
N GLY B 771 -31.37 -61.43 -20.29
CA GLY B 771 -31.47 -60.22 -21.07
C GLY B 771 -30.67 -59.04 -20.54
N ILE B 772 -30.04 -59.18 -19.38
CA ILE B 772 -29.29 -58.06 -18.81
C ILE B 772 -27.96 -57.90 -19.54
N ASN B 773 -27.35 -56.72 -19.36
CA ASN B 773 -26.10 -56.34 -20.04
C ASN B 773 -25.13 -55.82 -18.99
N PRO B 774 -24.40 -56.70 -18.30
CA PRO B 774 -23.42 -56.24 -17.32
C PRO B 774 -22.29 -55.47 -17.98
N GLN B 775 -21.70 -54.55 -17.23
CA GLN B 775 -20.59 -53.72 -17.66
C GLN B 775 -19.53 -53.69 -16.57
N PRO B 776 -18.30 -53.31 -16.91
CA PRO B 776 -17.28 -53.16 -15.85
C PRO B 776 -17.66 -52.06 -14.87
N THR B 777 -17.20 -52.24 -13.63
CA THR B 777 -17.62 -51.36 -12.54
C THR B 777 -16.73 -50.12 -12.47
N THR B 778 -17.35 -48.94 -12.45
CA THR B 778 -16.60 -47.72 -12.22
C THR B 778 -16.07 -47.66 -10.80
N ILE B 779 -16.88 -48.07 -9.82
CA ILE B 779 -16.51 -48.12 -8.41
C ILE B 779 -16.26 -49.60 -8.09
N PRO B 780 -15.24 -49.97 -7.30
CA PRO B 780 -15.09 -51.38 -6.96
C PRO B 780 -16.28 -51.92 -6.20
N LEU B 781 -16.64 -53.17 -6.48
CA LEU B 781 -17.75 -53.86 -5.83
C LEU B 781 -17.20 -55.13 -5.19
N TYR B 782 -17.44 -55.28 -3.89
CA TYR B 782 -16.97 -56.43 -3.13
C TYR B 782 -18.13 -57.41 -3.01
N SER B 783 -18.13 -58.45 -3.84
CA SER B 783 -19.21 -59.43 -3.82
C SER B 783 -19.16 -60.24 -2.53
N THR B 784 -20.30 -60.36 -1.87
CA THR B 784 -20.37 -61.17 -0.66
C THR B 784 -20.24 -62.65 -0.98
N VAL B 785 -20.68 -63.07 -2.16
CA VAL B 785 -20.60 -64.48 -2.52
C VAL B 785 -19.14 -64.91 -2.64
N THR B 786 -18.35 -64.14 -3.39
CA THR B 786 -16.95 -64.49 -3.57
C THR B 786 -16.11 -64.17 -2.34
N GLY B 787 -16.35 -63.02 -1.72
CA GLY B 787 -15.53 -62.53 -0.63
C GLY B 787 -14.37 -61.64 -1.06
N GLN B 788 -14.36 -61.19 -2.30
CA GLN B 788 -13.31 -60.31 -2.80
C GLN B 788 -13.92 -59.46 -3.90
N PRO B 789 -13.17 -58.47 -4.42
CA PRO B 789 -13.69 -57.69 -5.54
C PRO B 789 -13.99 -58.57 -6.74
N ILE B 790 -15.06 -58.22 -7.46
CA ILE B 790 -15.58 -59.01 -8.56
C ILE B 790 -15.65 -58.13 -9.80
N ASP B 791 -15.31 -58.71 -10.95
CA ASP B 791 -15.43 -58.00 -12.21
C ASP B 791 -16.89 -57.71 -12.51
N GLY B 792 -17.15 -56.52 -13.06
CA GLY B 792 -18.53 -56.13 -13.33
C GLY B 792 -19.19 -56.96 -14.41
N THR B 793 -18.40 -57.53 -15.32
CA THR B 793 -18.96 -58.33 -16.40
C THR B 793 -19.35 -59.74 -15.96
N GLN B 794 -18.96 -60.17 -14.77
CA GLN B 794 -19.26 -61.51 -14.28
C GLN B 794 -20.63 -61.61 -13.61
N LEU B 795 -21.37 -60.51 -13.51
CA LEU B 795 -22.68 -60.51 -12.84
C LEU B 795 -23.75 -61.01 -13.81
N ASP B 796 -23.62 -62.27 -14.20
CA ASP B 796 -24.58 -62.91 -15.09
C ASP B 796 -25.72 -63.51 -14.27
N ALA B 797 -26.62 -64.22 -14.97
CA ALA B 797 -27.78 -64.80 -14.29
C ALA B 797 -27.36 -65.85 -13.26
N ASP B 798 -26.37 -66.67 -13.61
CA ASP B 798 -25.91 -67.69 -12.66
C ASP B 798 -25.33 -67.05 -11.42
N TYR B 799 -24.70 -65.89 -11.54
CA TYR B 799 -24.20 -65.19 -10.36
C TYR B 799 -25.33 -64.81 -9.42
N TRP B 800 -26.43 -64.29 -9.98
CA TRP B 800 -27.56 -63.90 -9.14
C TRP B 800 -28.22 -65.13 -8.52
N TYR B 801 -28.31 -66.22 -9.26
CA TYR B 801 -28.84 -67.45 -8.67
C TYR B 801 -27.97 -67.92 -7.51
N THR B 802 -26.65 -67.88 -7.68
CA THR B 802 -25.75 -68.26 -6.59
C THR B 802 -25.90 -67.31 -5.40
N ASN B 803 -26.09 -66.02 -5.68
CA ASN B 803 -26.31 -65.06 -4.60
C ASN B 803 -27.56 -65.40 -3.82
N LEU B 804 -28.63 -65.79 -4.52
CA LEU B 804 -29.85 -66.19 -3.82
C LEU B 804 -29.67 -67.53 -3.12
N ARG B 805 -28.78 -68.39 -3.60
CA ARG B 805 -28.64 -69.75 -3.11
C ARG B 805 -27.51 -69.89 -2.09
N HIS B 806 -26.29 -69.53 -2.46
CA HIS B 806 -25.15 -69.76 -1.59
C HIS B 806 -25.19 -68.82 -0.39
N THR B 807 -24.56 -69.26 0.70
CA THR B 807 -24.57 -68.50 1.94
C THR B 807 -23.83 -67.18 1.77
N VAL B 808 -24.33 -66.16 2.46
CA VAL B 808 -23.69 -64.85 2.44
C VAL B 808 -22.50 -64.86 3.37
N ARG B 809 -21.40 -64.22 2.94
CA ARG B 809 -20.15 -64.18 3.69
C ARG B 809 -19.81 -62.74 4.02
N PHE B 810 -20.81 -62.01 4.54
CA PHE B 810 -20.65 -60.59 4.81
C PHE B 810 -19.50 -60.32 5.77
N GLU B 811 -19.29 -61.21 6.75
CA GLU B 811 -18.22 -61.00 7.72
C GLU B 811 -16.85 -61.04 7.05
N GLU B 812 -16.61 -62.05 6.21
CA GLU B 812 -15.33 -62.16 5.52
C GLU B 812 -15.12 -60.99 4.57
N THR B 813 -16.19 -60.58 3.88
CA THR B 813 -16.07 -59.43 2.97
C THR B 813 -15.74 -58.16 3.73
N THR B 814 -16.36 -57.96 4.90
CA THR B 814 -16.03 -56.79 5.71
C THR B 814 -14.59 -56.84 6.20
N ARG B 815 -14.11 -58.03 6.57
CA ARG B 815 -12.72 -58.16 6.99
C ARG B 815 -11.78 -57.83 5.85
N ALA B 816 -12.10 -58.28 4.63
CA ALA B 816 -11.29 -57.94 3.47
C ALA B 816 -11.31 -56.44 3.21
N LEU B 817 -12.48 -55.81 3.35
CA LEU B 817 -12.58 -54.37 3.15
C LEU B 817 -11.73 -53.61 4.17
N LEU B 818 -11.77 -54.05 5.43
CA LEU B 818 -10.93 -53.42 6.45
C LEU B 818 -9.45 -53.61 6.14
N GLY B 819 -9.09 -54.81 5.67
CA GLY B 819 -7.70 -55.05 5.30
C GLY B 819 -7.24 -54.17 4.15
N SER B 820 -8.11 -53.90 3.19
CA SER B 820 -7.75 -53.07 2.05
C SER B 820 -7.60 -51.59 2.41
N GLY B 821 -8.01 -51.18 3.61
CA GLY B 821 -7.82 -49.81 4.06
C GLY B 821 -9.06 -48.95 3.95
N HIS B 822 -10.23 -49.54 4.21
CA HIS B 822 -11.50 -48.82 4.24
C HIS B 822 -11.90 -48.61 5.69
N ARG B 823 -12.32 -47.38 6.02
CA ARG B 823 -12.55 -46.99 7.40
C ARG B 823 -13.95 -46.43 7.67
N HIS B 824 -14.61 -45.85 6.67
CA HIS B 824 -15.94 -45.27 6.84
C HIS B 824 -16.95 -46.19 6.17
N PHE B 825 -17.84 -46.77 6.97
CA PHE B 825 -18.92 -47.62 6.49
C PHE B 825 -20.23 -46.86 6.66
N ILE B 826 -20.95 -46.67 5.55
CA ILE B 826 -22.21 -45.93 5.54
C ILE B 826 -23.30 -46.89 5.06
N GLU B 827 -24.35 -47.03 5.88
CA GLU B 827 -25.51 -47.83 5.53
C GLU B 827 -26.57 -46.90 4.94
N THR B 828 -26.96 -47.17 3.69
CA THR B 828 -27.89 -46.31 2.96
C THR B 828 -29.34 -46.79 3.08
N THR B 829 -29.67 -47.47 4.18
CA THR B 829 -31.00 -48.00 4.38
C THR B 829 -31.91 -46.96 5.03
N ALA B 830 -33.18 -47.33 5.18
CA ALA B 830 -34.11 -46.55 5.99
C ALA B 830 -33.95 -46.80 7.48
N HIS B 831 -33.15 -47.81 7.88
CA HIS B 831 -32.92 -48.11 9.28
C HIS B 831 -31.69 -48.99 9.36
N PRO B 832 -30.74 -48.75 10.28
CA PRO B 832 -29.55 -49.61 10.33
C PRO B 832 -29.90 -51.01 10.80
N VAL B 833 -29.39 -52.02 10.09
CA VAL B 833 -29.61 -53.42 10.44
C VAL B 833 -28.28 -54.16 10.57
N LEU B 834 -27.25 -53.70 9.86
CA LEU B 834 -25.93 -54.31 9.90
C LEU B 834 -24.93 -53.50 10.72
N ALA B 835 -25.40 -52.46 11.42
CA ALA B 835 -24.48 -51.68 12.25
C ALA B 835 -23.88 -52.53 13.36
N LEU B 836 -24.70 -53.38 13.99
CA LEU B 836 -24.21 -54.22 15.08
C LEU B 836 -23.16 -55.19 14.58
N ALA B 837 -23.42 -55.86 13.45
CA ALA B 837 -22.46 -56.82 12.92
C ALA B 837 -21.18 -56.13 12.48
N LEU B 838 -21.28 -54.99 11.83
CA LEU B 838 -20.09 -54.28 11.38
C LEU B 838 -19.26 -53.81 12.58
N GLU B 839 -19.91 -53.29 13.62
CA GLU B 839 -19.18 -52.86 14.81
C GLU B 839 -18.52 -54.05 15.50
N GLU B 840 -19.22 -55.18 15.57
CA GLU B 840 -18.64 -56.37 16.18
C GLU B 840 -17.42 -56.86 15.40
N THR B 841 -17.50 -56.82 14.07
CA THR B 841 -16.34 -57.20 13.27
C THR B 841 -15.19 -56.23 13.46
N ILE B 842 -15.50 -54.92 13.53
CA ILE B 842 -14.44 -53.92 13.65
C ILE B 842 -13.73 -54.04 14.98
N GLU B 843 -14.48 -54.14 16.08
CA GLU B 843 -13.86 -54.21 17.40
C GLU B 843 -13.09 -55.51 17.57
N ALA B 844 -13.46 -56.57 16.85
CA ALA B 844 -12.76 -57.83 16.87
C ALA B 844 -11.62 -57.90 15.85
N THR B 845 -11.14 -56.74 15.38
CA THR B 845 -10.05 -56.67 14.42
C THR B 845 -8.99 -55.64 14.80
N GLY B 846 -9.24 -54.80 15.80
CA GLY B 846 -8.30 -53.75 16.15
C GLY B 846 -8.17 -52.67 15.10
N SER B 847 -9.28 -52.29 14.48
CA SER B 847 -9.33 -51.23 13.48
C SER B 847 -10.22 -50.10 13.98
N ASP B 848 -9.88 -48.88 13.58
CA ASP B 848 -10.59 -47.69 14.03
C ASP B 848 -11.68 -47.25 13.06
N ALA B 849 -12.28 -48.19 12.34
CA ALA B 849 -13.36 -47.85 11.44
C ALA B 849 -14.60 -47.40 12.21
N ARG B 850 -15.43 -46.61 11.53
CA ARG B 850 -16.64 -46.04 12.11
C ARG B 850 -17.82 -46.32 11.19
N VAL B 851 -18.96 -46.65 11.79
CA VAL B 851 -20.17 -47.04 11.08
C VAL B 851 -21.23 -45.99 11.30
N THR B 852 -21.96 -45.65 10.24
CA THR B 852 -23.04 -44.68 10.30
C THR B 852 -24.21 -45.15 9.45
N GLY B 853 -25.40 -44.64 9.77
CA GLY B 853 -26.59 -44.93 9.01
C GLY B 853 -27.27 -43.64 8.58
N THR B 854 -28.20 -43.77 7.63
CA THR B 854 -28.85 -42.60 7.05
C THR B 854 -30.11 -42.22 7.81
N LEU B 855 -31.08 -43.12 7.88
CA LEU B 855 -32.36 -42.88 8.55
C LEU B 855 -32.55 -43.91 9.67
N ARG B 856 -33.68 -43.79 10.36
CA ARG B 856 -34.02 -44.71 11.44
C ARG B 856 -35.54 -44.84 11.49
N ARG B 857 -36.00 -45.78 12.30
CA ARG B 857 -37.44 -46.03 12.41
C ARG B 857 -38.15 -44.80 12.97
N ASP B 858 -39.21 -44.39 12.28
CA ASP B 858 -40.02 -43.22 12.63
C ASP B 858 -39.28 -41.90 12.50
N HIS B 859 -38.07 -41.89 11.93
CA HIS B 859 -37.28 -40.68 11.73
C HIS B 859 -36.76 -40.71 10.30
N GLY B 860 -37.43 -39.99 9.40
CA GLY B 860 -37.06 -39.96 8.01
C GLY B 860 -37.21 -38.59 7.37
N ASP B 861 -37.28 -37.54 8.18
CA ASP B 861 -37.39 -36.18 7.66
C ASP B 861 -36.00 -35.66 7.31
N LEU B 862 -35.93 -34.40 6.89
CA LEU B 862 -34.65 -33.79 6.57
C LEU B 862 -33.77 -33.67 7.81
N THR B 863 -34.39 -33.58 9.00
CA THR B 863 -33.60 -33.49 10.23
C THR B 863 -32.73 -34.71 10.42
N GLN B 864 -33.27 -35.90 10.18
CA GLN B 864 -32.48 -37.12 10.35
C GLN B 864 -31.40 -37.21 9.29
N LEU B 865 -31.69 -36.79 8.05
CA LEU B 865 -30.67 -36.78 7.01
C LEU B 865 -29.52 -35.85 7.38
N HIS B 866 -29.84 -34.65 7.86
CA HIS B 866 -28.79 -33.73 8.27
C HIS B 866 -28.04 -34.26 9.49
N THR B 867 -28.72 -34.98 10.39
CA THR B 867 -28.03 -35.61 11.51
C THR B 867 -27.03 -36.65 11.01
N ALA B 868 -27.43 -37.46 10.03
CA ALA B 868 -26.52 -38.45 9.48
C ALA B 868 -25.34 -37.79 8.79
N LEU B 869 -25.60 -36.73 8.03
CA LEU B 869 -24.50 -36.01 7.37
C LEU B 869 -23.55 -35.39 8.38
N ALA B 870 -24.10 -34.82 9.47
CA ALA B 870 -23.26 -34.24 10.50
C ALA B 870 -22.42 -35.31 11.19
N THR B 871 -23.01 -36.48 11.45
CA THR B 871 -22.24 -37.57 12.04
C THR B 871 -21.13 -38.02 11.11
N ALA B 872 -21.42 -38.13 9.82
CA ALA B 872 -20.40 -38.52 8.85
C ALA B 872 -19.27 -37.51 8.81
N TRP B 873 -19.62 -36.22 8.83
CA TRP B 873 -18.58 -35.18 8.87
C TRP B 873 -17.77 -35.26 10.15
N THR B 874 -18.44 -35.53 11.27
CA THR B 874 -17.74 -35.64 12.55
C THR B 874 -16.74 -36.79 12.52
N HIS B 875 -17.10 -37.90 11.88
CA HIS B 875 -16.16 -39.01 11.76
C HIS B 875 -15.02 -38.72 10.79
N GLY B 876 -15.14 -37.66 9.97
CA GLY B 876 -14.03 -37.20 9.15
C GLY B 876 -14.25 -37.37 7.66
N ILE B 877 -15.51 -37.41 7.22
CA ILE B 877 -15.84 -37.49 5.80
C ILE B 877 -16.08 -36.08 5.29
N ASP B 878 -15.43 -35.73 4.18
CA ASP B 878 -15.48 -34.37 3.64
C ASP B 878 -16.82 -34.12 2.97
N VAL B 879 -17.85 -33.91 3.80
CA VAL B 879 -19.17 -33.59 3.30
C VAL B 879 -19.15 -32.20 2.67
N ASP B 880 -19.73 -32.07 1.49
CA ASP B 880 -19.80 -30.80 0.78
C ASP B 880 -21.00 -30.03 1.31
N TRP B 881 -20.74 -29.17 2.31
CA TRP B 881 -21.81 -28.40 2.95
C TRP B 881 -22.37 -27.32 2.05
N THR B 882 -21.72 -27.01 0.93
CA THR B 882 -22.26 -26.01 0.01
C THR B 882 -23.62 -26.44 -0.53
N ALA B 883 -23.76 -27.72 -0.87
CA ALA B 883 -25.04 -28.22 -1.35
C ALA B 883 -26.11 -28.14 -0.26
N VAL B 884 -25.73 -28.51 0.98
CA VAL B 884 -26.71 -28.57 2.06
C VAL B 884 -27.20 -27.17 2.43
N LEU B 885 -26.26 -26.25 2.63
CA LEU B 885 -26.55 -24.94 3.21
C LEU B 885 -26.59 -23.82 2.19
N GLY B 886 -26.63 -24.14 0.90
CA GLY B 886 -26.64 -23.12 -0.13
C GLY B 886 -25.24 -22.66 -0.49
N ASP B 887 -25.18 -21.80 -1.51
CA ASP B 887 -23.91 -21.34 -2.05
C ASP B 887 -23.35 -20.13 -1.31
N ARG B 888 -24.21 -19.18 -0.94
CA ARG B 888 -23.75 -17.95 -0.30
C ARG B 888 -24.89 -17.36 0.50
N ARG B 889 -24.56 -16.83 1.68
CA ARG B 889 -25.54 -16.22 2.57
C ARG B 889 -24.92 -14.95 3.14
N THR B 890 -25.59 -14.36 4.12
CA THR B 890 -25.07 -13.16 4.76
C THR B 890 -23.77 -13.50 5.49
N PRO B 891 -22.69 -12.70 5.33
CA PRO B 891 -21.45 -13.04 6.05
C PRO B 891 -21.57 -12.78 7.55
N PHE B 892 -22.16 -13.74 8.26
CA PHE B 892 -22.24 -13.65 9.71
C PHE B 892 -20.86 -13.76 10.32
N GLU B 893 -20.59 -12.89 11.30
CA GLU B 893 -19.30 -12.87 11.98
C GLU B 893 -19.32 -13.78 13.20
N LEU B 894 -18.24 -14.51 13.40
CA LEU B 894 -18.10 -15.50 14.45
C LEU B 894 -16.82 -15.24 15.23
N PRO B 895 -16.73 -15.69 16.48
CA PRO B 895 -15.48 -15.52 17.23
C PRO B 895 -14.35 -16.33 16.63
N THR B 896 -13.13 -15.82 16.82
CA THR B 896 -11.96 -16.49 16.28
C THR B 896 -11.67 -17.77 17.07
N TYR B 897 -10.59 -18.45 16.68
CA TYR B 897 -10.22 -19.70 17.33
C TYR B 897 -9.81 -19.44 18.78
N ALA B 898 -10.15 -20.39 19.65
CA ALA B 898 -9.82 -20.30 21.08
C ALA B 898 -8.46 -20.93 21.29
N PHE B 899 -7.42 -20.10 21.16
CA PHE B 899 -6.06 -20.60 21.33
C PHE B 899 -5.81 -21.00 22.78
N GLN B 900 -5.15 -22.14 22.96
CA GLN B 900 -4.75 -22.63 24.27
C GLN B 900 -3.28 -22.26 24.48
N ARG B 901 -3.06 -21.02 24.90
CA ARG B 901 -1.72 -20.47 24.97
C ARG B 901 -0.95 -21.02 26.16
N GLN B 902 0.37 -21.04 26.01
CA GLN B 902 1.29 -21.37 27.09
C GLN B 902 2.44 -20.38 27.07
N ARG B 903 3.05 -20.17 28.23
CA ARG B 903 4.12 -19.19 28.35
C ARG B 903 5.43 -19.76 27.84
N TYR B 904 6.08 -19.04 26.93
CA TYR B 904 7.42 -19.34 26.46
C TYR B 904 8.24 -18.06 26.52
N TRP B 905 9.31 -18.08 27.31
CA TRP B 905 10.15 -16.90 27.46
C TRP B 905 11.53 -17.34 27.91
N LEU B 906 12.56 -16.69 27.36
CA LEU B 906 13.93 -17.03 27.69
C LEU B 906 14.31 -16.41 29.04
N GLU B 907 14.90 -17.22 29.90
CA GLU B 907 15.33 -16.75 31.21
C GLU B 907 16.59 -15.90 31.07
N PRO B 908 16.88 -15.04 32.06
CA PRO B 908 18.09 -14.21 31.91
C PRO B 908 19.37 -14.98 32.24
N VAL C 2 -21.60 20.59 -44.79
CA VAL C 2 -20.88 19.41 -44.33
C VAL C 2 -21.87 18.35 -43.90
N THR C 3 -21.73 17.14 -44.46
CA THR C 3 -22.66 16.05 -44.19
C THR C 3 -22.23 15.27 -42.95
N ASP C 4 -23.14 14.44 -42.46
CA ASP C 4 -22.86 13.65 -41.27
C ASP C 4 -21.79 12.60 -41.53
N SER C 5 -21.73 12.05 -42.74
CA SER C 5 -20.79 10.97 -43.03
C SER C 5 -19.34 11.41 -42.85
N GLU C 6 -19.05 12.68 -43.13
CA GLU C 6 -17.73 13.25 -42.88
C GLU C 6 -17.64 13.96 -41.54
N LYS C 7 -18.77 14.42 -40.99
CA LYS C 7 -18.75 15.03 -39.67
C LYS C 7 -18.34 14.02 -38.60
N VAL C 8 -18.89 12.80 -38.68
CA VAL C 8 -18.58 11.78 -37.68
C VAL C 8 -17.13 11.33 -37.78
N ALA C 9 -16.48 11.52 -38.93
CA ALA C 9 -15.09 11.10 -39.08
C ALA C 9 -14.18 11.87 -38.12
N GLU C 10 -14.43 13.16 -37.94
CA GLU C 10 -13.61 13.95 -37.01
C GLU C 10 -13.76 13.43 -35.59
N TYR C 11 -14.99 13.12 -35.18
CA TYR C 11 -15.21 12.59 -33.84
C TYR C 11 -14.55 11.23 -33.68
N LEU C 12 -14.61 10.39 -34.71
CA LEU C 12 -13.92 9.10 -34.66
C LEU C 12 -12.43 9.28 -34.52
N ARG C 13 -11.86 10.24 -35.24
CA ARG C 13 -10.42 10.47 -35.17
C ARG C 13 -10.02 10.96 -33.78
N ARG C 14 -10.80 11.88 -33.21
CA ARG C 14 -10.52 12.33 -31.85
C ARG C 14 -10.64 11.17 -30.87
N ALA C 15 -11.66 10.33 -31.03
CA ALA C 15 -11.87 9.22 -30.11
C ALA C 15 -10.72 8.23 -30.17
N THR C 16 -10.25 7.90 -31.37
CA THR C 16 -9.18 6.91 -31.47
C THR C 16 -7.85 7.49 -31.02
N LEU C 17 -7.62 8.80 -31.25
CA LEU C 17 -6.43 9.42 -30.70
C LEU C 17 -6.44 9.38 -29.17
N ASP C 18 -7.59 9.71 -28.56
CA ASP C 18 -7.70 9.64 -27.11
C ASP C 18 -7.53 8.21 -26.60
N LEU C 19 -8.08 7.25 -27.35
CA LEU C 19 -7.91 5.85 -26.96
C LEU C 19 -6.44 5.44 -27.00
N ARG C 20 -5.71 5.85 -28.03
CA ARG C 20 -4.29 5.54 -28.11
C ARG C 20 -3.54 6.18 -26.96
N ALA C 21 -3.88 7.43 -26.63
CA ALA C 21 -3.24 8.10 -25.50
C ALA C 21 -3.52 7.35 -24.19
N ALA C 22 -4.76 6.93 -23.98
CA ALA C 22 -5.11 6.21 -22.76
C ALA C 22 -4.39 4.87 -22.68
N ARG C 23 -4.31 4.15 -23.80
CA ARG C 23 -3.61 2.87 -23.80
C ARG C 23 -2.13 3.06 -23.53
N GLN C 24 -1.54 4.12 -24.10
CA GLN C 24 -0.15 4.44 -23.80
C GLN C 24 0.02 4.75 -22.32
N ARG C 25 -0.95 5.47 -21.73
CA ARG C 25 -0.90 5.75 -20.29
C ARG C 25 -0.94 4.46 -19.49
N ILE C 26 -1.80 3.51 -19.89
CA ILE C 26 -1.88 2.24 -19.17
C ILE C 26 -0.55 1.50 -19.24
N ARG C 27 0.02 1.42 -20.44
CA ARG C 27 1.29 0.71 -20.60
C ARG C 27 2.39 1.38 -19.80
N GLU C 28 2.44 2.72 -19.81
CA GLU C 28 3.43 3.44 -19.03
C GLU C 28 3.24 3.20 -17.54
N LEU C 29 1.99 3.18 -17.09
CA LEU C 29 1.73 3.07 -15.66
C LEU C 29 2.04 1.67 -15.15
N GLU C 30 1.85 0.64 -15.98
CA GLU C 30 2.04 -0.73 -15.52
C GLU C 30 3.44 -1.27 -15.78
N SER C 31 4.05 -0.94 -16.93
CA SER C 31 5.29 -1.60 -17.36
C SER C 31 6.27 -0.63 -18.01
N GLU C 32 6.30 0.62 -17.57
CA GLU C 32 7.32 1.54 -18.08
C GLU C 32 8.71 1.06 -17.67
N PRO C 33 9.70 1.08 -18.57
CA PRO C 33 11.05 0.70 -18.14
C PRO C 33 11.66 1.77 -17.24
N ILE C 34 12.60 1.33 -16.39
CA ILE C 34 13.23 2.18 -15.40
C ILE C 34 14.71 2.28 -15.71
N ALA C 35 15.20 3.49 -15.96
CA ALA C 35 16.60 3.67 -16.34
C ALA C 35 17.50 3.76 -15.10
N ILE C 36 18.62 3.06 -15.16
CA ILE C 36 19.64 3.12 -14.12
C ILE C 36 20.64 4.19 -14.54
N ILE C 37 20.49 5.39 -13.96
CA ILE C 37 21.33 6.52 -14.37
C ILE C 37 22.58 6.70 -13.50
N GLY C 38 22.59 6.16 -12.28
CA GLY C 38 23.73 6.30 -11.40
C GLY C 38 24.00 5.01 -10.67
N MET C 39 25.28 4.79 -10.33
CA MET C 39 25.72 3.54 -9.77
C MET C 39 26.85 3.82 -8.79
N ALA C 40 26.86 3.10 -7.66
CA ALA C 40 27.98 3.21 -6.74
C ALA C 40 28.06 1.93 -5.93
N CYS C 41 29.28 1.56 -5.55
CA CYS C 41 29.49 0.33 -4.81
C CYS C 41 30.84 0.36 -4.12
N ARG C 42 30.89 -0.23 -2.94
CA ARG C 42 32.13 -0.51 -2.23
C ARG C 42 32.05 -1.95 -1.76
N LEU C 43 32.92 -2.80 -2.31
CA LEU C 43 32.88 -4.24 -2.13
C LEU C 43 34.27 -4.73 -1.75
N PRO C 44 34.38 -5.96 -1.25
CA PRO C 44 35.71 -6.47 -0.84
C PRO C 44 36.67 -6.53 -2.02
N GLY C 45 37.96 -6.67 -1.68
CA GLY C 45 38.99 -6.75 -2.68
C GLY C 45 39.43 -5.42 -3.23
N GLY C 46 39.29 -4.34 -2.46
CA GLY C 46 39.69 -3.02 -2.90
C GLY C 46 38.74 -2.36 -3.87
N VAL C 47 37.56 -2.91 -4.08
CA VAL C 47 36.58 -2.32 -4.98
C VAL C 47 35.96 -1.10 -4.32
N ASP C 48 35.94 0.02 -5.05
CA ASP C 48 35.30 1.24 -4.56
C ASP C 48 34.50 1.95 -5.64
N SER C 49 34.25 1.32 -6.79
CA SER C 49 33.49 1.91 -7.87
C SER C 49 33.01 0.80 -8.79
N PRO C 50 32.03 1.07 -9.66
CA PRO C 50 31.64 0.05 -10.64
C PRO C 50 32.78 -0.39 -11.53
N GLU C 51 33.66 0.54 -11.91
CA GLU C 51 34.82 0.17 -12.72
C GLU C 51 35.75 -0.75 -11.95
N GLY C 52 35.92 -0.51 -10.66
CA GLY C 52 36.71 -1.41 -9.84
C GLY C 52 36.12 -2.81 -9.80
N LEU C 53 34.79 -2.91 -9.67
CA LEU C 53 34.15 -4.21 -9.69
C LEU C 53 34.34 -4.90 -11.04
N TRP C 54 34.25 -4.14 -12.13
CA TRP C 54 34.48 -4.73 -13.44
C TRP C 54 35.90 -5.24 -13.57
N GLU C 55 36.87 -4.47 -13.06
CA GLU C 55 38.26 -4.93 -13.10
C GLU C 55 38.45 -6.19 -12.26
N LEU C 56 37.76 -6.26 -11.11
CA LEU C 56 37.86 -7.44 -10.26
C LEU C 56 37.32 -8.68 -10.97
N VAL C 57 36.09 -8.60 -11.49
CA VAL C 57 35.47 -9.78 -12.08
C VAL C 57 36.15 -10.14 -13.40
N ASP C 58 36.53 -9.14 -14.19
CA ASP C 58 37.15 -9.42 -15.48
C ASP C 58 38.49 -10.11 -15.31
N SER C 59 39.28 -9.67 -14.34
CA SER C 59 40.57 -10.31 -14.06
C SER C 59 40.42 -11.64 -13.34
N GLY C 60 39.23 -12.01 -12.91
CA GLY C 60 39.02 -13.27 -12.22
C GLY C 60 39.68 -13.35 -10.87
N THR C 61 39.67 -12.25 -10.11
CA THR C 61 40.24 -12.22 -8.78
C THR C 61 39.17 -12.57 -7.74
N ASP C 62 39.58 -13.26 -6.69
CA ASP C 62 38.71 -13.60 -5.56
C ASP C 62 39.06 -12.70 -4.39
N ALA C 63 38.07 -11.98 -3.87
CA ALA C 63 38.27 -11.01 -2.79
C ALA C 63 38.02 -11.66 -1.43
N ILE C 64 38.78 -12.73 -1.16
CA ILE C 64 38.70 -13.48 0.08
C ILE C 64 40.06 -13.41 0.76
N ALA C 65 40.06 -12.95 2.01
CA ALA C 65 41.29 -12.79 2.78
C ALA C 65 40.95 -12.90 4.25
N GLY C 66 41.98 -12.80 5.09
CA GLY C 66 41.82 -13.02 6.52
C GLY C 66 40.92 -11.99 7.17
N PHE C 67 40.55 -12.29 8.41
CA PHE C 67 39.64 -11.45 9.16
C PHE C 67 40.31 -10.11 9.50
N PRO C 68 39.53 -9.05 9.75
CA PRO C 68 40.15 -7.79 10.15
C PRO C 68 40.83 -7.91 11.50
N LEU C 69 41.94 -7.19 11.65
CA LEU C 69 42.71 -7.17 12.88
C LEU C 69 42.49 -5.91 13.71
N ASP C 70 42.05 -4.82 13.09
CA ASP C 70 41.86 -3.55 13.79
C ASP C 70 40.45 -3.37 14.35
N ARG C 71 39.59 -4.38 14.24
CA ARG C 71 38.20 -4.27 14.64
C ARG C 71 37.94 -4.76 16.07
N GLY C 72 38.99 -5.09 16.82
CA GLY C 72 38.82 -5.57 18.17
C GLY C 72 38.43 -7.03 18.30
N TRP C 73 38.43 -7.78 17.20
CA TRP C 73 38.07 -9.18 17.27
C TRP C 73 39.21 -10.00 17.86
N ASP C 74 38.85 -11.07 18.56
CA ASP C 74 39.83 -12.02 19.10
C ASP C 74 40.16 -13.07 18.05
N VAL C 75 40.73 -12.59 16.94
CA VAL C 75 40.85 -13.38 15.73
C VAL C 75 41.69 -14.63 15.96
N GLU C 76 42.75 -14.51 16.77
CA GLU C 76 43.62 -15.66 17.00
C GLU C 76 42.91 -16.75 17.80
N GLY C 77 42.04 -16.38 18.72
CA GLY C 77 41.42 -17.32 19.64
C GLY C 77 40.01 -17.75 19.28
N MET C 78 39.61 -17.58 18.02
CA MET C 78 38.27 -17.96 17.56
C MET C 78 38.37 -18.88 16.36
N TYR C 79 39.30 -19.82 16.38
CA TYR C 79 39.41 -20.84 15.34
C TYR C 79 39.60 -22.19 16.02
N ASP C 80 38.67 -23.10 15.78
CA ASP C 80 38.86 -24.50 16.13
C ASP C 80 38.07 -25.34 15.13
N PRO C 81 38.68 -26.29 14.38
CA PRO C 81 37.90 -27.03 13.38
C PRO C 81 36.85 -27.96 13.99
N ASP C 82 35.85 -27.36 14.65
CA ASP C 82 34.79 -28.07 15.34
C ASP C 82 33.48 -27.31 15.14
N ALA C 83 32.41 -28.06 14.84
CA ALA C 83 31.09 -27.45 14.73
C ALA C 83 30.60 -26.94 16.07
N GLU C 84 30.91 -27.66 17.15
CA GLU C 84 30.45 -27.30 18.48
C GLU C 84 31.31 -26.16 19.03
N ALA C 85 31.21 -25.91 20.34
CA ALA C 85 31.95 -24.84 21.00
C ALA C 85 31.58 -23.48 20.41
N PRO C 86 30.36 -22.98 20.69
CA PRO C 86 30.00 -21.64 20.19
C PRO C 86 30.97 -20.58 20.68
N GLY C 87 31.19 -19.59 19.82
CA GLY C 87 32.25 -18.61 20.01
C GLY C 87 33.51 -18.90 19.23
N LYS C 88 33.62 -20.08 18.63
CA LYS C 88 34.72 -20.44 17.75
C LYS C 88 34.16 -20.93 16.43
N THR C 89 34.93 -20.73 15.36
CA THR C 89 34.50 -21.04 14.01
C THR C 89 35.60 -21.85 13.33
N TYR C 90 35.32 -22.23 12.07
CA TYR C 90 36.28 -22.98 11.25
C TYR C 90 36.59 -22.26 9.94
N VAL C 91 36.52 -20.93 9.93
CA VAL C 91 36.69 -20.13 8.72
C VAL C 91 37.84 -19.14 8.97
N LYS C 92 38.92 -19.28 8.20
CA LYS C 92 39.95 -18.24 8.15
C LYS C 92 39.50 -16.95 7.48
N GLU C 93 38.77 -17.02 6.37
CA GLU C 93 38.67 -15.92 5.43
C GLU C 93 37.24 -15.65 4.99
N ALA C 94 37.00 -14.40 4.59
CA ALA C 94 35.74 -13.96 4.03
C ALA C 94 35.98 -12.59 3.43
N GLY C 95 35.02 -12.12 2.62
CA GLY C 95 35.17 -10.85 1.95
C GLY C 95 34.79 -9.67 2.84
N PHE C 96 35.80 -8.99 3.36
CA PHE C 96 35.61 -7.91 4.31
C PHE C 96 35.90 -6.55 3.67
N LEU C 97 35.30 -5.52 4.26
CA LEU C 97 35.60 -4.13 3.93
C LEU C 97 36.53 -3.61 5.02
N TYR C 98 37.83 -3.69 4.77
CA TYR C 98 38.81 -3.30 5.78
C TYR C 98 38.72 -1.80 6.08
N ASP C 99 38.27 -0.99 5.13
CA ASP C 99 38.04 0.44 5.34
C ASP C 99 36.59 0.74 5.70
N ALA C 100 35.90 -0.20 6.33
CA ALA C 100 34.50 0.02 6.68
C ALA C 100 34.35 1.15 7.69
N GLY C 101 35.24 1.22 8.68
CA GLY C 101 35.14 2.26 9.68
C GLY C 101 35.52 3.65 9.19
N GLU C 102 36.30 3.72 8.10
CA GLU C 102 36.73 5.01 7.59
C GLU C 102 35.55 5.80 7.05
N PHE C 103 35.54 7.11 7.32
CA PHE C 103 34.42 7.96 6.95
C PHE C 103 34.80 9.43 7.04
N ASP C 104 34.46 10.21 6.01
CA ASP C 104 34.74 11.64 5.98
C ASP C 104 33.61 12.37 6.70
N ALA C 105 33.73 12.43 8.03
CA ALA C 105 32.68 13.03 8.84
C ALA C 105 32.56 14.53 8.59
N GLY C 106 33.69 15.21 8.41
CA GLY C 106 33.66 16.66 8.23
C GLY C 106 32.93 17.08 6.98
N PHE C 107 32.96 16.24 5.93
CA PHE C 107 32.31 16.60 4.67
C PHE C 107 30.81 16.74 4.85
N PHE C 108 30.19 15.83 5.59
CA PHE C 108 28.74 15.78 5.75
C PHE C 108 28.23 16.60 6.93
N GLY C 109 29.12 17.26 7.68
CA GLY C 109 28.72 18.05 8.82
C GLY C 109 28.58 17.29 10.12
N ILE C 110 28.78 15.98 10.11
CA ILE C 110 28.73 15.19 11.34
C ILE C 110 30.05 15.36 12.09
N SER C 111 29.95 15.64 13.38
CA SER C 111 31.14 15.80 14.21
C SER C 111 31.75 14.44 14.53
N PRO C 112 33.03 14.39 14.92
CA PRO C 112 33.63 13.09 15.27
C PRO C 112 32.92 12.40 16.43
N ARG C 113 32.43 13.18 17.40
CA ARG C 113 31.75 12.59 18.55
C ARG C 113 30.48 11.87 18.12
N GLU C 114 29.74 12.44 17.18
CA GLU C 114 28.58 11.76 16.63
C GLU C 114 28.99 10.64 15.67
N ALA C 115 30.08 10.84 14.93
CA ALA C 115 30.50 9.86 13.93
C ALA C 115 30.90 8.54 14.59
N VAL C 116 31.60 8.61 15.72
CA VAL C 116 32.06 7.37 16.36
C VAL C 116 30.89 6.56 16.88
N SER C 117 29.82 7.21 17.32
CA SER C 117 28.63 6.55 17.84
C SER C 117 27.55 6.37 16.77
N MET C 118 27.95 6.22 15.51
CA MET C 118 27.05 6.02 14.39
C MET C 118 27.39 4.72 13.71
N ASP C 119 26.37 4.02 13.24
CA ASP C 119 26.57 2.70 12.66
C ASP C 119 27.41 2.81 11.39
N PRO C 120 28.32 1.87 11.12
CA PRO C 120 29.07 1.94 9.85
C PRO C 120 28.18 1.84 8.63
N GLN C 121 27.02 1.17 8.75
CA GLN C 121 26.11 1.06 7.61
C GLN C 121 25.63 2.44 7.18
N GLN C 122 25.30 3.30 8.13
CA GLN C 122 24.85 4.65 7.79
C GLN C 122 25.96 5.43 7.08
N ARG C 123 27.19 5.33 7.57
CA ARG C 123 28.31 6.02 6.96
C ARG C 123 28.52 5.55 5.52
N LEU C 124 28.56 4.23 5.32
CA LEU C 124 28.78 3.70 3.99
C LEU C 124 27.63 4.08 3.06
N MET C 125 26.40 4.05 3.56
CA MET C 125 25.26 4.43 2.72
C MET C 125 25.33 5.90 2.34
N LEU C 126 25.74 6.76 3.27
CA LEU C 126 25.88 8.18 2.95
C LEU C 126 26.91 8.39 1.84
N GLU C 127 28.10 7.80 2.01
CA GLU C 127 29.15 7.97 1.01
C GLU C 127 28.74 7.38 -0.33
N ALA C 128 28.12 6.20 -0.32
CA ALA C 128 27.69 5.57 -1.56
C ALA C 128 26.60 6.38 -2.25
N SER C 129 25.68 6.97 -1.48
CA SER C 129 24.64 7.79 -2.08
C SER C 129 25.23 9.02 -2.73
N TRP C 130 26.18 9.69 -2.06
CA TRP C 130 26.81 10.85 -2.65
C TRP C 130 27.56 10.47 -3.92
N GLU C 131 28.30 9.36 -3.88
CA GLU C 131 29.04 8.93 -5.06
C GLU C 131 28.10 8.56 -6.21
N ALA C 132 26.99 7.89 -5.90
CA ALA C 132 26.04 7.50 -6.94
C ALA C 132 25.40 8.71 -7.58
N PHE C 133 25.03 9.71 -6.78
CA PHE C 133 24.46 10.92 -7.35
C PHE C 133 25.48 11.65 -8.21
N GLU C 134 26.75 11.67 -7.77
CA GLU C 134 27.78 12.31 -8.58
C GLU C 134 27.98 11.58 -9.90
N ARG C 135 27.95 10.24 -9.89
CA ARG C 135 28.13 9.47 -11.10
C ARG C 135 26.95 9.55 -12.04
N ALA C 136 25.80 10.03 -11.59
CA ALA C 136 24.62 10.21 -12.42
C ALA C 136 24.61 11.53 -13.17
N GLY C 137 25.71 12.28 -13.13
CA GLY C 137 25.70 13.62 -13.70
C GLY C 137 24.77 14.55 -12.98
N LEU C 138 24.60 14.37 -11.67
CA LEU C 138 23.73 15.19 -10.84
C LEU C 138 24.53 15.77 -9.69
N ASP C 139 24.29 17.03 -9.39
CA ASP C 139 24.89 17.65 -8.22
C ASP C 139 24.13 17.19 -6.98
N PRO C 140 24.75 16.47 -6.03
CA PRO C 140 23.98 16.03 -4.86
C PRO C 140 23.43 17.17 -4.03
N ALA C 141 24.13 18.30 -3.96
CA ALA C 141 23.61 19.44 -3.22
C ALA C 141 22.37 20.03 -3.88
N ARG C 142 22.28 19.94 -5.21
CA ARG C 142 21.12 20.48 -5.91
C ARG C 142 19.88 19.60 -5.75
N GLN C 143 20.04 18.36 -5.29
CA GLN C 143 18.90 17.48 -5.07
C GLN C 143 18.09 17.86 -3.83
N ARG C 144 18.56 18.81 -3.03
CA ARG C 144 17.83 19.23 -1.83
C ARG C 144 16.45 19.74 -2.20
N GLY C 145 15.44 19.27 -1.46
CA GLY C 145 14.07 19.70 -1.70
C GLY C 145 13.36 18.99 -2.82
N THR C 146 13.98 17.96 -3.41
CA THR C 146 13.38 17.21 -4.50
C THR C 146 12.68 15.96 -3.98
N ALA C 147 11.67 15.51 -4.73
CA ALA C 147 10.89 14.32 -4.37
C ALA C 147 11.67 13.09 -4.82
N THR C 148 12.70 12.76 -4.05
CA THR C 148 13.58 11.63 -4.33
C THR C 148 13.43 10.60 -3.22
N GLY C 149 13.14 9.35 -3.60
CA GLY C 149 13.00 8.28 -2.63
C GLY C 149 14.32 7.62 -2.29
N VAL C 150 14.33 6.96 -1.13
CA VAL C 150 15.50 6.24 -0.66
C VAL C 150 15.06 4.90 -0.10
N PHE C 151 15.20 3.84 -0.92
CA PHE C 151 14.86 2.48 -0.52
C PHE C 151 16.16 1.73 -0.30
N VAL C 152 16.36 1.22 0.91
CA VAL C 152 17.62 0.62 1.33
C VAL C 152 17.33 -0.73 1.96
N GLY C 153 18.09 -1.75 1.56
CA GLY C 153 18.01 -3.06 2.16
C GLY C 153 19.09 -3.25 3.21
N ALA C 154 18.72 -3.16 4.48
CA ALA C 154 19.67 -3.23 5.58
C ALA C 154 19.03 -3.99 6.75
N THR C 155 19.89 -4.50 7.63
CA THR C 155 19.49 -5.24 8.81
C THR C 155 20.19 -4.67 10.03
N ALA C 156 19.67 -5.02 11.21
CA ALA C 156 20.18 -4.51 12.47
C ALA C 156 21.34 -5.39 12.92
N THR C 157 22.55 -5.00 12.55
CA THR C 157 23.77 -5.67 13.00
C THR C 157 24.28 -4.96 14.25
N GLY C 158 24.48 -5.73 15.32
CA GLY C 158 24.86 -5.16 16.59
C GLY C 158 26.21 -4.47 16.55
N TYR C 159 26.20 -3.14 16.62
CA TYR C 159 27.40 -2.32 16.60
C TYR C 159 27.73 -1.73 17.95
N VAL C 160 26.78 -1.02 18.57
CA VAL C 160 27.01 -0.40 19.86
C VAL C 160 26.95 -1.46 20.96
N GLY C 169 29.94 9.95 25.93
CA GLY C 169 29.88 11.38 26.20
C GLY C 169 28.76 12.08 25.43
N ALA C 170 28.45 11.57 24.24
CA ALA C 170 27.40 12.18 23.43
C ALA C 170 26.04 11.92 24.01
N GLU C 171 25.66 10.63 24.11
CA GLU C 171 24.35 10.15 24.60
C GLU C 171 23.16 10.93 24.02
N GLY C 172 23.33 11.49 22.81
CA GLY C 172 22.25 12.12 22.08
C GLY C 172 22.07 11.57 20.68
N PHE C 173 23.16 11.05 20.11
CA PHE C 173 23.16 10.46 18.78
C PHE C 173 23.23 8.93 18.79
N ALA C 174 23.50 8.32 19.94
CA ALA C 174 23.54 6.87 20.02
C ALA C 174 22.18 6.26 19.70
N ILE C 175 21.10 6.98 19.99
CA ILE C 175 19.77 6.47 19.67
C ILE C 175 19.56 6.44 18.17
N THR C 176 19.63 7.61 17.52
CA THR C 176 19.45 7.67 16.08
C THR C 176 20.63 7.06 15.32
N GLY C 177 21.77 6.90 15.97
CA GLY C 177 22.94 6.34 15.32
C GLY C 177 22.98 4.83 15.21
N ASN C 178 21.94 4.13 15.71
CA ASN C 178 21.89 2.68 15.64
C ASN C 178 20.53 2.14 15.23
N MET C 179 19.51 2.97 15.03
CA MET C 179 18.23 2.50 14.54
C MET C 179 18.34 2.20 13.05
N THR C 180 17.88 1.02 12.64
CA THR C 180 17.97 0.64 11.24
C THR C 180 17.12 1.53 10.35
N ALA C 181 16.00 2.04 10.87
CA ALA C 181 15.16 2.94 10.10
C ALA C 181 15.91 4.20 9.69
N VAL C 182 16.89 4.62 10.48
CA VAL C 182 17.69 5.79 10.13
C VAL C 182 18.59 5.52 8.94
N THR C 183 18.91 4.25 8.65
CA THR C 183 19.85 3.93 7.59
C THR C 183 19.38 4.46 6.24
N SER C 184 18.07 4.46 6.01
CA SER C 184 17.50 5.14 4.85
C SER C 184 17.12 6.58 5.17
N GLY C 185 16.74 6.86 6.42
CA GLY C 185 16.32 8.22 6.76
C GLY C 185 17.46 9.22 6.70
N ARG C 186 18.64 8.84 7.21
CA ARG C 186 19.73 9.79 7.37
C ARG C 186 20.16 10.38 6.03
N ILE C 187 20.18 9.55 4.98
CA ILE C 187 20.49 10.06 3.65
C ILE C 187 19.52 11.17 3.28
N SER C 188 18.22 10.92 3.45
CA SER C 188 17.24 11.94 3.15
C SER C 188 17.38 13.13 4.08
N TYR C 189 17.91 12.93 5.29
CA TYR C 189 18.18 14.05 6.17
C TYR C 189 19.42 14.82 5.73
N THR C 190 20.41 14.13 5.16
CA THR C 190 21.66 14.80 4.80
C THR C 190 21.53 15.49 3.45
N LEU C 191 21.12 14.74 2.42
CA LEU C 191 20.92 15.32 1.10
C LEU C 191 19.68 16.19 1.02
N GLY C 192 18.81 16.17 2.04
CA GLY C 192 17.61 16.96 2.00
C GLY C 192 16.53 16.41 1.10
N LEU C 193 16.59 15.11 0.77
CA LEU C 193 15.59 14.51 -0.10
C LEU C 193 14.24 14.44 0.62
N GLN C 194 13.18 14.62 -0.17
CA GLN C 194 11.82 14.72 0.36
C GLN C 194 10.94 13.53 0.01
N GLY C 195 11.41 12.59 -0.80
CA GLY C 195 10.64 11.41 -1.09
C GLY C 195 10.68 10.43 0.06
N PRO C 196 9.89 9.36 -0.06
CA PRO C 196 9.81 8.38 1.04
C PRO C 196 11.16 7.70 1.26
N ALA C 197 11.46 7.43 2.53
CA ALA C 197 12.69 6.77 2.95
C ALA C 197 12.29 5.52 3.72
N VAL C 198 12.40 4.36 3.05
CA VAL C 198 11.98 3.08 3.60
C VAL C 198 13.18 2.18 3.68
N THR C 199 13.37 1.52 4.83
CA THR C 199 14.46 0.58 5.05
C THR C 199 13.89 -0.83 5.02
N ILE C 200 14.10 -1.52 3.92
CA ILE C 200 13.61 -2.88 3.75
C ILE C 200 14.53 -3.85 4.49
N ASP C 201 13.95 -4.92 5.00
CA ASP C 201 14.69 -6.01 5.63
C ASP C 201 14.00 -7.31 5.22
N THR C 202 14.51 -7.92 4.15
CA THR C 202 13.95 -9.14 3.60
C THR C 202 15.07 -10.14 3.32
N ALA C 203 16.06 -10.20 4.21
CA ALA C 203 17.15 -11.16 4.11
C ALA C 203 17.99 -10.90 2.86
N CYS C 204 18.57 -11.94 2.27
CA CYS C 204 19.60 -11.78 1.26
C CYS C 204 19.10 -11.04 0.02
N SER C 205 17.80 -11.07 -0.24
CA SER C 205 17.22 -10.43 -1.42
C SER C 205 16.81 -8.99 -1.17
N SER C 206 17.06 -8.46 0.04
CA SER C 206 16.42 -7.23 0.50
C SER C 206 16.63 -6.07 -0.48
N SER C 207 17.88 -5.81 -0.84
CA SER C 207 18.17 -4.69 -1.74
C SER C 207 17.47 -4.87 -3.07
N LEU C 208 17.49 -6.09 -3.62
CA LEU C 208 16.79 -6.33 -4.87
C LEU C 208 15.30 -6.08 -4.69
N VAL C 209 14.74 -6.54 -3.56
CA VAL C 209 13.34 -6.24 -3.27
C VAL C 209 13.13 -4.74 -3.22
N ALA C 210 14.06 -4.02 -2.58
CA ALA C 210 13.95 -2.57 -2.51
C ALA C 210 13.92 -1.97 -3.91
N LEU C 211 14.77 -2.50 -4.81
CA LEU C 211 14.77 -1.99 -6.18
C LEU C 211 13.39 -2.15 -6.81
N HIS C 212 12.77 -3.31 -6.62
CA HIS C 212 11.42 -3.52 -7.13
C HIS C 212 10.48 -2.47 -6.58
N LEU C 213 10.53 -2.25 -5.26
CA LEU C 213 9.68 -1.22 -4.66
C LEU C 213 10.00 0.14 -5.24
N ALA C 214 11.30 0.42 -5.43
CA ALA C 214 11.69 1.70 -6.02
C ALA C 214 11.07 1.86 -7.39
N CYS C 215 11.10 0.78 -8.19
CA CYS C 215 10.49 0.84 -9.51
C CYS C 215 9.02 1.19 -9.40
N GLN C 216 8.31 0.55 -8.47
CA GLN C 216 6.91 0.87 -8.27
C GLN C 216 6.74 2.33 -7.89
N SER C 217 7.60 2.83 -7.00
CA SER C 217 7.50 4.22 -6.59
C SER C 217 7.72 5.16 -7.76
N LEU C 218 8.48 4.72 -8.75
CA LEU C 218 8.66 5.53 -9.95
C LEU C 218 7.48 5.40 -10.90
N ARG C 219 6.86 4.22 -10.99
CA ARG C 219 5.77 4.04 -11.93
C ARG C 219 4.53 4.82 -11.52
N GLN C 220 4.29 4.94 -10.22
CA GLN C 220 3.09 5.61 -9.72
C GLN C 220 3.22 7.13 -9.68
N GLY C 221 4.37 7.68 -10.06
CA GLY C 221 4.59 9.12 -9.98
C GLY C 221 4.93 9.64 -8.60
N GLU C 222 5.10 8.75 -7.61
CA GLU C 222 5.42 9.21 -6.26
C GLU C 222 6.83 9.77 -6.18
N CYS C 223 7.73 9.34 -7.08
CA CYS C 223 9.13 9.77 -7.06
C CYS C 223 9.56 10.14 -8.46
N THR C 224 10.41 11.17 -8.54
CA THR C 224 11.09 11.52 -9.79
C THR C 224 12.41 10.78 -9.93
N THR C 225 13.03 10.42 -8.81
CA THR C 225 14.26 9.65 -8.81
C THR C 225 14.25 8.82 -7.52
N ALA C 226 15.00 7.72 -7.51
CA ALA C 226 15.02 6.85 -6.35
C ALA C 226 16.42 6.28 -6.14
N LEU C 227 16.75 6.04 -4.88
CA LEU C 227 17.98 5.38 -4.47
C LEU C 227 17.63 3.98 -3.99
N ALA C 228 17.96 2.98 -4.80
CA ALA C 228 17.70 1.57 -4.48
C ALA C 228 19.04 0.90 -4.19
N GLY C 229 19.20 0.39 -2.98
CA GLY C 229 20.49 -0.16 -2.63
C GLY C 229 20.44 -1.01 -1.38
N GLY C 230 21.63 -1.43 -0.97
CA GLY C 230 21.77 -2.25 0.22
C GLY C 230 23.15 -2.06 0.82
N VAL C 231 23.24 -2.37 2.11
CA VAL C 231 24.48 -2.25 2.87
C VAL C 231 24.58 -3.42 3.83
N THR C 232 25.79 -3.93 4.01
CA THR C 232 26.02 -5.05 4.91
C THR C 232 27.40 -4.88 5.54
N VAL C 233 27.43 -4.71 6.86
CA VAL C 233 28.65 -4.61 7.64
C VAL C 233 28.52 -5.53 8.83
N MET C 234 29.66 -6.02 9.32
CA MET C 234 29.71 -7.01 10.40
C MET C 234 30.62 -6.47 11.49
N PRO C 235 30.09 -5.62 12.39
CA PRO C 235 30.95 -5.11 13.47
C PRO C 235 31.51 -6.18 14.38
N THR C 236 30.79 -7.28 14.58
CA THR C 236 31.18 -8.38 15.43
C THR C 236 31.14 -9.67 14.62
N PRO C 237 31.91 -10.71 15.02
CA PRO C 237 31.89 -11.99 14.31
C PRO C 237 30.76 -12.90 14.78
N THR C 238 29.55 -12.35 14.91
CA THR C 238 28.41 -13.15 15.34
C THR C 238 27.94 -14.07 14.22
N ALA C 239 27.99 -13.59 12.98
CA ALA C 239 27.51 -14.39 11.85
C ALA C 239 28.34 -15.65 11.68
N PHE C 240 29.66 -15.55 11.89
CA PHE C 240 30.52 -16.71 11.77
C PHE C 240 30.42 -17.66 12.96
N THR C 241 29.91 -17.19 14.10
CA THR C 241 29.77 -18.01 15.29
C THR C 241 28.33 -18.45 15.55
N GLU C 242 27.44 -18.27 14.58
CA GLU C 242 26.04 -18.71 14.67
C GLU C 242 25.61 -19.59 13.52
N PHE C 243 26.12 -19.33 12.31
CA PHE C 243 25.78 -20.10 11.13
C PHE C 243 26.80 -21.19 10.84
N SER C 244 28.04 -21.02 11.28
CA SER C 244 29.06 -22.05 11.08
C SER C 244 28.76 -23.30 11.90
N ARG C 245 28.18 -23.13 13.09
CA ARG C 245 28.03 -24.24 14.02
C ARG C 245 27.15 -25.37 13.47
N GLN C 246 26.31 -25.08 12.46
CA GLN C 246 25.47 -26.08 11.83
C GLN C 246 26.02 -26.56 10.50
N ARG C 247 27.35 -26.49 10.33
CA ARG C 247 28.01 -26.93 9.09
C ARG C 247 27.49 -26.17 7.88
N GLY C 248 27.29 -24.86 8.06
CA GLY C 248 26.75 -24.03 7.00
C GLY C 248 27.80 -23.40 6.11
N LEU C 249 28.78 -22.73 6.72
CA LEU C 249 29.78 -22.02 5.95
C LEU C 249 30.76 -23.00 5.31
N ALA C 250 31.39 -22.55 4.23
CA ALA C 250 32.37 -23.37 3.54
C ALA C 250 33.62 -23.55 4.41
N PRO C 251 34.27 -24.71 4.36
CA PRO C 251 35.51 -24.86 5.15
C PRO C 251 36.60 -23.88 4.75
N ASP C 252 36.73 -23.59 3.45
CA ASP C 252 37.76 -22.69 2.95
C ASP C 252 37.24 -21.27 2.69
N GLY C 253 35.97 -21.01 2.92
CA GLY C 253 35.42 -19.68 2.78
C GLY C 253 35.10 -19.26 1.35
N ARG C 254 35.27 -20.13 0.37
CA ARG C 254 35.00 -19.81 -1.02
C ARG C 254 33.61 -20.31 -1.40
N CYS C 255 32.82 -19.43 -2.00
CA CYS C 255 31.47 -19.78 -2.45
C CYS C 255 31.57 -20.35 -3.85
N LYS C 256 31.80 -21.67 -3.93
CA LYS C 256 31.95 -22.36 -5.21
C LYS C 256 30.56 -22.60 -5.81
N SER C 257 29.99 -21.54 -6.34
CA SER C 257 28.63 -21.60 -6.87
C SER C 257 28.57 -22.48 -8.11
N PHE C 258 27.60 -23.39 -8.14
CA PHE C 258 27.37 -24.28 -9.28
C PHE C 258 28.62 -25.09 -9.61
N ALA C 259 29.14 -25.78 -8.60
CA ALA C 259 30.32 -26.61 -8.75
C ALA C 259 30.13 -27.90 -7.98
N ALA C 260 30.77 -28.96 -8.46
CA ALA C 260 30.70 -30.25 -7.77
C ALA C 260 31.32 -30.17 -6.38
N ALA C 261 32.33 -29.31 -6.21
CA ALA C 261 33.02 -29.14 -4.95
C ALA C 261 32.34 -28.11 -4.04
N ALA C 262 31.12 -27.69 -4.37
CA ALA C 262 30.41 -26.74 -3.53
C ALA C 262 30.14 -27.37 -2.16
N ASP C 263 30.56 -26.68 -1.10
CA ASP C 263 30.45 -27.19 0.26
C ASP C 263 30.04 -26.08 1.22
N GLY C 264 29.13 -25.21 0.77
CA GLY C 264 28.59 -24.15 1.59
C GLY C 264 28.95 -22.77 1.06
N THR C 265 28.37 -21.77 1.71
CA THR C 265 28.53 -20.38 1.35
C THR C 265 29.52 -19.69 2.29
N ASN C 266 29.65 -18.38 2.15
CA ASN C 266 30.52 -17.60 3.02
C ASN C 266 30.09 -16.14 2.96
N TRP C 267 30.00 -15.50 4.11
CA TRP C 267 29.48 -14.14 4.19
C TRP C 267 30.49 -13.14 3.62
N ALA C 268 30.00 -11.93 3.39
CA ALA C 268 30.85 -10.84 2.95
C ALA C 268 30.14 -9.53 3.21
N GLU C 269 30.93 -8.47 3.39
CA GLU C 269 30.41 -7.12 3.57
C GLU C 269 30.32 -6.42 2.22
N GLY C 270 29.72 -5.24 2.24
CA GLY C 270 29.67 -4.42 1.04
C GLY C 270 28.45 -3.52 1.03
N VAL C 271 28.56 -2.43 0.27
CA VAL C 271 27.47 -1.52 0.02
C VAL C 271 27.33 -1.35 -1.48
N ALA C 272 26.09 -1.26 -1.96
CA ALA C 272 25.85 -1.10 -3.39
C ALA C 272 24.53 -0.39 -3.58
N VAL C 273 24.54 0.73 -4.30
CA VAL C 273 23.37 1.58 -4.47
C VAL C 273 23.26 2.03 -5.92
N LEU C 274 22.02 2.25 -6.35
CA LEU C 274 21.68 2.63 -7.70
C LEU C 274 20.77 3.85 -7.64
N VAL C 275 21.03 4.83 -8.50
CA VAL C 275 20.16 5.98 -8.69
C VAL C 275 19.37 5.70 -9.97
N VAL C 276 18.06 5.46 -9.80
CA VAL C 276 17.20 5.01 -10.87
C VAL C 276 16.13 6.07 -11.12
N GLU C 277 15.69 6.13 -12.38
CA GLU C 277 14.72 7.12 -12.82
C GLU C 277 13.91 6.51 -13.96
N ARG C 278 12.73 7.07 -14.19
CA ARG C 278 11.92 6.64 -15.32
C ARG C 278 12.68 6.89 -16.62
N LEU C 279 12.54 5.94 -17.56
CA LEU C 279 13.30 6.04 -18.80
C LEU C 279 12.92 7.28 -19.59
N SER C 280 11.62 7.60 -19.65
CA SER C 280 11.20 8.80 -20.35
C SER C 280 11.77 10.05 -19.70
N ASP C 281 11.78 10.10 -18.37
CA ASP C 281 12.36 11.25 -17.68
C ASP C 281 13.86 11.31 -17.90
N ALA C 282 14.54 10.16 -17.89
CA ALA C 282 15.98 10.16 -18.11
C ALA C 282 16.33 10.66 -19.50
N ARG C 283 15.59 10.22 -20.52
CA ARG C 283 15.83 10.72 -21.87
C ARG C 283 15.49 12.21 -21.96
N ARG C 284 14.41 12.63 -21.30
CA ARG C 284 14.00 14.04 -21.37
C ARG C 284 15.04 14.94 -20.70
N ASN C 285 15.60 14.50 -19.58
CA ASN C 285 16.60 15.28 -18.86
C ASN C 285 18.01 15.10 -19.43
N GLY C 286 18.19 14.26 -20.44
CA GLY C 286 19.50 14.07 -21.02
C GLY C 286 20.50 13.41 -20.09
N HIS C 287 20.05 12.47 -19.27
CA HIS C 287 20.93 11.70 -18.40
C HIS C 287 21.45 10.49 -19.17
N ARG C 288 22.75 10.23 -19.04
CA ARG C 288 23.35 9.07 -19.68
C ARG C 288 22.83 7.80 -19.01
N VAL C 289 21.98 7.07 -19.73
CA VAL C 289 21.39 5.85 -19.19
C VAL C 289 22.37 4.71 -19.34
N LEU C 290 22.63 3.99 -18.24
CA LEU C 290 23.57 2.89 -18.23
C LEU C 290 22.89 1.55 -18.56
N ALA C 291 21.69 1.34 -18.04
CA ALA C 291 20.93 0.13 -18.32
C ALA C 291 19.46 0.44 -18.05
N VAL C 292 18.59 -0.52 -18.37
CA VAL C 292 17.15 -0.33 -18.28
C VAL C 292 16.56 -1.55 -17.62
N VAL C 293 16.10 -1.41 -16.37
CA VAL C 293 15.30 -2.45 -15.72
C VAL C 293 13.97 -2.51 -16.46
N ARG C 294 13.74 -3.61 -17.17
CA ARG C 294 12.52 -3.77 -17.95
C ARG C 294 11.37 -4.28 -17.10
N GLY C 295 11.62 -5.28 -16.27
CA GLY C 295 10.59 -5.85 -15.42
C GLY C 295 11.18 -6.56 -14.24
N THR C 296 10.36 -6.72 -13.21
CA THR C 296 10.80 -7.35 -11.97
C THR C 296 9.57 -7.91 -11.25
N ALA C 297 9.83 -8.91 -10.41
CA ALA C 297 8.76 -9.55 -9.67
C ALA C 297 9.33 -10.11 -8.37
N ILE C 298 8.44 -10.31 -7.39
CA ILE C 298 8.81 -10.86 -6.10
C ILE C 298 7.68 -11.77 -5.64
N ASN C 299 8.05 -12.87 -4.98
CA ASN C 299 7.07 -13.80 -4.44
C ASN C 299 7.69 -14.44 -3.18
N GLN C 300 7.06 -15.51 -2.71
CA GLN C 300 7.49 -16.21 -1.51
C GLN C 300 7.49 -17.71 -1.77
N ASP C 301 8.42 -18.40 -1.11
CA ASP C 301 8.50 -19.86 -1.27
C ASP C 301 7.24 -20.54 -0.78
N GLY C 302 6.71 -20.11 0.37
CA GLY C 302 5.53 -20.71 0.94
C GLY C 302 5.85 -21.93 1.76
N ALA C 303 5.00 -22.95 1.68
CA ALA C 303 5.20 -24.19 2.44
C ALA C 303 6.27 -25.02 1.76
N SER C 304 7.52 -24.62 1.99
CA SER C 304 8.67 -25.34 1.47
C SER C 304 9.01 -26.50 2.42
N ASN C 305 10.12 -27.19 2.16
CA ASN C 305 10.54 -28.25 3.06
C ASN C 305 10.93 -27.71 4.42
N GLY C 306 11.44 -26.48 4.47
CA GLY C 306 11.74 -25.81 5.72
C GLY C 306 11.65 -24.31 5.52
N LEU C 307 11.72 -23.59 6.64
CA LEU C 307 11.64 -22.14 6.57
C LEU C 307 12.85 -21.56 5.83
N SER C 308 14.01 -22.20 5.95
CA SER C 308 15.25 -21.76 5.33
C SER C 308 15.72 -22.76 4.28
N ALA C 309 14.79 -23.25 3.46
CA ALA C 309 15.07 -24.18 2.38
C ALA C 309 14.44 -23.62 1.10
N PRO C 310 15.15 -23.61 -0.04
CA PRO C 310 14.56 -23.03 -1.25
C PRO C 310 13.53 -23.96 -1.87
N ASN C 311 12.77 -23.39 -2.81
CA ASN C 311 11.73 -24.11 -3.54
C ASN C 311 11.89 -23.82 -5.02
N ASP C 312 12.03 -24.88 -5.82
CA ASP C 312 12.22 -24.71 -7.26
C ASP C 312 11.00 -24.06 -7.92
N LEU C 313 9.80 -24.49 -7.51
CA LEU C 313 8.59 -23.99 -8.15
C LEU C 313 8.42 -22.50 -7.94
N ALA C 314 8.73 -22.00 -6.73
CA ALA C 314 8.62 -20.57 -6.47
C ALA C 314 9.60 -19.79 -7.31
N GLN C 315 10.82 -20.30 -7.47
CA GLN C 315 11.82 -19.61 -8.28
C GLN C 315 11.41 -19.57 -9.75
N GLU C 316 10.87 -20.68 -10.25
CA GLU C 316 10.33 -20.68 -11.61
C GLU C 316 9.20 -19.67 -11.75
N ARG C 317 8.33 -19.61 -10.74
CA ARG C 317 7.19 -18.69 -10.79
C ARG C 317 7.65 -17.25 -10.82
N VAL C 318 8.62 -16.88 -9.98
CA VAL C 318 9.05 -15.48 -9.95
C VAL C 318 9.81 -15.13 -11.22
N ILE C 319 10.60 -16.06 -11.76
CA ILE C 319 11.29 -15.80 -13.02
C ILE C 319 10.27 -15.57 -14.14
N ARG C 320 9.26 -16.42 -14.21
CA ARG C 320 8.23 -16.27 -15.24
C ARG C 320 7.45 -14.98 -15.06
N SER C 321 7.15 -14.61 -13.81
CA SER C 321 6.45 -13.37 -13.54
C SER C 321 7.28 -12.15 -13.96
N ALA C 322 8.59 -12.20 -13.68
CA ALA C 322 9.46 -11.10 -14.10
C ALA C 322 9.50 -11.00 -15.61
N LEU C 323 9.59 -12.14 -16.30
CA LEU C 323 9.58 -12.12 -17.76
C LEU C 323 8.27 -11.56 -18.31
N ASP C 324 7.14 -11.97 -17.70
CA ASP C 324 5.84 -11.47 -18.14
C ASP C 324 5.73 -9.97 -17.92
N ASN C 325 6.19 -9.49 -16.77
CA ASN C 325 6.15 -8.05 -16.51
C ASN C 325 7.03 -7.30 -17.50
N ALA C 326 8.22 -7.83 -17.79
CA ALA C 326 9.09 -7.22 -18.79
C ALA C 326 8.50 -7.33 -20.19
N GLY C 327 7.69 -8.36 -20.44
CA GLY C 327 7.11 -8.55 -21.75
C GLY C 327 8.09 -9.05 -22.78
N LEU C 328 9.08 -9.83 -22.37
CA LEU C 328 10.09 -10.37 -23.26
C LEU C 328 10.28 -11.85 -22.95
N THR C 329 10.72 -12.60 -23.96
CA THR C 329 10.70 -14.05 -23.88
C THR C 329 11.82 -14.57 -23.00
N ALA C 330 11.69 -15.85 -22.62
CA ALA C 330 12.79 -16.52 -21.93
C ALA C 330 13.98 -16.69 -22.86
N SER C 331 13.75 -16.78 -24.17
CA SER C 331 14.85 -16.84 -25.13
C SER C 331 15.52 -15.50 -25.34
N ASP C 332 14.87 -14.39 -24.96
CA ASP C 332 15.47 -13.08 -25.14
C ASP C 332 16.61 -12.82 -24.18
N VAL C 333 16.61 -13.47 -23.01
CA VAL C 333 17.64 -13.23 -22.00
C VAL C 333 18.89 -14.02 -22.39
N ASP C 334 20.02 -13.32 -22.52
CA ASP C 334 21.25 -13.95 -22.98
C ASP C 334 22.00 -14.63 -21.85
N ALA C 335 22.03 -14.01 -20.67
CA ALA C 335 22.74 -14.54 -19.52
C ALA C 335 21.93 -14.24 -18.27
N VAL C 336 22.32 -14.85 -17.15
CA VAL C 336 21.64 -14.63 -15.88
C VAL C 336 22.68 -14.60 -14.77
N GLU C 337 22.46 -13.72 -13.80
CA GLU C 337 23.31 -13.60 -12.61
C GLU C 337 22.61 -14.40 -11.51
N ALA C 338 22.89 -15.70 -11.46
CA ALA C 338 22.24 -16.57 -10.49
C ALA C 338 22.64 -16.17 -9.07
N HIS C 339 21.75 -16.50 -8.12
CA HIS C 339 22.04 -16.27 -6.72
C HIS C 339 23.34 -16.96 -6.30
N GLY C 340 23.45 -18.25 -6.58
CA GLY C 340 24.72 -18.95 -6.49
C GLY C 340 25.39 -18.92 -5.13
N THR C 341 24.65 -19.24 -4.08
CA THR C 341 25.20 -19.18 -2.74
C THR C 341 26.35 -20.17 -2.52
N GLY C 342 26.44 -21.22 -3.32
CA GLY C 342 27.44 -22.24 -3.12
C GLY C 342 27.06 -23.32 -2.15
N THR C 343 25.81 -23.38 -1.71
CA THR C 343 25.38 -24.41 -0.77
C THR C 343 25.09 -25.71 -1.50
N THR C 344 25.30 -26.82 -0.79
CA THR C 344 25.08 -28.13 -1.39
C THR C 344 23.62 -28.35 -1.77
N LEU C 345 22.69 -27.97 -0.89
CA LEU C 345 21.27 -28.22 -1.07
C LEU C 345 20.51 -26.96 -1.49
N GLY C 346 21.20 -25.98 -2.07
CA GLY C 346 20.56 -24.78 -2.58
C GLY C 346 20.87 -24.49 -4.04
N ASP C 347 22.00 -25.00 -4.52
CA ASP C 347 22.41 -24.76 -5.90
C ASP C 347 21.63 -25.63 -6.89
N PRO C 348 21.40 -26.92 -6.60
CA PRO C 348 20.56 -27.72 -7.51
C PRO C 348 19.17 -27.14 -7.72
N ILE C 349 18.57 -26.57 -6.67
CA ILE C 349 17.23 -26.00 -6.82
C ILE C 349 17.27 -24.80 -7.76
N GLU C 350 18.25 -23.91 -7.58
CA GLU C 350 18.36 -22.75 -8.46
C GLU C 350 18.64 -23.16 -9.89
N ALA C 351 19.51 -24.14 -10.09
CA ALA C 351 19.81 -24.60 -11.44
C ALA C 351 18.60 -25.23 -12.09
N GLN C 352 17.83 -26.03 -11.34
CA GLN C 352 16.62 -26.62 -11.89
C GLN C 352 15.62 -25.54 -12.27
N ALA C 353 15.46 -24.53 -11.42
CA ALA C 353 14.55 -23.43 -11.73
C ALA C 353 14.99 -22.70 -12.99
N LEU C 354 16.29 -22.45 -13.11
CA LEU C 354 16.80 -21.77 -14.30
C LEU C 354 16.57 -22.61 -15.56
N LEU C 355 16.81 -23.91 -15.48
CA LEU C 355 16.59 -24.77 -16.63
C LEU C 355 15.12 -24.83 -17.01
N ALA C 356 14.23 -24.90 -16.03
CA ALA C 356 12.80 -24.96 -16.32
C ALA C 356 12.32 -23.65 -16.93
N ALA C 357 12.74 -22.51 -16.38
CA ALA C 357 12.23 -21.23 -16.85
C ALA C 357 12.82 -20.84 -18.20
N TYR C 358 14.12 -21.07 -18.39
CA TYR C 358 14.86 -20.60 -19.55
C TYR C 358 15.30 -21.71 -20.49
N GLY C 359 15.52 -22.92 -19.99
CA GLY C 359 16.12 -23.96 -20.80
C GLY C 359 15.27 -24.36 -21.99
N HIS C 360 13.95 -24.35 -21.82
CA HIS C 360 13.05 -24.82 -22.85
C HIS C 360 12.77 -23.73 -23.88
N GLU C 361 12.62 -24.14 -25.14
CA GLU C 361 12.20 -23.26 -26.23
C GLU C 361 13.19 -22.11 -26.45
N ARG C 362 14.41 -22.47 -26.82
CA ARG C 362 15.40 -21.51 -27.27
C ARG C 362 16.39 -22.23 -28.18
N PRO C 363 17.15 -21.49 -28.99
CA PRO C 363 18.12 -22.15 -29.87
C PRO C 363 19.19 -22.89 -29.08
N ALA C 364 19.65 -24.00 -29.66
CA ALA C 364 20.69 -24.80 -29.01
C ALA C 364 22.07 -24.12 -29.07
N HIS C 365 22.28 -23.21 -30.01
CA HIS C 365 23.55 -22.53 -30.16
C HIS C 365 23.66 -21.24 -29.34
N ARG C 366 22.64 -20.91 -28.56
CA ARG C 366 22.65 -19.72 -27.69
C ARG C 366 22.17 -20.14 -26.30
N PRO C 367 22.94 -20.97 -25.60
CA PRO C 367 22.53 -21.37 -24.25
C PRO C 367 22.62 -20.21 -23.28
N LEU C 368 21.79 -20.27 -22.24
CA LEU C 368 21.83 -19.25 -21.20
C LEU C 368 23.15 -19.37 -20.43
N ARG C 369 23.87 -18.26 -20.34
CA ARG C 369 25.14 -18.22 -19.61
C ARG C 369 24.85 -17.86 -18.16
N VAL C 370 25.20 -18.77 -17.26
CA VAL C 370 24.92 -18.62 -15.82
C VAL C 370 26.21 -18.20 -15.14
N GLY C 371 26.18 -17.03 -14.51
CA GLY C 371 27.29 -16.54 -13.71
C GLY C 371 26.87 -16.36 -12.26
N SER C 372 27.84 -15.95 -11.45
CA SER C 372 27.59 -15.72 -10.03
C SER C 372 28.68 -14.80 -9.49
N LEU C 373 28.27 -13.63 -9.00
CA LEU C 373 29.22 -12.71 -8.40
C LEU C 373 29.75 -13.22 -7.07
N LYS C 374 28.98 -14.08 -6.39
CA LYS C 374 29.37 -14.54 -5.07
C LYS C 374 30.63 -15.40 -5.10
N SER C 375 30.96 -15.99 -6.25
CA SER C 375 32.22 -16.71 -6.36
C SER C 375 33.41 -15.77 -6.24
N ASN C 376 33.24 -14.51 -6.63
CA ASN C 376 34.33 -13.54 -6.56
C ASN C 376 34.46 -12.97 -5.15
N ILE C 377 33.39 -12.37 -4.64
CA ILE C 377 33.43 -11.61 -3.39
C ILE C 377 32.77 -12.32 -2.23
N GLY C 378 32.08 -13.44 -2.46
CA GLY C 378 31.33 -14.11 -1.42
C GLY C 378 29.92 -13.55 -1.29
N HIS C 379 29.15 -14.19 -0.43
CA HIS C 379 27.76 -13.80 -0.21
C HIS C 379 27.74 -12.45 0.52
N ALA C 380 27.39 -11.39 -0.20
CA ALA C 380 27.49 -10.04 0.34
C ALA C 380 26.30 -9.66 1.21
N GLY C 381 25.28 -10.50 1.34
CA GLY C 381 24.16 -10.21 2.19
C GLY C 381 23.10 -9.39 1.49
N PRO C 382 22.43 -8.48 2.20
CA PRO C 382 21.45 -7.61 1.53
C PRO C 382 22.01 -6.85 0.34
N ALA C 383 23.27 -6.41 0.42
CA ALA C 383 23.88 -5.68 -0.69
C ALA C 383 24.20 -6.57 -1.89
N ALA C 384 24.05 -7.89 -1.77
CA ALA C 384 24.45 -8.78 -2.84
C ALA C 384 23.63 -8.54 -4.11
N GLY C 385 22.30 -8.56 -3.98
CA GLY C 385 21.45 -8.56 -5.17
C GLY C 385 21.67 -7.35 -6.04
N VAL C 386 21.64 -6.15 -5.43
CA VAL C 386 21.93 -4.94 -6.19
C VAL C 386 23.35 -5.00 -6.75
N ALA C 387 24.31 -5.45 -5.94
CA ALA C 387 25.67 -5.61 -6.44
C ALA C 387 25.69 -6.51 -7.67
N GLY C 388 24.85 -7.55 -7.66
CA GLY C 388 24.77 -8.43 -8.81
C GLY C 388 24.43 -7.68 -10.08
N VAL C 389 23.40 -6.83 -10.03
CA VAL C 389 23.00 -6.14 -11.26
C VAL C 389 24.12 -5.22 -11.71
N ILE C 390 24.87 -4.64 -10.76
CA ILE C 390 25.97 -3.76 -11.13
C ILE C 390 26.95 -4.50 -12.01
N LYS C 391 27.30 -5.73 -11.62
CA LYS C 391 28.20 -6.55 -12.42
C LYS C 391 27.67 -6.70 -13.84
N MET C 392 26.40 -7.07 -13.96
CA MET C 392 25.83 -7.29 -15.28
C MET C 392 25.86 -6.02 -16.09
N VAL C 393 25.58 -4.88 -15.45
CA VAL C 393 25.59 -3.61 -16.17
C VAL C 393 26.96 -3.36 -16.75
N MET C 394 28.01 -3.61 -15.95
CA MET C 394 29.36 -3.42 -16.45
C MET C 394 29.65 -4.35 -17.62
N ALA C 395 29.20 -5.61 -17.50
CA ALA C 395 29.35 -6.53 -18.62
C ALA C 395 28.62 -6.01 -19.84
N MET C 396 27.41 -5.50 -19.64
CA MET C 396 26.62 -4.96 -20.75
C MET C 396 27.20 -3.66 -21.29
N ARG C 397 28.16 -3.04 -20.59
CA ARG C 397 28.91 -1.93 -21.15
C ARG C 397 30.13 -2.41 -21.92
N HIS C 398 30.69 -3.56 -21.53
CA HIS C 398 31.92 -4.07 -22.13
C HIS C 398 31.69 -5.23 -23.09
N GLY C 399 30.46 -5.74 -23.18
CA GLY C 399 30.20 -6.84 -24.10
C GLY C 399 30.98 -8.10 -23.78
N VAL C 400 31.29 -8.33 -22.51
CA VAL C 400 32.03 -9.51 -22.07
C VAL C 400 31.36 -10.06 -20.83
N LEU C 401 31.08 -11.37 -20.83
CA LEU C 401 30.50 -12.03 -19.68
C LEU C 401 31.63 -12.53 -18.78
N PRO C 402 31.84 -12.00 -17.58
CA PRO C 402 32.96 -12.46 -16.76
C PRO C 402 32.75 -13.89 -16.29
N ARG C 403 33.88 -14.57 -16.04
CA ARG C 403 33.82 -15.97 -15.65
C ARG C 403 33.51 -16.10 -14.17
N SER C 404 32.97 -17.24 -13.79
CA SER C 404 32.69 -17.59 -12.40
C SER C 404 33.81 -18.47 -11.89
N LEU C 405 34.35 -18.12 -10.72
CA LEU C 405 35.52 -18.80 -10.21
C LEU C 405 35.15 -20.12 -9.53
N HIS C 406 36.16 -20.98 -9.38
CA HIS C 406 36.10 -22.21 -8.60
C HIS C 406 35.18 -23.27 -9.20
N ILE C 407 34.77 -23.12 -10.45
CA ILE C 407 33.92 -24.14 -11.10
C ILE C 407 34.88 -25.13 -11.75
N ASP C 408 35.34 -26.09 -10.94
CA ASP C 408 36.18 -27.16 -11.47
C ASP C 408 35.37 -28.03 -12.44
N GLU C 409 34.11 -28.29 -12.12
CA GLU C 409 33.22 -29.07 -12.96
C GLU C 409 31.81 -28.68 -12.59
N PRO C 410 30.85 -28.64 -13.53
CA PRO C 410 29.46 -28.42 -13.13
C PRO C 410 28.98 -29.51 -12.20
N THR C 411 28.13 -29.13 -11.25
CA THR C 411 27.71 -30.05 -10.21
C THR C 411 26.92 -31.20 -10.82
N PRO C 412 27.14 -32.45 -10.36
CA PRO C 412 26.42 -33.58 -10.98
C PRO C 412 25.00 -33.75 -10.51
N GLN C 413 24.57 -33.01 -9.48
CA GLN C 413 23.18 -33.13 -9.04
C GLN C 413 22.21 -32.59 -10.08
N VAL C 414 22.66 -31.66 -10.91
CA VAL C 414 21.84 -31.04 -11.94
C VAL C 414 22.01 -31.82 -13.24
N ASP C 415 20.93 -31.92 -14.00
CA ASP C 415 20.96 -32.57 -15.31
C ASP C 415 21.19 -31.50 -16.37
N TRP C 416 22.44 -31.32 -16.78
CA TRP C 416 22.80 -30.38 -17.83
C TRP C 416 22.66 -30.97 -19.23
N SER C 417 22.05 -32.16 -19.36
CA SER C 417 21.94 -32.81 -20.65
C SER C 417 21.08 -32.02 -21.64
N SER C 418 20.23 -31.11 -21.15
CA SER C 418 19.42 -30.30 -22.05
C SER C 418 20.31 -29.44 -22.95
N GLY C 419 21.39 -28.89 -22.39
CA GLY C 419 22.33 -28.09 -23.15
C GLY C 419 21.92 -26.65 -23.36
N ALA C 420 20.76 -26.23 -22.85
CA ALA C 420 20.29 -24.86 -23.00
C ALA C 420 20.83 -23.92 -21.92
N VAL C 421 21.49 -24.45 -20.89
CA VAL C 421 22.08 -23.65 -19.81
C VAL C 421 23.51 -24.10 -19.62
N THR C 422 24.44 -23.14 -19.57
CA THR C 422 25.85 -23.41 -19.42
C THR C 422 26.46 -22.43 -18.44
N LEU C 423 27.33 -22.93 -17.56
CA LEU C 423 28.03 -22.07 -16.63
C LEU C 423 29.14 -21.31 -17.33
N LEU C 424 29.47 -20.14 -16.79
CA LEU C 424 30.53 -19.30 -17.36
C LEU C 424 31.88 -19.77 -16.84
N THR C 425 32.30 -20.93 -17.33
CA THR C 425 33.60 -21.47 -16.96
C THR C 425 34.73 -20.58 -17.49
N GLU C 426 34.54 -19.97 -18.65
CA GLU C 426 35.50 -19.08 -19.27
C GLU C 426 34.80 -17.81 -19.72
N PRO C 427 35.52 -16.68 -19.83
CA PRO C 427 34.86 -15.42 -20.19
C PRO C 427 34.57 -15.36 -21.68
N VAL C 428 33.29 -15.50 -22.03
CA VAL C 428 32.86 -15.55 -23.42
C VAL C 428 32.44 -14.15 -23.86
N ASP C 429 32.68 -13.85 -25.13
CA ASP C 429 32.26 -12.58 -25.69
C ASP C 429 30.73 -12.52 -25.74
N TRP C 430 30.21 -11.31 -25.63
CA TRP C 430 28.77 -11.05 -25.57
C TRP C 430 28.43 -9.94 -26.57
N PRO C 431 28.28 -10.27 -27.85
CA PRO C 431 28.03 -9.23 -28.85
C PRO C 431 26.56 -8.90 -29.06
N ASP C 432 26.33 -7.70 -29.59
CA ASP C 432 24.98 -7.20 -29.87
C ASP C 432 24.55 -7.74 -31.23
N SER C 433 24.12 -9.01 -31.23
CA SER C 433 23.68 -9.69 -32.45
C SER C 433 22.30 -9.18 -32.84
N ASP C 434 22.29 -7.97 -33.39
CA ASP C 434 21.08 -7.28 -33.90
C ASP C 434 19.91 -7.32 -32.91
N ARG C 435 20.22 -7.35 -31.62
CA ARG C 435 19.23 -7.32 -30.56
C ARG C 435 19.83 -6.59 -29.37
N PRO C 436 19.02 -5.95 -28.52
CA PRO C 436 19.58 -5.40 -27.28
C PRO C 436 20.07 -6.52 -26.38
N ARG C 437 21.20 -6.29 -25.73
CA ARG C 437 21.67 -7.24 -24.73
C ARG C 437 20.72 -7.26 -23.55
N ARG C 438 20.42 -8.46 -23.05
CA ARG C 438 19.49 -8.64 -21.95
C ARG C 438 20.09 -9.62 -20.95
N ALA C 439 19.74 -9.43 -19.68
CA ALA C 439 20.26 -10.28 -18.62
C ALA C 439 19.24 -10.37 -17.49
N GLY C 440 19.39 -11.40 -16.67
CA GLY C 440 18.57 -11.58 -15.48
C GLY C 440 19.45 -11.63 -14.25
N VAL C 441 18.89 -11.18 -13.13
CA VAL C 441 19.57 -11.23 -11.83
C VAL C 441 18.58 -11.71 -10.79
N SER C 442 18.98 -12.70 -10.01
CA SER C 442 18.13 -13.36 -9.04
C SER C 442 18.70 -13.19 -7.64
N ALA C 443 17.80 -13.16 -6.65
CA ALA C 443 18.20 -13.11 -5.25
C ALA C 443 17.11 -13.80 -4.44
N PHE C 444 17.47 -14.92 -3.81
CA PHE C 444 16.54 -15.74 -3.05
C PHE C 444 16.90 -15.61 -1.57
N GLY C 445 16.05 -14.93 -0.82
CA GLY C 445 16.31 -14.74 0.59
C GLY C 445 16.21 -16.04 1.37
N ILE C 446 16.96 -16.10 2.47
CA ILE C 446 16.88 -17.26 3.36
C ILE C 446 15.52 -17.35 4.04
N SER C 447 14.81 -16.22 4.16
CA SER C 447 13.45 -16.23 4.67
C SER C 447 12.44 -16.75 3.66
N GLY C 448 12.86 -17.05 2.42
CA GLY C 448 12.01 -17.60 1.40
C GLY C 448 11.56 -16.60 0.36
N THR C 449 11.65 -15.31 0.65
CA THR C 449 11.30 -14.31 -0.36
C THR C 449 12.31 -14.34 -1.50
N ASN C 450 11.78 -14.25 -2.72
CA ASN C 450 12.58 -14.33 -3.94
C ASN C 450 12.37 -13.06 -4.75
N ALA C 451 13.38 -12.71 -5.54
CA ALA C 451 13.31 -11.54 -6.40
C ALA C 451 14.10 -11.81 -7.68
N HIS C 452 13.54 -11.38 -8.80
CA HIS C 452 14.20 -11.50 -10.09
C HIS C 452 14.01 -10.19 -10.86
N VAL C 453 15.09 -9.72 -11.48
CA VAL C 453 15.11 -8.46 -12.20
C VAL C 453 15.70 -8.71 -13.58
N ILE C 454 15.12 -8.06 -14.60
CA ILE C 454 15.57 -8.19 -15.99
C ILE C 454 16.12 -6.85 -16.43
N LEU C 455 17.37 -6.86 -16.91
CA LEU C 455 18.07 -5.68 -17.38
C LEU C 455 18.21 -5.75 -18.89
N GLU C 456 18.10 -4.59 -19.54
CA GLU C 456 18.21 -4.46 -20.98
C GLU C 456 19.16 -3.30 -21.29
N GLN C 457 19.84 -3.42 -22.44
CA GLN C 457 20.85 -2.44 -22.80
C GLN C 457 20.20 -1.08 -23.03
N ALA C 458 20.96 -0.03 -22.74
CA ALA C 458 20.43 1.31 -22.88
C ALA C 458 20.16 1.62 -24.36
N PRO C 459 19.12 2.40 -24.67
CA PRO C 459 18.91 2.76 -26.08
C PRO C 459 20.04 3.63 -26.62
N THR C 460 20.31 3.47 -27.91
CA THR C 460 21.33 4.27 -28.57
C THR C 460 20.75 5.61 -29.02
N GLN C 461 21.63 6.59 -29.18
CA GLN C 461 21.23 7.92 -29.62
C GLN C 461 22.39 8.63 -30.30
N ALA C 467 26.51 22.65 -31.60
CA ALA C 467 27.23 22.69 -30.34
C ALA C 467 28.74 22.81 -30.57
N PRO C 468 29.18 23.93 -31.14
CA PRO C 468 30.60 24.09 -31.41
C PRO C 468 31.37 24.31 -30.11
N PRO C 469 32.66 23.99 -30.08
CA PRO C 469 33.43 24.19 -28.84
C PRO C 469 33.73 25.67 -28.61
N VAL C 470 33.65 26.06 -27.34
CA VAL C 470 33.98 27.43 -26.94
C VAL C 470 35.49 27.50 -26.76
N PRO C 471 36.13 28.65 -26.99
CA PRO C 471 37.58 28.73 -26.77
C PRO C 471 37.92 29.07 -25.33
N ALA C 472 38.94 28.39 -24.81
CA ALA C 472 39.41 28.58 -23.44
C ALA C 472 38.29 28.32 -22.44
N ALA C 473 37.76 27.11 -22.48
CA ALA C 473 36.71 26.72 -21.55
C ALA C 473 37.32 26.52 -20.17
N PRO C 474 36.87 27.22 -19.12
CA PRO C 474 37.47 27.00 -17.80
C PRO C 474 37.18 25.60 -17.27
N TRP C 475 38.19 24.99 -16.66
CA TRP C 475 38.06 23.75 -15.91
C TRP C 475 38.04 24.12 -14.43
N LEU C 476 36.90 23.89 -13.78
CA LEU C 476 36.70 24.26 -12.39
C LEU C 476 36.90 23.06 -11.48
N LEU C 477 37.48 23.29 -10.31
CA LEU C 477 37.62 22.27 -9.29
C LEU C 477 37.35 22.91 -7.94
N SER C 478 36.83 22.10 -7.00
CA SER C 478 36.48 22.61 -5.69
C SER C 478 36.51 21.47 -4.68
N ALA C 479 36.65 21.85 -3.41
CA ALA C 479 36.67 20.88 -2.33
C ALA C 479 36.50 21.63 -1.01
N LYS C 480 36.28 20.85 0.05
CA LYS C 480 36.07 21.41 1.37
C LYS C 480 37.37 21.90 2.01
N THR C 481 38.48 21.25 1.71
CA THR C 481 39.78 21.55 2.28
C THR C 481 40.83 21.58 1.17
N PRO C 482 41.97 22.25 1.40
CA PRO C 482 43.00 22.28 0.34
C PRO C 482 43.53 20.91 -0.03
N ALA C 483 43.70 20.02 0.94
CA ALA C 483 44.17 18.67 0.64
C ALA C 483 43.17 17.93 -0.22
N ALA C 484 41.88 18.09 0.08
CA ALA C 484 40.84 17.47 -0.76
C ALA C 484 40.87 18.06 -2.16
N LEU C 485 41.14 19.35 -2.29
CA LEU C 485 41.23 19.96 -3.61
C LEU C 485 42.40 19.38 -4.40
N ARG C 486 43.55 19.22 -3.75
CA ARG C 486 44.70 18.62 -4.43
C ARG C 486 44.40 17.18 -4.83
N ALA C 487 43.73 16.43 -3.96
CA ALA C 487 43.34 15.06 -4.32
C ALA C 487 42.37 15.06 -5.49
N GLN C 488 41.44 16.02 -5.53
CA GLN C 488 40.52 16.13 -6.66
C GLN C 488 41.27 16.38 -7.95
N ALA C 489 42.24 17.29 -7.93
CA ALA C 489 43.03 17.58 -9.13
C ALA C 489 43.81 16.35 -9.57
N ARG C 490 44.42 15.64 -8.62
CA ARG C 490 45.20 14.46 -8.97
C ARG C 490 44.31 13.36 -9.57
N ARG C 491 43.13 13.16 -8.98
CA ARG C 491 42.22 12.14 -9.49
C ARG C 491 41.72 12.52 -10.89
N LEU C 492 41.41 13.79 -11.11
CA LEU C 492 40.99 14.20 -12.44
C LEU C 492 42.11 14.00 -13.46
N HIS C 493 43.34 14.31 -13.07
CA HIS C 493 44.47 14.14 -13.98
C HIS C 493 44.67 12.69 -14.35
N THR C 494 44.73 11.81 -13.34
CA THR C 494 44.95 10.39 -13.64
C THR C 494 43.75 9.75 -14.30
N HIS C 495 42.55 10.33 -14.15
CA HIS C 495 41.39 9.83 -14.88
C HIS C 495 41.47 10.22 -16.35
N LEU C 496 41.83 11.48 -16.64
CA LEU C 496 41.93 11.90 -18.03
C LEU C 496 43.12 11.27 -18.74
N ALA C 497 44.16 10.88 -17.99
CA ALA C 497 45.32 10.25 -18.62
C ALA C 497 44.94 8.92 -19.26
N ARG C 498 44.28 8.05 -18.51
CA ARG C 498 43.83 6.75 -19.02
C ARG C 498 42.44 6.92 -19.66
N HIS C 499 42.44 7.63 -20.79
CA HIS C 499 41.20 7.96 -21.49
C HIS C 499 41.55 8.32 -22.92
N PRO C 500 40.67 8.05 -23.89
CA PRO C 500 40.90 8.57 -25.23
C PRO C 500 40.85 10.10 -25.25
N HIS C 501 41.22 10.67 -26.40
CA HIS C 501 41.30 12.11 -26.57
C HIS C 501 39.95 12.76 -26.26
N PRO C 502 39.78 13.45 -25.11
CA PRO C 502 38.49 14.07 -24.81
C PRO C 502 38.44 15.53 -25.22
N ASP C 503 37.32 15.99 -25.76
CA ASP C 503 37.18 17.40 -26.05
C ASP C 503 37.12 18.19 -24.74
N PRO C 504 37.65 19.42 -24.70
CA PRO C 504 37.74 20.13 -23.43
C PRO C 504 36.44 20.75 -22.99
N THR C 505 35.58 21.12 -23.95
CA THR C 505 34.34 21.80 -23.61
C THR C 505 33.41 20.90 -22.80
N ASP C 506 33.32 19.62 -23.16
CA ASP C 506 32.47 18.71 -22.40
C ASP C 506 32.98 18.55 -20.97
N ILE C 507 34.29 18.43 -20.79
CA ILE C 507 34.85 18.33 -19.45
C ILE C 507 34.56 19.59 -18.66
N ALA C 508 34.72 20.75 -19.29
CA ALA C 508 34.44 22.01 -18.61
C ALA C 508 32.99 22.09 -18.18
N HIS C 509 32.07 21.72 -19.08
CA HIS C 509 30.65 21.76 -18.74
C HIS C 509 30.32 20.80 -17.60
N ALA C 510 30.89 19.60 -17.65
CA ALA C 510 30.63 18.62 -16.59
C ALA C 510 31.15 19.10 -15.24
N LEU C 511 32.35 19.69 -15.24
CA LEU C 511 32.89 20.23 -13.98
C LEU C 511 32.04 21.38 -13.47
N ALA C 512 31.60 22.27 -14.36
CA ALA C 512 30.89 23.46 -13.92
C ALA C 512 29.50 23.13 -13.41
N THR C 513 28.78 22.24 -14.10
CA THR C 513 27.37 22.00 -13.82
C THR C 513 27.13 20.81 -12.90
N THR C 514 27.75 19.66 -13.18
CA THR C 514 27.44 18.41 -12.49
C THR C 514 28.32 18.18 -11.27
N ARG C 515 28.86 19.24 -10.66
CA ARG C 515 29.65 19.11 -9.44
C ARG C 515 29.32 20.28 -8.52
N THR C 516 29.41 20.03 -7.22
CA THR C 516 29.03 21.03 -6.24
C THR C 516 30.15 22.06 -6.05
N PRO C 517 29.84 23.37 -5.98
CA PRO C 517 30.89 24.35 -5.67
C PRO C 517 31.14 24.43 -4.17
N HIS C 518 32.30 23.93 -3.75
CA HIS C 518 32.66 23.87 -2.33
C HIS C 518 33.44 25.13 -1.96
N GLU C 519 34.01 25.15 -0.74
CA GLU C 519 34.65 26.36 -0.24
C GLU C 519 35.94 26.65 -0.98
N HIS C 520 36.93 25.76 -0.88
CA HIS C 520 38.20 25.98 -1.55
C HIS C 520 38.04 25.66 -3.03
N ARG C 521 38.50 26.59 -3.88
CA ARG C 521 38.22 26.53 -5.31
C ARG C 521 39.49 26.78 -6.11
N ALA C 522 39.52 26.22 -7.32
CA ALA C 522 40.61 26.43 -8.25
C ALA C 522 40.07 26.31 -9.67
N ALA C 523 40.82 26.88 -10.61
CA ALA C 523 40.38 26.94 -12.00
C ALA C 523 41.59 26.87 -12.92
N LEU C 524 41.37 26.32 -14.11
CA LEU C 524 42.35 26.29 -15.17
C LEU C 524 41.74 26.91 -16.42
N VAL C 525 42.40 27.93 -16.96
CA VAL C 525 41.91 28.68 -18.12
C VAL C 525 43.06 28.80 -19.10
N THR C 526 43.07 27.94 -20.12
CA THR C 526 44.04 28.01 -21.20
C THR C 526 43.34 27.66 -22.50
N ASP C 527 43.87 28.18 -23.61
CA ASP C 527 43.25 28.07 -24.92
C ASP C 527 43.90 26.99 -25.79
N ASP C 528 44.89 26.26 -25.26
CA ASP C 528 45.61 25.25 -26.03
C ASP C 528 45.73 23.98 -25.22
N HIS C 529 45.40 22.85 -25.85
CA HIS C 529 45.59 21.56 -25.22
C HIS C 529 47.08 21.28 -25.07
N GLY C 530 47.41 20.53 -24.01
CA GLY C 530 48.78 20.21 -23.67
C GLY C 530 49.34 21.04 -22.54
N THR C 531 48.73 22.19 -22.25
CA THR C 531 49.05 22.96 -21.05
C THR C 531 48.17 22.59 -19.87
N ARG C 532 46.95 22.11 -20.16
CA ARG C 532 46.04 21.73 -19.09
C ARG C 532 46.58 20.58 -18.26
N GLY C 533 47.25 19.62 -18.89
CA GLY C 533 47.81 18.49 -18.19
C GLY C 533 48.85 18.91 -17.16
N PRO C 534 49.89 19.62 -17.63
CA PRO C 534 50.88 20.15 -16.68
C PRO C 534 50.28 21.07 -15.63
N ALA C 535 49.31 21.90 -15.99
CA ALA C 535 48.69 22.79 -15.01
C ALA C 535 47.96 21.99 -13.94
N LEU C 536 47.23 20.94 -14.34
CA LEU C 536 46.53 20.08 -13.39
C LEU C 536 47.52 19.35 -12.50
N ALA C 537 48.63 18.90 -13.07
CA ALA C 537 49.67 18.26 -12.26
C ALA C 537 50.25 19.23 -11.24
N ALA C 538 50.48 20.48 -11.65
CA ALA C 538 50.99 21.48 -10.72
C ALA C 538 49.99 21.76 -9.61
N LEU C 539 48.70 21.83 -9.95
CA LEU C 539 47.68 22.01 -8.92
C LEU C 539 47.66 20.83 -7.96
N ALA C 540 47.81 19.62 -8.48
CA ALA C 540 47.83 18.44 -7.62
C ALA C 540 49.03 18.47 -6.68
N GLU C 541 50.19 18.87 -7.19
CA GLU C 541 51.39 18.98 -6.35
C GLU C 541 51.41 20.26 -5.52
N GLY C 542 50.49 21.20 -5.77
CA GLY C 542 50.44 22.44 -5.02
C GLY C 542 51.30 23.55 -5.57
N ALA C 543 52.13 23.29 -6.57
CA ALA C 543 52.96 24.32 -7.16
C ALA C 543 52.11 25.27 -8.00
N PRO C 544 52.56 26.50 -8.23
CA PRO C 544 51.78 27.44 -9.03
C PRO C 544 52.01 27.23 -10.52
N ASP C 545 51.14 27.82 -11.32
CA ASP C 545 51.24 27.75 -12.77
C ASP C 545 50.63 29.02 -13.36
N ALA C 546 51.03 29.31 -14.61
CA ALA C 546 50.58 30.54 -15.25
C ALA C 546 49.07 30.54 -15.46
N CYS C 547 48.51 29.43 -15.93
CA CYS C 547 47.09 29.32 -16.24
C CYS C 547 46.29 28.70 -15.10
N LEU C 548 46.82 28.71 -13.88
CA LEU C 548 46.17 28.13 -12.71
C LEU C 548 45.75 29.25 -11.77
N ILE C 549 44.52 29.16 -11.27
CA ILE C 549 43.97 30.11 -10.31
C ILE C 549 43.49 29.32 -9.10
N SER C 550 43.68 29.89 -7.91
CA SER C 550 43.26 29.22 -6.69
C SER C 550 42.75 30.27 -5.71
N GLY C 551 41.88 29.85 -4.80
CA GLY C 551 41.37 30.76 -3.80
C GLY C 551 40.37 30.07 -2.90
N THR C 552 39.82 30.87 -1.98
CA THR C 552 38.82 30.42 -1.01
C THR C 552 37.59 31.30 -1.16
N ALA C 553 36.45 30.68 -1.45
CA ALA C 553 35.23 31.43 -1.66
C ALA C 553 34.73 32.02 -0.34
N LEU C 554 34.12 33.20 -0.44
CA LEU C 554 33.49 33.85 0.70
C LEU C 554 32.05 33.37 0.81
N SER C 555 31.64 32.99 2.02
CA SER C 555 30.31 32.42 2.22
C SER C 555 29.22 33.41 1.86
N LYS C 556 29.38 34.66 2.28
CA LYS C 556 28.39 35.71 2.03
C LYS C 556 29.12 37.01 1.71
N GLY C 557 28.54 37.78 0.78
CA GLY C 557 29.11 39.06 0.41
C GLY C 557 28.40 39.66 -0.78
N ARG C 558 28.12 40.96 -0.71
CA ARG C 558 27.45 41.66 -1.78
C ARG C 558 28.48 42.17 -2.79
N THR C 559 28.04 42.30 -4.04
CA THR C 559 28.92 42.59 -5.16
C THR C 559 28.87 44.07 -5.52
N VAL C 560 30.04 44.61 -5.89
CA VAL C 560 30.20 46.01 -6.26
C VAL C 560 30.87 46.06 -7.63
N PHE C 561 30.32 46.86 -8.52
CA PHE C 561 30.94 47.16 -9.81
C PHE C 561 31.63 48.50 -9.73
N VAL C 562 32.94 48.51 -9.95
CA VAL C 562 33.77 49.71 -9.89
C VAL C 562 34.00 50.20 -11.31
N PHE C 563 33.89 51.51 -11.51
CA PHE C 563 34.02 52.14 -12.83
C PHE C 563 35.13 53.18 -12.74
N PRO C 564 36.40 52.79 -12.94
CA PRO C 564 37.49 53.77 -12.95
C PRO C 564 37.30 54.83 -14.01
N GLY C 565 37.74 56.04 -13.70
CA GLY C 565 37.57 57.18 -14.59
C GLY C 565 38.44 57.14 -15.82
N GLN C 566 39.76 57.11 -15.63
CA GLN C 566 40.71 57.16 -16.74
C GLN C 566 41.90 56.28 -16.40
N GLY C 567 42.87 56.25 -17.31
CA GLY C 567 44.08 55.46 -17.12
C GLY C 567 43.96 54.01 -17.50
N SER C 568 42.84 53.59 -18.08
CA SER C 568 42.59 52.21 -18.47
C SER C 568 42.44 52.10 -19.99
N GLN C 569 43.23 52.88 -20.72
CA GLN C 569 43.15 52.95 -22.17
C GLN C 569 44.39 52.31 -22.80
N TRP C 570 44.16 51.49 -23.82
CA TRP C 570 45.24 50.93 -24.62
C TRP C 570 44.67 50.56 -25.98
N THR C 571 45.44 50.84 -27.03
CA THR C 571 44.97 50.60 -28.39
C THR C 571 44.66 49.12 -28.60
N GLY C 572 43.49 48.85 -29.19
CA GLY C 572 43.03 47.50 -29.38
C GLY C 572 42.06 46.99 -28.34
N MET C 573 41.54 47.86 -27.47
CA MET C 573 40.54 47.44 -26.50
C MET C 573 39.30 46.93 -27.23
N GLY C 574 38.88 45.70 -26.88
CA GLY C 574 37.72 45.11 -27.50
C GLY C 574 37.88 44.74 -28.96
N ARG C 575 39.06 44.90 -29.54
CA ARG C 575 39.25 44.54 -30.95
C ARG C 575 39.10 43.04 -31.15
N GLU C 576 39.71 42.24 -30.28
CA GLU C 576 39.56 40.80 -30.35
C GLU C 576 38.22 40.35 -29.82
N LEU C 577 37.68 41.06 -28.82
CA LEU C 577 36.41 40.65 -28.22
C LEU C 577 35.24 40.87 -29.15
N LEU C 578 35.34 41.85 -30.06
CA LEU C 578 34.22 42.15 -30.95
C LEU C 578 33.92 40.97 -31.88
N HIS C 579 34.96 40.31 -32.37
CA HIS C 579 34.74 39.18 -33.29
C HIS C 579 34.15 37.99 -32.56
N THR C 580 34.63 37.69 -31.35
CA THR C 580 34.34 36.45 -30.65
C THR C 580 33.37 36.65 -29.48
N SER C 581 32.44 37.59 -29.61
CA SER C 581 31.43 37.79 -28.57
C SER C 581 30.22 38.50 -29.17
N PRO C 582 29.19 37.77 -29.61
CA PRO C 582 28.00 38.45 -30.15
C PRO C 582 27.33 39.40 -29.16
N GLU C 583 27.32 39.05 -27.88
CA GLU C 583 26.70 39.94 -26.89
C GLU C 583 27.47 41.25 -26.77
N PHE C 584 28.81 41.17 -26.70
CA PHE C 584 29.61 42.37 -26.61
C PHE C 584 29.47 43.23 -27.86
N ALA C 585 29.43 42.60 -29.04
CA ALA C 585 29.23 43.34 -30.27
C ALA C 585 27.88 44.04 -30.28
N ALA C 586 26.83 43.34 -29.81
CA ALA C 586 25.51 43.96 -29.77
C ALA C 586 25.48 45.14 -28.83
N TYR C 587 26.11 45.01 -27.66
CA TYR C 587 26.15 46.14 -26.73
C TYR C 587 26.94 47.31 -27.30
N ILE C 588 28.05 47.02 -27.97
CA ILE C 588 28.84 48.09 -28.58
C ILE C 588 28.02 48.78 -29.66
N ALA C 589 27.27 48.01 -30.45
CA ALA C 589 26.46 48.60 -31.51
C ALA C 589 25.35 49.48 -30.94
N GLU C 590 24.65 48.99 -29.92
CA GLU C 590 23.55 49.76 -29.37
C GLU C 590 24.06 51.01 -28.63
N CYS C 591 25.29 50.96 -28.11
CA CYS C 591 25.87 52.16 -27.54
C CYS C 591 26.35 53.13 -28.61
N GLU C 592 26.89 52.61 -29.72
CA GLU C 592 27.31 53.47 -30.82
C GLU C 592 26.12 54.18 -31.45
N THR C 593 24.95 53.52 -31.47
CA THR C 593 23.76 54.19 -31.96
C THR C 593 23.45 55.44 -31.14
N ALA C 594 23.64 55.36 -29.82
CA ALA C 594 23.48 56.55 -28.99
C ALA C 594 24.53 57.59 -29.32
N LEU C 595 25.78 57.17 -29.54
CA LEU C 595 26.88 58.09 -29.82
C LEU C 595 26.98 58.35 -31.33
N ASN C 596 25.90 58.87 -31.88
CA ASN C 596 25.83 59.27 -33.29
C ASN C 596 25.30 60.69 -33.45
N ASP C 597 24.38 61.13 -32.60
CA ASP C 597 23.81 62.47 -32.65
C ASP C 597 24.51 63.44 -31.70
N PHE C 598 25.63 63.04 -31.08
CA PHE C 598 26.40 63.91 -30.21
C PHE C 598 27.89 63.87 -30.51
N VAL C 599 28.30 63.22 -31.61
CA VAL C 599 29.72 63.06 -31.91
C VAL C 599 29.84 62.75 -33.39
N ASP C 600 31.02 62.99 -33.94
CA ASP C 600 31.27 62.95 -35.39
C ASP C 600 32.28 61.86 -35.76
N TRP C 601 32.13 60.68 -35.16
CA TRP C 601 32.93 59.53 -35.60
C TRP C 601 32.21 58.25 -35.16
N SER C 602 32.65 57.14 -35.75
CA SER C 602 32.08 55.84 -35.47
C SER C 602 32.86 55.15 -34.36
N LEU C 603 32.15 54.71 -33.32
CA LEU C 603 32.80 54.04 -32.20
C LEU C 603 33.47 52.75 -32.65
N THR C 604 32.81 52.00 -33.54
CA THR C 604 33.39 50.75 -34.04
C THR C 604 34.69 51.01 -34.76
N ASP C 605 34.75 52.07 -35.57
CA ASP C 605 35.98 52.42 -36.26
C ASP C 605 37.09 52.77 -35.28
N VAL C 606 36.75 53.51 -34.22
CA VAL C 606 37.77 53.90 -33.24
C VAL C 606 38.30 52.66 -32.51
N LEU C 607 37.40 51.79 -32.07
CA LEU C 607 37.84 50.59 -31.36
C LEU C 607 38.65 49.66 -32.25
N ARG C 608 38.20 49.47 -33.50
CA ARG C 608 38.88 48.57 -34.42
C ARG C 608 40.16 49.16 -34.98
N GLY C 609 40.42 50.44 -34.78
CA GLY C 609 41.62 51.05 -35.30
C GLY C 609 41.68 51.13 -36.82
N THR C 610 40.54 51.36 -37.47
CA THR C 610 40.53 51.52 -38.90
C THR C 610 41.21 52.83 -39.28
N GLU C 611 41.69 52.89 -40.52
CA GLU C 611 42.37 54.08 -41.00
C GLU C 611 41.41 55.27 -41.05
N GLY C 612 41.88 56.42 -40.59
CA GLY C 612 41.12 57.65 -40.62
C GLY C 612 40.49 58.00 -39.28
N ALA C 613 40.05 57.00 -38.53
CA ALA C 613 39.40 57.26 -37.26
C ALA C 613 40.41 57.79 -36.24
N PRO C 614 39.99 58.63 -35.30
CA PRO C 614 40.94 59.18 -34.34
C PRO C 614 41.41 58.13 -33.35
N GLY C 615 42.62 58.34 -32.83
CA GLY C 615 43.18 57.47 -31.82
C GLY C 615 42.82 57.91 -30.42
N TYR C 616 43.41 57.22 -29.44
CA TYR C 616 43.18 57.52 -28.03
C TYR C 616 44.11 58.61 -27.51
N ASP C 617 44.13 59.75 -28.20
CA ASP C 617 44.91 60.92 -27.82
C ASP C 617 44.02 62.09 -27.40
N ARG C 618 43.02 62.43 -28.21
CA ARG C 618 42.08 63.47 -27.84
C ARG C 618 41.24 63.02 -26.65
N VAL C 619 40.92 63.96 -25.76
CA VAL C 619 40.08 63.62 -24.63
C VAL C 619 38.66 63.30 -25.08
N ASP C 620 38.16 64.04 -26.08
CA ASP C 620 36.77 63.90 -26.49
C ASP C 620 36.47 62.57 -27.16
N VAL C 621 37.48 61.83 -27.61
CA VAL C 621 37.28 60.51 -28.20
C VAL C 621 37.63 59.40 -27.21
N VAL C 622 38.62 59.62 -26.35
CA VAL C 622 38.99 58.60 -25.39
C VAL C 622 37.91 58.46 -24.31
N GLN C 623 37.32 59.58 -23.87
CA GLN C 623 36.35 59.48 -22.78
C GLN C 623 35.11 58.70 -23.19
N PRO C 624 34.41 59.05 -24.28
CA PRO C 624 33.25 58.22 -24.67
C PRO C 624 33.61 56.79 -25.01
N ALA C 625 34.79 56.55 -25.57
CA ALA C 625 35.19 55.18 -25.91
C ALA C 625 35.32 54.34 -24.66
N LEU C 626 35.99 54.86 -23.63
CA LEU C 626 36.05 54.13 -22.36
C LEU C 626 34.68 53.99 -21.73
N PHE C 627 33.83 55.02 -21.82
CA PHE C 627 32.49 54.89 -21.28
C PHE C 627 31.75 53.73 -21.93
N ALA C 628 31.82 53.64 -23.26
CA ALA C 628 31.10 52.58 -23.98
C ALA C 628 31.70 51.21 -23.68
N VAL C 629 33.03 51.10 -23.65
CA VAL C 629 33.65 49.81 -23.38
C VAL C 629 33.30 49.35 -21.97
N MET C 630 33.35 50.26 -21.00
CA MET C 630 33.02 49.90 -19.62
C MET C 630 31.57 49.50 -19.48
N VAL C 631 30.66 50.23 -20.14
CA VAL C 631 29.24 49.87 -20.08
C VAL C 631 29.00 48.51 -20.72
N SER C 632 29.63 48.26 -21.87
CA SER C 632 29.46 46.97 -22.53
C SER C 632 30.00 45.83 -21.67
N LEU C 633 31.16 46.05 -21.03
CA LEU C 633 31.71 45.02 -20.17
C LEU C 633 30.80 44.75 -18.97
N ALA C 634 30.24 45.81 -18.38
CA ALA C 634 29.32 45.62 -17.26
C ALA C 634 28.08 44.86 -17.71
N ARG C 635 27.56 45.18 -18.90
CA ARG C 635 26.42 44.45 -19.43
C ARG C 635 26.76 42.99 -19.67
N LEU C 636 27.99 42.71 -20.12
CA LEU C 636 28.41 41.33 -20.32
C LEU C 636 28.50 40.58 -18.99
N TRP C 637 29.05 41.24 -17.97
CA TRP C 637 29.09 40.64 -16.64
C TRP C 637 27.68 40.32 -16.15
N GLN C 638 26.74 41.24 -16.37
CA GLN C 638 25.35 40.98 -16.02
C GLN C 638 24.79 39.82 -16.84
N HIS C 639 25.14 39.74 -18.12
CA HIS C 639 24.66 38.66 -18.97
C HIS C 639 25.14 37.31 -18.48
N HIS C 640 26.31 37.27 -17.82
CA HIS C 640 26.81 36.05 -17.21
C HIS C 640 26.27 35.83 -15.79
N GLY C 641 25.15 36.44 -15.44
CA GLY C 641 24.49 36.20 -14.17
C GLY C 641 25.27 36.69 -12.96
N ILE C 642 25.90 37.85 -13.07
CA ILE C 642 26.74 38.41 -12.03
C ILE C 642 26.17 39.80 -11.72
N HIS C 643 24.84 39.88 -11.65
CA HIS C 643 24.16 41.15 -11.44
C HIS C 643 24.69 41.80 -10.16
N PRO C 644 24.98 43.10 -10.16
CA PRO C 644 25.63 43.70 -9.00
C PRO C 644 24.66 44.18 -7.94
N ASP C 645 25.14 44.16 -6.70
CA ASP C 645 24.43 44.73 -5.58
C ASP C 645 24.71 46.21 -5.37
N ALA C 646 25.76 46.74 -5.99
CA ALA C 646 26.04 48.17 -5.92
C ALA C 646 26.99 48.55 -7.03
N VAL C 647 27.06 49.85 -7.32
CA VAL C 647 27.94 50.39 -8.34
C VAL C 647 28.59 51.65 -7.79
N ILE C 648 29.89 51.81 -8.07
CA ILE C 648 30.67 52.96 -7.64
C ILE C 648 31.46 53.46 -8.83
N GLY C 649 31.45 54.78 -9.04
CA GLY C 649 32.15 55.43 -10.11
C GLY C 649 33.37 56.20 -9.64
N HIS C 650 34.02 56.85 -10.61
CA HIS C 650 35.21 57.65 -10.32
C HIS C 650 35.34 58.69 -11.43
N SER C 651 35.05 59.95 -11.10
CA SER C 651 35.14 61.06 -12.05
C SER C 651 34.29 60.78 -13.29
N GLN C 652 34.90 60.29 -14.37
CA GLN C 652 34.13 60.00 -15.57
C GLN C 652 33.31 58.73 -15.44
N GLY C 653 33.77 57.78 -14.62
CA GLY C 653 33.07 56.52 -14.47
C GLY C 653 31.73 56.62 -13.80
N GLU C 654 31.45 57.75 -13.11
CA GLU C 654 30.15 57.92 -12.48
C GLU C 654 29.03 57.92 -13.50
N ILE C 655 29.30 58.39 -14.73
CA ILE C 655 28.28 58.36 -15.77
C ILE C 655 27.91 56.93 -16.12
N ALA C 656 28.92 56.08 -16.34
CA ALA C 656 28.65 54.69 -16.65
C ALA C 656 27.97 53.98 -15.48
N ALA C 657 28.41 54.28 -14.26
CA ALA C 657 27.79 53.67 -13.09
C ALA C 657 26.32 54.07 -12.98
N ALA C 658 26.02 55.35 -13.24
CA ALA C 658 24.63 55.79 -13.21
C ALA C 658 23.81 55.10 -14.28
N HIS C 659 24.38 54.94 -15.47
CA HIS C 659 23.65 54.24 -16.53
C HIS C 659 23.37 52.79 -16.14
N ILE C 660 24.37 52.11 -15.58
CA ILE C 660 24.16 50.73 -15.14
C ILE C 660 23.19 50.70 -13.95
N ALA C 661 23.21 51.75 -13.12
CA ALA C 661 22.28 51.84 -12.00
C ALA C 661 20.84 52.07 -12.44
N GLY C 662 20.60 52.39 -13.71
CA GLY C 662 19.28 52.75 -14.16
C GLY C 662 18.90 54.20 -13.90
N ALA C 663 19.79 54.99 -13.32
CA ALA C 663 19.49 56.40 -13.10
C ALA C 663 19.28 57.13 -14.41
N LEU C 664 20.14 56.86 -15.40
CA LEU C 664 20.09 57.51 -16.70
C LEU C 664 19.82 56.48 -17.78
N SER C 665 19.12 56.92 -18.82
CA SER C 665 19.00 56.12 -20.03
C SER C 665 20.34 56.12 -20.77
N LEU C 666 20.49 55.17 -21.69
CA LEU C 666 21.73 55.08 -22.46
C LEU C 666 21.95 56.35 -23.27
N GLN C 667 20.89 56.88 -23.88
CA GLN C 667 21.01 58.13 -24.62
C GLN C 667 21.47 59.27 -23.71
N ASP C 668 20.88 59.36 -22.51
CA ASP C 668 21.24 60.43 -21.59
C ASP C 668 22.70 60.32 -21.15
N ALA C 669 23.14 59.11 -20.81
CA ALA C 669 24.52 58.93 -20.38
C ALA C 669 25.51 59.25 -21.51
N ALA C 670 25.19 58.79 -22.73
CA ALA C 670 26.04 59.09 -23.87
C ALA C 670 26.13 60.59 -24.11
N ARG C 671 24.99 61.28 -24.05
CA ARG C 671 24.98 62.72 -24.24
C ARG C 671 25.83 63.41 -23.17
N ILE C 672 25.66 62.99 -21.91
CA ILE C 672 26.38 63.61 -20.81
C ILE C 672 27.88 63.46 -21.01
N VAL C 673 28.34 62.23 -21.25
CA VAL C 673 29.78 62.00 -21.33
C VAL C 673 30.36 62.69 -22.56
N ALA C 674 29.68 62.61 -23.71
CA ALA C 674 30.21 63.22 -24.92
C ALA C 674 30.31 64.73 -24.78
N LEU C 675 29.24 65.38 -24.31
CA LEU C 675 29.26 66.83 -24.23
C LEU C 675 30.18 67.32 -23.12
N ARG C 676 30.30 66.56 -22.02
CA ARG C 676 31.24 66.95 -20.98
C ARG C 676 32.69 66.87 -21.47
N SER C 677 33.02 65.82 -22.22
CA SER C 677 34.34 65.74 -22.81
C SER C 677 34.58 66.88 -23.80
N GLN C 678 33.55 67.22 -24.58
CA GLN C 678 33.68 68.34 -25.50
C GLN C 678 33.95 69.63 -24.75
N ALA C 679 33.26 69.85 -23.63
CA ALA C 679 33.50 71.04 -22.82
C ALA C 679 34.88 71.01 -22.18
N LEU C 680 35.40 69.81 -21.87
CA LEU C 680 36.76 69.70 -21.37
C LEU C 680 37.80 69.99 -22.44
N LEU C 681 37.45 69.81 -23.71
CA LEU C 681 38.40 70.01 -24.81
C LEU C 681 39.13 71.35 -24.80
N PRO C 682 38.48 72.51 -24.60
CA PRO C 682 39.24 73.78 -24.63
C PRO C 682 40.30 73.90 -23.54
N LEU C 683 40.23 73.11 -22.47
CA LEU C 683 41.20 73.20 -21.38
C LEU C 683 42.48 72.41 -21.65
N ALA C 684 42.62 71.78 -22.81
CA ALA C 684 43.79 70.96 -23.09
C ALA C 684 45.05 71.81 -23.12
N GLY C 685 46.12 71.29 -22.54
CA GLY C 685 47.42 71.92 -22.55
C GLY C 685 47.67 72.88 -21.41
N LEU C 686 46.62 73.32 -20.71
CA LEU C 686 46.81 74.28 -19.63
C LEU C 686 47.34 73.64 -18.35
N GLY C 687 47.04 72.38 -18.12
CA GLY C 687 47.45 71.74 -16.89
C GLY C 687 47.42 70.23 -16.99
N GLY C 688 47.59 69.58 -15.85
CA GLY C 688 47.59 68.14 -15.79
C GLY C 688 47.37 67.60 -14.40
N MET C 689 47.81 66.37 -14.19
CA MET C 689 47.62 65.64 -12.95
C MET C 689 48.90 64.91 -12.58
N THR C 690 49.00 64.51 -11.33
CA THR C 690 50.14 63.74 -10.84
C THR C 690 49.70 62.92 -9.63
N SER C 691 50.15 61.67 -9.59
CA SER C 691 49.75 60.73 -8.53
C SER C 691 50.85 60.68 -7.48
N LEU C 692 50.56 61.24 -6.30
CA LEU C 692 51.47 61.22 -5.17
C LEU C 692 51.06 60.10 -4.22
N ALA C 693 52.02 59.28 -3.80
CA ALA C 693 51.75 58.15 -2.92
C ALA C 693 51.93 58.55 -1.46
N LEU C 694 51.09 59.49 -1.03
CA LEU C 694 51.07 60.02 0.32
C LEU C 694 49.65 59.98 0.86
N PRO C 695 49.48 59.99 2.18
CA PRO C 695 48.12 60.12 2.73
C PRO C 695 47.51 61.47 2.37
N HIS C 696 46.19 61.56 2.58
CA HIS C 696 45.47 62.78 2.25
C HIS C 696 45.95 63.95 3.08
N ASP C 697 46.12 63.76 4.38
CA ASP C 697 46.55 64.85 5.25
C ASP C 697 47.96 65.30 4.91
N GLN C 698 48.87 64.36 4.66
CA GLN C 698 50.24 64.73 4.30
C GLN C 698 50.28 65.46 2.96
N ALA C 699 49.49 65.00 1.99
CA ALA C 699 49.44 65.69 0.70
C ALA C 699 48.88 67.09 0.84
N LEU C 700 47.83 67.26 1.65
CA LEU C 700 47.26 68.57 1.85
C LEU C 700 48.21 69.50 2.59
N GLN C 701 49.01 68.95 3.52
CA GLN C 701 50.03 69.77 4.17
C GLN C 701 51.11 70.17 3.18
N LEU C 702 51.52 69.24 2.31
CA LEU C 702 52.58 69.54 1.34
C LEU C 702 52.12 70.55 0.31
N ILE C 703 50.84 70.52 -0.09
CA ILE C 703 50.37 71.35 -1.19
C ILE C 703 50.16 72.80 -0.80
N GLN C 704 50.38 73.17 0.47
CA GLN C 704 50.09 74.53 0.91
C GLN C 704 50.91 75.59 0.18
N PRO C 705 52.24 75.45 0.00
CA PRO C 705 53.00 76.58 -0.57
C PRO C 705 52.94 76.70 -2.09
N TRP C 706 51.75 76.52 -2.68
CA TRP C 706 51.50 76.95 -4.04
C TRP C 706 50.14 77.63 -4.23
N GLY C 707 49.30 77.71 -3.21
CA GLY C 707 48.03 78.39 -3.33
C GLY C 707 46.97 77.59 -4.07
N GLN C 708 46.11 78.30 -4.80
CA GLN C 708 44.96 77.69 -5.45
C GLN C 708 45.29 77.00 -6.77
N ASP C 709 46.52 77.13 -7.26
CA ASP C 709 46.86 76.53 -8.55
C ASP C 709 46.75 75.00 -8.49
N LEU C 710 47.20 74.40 -7.40
CA LEU C 710 47.14 72.96 -7.20
C LEU C 710 46.01 72.62 -6.22
N SER C 711 45.45 71.42 -6.40
CA SER C 711 44.38 70.95 -5.52
C SER C 711 44.40 69.43 -5.50
N ILE C 712 43.79 68.86 -4.46
CA ILE C 712 43.72 67.40 -4.30
C ILE C 712 42.63 66.92 -5.25
N ALA C 713 43.04 66.39 -6.40
CA ALA C 713 42.07 65.95 -7.41
C ALA C 713 41.26 64.76 -6.90
N SER C 714 41.91 63.80 -6.25
CA SER C 714 41.20 62.61 -5.78
C SER C 714 42.00 61.96 -4.66
N VAL C 715 41.26 61.24 -3.80
CA VAL C 715 41.84 60.46 -2.71
C VAL C 715 41.50 59.01 -3.01
N ASN C 716 42.41 58.31 -3.70
CA ASN C 716 42.14 56.94 -4.10
C ASN C 716 42.17 55.98 -2.91
N GLY C 717 43.15 56.13 -2.03
CA GLY C 717 43.30 55.24 -0.90
C GLY C 717 44.08 55.86 0.24
N PRO C 718 44.32 55.07 1.30
CA PRO C 718 45.08 55.61 2.45
C PRO C 718 46.46 56.10 2.09
N HIS C 719 47.11 55.52 1.08
CA HIS C 719 48.44 55.93 0.63
C HIS C 719 48.44 56.17 -0.87
N SER C 720 47.39 56.81 -1.37
CA SER C 720 47.29 57.14 -2.79
C SER C 720 46.45 58.40 -2.94
N THR C 721 47.03 59.42 -3.56
CA THR C 721 46.35 60.68 -3.82
C THR C 721 46.71 61.15 -5.20
N VAL C 722 45.82 61.93 -5.82
CA VAL C 722 46.04 62.51 -7.13
C VAL C 722 45.80 64.01 -7.03
N VAL C 723 46.78 64.78 -7.48
CA VAL C 723 46.76 66.24 -7.42
C VAL C 723 46.74 66.77 -8.84
N SER C 724 45.77 67.64 -9.13
CA SER C 724 45.63 68.27 -10.43
C SER C 724 45.94 69.75 -10.33
N GLY C 725 46.55 70.29 -11.38
CA GLY C 725 46.93 71.69 -11.35
C GLY C 725 47.39 72.17 -12.71
N THR C 726 47.97 73.37 -12.71
CA THR C 726 48.51 73.94 -13.93
C THR C 726 49.89 73.35 -14.23
N THR C 727 50.32 73.53 -15.48
CA THR C 727 51.54 72.87 -15.95
C THR C 727 52.77 73.33 -15.18
N HIS C 728 52.90 74.64 -14.96
CA HIS C 728 54.09 75.16 -14.28
C HIS C 728 54.16 74.67 -12.84
N ALA C 729 53.04 74.77 -12.12
CA ALA C 729 53.02 74.34 -10.72
C ALA C 729 53.30 72.85 -10.61
N LEU C 730 52.70 72.05 -11.49
CA LEU C 730 52.94 70.61 -11.46
C LEU C 730 54.39 70.29 -11.78
N ASP C 731 54.96 70.98 -12.77
CA ASP C 731 56.34 70.71 -13.16
C ASP C 731 57.30 71.03 -12.02
N GLU C 732 57.10 72.16 -11.34
CA GLU C 732 58.00 72.51 -10.25
C GLU C 732 57.76 71.62 -9.03
N LEU C 733 56.51 71.20 -8.79
CA LEU C 733 56.26 70.25 -7.71
C LEU C 733 56.91 68.90 -7.99
N HIS C 734 56.99 68.51 -9.27
CA HIS C 734 57.57 67.21 -9.60
C HIS C 734 59.04 67.15 -9.21
N THR C 735 59.73 68.29 -9.19
CA THR C 735 61.12 68.33 -8.73
C THR C 735 61.21 68.68 -7.25
N THR C 736 60.24 69.42 -6.71
CA THR C 736 60.23 69.69 -5.27
C THR C 736 60.06 68.40 -4.48
N CYS C 737 59.19 67.52 -4.95
CA CYS C 737 58.97 66.24 -4.27
C CYS C 737 60.19 65.33 -4.39
N ASP C 738 60.99 65.49 -5.45
CA ASP C 738 62.19 64.68 -5.60
C ASP C 738 63.19 64.95 -4.49
N THR C 739 63.20 66.16 -3.94
CA THR C 739 64.08 66.45 -2.82
C THR C 739 63.76 65.56 -1.62
N GLN C 740 62.48 65.38 -1.33
CA GLN C 740 62.04 64.45 -0.31
C GLN C 740 61.90 63.05 -0.87
N GLY C 741 61.67 62.09 0.01
CA GLY C 741 61.44 60.71 -0.40
C GLY C 741 59.99 60.47 -0.79
N VAL C 742 59.52 61.20 -1.79
CA VAL C 742 58.12 61.18 -2.21
C VAL C 742 58.04 60.59 -3.61
N ARG C 743 57.17 59.60 -3.78
CA ARG C 743 56.97 58.91 -5.05
C ARG C 743 55.86 59.63 -5.80
N ALA C 744 56.16 60.11 -7.01
CA ALA C 744 55.23 60.91 -7.80
C ALA C 744 55.26 60.47 -9.24
N ARG C 745 54.08 60.37 -9.85
CA ARG C 745 53.93 60.06 -11.27
C ARG C 745 53.36 61.27 -12.00
N ARG C 746 53.45 61.23 -13.32
CA ARG C 746 52.83 62.21 -14.21
C ARG C 746 51.78 61.49 -15.03
N ILE C 747 50.51 61.80 -14.76
CA ILE C 747 49.43 61.12 -15.48
C ILE C 747 49.47 61.55 -16.94
N PRO C 748 49.37 60.63 -17.92
CA PRO C 748 49.50 61.09 -19.32
C PRO C 748 48.22 61.73 -19.84
N VAL C 749 47.90 62.90 -19.29
CA VAL C 749 46.74 63.68 -19.69
C VAL C 749 47.13 65.16 -19.64
N ASP C 750 46.94 65.85 -20.75
CA ASP C 750 47.32 67.26 -20.88
C ASP C 750 46.15 68.18 -20.55
N TYR C 751 45.55 67.95 -19.39
CA TYR C 751 44.46 68.81 -18.92
C TYR C 751 44.20 68.49 -17.46
N ALA C 752 43.79 69.52 -16.73
CA ALA C 752 43.51 69.41 -15.30
C ALA C 752 42.01 69.32 -15.07
N SER C 753 41.62 68.48 -14.12
CA SER C 753 40.23 68.33 -13.72
C SER C 753 40.16 68.22 -12.21
N HIS C 754 38.96 68.43 -11.67
CA HIS C 754 38.75 68.49 -10.23
C HIS C 754 39.61 69.58 -9.59
N SER C 755 39.75 70.70 -10.31
CA SER C 755 40.61 71.80 -9.89
C SER C 755 39.86 73.12 -10.02
N ALA C 756 40.58 74.24 -9.84
CA ALA C 756 39.99 75.56 -10.01
C ALA C 756 39.87 75.98 -11.46
N GLN C 757 40.53 75.26 -12.39
CA GLN C 757 40.47 75.66 -13.80
C GLN C 757 39.10 75.40 -14.40
N VAL C 758 38.40 74.36 -13.94
CA VAL C 758 37.08 74.04 -14.50
C VAL C 758 36.03 75.10 -14.18
N GLU C 759 36.31 76.02 -13.25
CA GLU C 759 35.39 77.14 -13.05
C GLU C 759 35.24 77.97 -14.32
N SER C 760 36.29 78.03 -15.14
CA SER C 760 36.20 78.73 -16.42
C SER C 760 35.15 78.08 -17.31
N ILE C 761 35.09 76.74 -17.31
CA ILE C 761 34.10 75.99 -18.07
C ILE C 761 33.08 75.35 -17.14
N ARG C 762 32.01 76.07 -16.85
CA ARG C 762 30.84 75.50 -16.18
C ARG C 762 29.57 75.70 -16.99
N ASP C 763 29.41 76.86 -17.62
CA ASP C 763 28.20 77.10 -18.42
C ASP C 763 28.06 76.04 -19.51
N THR C 764 29.15 75.76 -20.23
CA THR C 764 29.12 74.67 -21.20
C THR C 764 28.81 73.34 -20.52
N VAL C 765 29.35 73.13 -19.32
CA VAL C 765 29.06 71.91 -18.58
C VAL C 765 27.60 71.88 -18.14
N LEU C 766 27.04 73.02 -17.75
CA LEU C 766 25.63 73.05 -17.38
C LEU C 766 24.72 72.74 -18.57
N GLN C 767 24.91 73.42 -19.70
CA GLN C 767 24.07 73.08 -20.85
C GLN C 767 24.43 71.73 -21.46
N ALA C 768 25.55 71.12 -21.08
CA ALA C 768 25.82 69.76 -21.51
C ALA C 768 24.78 68.79 -20.98
N ALA C 769 24.29 69.03 -19.76
CA ALA C 769 23.38 68.12 -19.08
C ALA C 769 21.92 68.59 -19.11
N THR C 770 21.61 69.70 -19.77
CA THR C 770 20.23 70.15 -19.84
C THR C 770 19.39 69.18 -20.66
N GLY C 771 18.15 68.99 -20.26
CA GLY C 771 17.25 68.08 -20.96
C GLY C 771 17.53 66.64 -20.61
N ILE C 772 17.60 66.34 -19.31
CA ILE C 772 17.85 65.00 -18.82
C ILE C 772 16.86 64.72 -17.70
N ASN C 773 16.36 63.49 -17.64
CA ASN C 773 15.31 63.07 -16.72
C ASN C 773 15.80 61.88 -15.92
N PRO C 774 16.66 62.09 -14.93
CA PRO C 774 17.22 60.96 -14.17
C PRO C 774 16.15 60.27 -13.33
N GLN C 775 15.89 59.01 -13.63
CA GLN C 775 14.90 58.23 -12.89
C GLN C 775 15.52 57.66 -11.63
N PRO C 776 14.71 57.17 -10.69
CA PRO C 776 15.27 56.54 -9.49
C PRO C 776 16.09 55.30 -9.84
N THR C 777 17.11 55.05 -9.03
CA THR C 777 18.05 53.97 -9.30
C THR C 777 17.45 52.63 -8.89
N THR C 778 17.56 51.63 -9.77
CA THR C 778 17.17 50.28 -9.41
C THR C 778 18.21 49.62 -8.52
N ILE C 779 19.48 49.91 -8.76
CA ILE C 779 20.60 49.39 -7.96
C ILE C 779 21.13 50.55 -7.14
N PRO C 780 21.57 50.37 -5.89
CA PRO C 780 22.16 51.49 -5.15
C PRO C 780 23.40 52.03 -5.85
N LEU C 781 23.55 53.36 -5.81
CA LEU C 781 24.68 54.06 -6.40
C LEU C 781 25.40 54.80 -5.29
N TYR C 782 26.66 54.44 -5.04
CA TYR C 782 27.48 55.08 -4.02
C TYR C 782 28.29 56.17 -4.69
N SER C 783 27.73 57.39 -4.71
CA SER C 783 28.39 58.50 -5.38
C SER C 783 29.64 58.92 -4.62
N THR C 784 30.74 59.08 -5.35
CA THR C 784 31.98 59.54 -4.74
C THR C 784 31.96 61.03 -4.42
N VAL C 785 31.05 61.79 -5.03
CA VAL C 785 30.95 63.21 -4.71
C VAL C 785 30.53 63.43 -3.27
N THR C 786 29.48 62.71 -2.85
CA THR C 786 28.94 62.83 -1.50
C THR C 786 29.42 61.73 -0.56
N GLY C 787 29.96 60.64 -1.09
CA GLY C 787 30.43 59.56 -0.24
C GLY C 787 29.33 58.77 0.44
N GLN C 788 28.13 58.76 -0.13
CA GLN C 788 27.00 58.07 0.45
C GLN C 788 26.11 57.58 -0.68
N PRO C 789 25.17 56.68 -0.39
CA PRO C 789 24.20 56.29 -1.43
C PRO C 789 23.36 57.49 -1.88
N ILE C 790 23.43 57.79 -3.17
CA ILE C 790 22.75 58.94 -3.76
C ILE C 790 21.46 58.47 -4.40
N ASP C 791 20.42 59.30 -4.28
CA ASP C 791 19.17 59.02 -4.97
C ASP C 791 19.31 59.27 -6.46
N GLY C 792 18.52 58.54 -7.25
CA GLY C 792 18.61 58.68 -8.70
C GLY C 792 18.21 60.06 -9.18
N THR C 793 17.16 60.63 -8.59
CA THR C 793 16.65 61.92 -9.05
C THR C 793 17.64 63.06 -8.84
N GLN C 794 18.60 62.90 -7.94
CA GLN C 794 19.56 63.97 -7.65
C GLN C 794 20.63 64.13 -8.72
N LEU C 795 20.72 63.22 -9.69
CA LEU C 795 21.77 63.26 -10.71
C LEU C 795 21.38 64.26 -11.80
N ASP C 796 21.42 65.53 -11.44
CA ASP C 796 21.09 66.64 -12.32
C ASP C 796 22.36 67.30 -12.83
N ALA C 797 22.21 68.40 -13.57
CA ALA C 797 23.37 69.05 -14.19
C ALA C 797 24.37 69.54 -13.15
N ASP C 798 23.87 70.18 -12.09
CA ASP C 798 24.77 70.68 -11.05
C ASP C 798 25.55 69.55 -10.40
N TYR C 799 24.93 68.37 -10.27
CA TYR C 799 25.65 67.22 -9.71
C TYR C 799 26.84 66.84 -10.59
N TRP C 800 26.64 66.82 -11.91
CA TRP C 800 27.74 66.45 -12.80
C TRP C 800 28.82 67.53 -12.81
N TYR C 801 28.43 68.81 -12.75
CA TYR C 801 29.43 69.86 -12.63
C TYR C 801 30.22 69.72 -11.34
N THR C 802 29.54 69.38 -10.24
CA THR C 802 30.23 69.17 -8.98
C THR C 802 31.17 67.97 -9.07
N ASN C 803 30.74 66.91 -9.75
CA ASN C 803 31.60 65.75 -9.94
C ASN C 803 32.87 66.12 -10.69
N LEU C 804 32.73 66.95 -11.73
CA LEU C 804 33.90 67.42 -12.44
C LEU C 804 34.70 68.47 -11.66
N ARG C 805 34.12 69.06 -10.61
CA ARG C 805 34.74 70.16 -9.88
C ARG C 805 35.39 69.71 -8.58
N HIS C 806 34.65 69.08 -7.69
CA HIS C 806 35.15 68.78 -6.36
C HIS C 806 35.99 67.51 -6.37
N THR C 807 36.70 67.30 -5.26
CA THR C 807 37.57 66.14 -5.11
C THR C 807 36.75 64.85 -5.17
N VAL C 808 37.33 63.83 -5.79
CA VAL C 808 36.72 62.50 -5.88
C VAL C 808 37.30 61.70 -4.73
N ARG C 809 36.64 61.76 -3.57
CA ARG C 809 37.09 61.03 -2.39
C ARG C 809 36.61 59.58 -2.51
N PHE C 810 37.36 58.82 -3.31
CA PHE C 810 37.05 57.42 -3.54
C PHE C 810 37.31 56.58 -2.30
N GLU C 811 38.31 56.94 -1.50
CA GLU C 811 38.65 56.15 -0.32
C GLU C 811 37.52 56.13 0.69
N GLU C 812 36.89 57.28 0.92
CA GLU C 812 35.76 57.35 1.86
C GLU C 812 34.59 56.49 1.38
N THR C 813 34.30 56.56 0.07
CA THR C 813 33.21 55.75 -0.46
C THR C 813 33.51 54.26 -0.34
N THR C 814 34.77 53.87 -0.58
CA THR C 814 35.13 52.47 -0.41
C THR C 814 34.97 52.04 1.04
N ARG C 815 35.36 52.91 1.98
CA ARG C 815 35.17 52.59 3.39
C ARG C 815 33.69 52.41 3.71
N ALA C 816 32.84 53.29 3.17
CA ALA C 816 31.41 53.16 3.39
C ALA C 816 30.87 51.85 2.81
N LEU C 817 31.33 51.49 1.61
CA LEU C 817 30.88 50.24 0.99
C LEU C 817 31.31 49.03 1.81
N LEU C 818 32.55 49.04 2.30
CA LEU C 818 33.01 47.94 3.14
C LEU C 818 32.22 47.86 4.43
N GLY C 819 31.86 49.02 5.01
CA GLY C 819 31.05 49.03 6.20
C GLY C 819 29.65 48.48 6.01
N SER C 820 29.13 48.53 4.78
CA SER C 820 27.78 48.08 4.48
C SER C 820 27.71 46.61 4.09
N GLY C 821 28.81 45.87 4.11
CA GLY C 821 28.81 44.45 3.89
C GLY C 821 29.23 43.99 2.51
N HIS C 822 29.50 44.91 1.58
CA HIS C 822 29.99 44.51 0.27
C HIS C 822 31.38 43.93 0.38
N ARG C 823 31.62 42.82 -0.33
CA ARG C 823 32.88 42.08 -0.25
C ARG C 823 33.55 41.88 -1.60
N HIS C 824 32.77 41.67 -2.66
CA HIS C 824 33.31 41.40 -3.99
C HIS C 824 33.30 42.68 -4.80
N PHE C 825 34.48 43.10 -5.24
CA PHE C 825 34.65 44.27 -6.09
C PHE C 825 35.09 43.83 -7.47
N ILE C 826 34.31 44.16 -8.49
CA ILE C 826 34.61 43.83 -9.87
C ILE C 826 34.88 45.13 -10.61
N GLU C 827 36.07 45.24 -11.19
CA GLU C 827 36.51 46.44 -11.90
C GLU C 827 36.29 46.20 -13.39
N THR C 828 35.23 46.78 -13.93
CA THR C 828 34.82 46.55 -15.31
C THR C 828 35.52 47.58 -16.20
N THR C 829 36.76 47.28 -16.57
CA THR C 829 37.55 48.16 -17.43
C THR C 829 38.46 47.33 -18.31
N ALA C 830 38.97 47.96 -19.37
CA ALA C 830 39.92 47.30 -20.24
C ALA C 830 41.23 46.98 -19.54
N HIS C 831 41.55 47.68 -18.44
CA HIS C 831 42.75 47.43 -17.67
C HIS C 831 42.46 47.81 -16.23
N PRO C 832 42.98 47.08 -15.23
CA PRO C 832 42.76 47.50 -13.84
C PRO C 832 43.57 48.74 -13.51
N VAL C 833 42.92 49.69 -12.84
CA VAL C 833 43.53 50.95 -12.45
C VAL C 833 43.40 51.14 -10.94
N LEU C 834 42.18 51.03 -10.44
CA LEU C 834 41.90 51.23 -9.02
C LEU C 834 42.06 49.96 -8.20
N ALA C 835 42.50 48.86 -8.80
CA ALA C 835 42.64 47.61 -8.06
C ALA C 835 43.66 47.75 -6.94
N LEU C 836 44.78 48.41 -7.21
CA LEU C 836 45.80 48.60 -6.18
C LEU C 836 45.27 49.44 -5.02
N ALA C 837 44.56 50.53 -5.34
CA ALA C 837 44.00 51.38 -4.29
C ALA C 837 42.96 50.63 -3.47
N LEU C 838 42.09 49.87 -4.14
CA LEU C 838 41.09 49.10 -3.42
C LEU C 838 41.73 48.06 -2.51
N GLU C 839 42.77 47.38 -3.01
CA GLU C 839 43.45 46.38 -2.20
C GLU C 839 44.11 47.02 -0.99
N GLU C 840 44.76 48.18 -1.17
CA GLU C 840 45.40 48.85 -0.05
C GLU C 840 44.37 49.31 0.97
N THR C 841 43.24 49.85 0.51
CA THR C 841 42.20 50.29 1.43
C THR C 841 41.62 49.11 2.20
N ILE C 842 41.40 47.99 1.51
CA ILE C 842 40.85 46.81 2.18
C ILE C 842 41.84 46.28 3.22
N GLU C 843 43.13 46.27 2.88
CA GLU C 843 44.13 45.84 3.84
C GLU C 843 44.18 46.75 5.05
N ALA C 844 44.06 48.06 4.82
CA ALA C 844 44.05 49.01 5.93
C ALA C 844 42.83 48.79 6.82
N THR C 845 41.66 48.56 6.22
CA THR C 845 40.46 48.32 7.01
C THR C 845 40.46 46.95 7.67
N GLY C 846 41.34 46.05 7.25
CA GLY C 846 41.39 44.73 7.85
C GLY C 846 40.16 43.88 7.57
N SER C 847 39.58 44.02 6.38
CA SER C 847 38.43 43.24 5.96
C SER C 847 38.92 42.05 5.13
N ASP C 848 37.98 41.33 4.52
CA ASP C 848 38.28 40.15 3.69
C ASP C 848 37.78 40.33 2.26
N ALA C 849 37.55 41.57 1.83
CA ALA C 849 37.08 41.80 0.47
C ALA C 849 38.16 41.44 -0.54
N ARG C 850 37.72 41.19 -1.78
CA ARG C 850 38.60 40.80 -2.86
C ARG C 850 38.27 41.62 -4.10
N VAL C 851 39.28 41.85 -4.94
CA VAL C 851 39.17 42.70 -6.11
C VAL C 851 39.58 41.91 -7.35
N THR C 852 38.82 42.08 -8.42
CA THR C 852 39.10 41.42 -9.69
C THR C 852 38.91 42.40 -10.83
N GLY C 853 39.64 42.17 -11.92
CA GLY C 853 39.54 42.98 -13.12
C GLY C 853 39.09 42.14 -14.29
N THR C 854 38.51 42.81 -15.29
CA THR C 854 37.95 42.10 -16.43
C THR C 854 39.02 41.76 -17.46
N LEU C 855 39.66 42.78 -18.03
CA LEU C 855 40.65 42.62 -19.09
C LEU C 855 41.99 43.16 -18.62
N ARG C 856 42.95 43.15 -19.53
CA ARG C 856 44.30 43.60 -19.25
C ARG C 856 44.89 44.20 -20.51
N ARG C 857 46.04 44.86 -20.36
CA ARG C 857 46.72 45.45 -21.51
C ARG C 857 47.16 44.36 -22.47
N ASP C 858 46.75 44.49 -23.73
CA ASP C 858 47.10 43.53 -24.78
C ASP C 858 46.56 42.13 -24.47
N HIS C 859 45.45 42.05 -23.76
CA HIS C 859 44.81 40.77 -23.41
C HIS C 859 43.30 40.91 -23.56
N GLY C 860 42.85 41.50 -24.66
CA GLY C 860 41.43 41.68 -24.88
C GLY C 860 40.69 40.48 -25.41
N ASP C 861 41.38 39.36 -25.64
CA ASP C 861 40.73 38.20 -26.24
C ASP C 861 39.75 37.57 -25.24
N LEU C 862 38.92 36.65 -25.77
CA LEU C 862 37.93 35.98 -24.95
C LEU C 862 38.56 35.12 -23.86
N THR C 863 39.80 34.67 -24.07
CA THR C 863 40.48 33.89 -23.04
C THR C 863 40.64 34.69 -21.76
N GLN C 864 40.97 35.98 -21.89
CA GLN C 864 41.09 36.81 -20.70
C GLN C 864 39.75 37.01 -20.02
N LEU C 865 38.66 37.11 -20.80
CA LEU C 865 37.34 37.22 -20.20
C LEU C 865 36.98 35.98 -19.41
N HIS C 866 37.26 34.80 -19.98
CA HIS C 866 37.01 33.57 -19.23
C HIS C 866 37.90 33.46 -18.01
N THR C 867 39.14 33.96 -18.11
CA THR C 867 40.01 34.00 -16.95
C THR C 867 39.43 34.89 -15.85
N ALA C 868 38.88 36.03 -16.23
CA ALA C 868 38.27 36.93 -15.25
C ALA C 868 37.06 36.28 -14.61
N LEU C 869 36.22 35.61 -15.41
CA LEU C 869 35.06 34.91 -14.86
C LEU C 869 35.49 33.81 -13.90
N ALA C 870 36.52 33.05 -14.27
CA ALA C 870 37.02 31.99 -13.40
C ALA C 870 37.57 32.57 -12.09
N THR C 871 38.30 33.68 -12.18
CA THR C 871 38.82 34.32 -10.97
C THR C 871 37.69 34.80 -10.08
N ALA C 872 36.65 35.38 -10.67
CA ALA C 872 35.50 35.83 -9.90
C ALA C 872 34.81 34.65 -9.22
N TRP C 873 34.65 33.54 -9.95
CA TRP C 873 34.02 32.36 -9.37
C TRP C 873 34.88 31.79 -8.23
N THR C 874 36.20 31.84 -8.39
CA THR C 874 37.09 31.34 -7.35
C THR C 874 36.93 32.13 -6.05
N HIS C 875 36.54 33.40 -6.15
CA HIS C 875 36.32 34.24 -4.98
C HIS C 875 34.91 34.08 -4.40
N GLY C 876 34.09 33.16 -4.91
CA GLY C 876 32.80 32.87 -4.36
C GLY C 876 31.62 33.52 -5.07
N ILE C 877 31.86 34.24 -6.16
CA ILE C 877 30.78 34.88 -6.90
C ILE C 877 30.12 33.83 -7.78
N ASP C 878 28.81 33.63 -7.60
CA ASP C 878 28.08 32.68 -8.43
C ASP C 878 28.05 33.18 -9.87
N VAL C 879 28.24 32.26 -10.81
CA VAL C 879 28.33 32.57 -12.23
C VAL C 879 27.40 31.64 -12.99
N ASP C 880 26.69 32.18 -13.98
CA ASP C 880 25.79 31.39 -14.82
C ASP C 880 26.64 30.70 -15.89
N TRP C 881 27.22 29.56 -15.52
CA TRP C 881 28.13 28.86 -16.40
C TRP C 881 27.41 28.26 -17.61
N THR C 882 26.09 28.10 -17.55
CA THR C 882 25.36 27.63 -18.73
C THR C 882 25.46 28.64 -19.86
N ALA C 883 25.48 29.93 -19.53
CA ALA C 883 25.64 30.95 -20.56
C ALA C 883 27.00 30.87 -21.24
N VAL C 884 28.04 30.51 -20.48
CA VAL C 884 29.39 30.45 -21.05
C VAL C 884 29.59 29.17 -21.85
N LEU C 885 29.26 28.03 -21.25
CA LEU C 885 29.57 26.72 -21.83
C LEU C 885 28.38 26.10 -22.55
N GLY C 886 27.32 26.84 -22.77
CA GLY C 886 26.15 26.31 -23.44
C GLY C 886 25.17 25.66 -22.48
N ASP C 887 23.93 25.52 -22.93
CA ASP C 887 22.88 24.99 -22.07
C ASP C 887 23.11 23.52 -21.75
N ARG C 888 23.52 22.72 -22.73
CA ARG C 888 23.71 21.30 -22.53
C ARG C 888 24.69 20.77 -23.57
N ARG C 889 25.46 19.76 -23.16
CA ARG C 889 26.41 19.09 -24.03
C ARG C 889 26.34 17.60 -23.74
N THR C 890 27.20 16.84 -24.40
CA THR C 890 27.25 15.40 -24.17
C THR C 890 27.70 15.13 -22.73
N PRO C 891 27.08 14.19 -22.02
CA PRO C 891 27.55 13.89 -20.66
C PRO C 891 28.98 13.34 -20.68
N PHE C 892 29.72 13.68 -19.62
CA PHE C 892 31.07 13.19 -19.40
C PHE C 892 31.17 12.68 -17.97
N GLU C 893 31.66 11.46 -17.81
CA GLU C 893 31.80 10.85 -16.50
C GLU C 893 33.14 11.26 -15.89
N LEU C 894 33.10 11.79 -14.67
CA LEU C 894 34.26 12.27 -13.95
C LEU C 894 34.41 11.52 -12.64
N PRO C 895 35.58 11.57 -12.01
CA PRO C 895 35.73 10.91 -10.71
C PRO C 895 34.84 11.56 -9.66
N THR C 896 34.40 10.75 -8.71
CA THR C 896 33.59 11.25 -7.61
C THR C 896 34.44 12.11 -6.69
N TYR C 897 33.81 12.65 -5.64
CA TYR C 897 34.53 13.50 -4.71
C TYR C 897 35.63 12.71 -4.00
N ALA C 898 36.76 13.36 -3.77
CA ALA C 898 37.92 12.73 -3.13
C ALA C 898 37.75 12.88 -1.63
N PHE C 899 37.02 11.95 -1.02
CA PHE C 899 36.77 12.01 0.41
C PHE C 899 38.06 11.83 1.20
N GLN C 900 38.24 12.67 2.22
CA GLN C 900 39.37 12.56 3.15
C GLN C 900 38.85 11.83 4.38
N ARG C 901 38.98 10.51 4.36
CA ARG C 901 38.36 9.68 5.38
C ARG C 901 39.23 9.58 6.62
N GLN C 902 38.59 9.32 7.75
CA GLN C 902 39.26 9.03 9.01
C GLN C 902 38.53 7.88 9.70
N ARG C 903 39.29 7.07 10.42
CA ARG C 903 38.73 5.88 11.04
C ARG C 903 37.96 6.25 12.30
N TYR C 904 36.69 5.85 12.35
CA TYR C 904 35.84 5.99 13.53
C TYR C 904 35.27 4.62 13.86
N TRP C 905 35.52 4.15 15.08
CA TRP C 905 35.07 2.82 15.47
C TRP C 905 35.00 2.74 16.98
N LEU C 906 33.87 2.27 17.51
CA LEU C 906 33.73 2.11 18.95
C LEU C 906 34.62 0.98 19.45
N GLU C 907 35.17 1.16 20.65
CA GLU C 907 36.00 0.16 21.30
C GLU C 907 35.23 -0.50 22.43
N GLU D 3 -22.12 -5.15 -18.68
CA GLU D 3 -21.76 -6.51 -19.06
C GLU D 3 -22.68 -7.01 -20.17
N VAL D 4 -22.21 -6.93 -21.41
CA VAL D 4 -23.02 -7.29 -22.57
C VAL D 4 -23.19 -8.81 -22.61
N GLN D 5 -24.41 -9.25 -22.89
CA GLN D 5 -24.72 -10.66 -23.03
C GLN D 5 -25.79 -10.85 -24.09
N LEU D 6 -25.58 -11.83 -24.96
CA LEU D 6 -26.56 -12.26 -25.95
C LEU D 6 -26.77 -13.76 -25.79
N VAL D 7 -28.03 -14.17 -25.68
CA VAL D 7 -28.40 -15.58 -25.53
C VAL D 7 -29.37 -15.93 -26.65
N GLN D 8 -29.05 -17.01 -27.36
CA GLN D 8 -29.83 -17.46 -28.50
C GLN D 8 -30.68 -18.67 -28.12
N SER D 9 -31.80 -18.83 -28.80
CA SER D 9 -32.69 -19.97 -28.57
C SER D 9 -33.54 -20.18 -29.82
N GLY D 10 -34.16 -21.35 -29.88
CA GLY D 10 -35.05 -21.70 -30.96
C GLY D 10 -34.46 -22.58 -32.04
N GLY D 11 -33.44 -23.37 -31.73
CA GLY D 11 -32.85 -24.27 -32.70
C GLY D 11 -33.64 -25.54 -32.84
N GLY D 12 -32.94 -26.68 -32.91
CA GLY D 12 -33.58 -27.98 -32.95
C GLY D 12 -33.84 -28.47 -34.36
N LEU D 13 -34.23 -29.74 -34.44
CA LEU D 13 -34.47 -30.38 -35.72
C LEU D 13 -35.77 -29.86 -36.34
N VAL D 14 -35.75 -29.71 -37.66
CA VAL D 14 -36.92 -29.31 -38.43
C VAL D 14 -36.85 -30.02 -39.79
N GLN D 15 -38.00 -30.46 -40.29
CA GLN D 15 -38.04 -31.09 -41.60
C GLN D 15 -38.01 -30.03 -42.70
N PRO D 16 -37.58 -30.40 -43.91
CA PRO D 16 -37.48 -29.40 -44.97
C PRO D 16 -38.85 -28.87 -45.37
N GLY D 17 -38.85 -27.67 -45.95
CA GLY D 17 -40.08 -27.03 -46.36
C GLY D 17 -40.99 -26.66 -45.20
N ARG D 18 -40.43 -26.08 -44.14
CA ARG D 18 -41.20 -25.69 -42.97
C ARG D 18 -40.54 -24.45 -42.36
N SER D 19 -41.28 -23.77 -41.51
CA SER D 19 -40.83 -22.52 -40.91
C SER D 19 -40.18 -22.77 -39.55
N LEU D 20 -39.37 -21.79 -39.12
CA LEU D 20 -38.73 -21.84 -37.82
C LEU D 20 -38.43 -20.40 -37.38
N ARG D 21 -38.23 -20.23 -36.08
CA ARG D 21 -37.96 -18.93 -35.48
C ARG D 21 -36.78 -19.06 -34.53
N LEU D 22 -35.81 -18.16 -34.68
CA LEU D 22 -34.68 -18.04 -33.77
C LEU D 22 -34.79 -16.73 -33.01
N SER D 23 -34.65 -16.81 -31.68
CA SER D 23 -34.72 -15.64 -30.82
C SER D 23 -33.34 -15.35 -30.25
N CYS D 24 -33.01 -14.06 -30.14
CA CYS D 24 -31.74 -13.58 -29.59
C CYS D 24 -32.07 -12.52 -28.56
N THR D 25 -31.96 -12.87 -27.28
CA THR D 25 -32.23 -11.94 -26.19
C THR D 25 -30.94 -11.28 -25.74
N ALA D 26 -30.96 -9.95 -25.67
CA ALA D 26 -29.80 -9.14 -25.35
C ALA D 26 -29.99 -8.45 -24.00
N SER D 27 -28.90 -8.35 -23.25
CA SER D 27 -28.93 -7.69 -21.95
C SER D 27 -27.59 -7.01 -21.70
N GLY D 28 -27.63 -5.97 -20.88
CA GLY D 28 -26.43 -5.25 -20.49
C GLY D 28 -26.07 -4.06 -21.35
N PHE D 29 -26.94 -3.65 -22.27
CA PHE D 29 -26.68 -2.47 -23.10
C PHE D 29 -27.98 -2.00 -23.72
N THR D 30 -27.94 -0.80 -24.28
CA THR D 30 -29.09 -0.22 -24.96
C THR D 30 -29.31 -0.97 -26.27
N PHE D 31 -30.32 -1.84 -26.29
CA PHE D 31 -30.57 -2.65 -27.48
C PHE D 31 -31.01 -1.79 -28.65
N GLY D 32 -31.79 -0.73 -28.39
CA GLY D 32 -32.33 0.06 -29.47
C GLY D 32 -31.27 0.76 -30.31
N ASP D 33 -30.16 1.18 -29.68
CA ASP D 33 -29.14 1.92 -30.40
C ASP D 33 -28.48 1.07 -31.47
N TYR D 34 -28.20 -0.19 -31.16
CA TYR D 34 -27.40 -1.03 -32.05
C TYR D 34 -28.27 -1.63 -33.15
N ALA D 35 -27.60 -2.01 -34.24
CA ALA D 35 -28.22 -2.73 -35.35
C ALA D 35 -27.79 -4.20 -35.24
N MET D 36 -28.77 -5.10 -35.20
CA MET D 36 -28.48 -6.51 -34.95
C MET D 36 -28.25 -7.22 -36.28
N SER D 37 -27.56 -8.36 -36.21
CA SER D 37 -27.24 -9.10 -37.42
C SER D 37 -27.22 -10.60 -37.13
N TRP D 38 -27.41 -11.38 -38.19
CA TRP D 38 -27.39 -12.83 -38.14
C TRP D 38 -26.39 -13.33 -39.17
N VAL D 39 -25.51 -14.23 -38.74
CA VAL D 39 -24.45 -14.80 -39.57
C VAL D 39 -24.41 -16.29 -39.33
N ARG D 40 -24.48 -17.10 -40.39
CA ARG D 40 -24.52 -18.54 -40.28
C ARG D 40 -23.21 -19.16 -40.75
N GLN D 41 -22.91 -20.34 -40.23
CA GLN D 41 -21.74 -21.12 -40.59
C GLN D 41 -22.16 -22.56 -40.80
N ALA D 42 -22.02 -23.04 -42.04
CA ALA D 42 -22.30 -24.43 -42.32
C ALA D 42 -21.20 -25.31 -41.71
N PRO D 43 -21.46 -26.60 -41.52
CA PRO D 43 -20.43 -27.47 -40.92
C PRO D 43 -19.18 -27.55 -41.79
N GLY D 44 -18.06 -27.09 -41.23
CA GLY D 44 -16.78 -27.09 -41.91
C GLY D 44 -16.49 -25.85 -42.72
N LYS D 45 -17.50 -25.29 -43.37
CA LYS D 45 -17.31 -24.11 -44.20
C LYS D 45 -17.17 -22.86 -43.34
N GLY D 46 -16.75 -21.76 -43.97
CA GLY D 46 -16.56 -20.51 -43.29
C GLY D 46 -17.88 -19.79 -43.02
N LEU D 47 -17.77 -18.66 -42.34
CA LEU D 47 -18.94 -17.87 -41.99
C LEU D 47 -19.58 -17.29 -43.24
N GLU D 48 -20.91 -17.15 -43.19
CA GLU D 48 -21.68 -16.56 -44.28
C GLU D 48 -22.70 -15.61 -43.66
N TRP D 49 -22.65 -14.35 -44.04
CA TRP D 49 -23.53 -13.35 -43.47
C TRP D 49 -24.95 -13.55 -43.97
N VAL D 50 -25.89 -13.79 -43.04
CA VAL D 50 -27.27 -14.04 -43.42
C VAL D 50 -28.02 -12.73 -43.64
N GLY D 51 -27.97 -11.83 -42.66
CA GLY D 51 -28.71 -10.59 -42.82
C GLY D 51 -28.51 -9.68 -41.63
N PHE D 52 -29.17 -8.53 -41.68
CA PHE D 52 -29.14 -7.63 -40.53
C PHE D 52 -30.33 -6.68 -40.55
N ILE D 53 -30.59 -6.11 -39.38
CA ILE D 53 -31.66 -5.14 -39.15
C ILE D 53 -31.06 -3.91 -38.48
N ARG D 54 -31.40 -2.73 -39.00
CA ARG D 54 -30.93 -1.48 -38.46
C ARG D 54 -31.62 -1.17 -37.13
N SER D 55 -31.11 -0.17 -36.45
CA SER D 55 -31.78 0.33 -35.26
C SER D 55 -33.07 1.06 -35.65
N LYS D 56 -33.98 1.18 -34.68
CA LYS D 56 -35.25 1.85 -34.95
C LYS D 56 -35.05 3.32 -35.28
N ALA D 57 -33.97 3.93 -34.78
CA ALA D 57 -33.71 5.33 -35.07
C ALA D 57 -33.50 5.55 -36.57
N TYR D 58 -32.75 4.68 -37.22
CA TYR D 58 -32.54 4.79 -38.66
C TYR D 58 -33.79 4.39 -39.46
N GLY D 59 -34.74 3.70 -38.83
CA GLY D 59 -35.95 3.26 -39.50
C GLY D 59 -36.32 1.83 -39.17
N GLY D 60 -35.34 1.03 -38.78
CA GLY D 60 -35.57 -0.36 -38.47
C GLY D 60 -35.68 -1.28 -39.67
N THR D 61 -35.28 -0.80 -40.85
CA THR D 61 -35.37 -1.64 -42.04
C THR D 61 -34.36 -2.79 -41.95
N THR D 62 -34.41 -3.67 -42.95
CA THR D 62 -33.64 -4.91 -42.94
C THR D 62 -32.97 -5.10 -44.30
N GLU D 63 -31.91 -5.90 -44.29
CA GLU D 63 -31.26 -6.35 -45.51
C GLU D 63 -30.86 -7.80 -45.34
N TYR D 64 -30.85 -8.54 -46.46
CA TYR D 64 -30.59 -9.97 -46.45
C TYR D 64 -29.66 -10.31 -47.60
N ALA D 65 -28.98 -11.45 -47.46
CA ALA D 65 -28.15 -11.96 -48.54
C ALA D 65 -29.03 -12.49 -49.67
N ALA D 66 -28.42 -12.63 -50.84
CA ALA D 66 -29.16 -13.09 -52.02
C ALA D 66 -29.66 -14.52 -51.83
N SER D 67 -28.85 -15.37 -51.18
CA SER D 67 -29.19 -16.78 -51.05
C SER D 67 -30.42 -17.02 -50.18
N VAL D 68 -30.81 -16.05 -49.35
CA VAL D 68 -31.94 -16.21 -48.43
C VAL D 68 -32.91 -15.04 -48.55
N LYS D 69 -32.83 -14.29 -49.64
CA LYS D 69 -33.73 -13.17 -49.83
C LYS D 69 -35.15 -13.68 -50.07
N GLY D 70 -36.11 -13.14 -49.32
CA GLY D 70 -37.50 -13.54 -49.42
C GLY D 70 -37.87 -14.71 -48.52
N ARG D 71 -37.02 -15.74 -48.49
CA ARG D 71 -37.30 -16.89 -47.63
C ARG D 71 -37.16 -16.54 -46.16
N PHE D 72 -36.20 -15.68 -45.83
CA PHE D 72 -35.90 -15.29 -44.46
C PHE D 72 -36.45 -13.89 -44.18
N THR D 73 -36.65 -13.61 -42.89
CA THR D 73 -37.08 -12.30 -42.45
C THR D 73 -36.48 -12.05 -41.06
N ILE D 74 -36.25 -10.77 -40.75
CA ILE D 74 -35.69 -10.37 -39.47
C ILE D 74 -36.56 -9.27 -38.88
N SER D 75 -36.80 -9.35 -37.57
CA SER D 75 -37.55 -8.35 -36.84
C SER D 75 -36.89 -8.15 -35.48
N ARG D 76 -37.37 -7.14 -34.75
CA ARG D 76 -36.81 -6.85 -33.42
C ARG D 76 -37.88 -6.25 -32.54
N ASP D 77 -38.02 -6.81 -31.34
CA ASP D 77 -38.87 -6.26 -30.29
C ASP D 77 -37.99 -5.44 -29.35
N ASP D 78 -38.08 -4.12 -29.46
CA ASP D 78 -37.30 -3.24 -28.60
C ASP D 78 -37.85 -3.15 -27.20
N SER D 79 -39.13 -3.47 -26.99
CA SER D 79 -39.71 -3.39 -25.65
C SER D 79 -39.03 -4.38 -24.71
N LYS D 80 -38.88 -5.63 -25.16
CA LYS D 80 -38.18 -6.66 -24.39
C LYS D 80 -36.75 -6.90 -24.89
N SER D 81 -36.33 -6.22 -25.95
CA SER D 81 -34.96 -6.31 -26.45
C SER D 81 -34.62 -7.73 -26.91
N ILE D 82 -35.34 -8.18 -27.93
CA ILE D 82 -35.05 -9.45 -28.60
C ILE D 82 -35.02 -9.22 -30.10
N ALA D 83 -34.15 -9.97 -30.77
CA ALA D 83 -34.07 -10.01 -32.24
C ALA D 83 -34.56 -11.36 -32.72
N TYR D 84 -35.48 -11.35 -33.68
CA TYR D 84 -36.13 -12.55 -34.19
C TYR D 84 -35.72 -12.78 -35.64
N LEU D 85 -35.30 -14.00 -35.95
CA LEU D 85 -35.01 -14.44 -37.31
C LEU D 85 -36.05 -15.50 -37.67
N GLN D 86 -36.98 -15.13 -38.55
CA GLN D 86 -38.04 -16.02 -39.01
C GLN D 86 -37.62 -16.60 -40.36
N MET D 87 -37.31 -17.90 -40.36
CA MET D 87 -36.98 -18.64 -41.57
C MET D 87 -38.22 -19.34 -42.09
N ASN D 88 -38.42 -19.30 -43.40
CA ASN D 88 -39.55 -19.94 -44.06
C ASN D 88 -39.04 -20.75 -45.24
N SER D 89 -39.57 -21.98 -45.37
CA SER D 89 -39.17 -22.89 -46.44
C SER D 89 -37.68 -23.19 -46.39
N LEU D 90 -37.27 -23.83 -45.29
CA LEU D 90 -35.88 -24.23 -45.14
C LEU D 90 -35.50 -25.24 -46.22
N LYS D 91 -34.27 -25.10 -46.73
CA LYS D 91 -33.68 -26.04 -47.68
C LYS D 91 -32.56 -26.80 -46.99
N THR D 92 -32.14 -27.90 -47.64
CA THR D 92 -31.10 -28.74 -47.05
C THR D 92 -29.79 -27.99 -46.85
N GLU D 93 -29.55 -26.96 -47.67
CA GLU D 93 -28.33 -26.16 -47.53
C GLU D 93 -28.34 -25.28 -46.29
N ASP D 94 -29.48 -25.11 -45.62
CA ASP D 94 -29.58 -24.21 -44.48
C ASP D 94 -29.10 -24.83 -43.18
N THR D 95 -28.70 -26.11 -43.16
CA THR D 95 -28.15 -26.70 -41.96
C THR D 95 -26.86 -25.97 -41.59
N ALA D 96 -26.84 -25.38 -40.40
CA ALA D 96 -25.71 -24.54 -40.01
C ALA D 96 -25.89 -24.11 -38.56
N VAL D 97 -24.82 -23.52 -38.01
CA VAL D 97 -24.87 -22.85 -36.72
C VAL D 97 -25.07 -21.36 -36.99
N TYR D 98 -26.14 -20.80 -36.45
CA TYR D 98 -26.50 -19.41 -36.65
C TYR D 98 -26.08 -18.60 -35.43
N TYR D 99 -25.43 -17.47 -35.68
CA TYR D 99 -24.90 -16.59 -34.64
C TYR D 99 -25.62 -15.25 -34.73
N CYS D 100 -26.06 -14.75 -33.58
CA CYS D 100 -26.61 -13.42 -33.44
C CYS D 100 -25.52 -12.47 -32.96
N THR D 101 -25.35 -11.36 -33.67
CA THR D 101 -24.23 -10.46 -33.45
C THR D 101 -24.74 -9.02 -33.36
N ARG D 102 -23.97 -8.20 -32.65
CA ARG D 102 -24.28 -6.79 -32.44
C ARG D 102 -23.48 -5.97 -33.44
N GLY D 103 -24.20 -5.17 -34.23
CA GLY D 103 -23.57 -4.30 -35.22
C GLY D 103 -23.84 -4.73 -36.65
N GLY D 104 -24.25 -3.77 -37.49
CA GLY D 104 -24.56 -4.08 -38.86
C GLY D 104 -23.35 -4.29 -39.74
N THR D 105 -22.21 -3.69 -39.38
CA THR D 105 -20.97 -3.84 -40.14
C THR D 105 -19.75 -4.12 -39.27
N LEU D 106 -19.88 -4.10 -37.95
CA LEU D 106 -18.80 -4.43 -37.02
C LEU D 106 -19.37 -5.37 -35.97
N PHE D 107 -19.09 -6.66 -36.12
CA PHE D 107 -19.66 -7.69 -35.25
C PHE D 107 -18.81 -7.81 -33.99
N ASP D 108 -18.91 -6.77 -33.15
CA ASP D 108 -18.05 -6.68 -31.98
C ASP D 108 -18.39 -7.74 -30.94
N TYR D 109 -19.66 -8.11 -30.81
CA TYR D 109 -20.10 -9.12 -29.85
C TYR D 109 -20.95 -10.17 -30.57
N TRP D 110 -20.77 -11.42 -30.17
CA TRP D 110 -21.40 -12.57 -30.81
C TRP D 110 -22.11 -13.42 -29.75
N GLY D 111 -23.21 -14.03 -30.15
CA GLY D 111 -23.88 -14.99 -29.30
C GLY D 111 -23.16 -16.31 -29.27
N GLN D 112 -23.67 -17.23 -28.45
CA GLN D 112 -23.04 -18.54 -28.31
C GLN D 112 -23.35 -19.47 -29.48
N GLY D 113 -24.27 -19.09 -30.37
CA GLY D 113 -24.60 -19.90 -31.53
C GLY D 113 -25.73 -20.86 -31.26
N THR D 114 -26.47 -21.19 -32.32
CA THR D 114 -27.57 -22.13 -32.26
C THR D 114 -27.51 -23.03 -33.49
N LEU D 115 -27.44 -24.33 -33.27
CA LEU D 115 -27.32 -25.29 -34.36
C LEU D 115 -28.71 -25.62 -34.88
N VAL D 116 -29.01 -25.19 -36.11
CA VAL D 116 -30.25 -25.52 -36.80
C VAL D 116 -29.90 -26.51 -37.89
N THR D 117 -30.43 -27.73 -37.77
CA THR D 117 -30.23 -28.78 -38.75
C THR D 117 -31.56 -29.12 -39.42
N VAL D 118 -31.54 -29.25 -40.73
CA VAL D 118 -32.73 -29.52 -41.54
C VAL D 118 -32.41 -30.68 -42.48
N SER D 119 -33.25 -31.71 -42.43
CA SER D 119 -33.11 -32.88 -43.29
C SER D 119 -34.37 -33.71 -43.16
N SER D 120 -34.72 -34.39 -44.25
CA SER D 120 -35.93 -35.21 -44.29
C SER D 120 -35.76 -36.57 -43.63
N ALA D 121 -34.53 -36.97 -43.29
CA ALA D 121 -34.29 -38.28 -42.72
C ALA D 121 -34.94 -38.41 -41.36
N SER D 122 -35.49 -39.60 -41.09
CA SER D 122 -36.11 -39.91 -39.81
C SER D 122 -35.09 -40.54 -38.87
N THR D 123 -35.50 -40.73 -37.62
CA THR D 123 -34.62 -41.33 -36.63
C THR D 123 -34.31 -42.78 -37.00
N LYS D 124 -33.03 -43.12 -36.95
CA LYS D 124 -32.54 -44.46 -37.24
C LYS D 124 -31.68 -44.94 -36.06
N GLY D 125 -31.04 -46.09 -36.24
CA GLY D 125 -30.09 -46.61 -35.28
C GLY D 125 -28.79 -46.99 -35.97
N PRO D 126 -27.68 -47.01 -35.22
CA PRO D 126 -26.38 -47.21 -35.87
C PRO D 126 -26.14 -48.66 -36.21
N SER D 127 -25.87 -48.94 -37.49
CA SER D 127 -25.43 -50.24 -37.94
C SER D 127 -23.91 -50.28 -37.82
N VAL D 128 -23.41 -51.10 -36.91
CA VAL D 128 -21.98 -51.21 -36.65
C VAL D 128 -21.41 -52.34 -37.49
N PHE D 129 -20.18 -52.16 -37.95
CA PHE D 129 -19.46 -53.19 -38.70
C PHE D 129 -18.02 -53.19 -38.24
N PRO D 130 -17.32 -54.33 -38.34
CA PRO D 130 -15.92 -54.37 -37.91
C PRO D 130 -14.96 -53.99 -39.03
N LEU D 131 -13.67 -53.87 -38.71
CA LEU D 131 -12.64 -53.68 -39.71
C LEU D 131 -11.49 -54.61 -39.37
N ALA D 132 -11.18 -55.53 -40.28
CA ALA D 132 -10.17 -56.54 -39.99
C ALA D 132 -8.80 -55.89 -39.85
N PRO D 133 -8.00 -56.27 -38.85
CA PRO D 133 -6.63 -55.74 -38.80
C PRO D 133 -5.81 -56.21 -39.99
N SER D 134 -4.87 -55.36 -40.41
CA SER D 134 -3.99 -55.72 -41.51
C SER D 134 -3.07 -56.86 -41.11
N SER D 135 -2.65 -57.65 -42.09
CA SER D 135 -1.77 -58.79 -41.86
C SER D 135 -0.95 -59.10 -43.10
N THR D 142 2.36 -51.42 -35.25
CA THR D 142 1.87 -51.22 -36.60
C THR D 142 0.70 -52.15 -36.87
N ALA D 143 -0.42 -51.91 -36.19
CA ALA D 143 -1.62 -52.74 -36.35
C ALA D 143 -2.83 -51.88 -35.98
N ALA D 144 -3.54 -51.39 -36.98
CA ALA D 144 -4.71 -50.55 -36.79
C ALA D 144 -5.98 -51.37 -36.99
N LEU D 145 -6.98 -51.12 -36.15
CA LEU D 145 -8.25 -51.82 -36.24
C LEU D 145 -9.35 -50.90 -35.73
N GLY D 146 -10.54 -51.04 -36.30
CA GLY D 146 -11.62 -50.13 -35.98
C GLY D 146 -12.98 -50.75 -36.21
N CYS D 147 -14.01 -49.99 -35.85
CA CYS D 147 -15.39 -50.31 -36.18
C CYS D 147 -16.05 -49.10 -36.83
N LEU D 148 -16.80 -49.37 -37.90
CA LEU D 148 -17.45 -48.37 -38.71
C LEU D 148 -18.94 -48.33 -38.37
N VAL D 149 -19.43 -47.15 -38.01
CA VAL D 149 -20.85 -46.93 -37.73
C VAL D 149 -21.47 -46.29 -38.96
N LYS D 150 -22.59 -46.85 -39.41
CA LYS D 150 -23.23 -46.45 -40.65
C LYS D 150 -24.73 -46.34 -40.45
N ASP D 151 -25.36 -45.42 -41.17
CA ASP D 151 -26.81 -45.33 -41.24
C ASP D 151 -27.44 -45.00 -39.88
N TYR D 152 -27.07 -43.84 -39.34
CA TYR D 152 -27.76 -43.24 -38.20
C TYR D 152 -28.01 -41.78 -38.51
N PHE D 153 -29.23 -41.32 -38.25
CA PHE D 153 -29.57 -39.93 -38.53
C PHE D 153 -29.12 -38.95 -37.43
N PRO D 154 -29.51 -39.13 -36.16
CA PRO D 154 -29.27 -38.07 -35.18
C PRO D 154 -27.98 -38.22 -34.39
N GLU D 155 -27.35 -37.08 -34.12
CA GLU D 155 -26.27 -37.00 -33.15
C GLU D 155 -26.85 -36.95 -31.74
N PRO D 156 -26.00 -37.13 -30.70
CA PRO D 156 -24.64 -37.66 -30.70
C PRO D 156 -24.59 -39.18 -30.70
N VAL D 157 -23.46 -39.73 -31.12
CA VAL D 157 -23.14 -41.14 -30.96
C VAL D 157 -21.69 -41.24 -30.53
N THR D 158 -21.40 -42.10 -29.55
CA THR D 158 -20.06 -42.25 -29.01
C THR D 158 -19.63 -43.71 -29.13
N VAL D 159 -18.32 -43.91 -29.23
CA VAL D 159 -17.71 -45.23 -29.35
C VAL D 159 -16.70 -45.37 -28.23
N SER D 160 -16.90 -46.37 -27.38
CA SER D 160 -16.00 -46.66 -26.27
C SER D 160 -15.39 -48.04 -26.50
N TRP D 161 -14.06 -48.11 -26.52
CA TRP D 161 -13.36 -49.35 -26.82
C TRP D 161 -13.07 -50.08 -25.50
N ASN D 162 -13.56 -51.32 -25.41
CA ASN D 162 -13.49 -52.10 -24.18
C ASN D 162 -14.14 -51.34 -23.02
N SER D 163 -15.28 -50.72 -23.30
CA SER D 163 -16.03 -49.96 -22.30
C SER D 163 -15.19 -48.85 -21.69
N GLY D 164 -14.41 -48.17 -22.52
CA GLY D 164 -13.56 -47.08 -22.08
C GLY D 164 -12.23 -47.49 -21.52
N ALA D 165 -11.94 -48.80 -21.44
CA ALA D 165 -10.62 -49.23 -20.98
C ALA D 165 -9.53 -48.76 -21.93
N LEU D 166 -9.78 -48.84 -23.24
CA LEU D 166 -8.82 -48.37 -24.23
C LEU D 166 -9.00 -46.87 -24.44
N THR D 167 -7.92 -46.11 -24.22
CA THR D 167 -7.93 -44.66 -24.42
C THR D 167 -6.77 -44.22 -25.30
N SER D 168 -5.65 -44.94 -25.23
CA SER D 168 -4.47 -44.59 -26.03
C SER D 168 -4.67 -45.06 -27.47
N GLY D 169 -4.41 -44.16 -28.42
CA GLY D 169 -4.50 -44.48 -29.82
C GLY D 169 -5.89 -44.43 -30.41
N VAL D 170 -6.91 -44.14 -29.62
CA VAL D 170 -8.28 -44.10 -30.12
C VAL D 170 -8.50 -42.79 -30.85
N HIS D 171 -9.16 -42.86 -32.00
CA HIS D 171 -9.44 -41.69 -32.85
C HIS D 171 -10.88 -41.81 -33.36
N THR D 172 -11.81 -41.20 -32.64
CA THR D 172 -13.21 -41.14 -33.06
C THR D 172 -13.37 -39.97 -34.01
N PHE D 173 -13.51 -40.25 -35.29
CA PHE D 173 -13.53 -39.21 -36.29
C PHE D 173 -14.87 -38.48 -36.30
N PRO D 174 -14.92 -37.25 -36.83
CA PRO D 174 -16.21 -36.56 -36.92
C PRO D 174 -17.15 -37.25 -37.89
N ALA D 175 -18.45 -37.11 -37.62
CA ALA D 175 -19.45 -37.67 -38.50
C ALA D 175 -19.46 -36.91 -39.83
N VAL D 176 -19.92 -37.60 -40.89
CA VAL D 176 -19.96 -37.05 -42.23
C VAL D 176 -21.30 -37.38 -42.85
N LEU D 177 -21.88 -36.41 -43.57
CA LEU D 177 -23.15 -36.60 -44.26
C LEU D 177 -22.90 -37.26 -45.60
N GLN D 178 -23.65 -38.32 -45.87
CA GLN D 178 -23.65 -38.99 -47.16
C GLN D 178 -24.85 -38.52 -47.99
N SER D 179 -24.83 -38.88 -49.27
CA SER D 179 -25.86 -38.42 -50.20
C SER D 179 -27.26 -38.90 -49.81
N SER D 180 -27.36 -39.98 -49.04
CA SER D 180 -28.66 -40.46 -48.58
C SER D 180 -29.28 -39.56 -47.51
N GLY D 181 -28.54 -38.57 -47.00
CA GLY D 181 -29.04 -37.75 -45.92
C GLY D 181 -28.80 -38.30 -44.54
N LEU D 182 -27.91 -39.29 -44.40
CA LEU D 182 -27.61 -39.95 -43.14
C LEU D 182 -26.16 -39.68 -42.78
N TYR D 183 -25.77 -40.09 -41.57
CA TYR D 183 -24.46 -39.85 -41.02
C TYR D 183 -23.75 -41.17 -40.76
N SER D 184 -22.42 -41.13 -40.81
CA SER D 184 -21.62 -42.34 -40.60
C SER D 184 -20.21 -41.92 -40.17
N LEU D 185 -19.94 -42.02 -38.87
CA LEU D 185 -18.58 -41.85 -38.37
C LEU D 185 -17.86 -43.20 -38.40
N SER D 186 -16.67 -43.25 -37.82
CA SER D 186 -15.90 -44.49 -37.77
C SER D 186 -14.82 -44.34 -36.70
N SER D 187 -14.77 -45.29 -35.77
CA SER D 187 -13.82 -45.27 -34.67
C SER D 187 -12.69 -46.25 -34.98
N VAL D 188 -11.46 -45.85 -34.63
CA VAL D 188 -10.28 -46.65 -34.93
C VAL D 188 -9.29 -46.54 -33.77
N VAL D 189 -8.46 -47.57 -33.64
CA VAL D 189 -7.41 -47.64 -32.62
C VAL D 189 -6.19 -48.25 -33.28
N THR D 190 -5.02 -47.94 -32.72
CA THR D 190 -3.73 -48.50 -33.16
C THR D 190 -3.18 -49.32 -32.00
N VAL D 191 -3.33 -50.64 -32.10
CA VAL D 191 -2.89 -51.55 -31.05
C VAL D 191 -1.41 -51.83 -31.27
N PRO D 192 -0.64 -52.22 -30.24
CA PRO D 192 0.79 -52.42 -30.45
C PRO D 192 1.09 -53.67 -31.26
N SER D 193 0.96 -53.55 -32.57
CA SER D 193 1.26 -54.65 -33.49
C SER D 193 0.36 -55.86 -33.21
N GLN D 199 -5.02 -59.81 -26.70
CA GLN D 199 -6.37 -59.98 -26.16
C GLN D 199 -7.40 -59.33 -27.09
N THR D 200 -8.60 -59.90 -27.12
CA THR D 200 -9.61 -59.47 -28.07
C THR D 200 -10.05 -58.03 -27.79
N TYR D 201 -10.23 -57.26 -28.86
CA TYR D 201 -10.63 -55.86 -28.78
C TYR D 201 -12.10 -55.73 -29.15
N ILE D 202 -12.83 -54.95 -28.36
CA ILE D 202 -14.29 -54.84 -28.44
C ILE D 202 -14.65 -53.37 -28.35
N CYS D 203 -15.58 -52.92 -29.21
CA CYS D 203 -16.04 -51.54 -29.24
C CYS D 203 -17.55 -51.50 -29.01
N ASN D 204 -17.97 -50.62 -28.12
CA ASN D 204 -19.36 -50.38 -27.75
C ASN D 204 -19.81 -49.07 -28.38
N VAL D 205 -20.99 -49.09 -29.00
CA VAL D 205 -21.58 -47.91 -29.62
C VAL D 205 -22.75 -47.46 -28.77
N ASN D 206 -22.65 -46.25 -28.21
CA ASN D 206 -23.72 -45.65 -27.42
C ASN D 206 -24.41 -44.60 -28.29
N HIS D 207 -25.71 -44.82 -28.53
CA HIS D 207 -26.54 -43.96 -29.38
C HIS D 207 -27.79 -43.61 -28.58
N LYS D 208 -27.75 -42.48 -27.89
CA LYS D 208 -28.84 -42.11 -26.99
C LYS D 208 -30.19 -41.94 -27.68
N PRO D 209 -30.32 -41.25 -28.84
CA PRO D 209 -31.67 -41.05 -29.40
C PRO D 209 -32.42 -42.33 -29.70
N SER D 210 -31.73 -43.37 -30.15
CA SER D 210 -32.34 -44.67 -30.44
C SER D 210 -32.21 -45.67 -29.29
N ASN D 211 -31.45 -45.33 -28.24
CA ASN D 211 -31.23 -46.23 -27.11
C ASN D 211 -30.66 -47.57 -27.57
N THR D 212 -29.76 -47.52 -28.55
CA THR D 212 -29.16 -48.69 -29.15
C THR D 212 -27.82 -48.98 -28.49
N LYS D 213 -27.66 -50.19 -27.98
CA LYS D 213 -26.49 -50.61 -27.21
C LYS D 213 -25.65 -51.61 -27.99
N VAL D 214 -25.49 -51.40 -29.30
CA VAL D 214 -24.80 -52.37 -30.15
C VAL D 214 -23.34 -52.47 -29.73
N ASP D 215 -22.82 -53.70 -29.75
CA ASP D 215 -21.44 -54.00 -29.41
C ASP D 215 -20.84 -54.83 -30.53
N LYS D 216 -19.51 -54.78 -30.68
CA LYS D 216 -18.88 -55.65 -31.66
C LYS D 216 -17.41 -55.87 -31.33
N LYS D 217 -16.96 -57.11 -31.49
CA LYS D 217 -15.55 -57.47 -31.41
C LYS D 217 -14.91 -57.31 -32.77
N VAL D 218 -13.63 -56.93 -32.77
CA VAL D 218 -12.84 -56.78 -33.98
C VAL D 218 -11.68 -57.77 -33.93
N GLU D 219 -11.54 -58.57 -34.97
CA GLU D 219 -10.47 -59.56 -35.07
C GLU D 219 -10.27 -59.90 -36.54
N PRO D 220 -9.13 -60.52 -36.90
CA PRO D 220 -8.92 -60.88 -38.31
C PRO D 220 -9.94 -61.89 -38.82
N VAL E 18 -15.44 -5.55 -57.85
CA VAL E 18 -15.67 -5.93 -56.47
C VAL E 18 -14.34 -6.24 -55.79
N VAL E 19 -14.17 -5.78 -54.55
CA VAL E 19 -12.93 -6.00 -53.83
C VAL E 19 -12.82 -7.48 -53.44
N MET E 20 -11.58 -7.89 -53.19
CA MET E 20 -11.31 -9.28 -52.83
C MET E 20 -10.03 -9.27 -51.99
N THR E 21 -10.07 -9.96 -50.85
CA THR E 21 -8.95 -10.06 -49.93
C THR E 21 -8.53 -11.52 -49.79
N GLN E 22 -7.23 -11.74 -49.65
CA GLN E 22 -6.70 -13.09 -49.52
C GLN E 22 -5.49 -13.09 -48.60
N SER E 23 -5.31 -14.21 -47.89
CA SER E 23 -4.30 -14.41 -46.88
C SER E 23 -3.67 -15.79 -47.07
N PRO E 24 -2.57 -16.08 -46.36
CA PRO E 24 -2.04 -17.46 -46.38
C PRO E 24 -3.07 -18.44 -45.86
N LEU E 25 -3.10 -19.62 -46.49
CA LEU E 25 -4.12 -20.61 -46.13
C LEU E 25 -3.86 -21.19 -44.75
N SER E 26 -2.59 -21.43 -44.41
CA SER E 26 -2.23 -21.99 -43.12
C SER E 26 -0.92 -21.37 -42.66
N LEU E 27 -0.68 -21.45 -41.35
CA LEU E 27 0.51 -20.83 -40.76
C LEU E 27 0.85 -21.53 -39.44
N PRO E 28 1.73 -22.53 -39.44
CA PRO E 28 2.12 -23.16 -38.17
C PRO E 28 2.77 -22.17 -37.21
N VAL E 29 2.57 -22.41 -35.92
CA VAL E 29 3.05 -21.54 -34.86
C VAL E 29 3.52 -22.40 -33.70
N THR E 30 4.64 -21.98 -33.07
CA THR E 30 5.13 -22.54 -31.82
C THR E 30 4.83 -21.56 -30.69
N PRO E 31 4.40 -22.03 -29.50
CA PRO E 31 4.12 -21.05 -28.42
C PRO E 31 5.38 -20.32 -27.97
N GLY E 32 5.43 -19.01 -28.25
CA GLY E 32 6.53 -18.17 -27.83
C GLY E 32 7.08 -17.27 -28.91
N GLU E 33 7.15 -17.75 -30.15
CA GLU E 33 7.74 -16.94 -31.22
C GLU E 33 6.75 -15.89 -31.69
N PRO E 34 7.22 -14.84 -32.37
CA PRO E 34 6.28 -13.93 -33.04
C PRO E 34 5.61 -14.63 -34.22
N ALA E 35 4.37 -14.22 -34.48
CA ALA E 35 3.60 -14.72 -35.61
C ALA E 35 3.02 -13.53 -36.36
N SER E 36 2.74 -13.74 -37.65
CA SER E 36 2.23 -12.66 -38.50
C SER E 36 1.35 -13.26 -39.58
N ILE E 37 0.07 -12.94 -39.54
CA ILE E 37 -0.89 -13.33 -40.57
C ILE E 37 -1.06 -12.12 -41.48
N SER E 38 -0.50 -12.17 -42.67
CA SER E 38 -0.65 -11.11 -43.66
C SER E 38 -1.86 -11.37 -44.52
N CYS E 39 -2.37 -10.31 -45.13
CA CYS E 39 -3.40 -10.47 -46.16
C CYS E 39 -3.46 -9.20 -46.98
N ARG E 40 -3.73 -9.38 -48.28
CA ARG E 40 -3.74 -8.30 -49.23
C ARG E 40 -5.07 -8.27 -49.98
N SER E 41 -5.49 -7.07 -50.36
CA SER E 41 -6.75 -6.82 -51.03
C SER E 41 -6.52 -6.56 -52.51
N SER E 42 -7.58 -6.72 -53.29
CA SER E 42 -7.57 -6.39 -54.70
C SER E 42 -7.82 -4.91 -54.97
N GLN E 43 -8.05 -4.11 -53.93
CA GLN E 43 -8.30 -2.70 -54.08
C GLN E 43 -7.77 -1.97 -52.86
N SER E 44 -7.53 -0.67 -53.01
CA SER E 44 -7.05 0.14 -51.91
C SER E 44 -8.19 0.39 -50.93
N LEU E 45 -8.09 -0.20 -49.74
CA LEU E 45 -9.13 -0.07 -48.73
C LEU E 45 -9.05 1.25 -47.96
N LEU E 46 -8.03 2.07 -48.20
CA LEU E 46 -7.91 3.35 -47.51
C LEU E 46 -9.04 4.27 -47.96
N HIS E 47 -10.02 4.48 -47.09
CA HIS E 47 -11.14 5.34 -47.42
C HIS E 47 -10.68 6.79 -47.52
N SER E 48 -11.53 7.63 -48.11
CA SER E 48 -11.21 9.04 -48.26
C SER E 48 -10.99 9.73 -46.93
N ASN E 49 -11.61 9.23 -45.86
CA ASN E 49 -11.45 9.80 -44.53
C ASN E 49 -10.19 9.33 -43.80
N GLY E 50 -9.22 8.78 -44.52
CA GLY E 50 -7.98 8.35 -43.90
C GLY E 50 -8.13 7.19 -42.93
N TYR E 51 -8.95 6.21 -43.28
CA TYR E 51 -9.12 5.00 -42.49
C TYR E 51 -9.06 3.78 -43.39
N ASN E 52 -8.56 2.68 -42.83
CA ASN E 52 -8.54 1.39 -43.52
C ASN E 52 -9.75 0.61 -43.04
N TYR E 53 -10.79 0.56 -43.88
CA TYR E 53 -12.04 -0.10 -43.52
C TYR E 53 -11.83 -1.61 -43.58
N LEU E 54 -11.18 -2.13 -42.55
CA LEU E 54 -10.84 -3.54 -42.47
C LEU E 54 -10.91 -3.98 -41.01
N ASP E 55 -11.19 -5.27 -40.81
CA ASP E 55 -11.37 -5.85 -39.48
C ASP E 55 -10.63 -7.17 -39.42
N TRP E 56 -10.27 -7.59 -38.22
CA TRP E 56 -9.68 -8.90 -37.96
C TRP E 56 -10.50 -9.59 -36.88
N TYR E 57 -11.00 -10.77 -37.21
CA TYR E 57 -11.80 -11.59 -36.30
C TYR E 57 -11.11 -12.93 -36.07
N LEU E 58 -11.32 -13.47 -34.86
CA LEU E 58 -10.81 -14.78 -34.47
C LEU E 58 -11.99 -15.69 -34.14
N GLN E 59 -11.92 -16.93 -34.61
CA GLN E 59 -12.83 -17.99 -34.21
C GLN E 59 -12.01 -19.12 -33.60
N LYS E 60 -12.13 -19.28 -32.29
CA LYS E 60 -11.47 -20.38 -31.61
C LYS E 60 -12.18 -21.68 -31.92
N PRO E 61 -11.49 -22.83 -31.78
CA PRO E 61 -12.15 -24.10 -32.11
C PRO E 61 -13.32 -24.41 -31.19
N GLY E 62 -14.54 -24.39 -31.74
CA GLY E 62 -15.74 -24.71 -31.01
C GLY E 62 -16.46 -23.53 -30.39
N GLN E 63 -15.78 -22.40 -30.21
CA GLN E 63 -16.37 -21.20 -29.63
C GLN E 63 -16.85 -20.27 -30.74
N SER E 64 -17.61 -19.25 -30.34
CA SER E 64 -18.13 -18.29 -31.28
C SER E 64 -17.03 -17.33 -31.72
N PRO E 65 -17.16 -16.71 -32.90
CA PRO E 65 -16.14 -15.72 -33.30
C PRO E 65 -16.16 -14.49 -32.41
N GLN E 66 -15.00 -13.83 -32.35
CA GLN E 66 -14.86 -12.59 -31.60
C GLN E 66 -14.01 -11.62 -32.41
N LEU E 67 -14.18 -10.34 -32.11
CA LEU E 67 -13.50 -9.27 -32.83
C LEU E 67 -12.13 -9.02 -32.19
N LEU E 68 -11.08 -9.09 -33.01
CA LEU E 68 -9.73 -8.76 -32.56
C LEU E 68 -9.41 -7.29 -32.82
N ILE E 69 -9.42 -6.89 -34.10
CA ILE E 69 -8.96 -5.57 -34.51
C ILE E 69 -10.01 -4.95 -35.42
N TYR E 70 -10.10 -3.63 -35.39
CA TYR E 70 -10.98 -2.89 -36.29
C TYR E 70 -10.27 -1.65 -36.79
N LEU E 71 -10.68 -1.20 -37.98
CA LEU E 71 -10.07 -0.06 -38.65
C LEU E 71 -8.56 -0.26 -38.82
N GLY E 72 -8.16 -1.48 -39.17
CA GLY E 72 -6.78 -1.75 -39.51
C GLY E 72 -5.89 -2.03 -38.33
N SER E 73 -5.84 -1.12 -37.36
CA SER E 73 -4.89 -1.19 -36.24
C SER E 73 -5.50 -1.00 -34.87
N ASN E 74 -6.69 -0.43 -34.75
CA ASN E 74 -7.27 -0.18 -33.43
C ASN E 74 -7.72 -1.51 -32.81
N ARG E 75 -7.10 -1.87 -31.69
CA ARG E 75 -7.44 -3.11 -31.00
C ARG E 75 -8.69 -2.91 -30.16
N ALA E 76 -9.56 -3.91 -30.15
CA ALA E 76 -10.79 -3.85 -29.39
C ALA E 76 -10.52 -4.09 -27.91
N SER E 77 -11.37 -3.53 -27.07
CA SER E 77 -11.23 -3.68 -25.63
C SER E 77 -11.54 -5.10 -25.21
N GLY E 78 -10.82 -5.58 -24.20
CA GLY E 78 -10.96 -6.93 -23.71
C GLY E 78 -10.10 -7.95 -24.42
N VAL E 79 -9.60 -7.63 -25.60
CA VAL E 79 -8.67 -8.52 -26.31
C VAL E 79 -7.33 -8.43 -25.59
N PRO E 80 -6.53 -9.49 -25.55
CA PRO E 80 -5.17 -9.34 -25.00
C PRO E 80 -4.34 -8.40 -25.86
N ASP E 81 -3.36 -7.76 -25.23
CA ASP E 81 -2.51 -6.81 -25.93
C ASP E 81 -1.52 -7.46 -26.87
N ARG E 82 -1.51 -8.79 -26.99
CA ARG E 82 -0.59 -9.46 -27.90
C ARG E 82 -0.87 -9.07 -29.34
N PHE E 83 -2.14 -9.01 -29.72
CA PHE E 83 -2.51 -8.75 -31.09
C PHE E 83 -2.24 -7.31 -31.47
N SER E 84 -1.82 -7.09 -32.72
CA SER E 84 -1.59 -5.75 -33.22
C SER E 84 -1.75 -5.74 -34.72
N GLY E 85 -2.63 -4.87 -35.22
CA GLY E 85 -2.80 -4.70 -36.65
C GLY E 85 -1.86 -3.66 -37.22
N SER E 86 -1.52 -3.82 -38.49
CA SER E 86 -0.62 -2.89 -39.17
C SER E 86 -0.84 -2.99 -40.67
N GLY E 87 -0.30 -2.01 -41.39
CA GLY E 87 -0.42 -1.95 -42.83
C GLY E 87 -1.42 -0.90 -43.26
N SER E 88 -1.54 -0.77 -44.58
CA SER E 88 -2.41 0.25 -45.16
C SER E 88 -2.63 -0.08 -46.63
N GLY E 89 -3.42 0.75 -47.30
CA GLY E 89 -3.66 0.63 -48.72
C GLY E 89 -4.25 -0.71 -49.10
N THR E 90 -3.43 -1.55 -49.74
CA THR E 90 -3.82 -2.89 -50.13
C THR E 90 -3.30 -3.96 -49.19
N ASP E 91 -2.18 -3.72 -48.49
CA ASP E 91 -1.52 -4.73 -47.69
C ASP E 91 -1.84 -4.52 -46.21
N PHE E 92 -2.02 -5.63 -45.48
CA PHE E 92 -2.30 -5.56 -44.06
C PHE E 92 -1.70 -6.78 -43.39
N THR E 93 -1.50 -6.67 -42.08
CA THR E 93 -0.91 -7.75 -41.30
C THR E 93 -1.42 -7.69 -39.88
N LEU E 94 -1.61 -8.87 -39.28
CA LEU E 94 -1.95 -9.02 -37.87
C LEU E 94 -0.78 -9.74 -37.21
N LYS E 95 -0.10 -9.06 -36.30
CA LYS E 95 1.10 -9.57 -35.64
C LYS E 95 0.76 -9.94 -34.21
N ILE E 96 1.31 -11.08 -33.78
CA ILE E 96 1.10 -11.65 -32.45
C ILE E 96 2.45 -11.84 -31.80
N SER E 97 2.60 -11.37 -30.56
CA SER E 97 3.86 -11.50 -29.86
C SER E 97 4.01 -12.89 -29.26
N ARG E 98 3.09 -13.27 -28.37
CA ARG E 98 3.09 -14.59 -27.74
C ARG E 98 2.00 -15.44 -28.37
N VAL E 99 2.34 -16.68 -28.69
CA VAL E 99 1.36 -17.67 -29.13
C VAL E 99 1.15 -18.66 -27.99
N GLU E 100 -0.10 -19.08 -27.81
CA GLU E 100 -0.46 -20.10 -26.84
C GLU E 100 -1.46 -21.06 -27.47
N ALA E 101 -1.80 -22.12 -26.74
CA ALA E 101 -2.81 -23.04 -27.23
C ALA E 101 -4.17 -22.38 -27.37
N GLU E 102 -4.41 -21.30 -26.63
CA GLU E 102 -5.68 -20.58 -26.74
C GLU E 102 -5.76 -19.79 -28.05
N ASP E 103 -4.64 -19.32 -28.57
CA ASP E 103 -4.63 -18.51 -29.78
C ASP E 103 -4.83 -19.30 -31.05
N VAL E 104 -4.86 -20.64 -30.99
CA VAL E 104 -5.09 -21.44 -32.18
C VAL E 104 -6.55 -21.30 -32.59
N GLY E 105 -6.79 -21.26 -33.90
CA GLY E 105 -8.14 -21.10 -34.41
C GLY E 105 -8.14 -20.71 -35.87
N VAL E 106 -9.10 -19.88 -36.27
CA VAL E 106 -9.20 -19.37 -37.63
C VAL E 106 -9.27 -17.85 -37.56
N TYR E 107 -8.38 -17.19 -38.30
CA TYR E 107 -8.30 -15.73 -38.34
C TYR E 107 -8.81 -15.25 -39.68
N TYR E 108 -9.79 -14.35 -39.65
CA TYR E 108 -10.36 -13.76 -40.86
C TYR E 108 -10.06 -12.27 -40.89
N CYS E 109 -9.42 -11.81 -41.97
CA CYS E 109 -9.31 -10.39 -42.27
C CYS E 109 -10.42 -10.04 -43.24
N MET E 110 -11.29 -9.12 -42.84
CA MET E 110 -12.60 -8.93 -43.45
C MET E 110 -12.81 -7.45 -43.71
N GLN E 111 -13.00 -7.10 -44.97
CA GLN E 111 -13.10 -5.70 -45.37
C GLN E 111 -14.52 -5.18 -45.11
N SER E 112 -14.61 -3.85 -45.00
CA SER E 112 -15.88 -3.16 -44.82
C SER E 112 -16.06 -1.94 -45.71
N LEU E 113 -15.11 -1.66 -46.61
CA LEU E 113 -15.27 -0.54 -47.52
C LEU E 113 -16.46 -0.76 -48.44
N GLN E 114 -16.63 -1.97 -48.95
CA GLN E 114 -17.72 -2.34 -49.85
C GLN E 114 -18.65 -3.32 -49.13
N THR E 115 -19.94 -3.09 -49.27
CA THR E 115 -20.98 -3.86 -48.62
C THR E 115 -22.05 -4.22 -49.63
N PRO E 116 -22.83 -5.30 -49.40
CA PRO E 116 -22.76 -6.28 -48.31
C PRO E 116 -21.66 -7.32 -48.51
N ARG E 117 -21.18 -7.91 -47.42
CA ARG E 117 -20.10 -8.88 -47.47
C ARG E 117 -20.72 -10.27 -47.51
N LEU E 118 -20.59 -10.95 -48.66
CA LEU E 118 -21.23 -12.24 -48.85
C LEU E 118 -20.69 -13.29 -47.89
N THR E 119 -19.37 -13.32 -47.70
CA THR E 119 -18.75 -14.30 -46.81
C THR E 119 -17.47 -13.70 -46.24
N PHE E 120 -17.06 -14.22 -45.09
CA PHE E 120 -15.85 -13.73 -44.45
C PHE E 120 -14.61 -14.12 -45.25
N GLY E 121 -14.61 -15.32 -45.83
CA GLY E 121 -13.51 -15.81 -46.62
C GLY E 121 -13.02 -17.15 -46.13
N PRO E 122 -12.01 -17.71 -46.80
CA PRO E 122 -11.48 -19.01 -46.37
C PRO E 122 -10.83 -18.98 -45.00
N GLY E 123 -10.42 -17.80 -44.51
CA GLY E 123 -9.76 -17.71 -43.24
C GLY E 123 -8.29 -18.10 -43.32
N THR E 124 -7.71 -18.30 -42.14
CA THR E 124 -6.29 -18.67 -42.04
C THR E 124 -6.16 -19.60 -40.84
N LYS E 125 -6.12 -20.90 -41.11
CA LYS E 125 -5.99 -21.88 -40.04
C LYS E 125 -4.63 -21.73 -39.34
N VAL E 126 -4.65 -21.81 -38.02
CA VAL E 126 -3.46 -21.71 -37.19
C VAL E 126 -3.44 -22.91 -36.25
N ASP E 127 -2.30 -23.59 -36.21
CA ASP E 127 -2.16 -24.82 -35.43
C ASP E 127 -0.76 -24.88 -34.83
N ILE E 128 -0.64 -25.69 -33.77
CA ILE E 128 0.63 -25.80 -33.06
C ILE E 128 1.67 -26.42 -33.99
N LYS E 129 2.90 -25.93 -33.88
CA LYS E 129 4.00 -26.37 -34.74
C LYS E 129 4.81 -27.46 -34.06
N ARG E 130 5.31 -28.39 -34.88
CA ARG E 130 6.19 -29.46 -34.42
C ARG E 130 6.93 -30.02 -35.62
N THR E 131 7.74 -31.05 -35.38
CA THR E 131 8.49 -31.68 -36.45
C THR E 131 7.56 -32.35 -37.44
N VAL E 132 7.97 -32.36 -38.71
CA VAL E 132 7.20 -33.01 -39.76
C VAL E 132 7.16 -34.51 -39.49
N ALA E 133 5.97 -35.09 -39.54
CA ALA E 133 5.76 -36.52 -39.30
C ALA E 133 4.99 -37.12 -40.46
N ALA E 134 5.55 -38.16 -41.05
CA ALA E 134 4.88 -38.86 -42.14
C ALA E 134 3.75 -39.73 -41.59
N PRO E 135 2.76 -40.05 -42.41
CA PRO E 135 1.63 -40.85 -41.92
C PRO E 135 1.96 -42.34 -41.88
N SER E 136 1.08 -43.08 -41.21
CA SER E 136 1.13 -44.54 -41.16
C SER E 136 -0.13 -45.04 -41.85
N VAL E 137 -0.01 -45.37 -43.14
CA VAL E 137 -1.18 -45.73 -43.93
C VAL E 137 -1.69 -47.10 -43.48
N PHE E 138 -3.02 -47.26 -43.51
CA PHE E 138 -3.64 -48.53 -43.13
C PHE E 138 -4.90 -48.69 -43.97
N ILE E 139 -4.79 -49.42 -45.07
CA ILE E 139 -5.95 -49.80 -45.87
C ILE E 139 -6.64 -50.97 -45.19
N PHE E 140 -7.98 -50.90 -45.09
CA PHE E 140 -8.81 -51.94 -44.49
C PHE E 140 -9.76 -52.50 -45.54
N PRO E 141 -10.21 -53.74 -45.41
CA PRO E 141 -11.12 -54.31 -46.40
C PRO E 141 -12.56 -53.98 -46.07
N PRO E 142 -13.50 -54.22 -47.00
CA PRO E 142 -14.92 -54.09 -46.65
C PRO E 142 -15.38 -55.34 -45.91
N SER E 143 -15.75 -55.19 -44.65
CA SER E 143 -16.10 -56.33 -43.82
C SER E 143 -17.35 -57.03 -44.35
N ASP E 144 -17.43 -58.34 -44.10
CA ASP E 144 -18.48 -59.16 -44.69
C ASP E 144 -19.87 -58.86 -44.13
N GLU E 145 -19.97 -58.25 -42.94
CA GLU E 145 -21.28 -57.90 -42.42
C GLU E 145 -21.99 -56.88 -43.32
N GLN E 146 -21.28 -55.82 -43.72
CA GLN E 146 -21.89 -54.87 -44.64
C GLN E 146 -22.08 -55.48 -46.03
N LEU E 147 -21.25 -56.45 -46.40
CA LEU E 147 -21.46 -57.16 -47.67
C LEU E 147 -22.80 -57.89 -47.66
N LYS E 148 -23.07 -58.67 -46.61
CA LYS E 148 -24.36 -59.32 -46.53
C LYS E 148 -25.49 -58.32 -46.37
N SER E 149 -25.21 -57.16 -45.76
CA SER E 149 -26.20 -56.09 -45.75
C SER E 149 -26.49 -55.57 -47.15
N GLY E 150 -25.54 -55.70 -48.07
CA GLY E 150 -25.75 -55.31 -49.46
C GLY E 150 -25.05 -54.05 -49.90
N THR E 151 -23.90 -53.72 -49.31
CA THR E 151 -23.15 -52.55 -49.73
C THR E 151 -21.74 -52.64 -49.12
N ALA E 152 -20.75 -52.23 -49.90
CA ALA E 152 -19.35 -52.26 -49.48
C ALA E 152 -18.86 -50.86 -49.20
N SER E 153 -17.95 -50.73 -48.23
CA SER E 153 -17.40 -49.44 -47.85
C SER E 153 -15.96 -49.67 -47.43
N VAL E 154 -15.03 -49.40 -48.34
CA VAL E 154 -13.61 -49.58 -48.09
C VAL E 154 -13.05 -48.28 -47.53
N VAL E 155 -12.34 -48.37 -46.40
CA VAL E 155 -11.86 -47.20 -45.66
C VAL E 155 -10.35 -47.24 -45.59
N CYS E 156 -9.71 -46.13 -45.96
CA CYS E 156 -8.30 -45.92 -45.73
C CYS E 156 -8.09 -45.17 -44.41
N LEU E 157 -6.85 -45.10 -43.97
CA LEU E 157 -6.55 -44.45 -42.70
C LEU E 157 -5.11 -43.96 -42.70
N LEU E 158 -4.91 -42.72 -42.25
CA LEU E 158 -3.62 -42.16 -41.94
C LEU E 158 -3.67 -41.65 -40.50
N ASN E 159 -2.59 -41.85 -39.75
CA ASN E 159 -2.56 -41.51 -38.33
C ASN E 159 -1.22 -40.88 -37.98
N ASN E 160 -1.26 -39.88 -37.10
CA ASN E 160 -0.04 -39.29 -36.53
C ASN E 160 0.84 -38.70 -37.63
N PHE E 161 0.30 -37.71 -38.33
CA PHE E 161 0.99 -37.05 -39.43
C PHE E 161 0.83 -35.54 -39.28
N TYR E 162 1.77 -34.81 -39.87
CA TYR E 162 1.82 -33.35 -39.76
C TYR E 162 2.72 -32.83 -40.88
N PRO E 163 2.32 -31.79 -41.63
CA PRO E 163 1.11 -30.97 -41.65
C PRO E 163 -0.11 -31.68 -42.21
N ARG E 164 -1.29 -31.15 -41.93
CA ARG E 164 -2.51 -31.71 -42.47
C ARG E 164 -2.62 -31.37 -43.96
N GLY E 165 -3.75 -31.74 -44.54
CA GLY E 165 -3.99 -31.51 -45.95
C GLY E 165 -3.44 -32.57 -46.87
N ALA E 166 -2.90 -33.67 -46.33
CA ALA E 166 -2.49 -34.78 -47.17
C ALA E 166 -3.69 -35.32 -47.93
N LYS E 167 -3.54 -35.48 -49.24
CA LYS E 167 -4.64 -35.86 -50.10
C LYS E 167 -4.59 -37.36 -50.38
N VAL E 168 -5.77 -37.93 -50.67
CA VAL E 168 -5.92 -39.36 -50.92
C VAL E 168 -6.75 -39.54 -52.18
N GLN E 169 -6.28 -40.40 -53.08
CA GLN E 169 -7.00 -40.78 -54.28
C GLN E 169 -7.29 -42.28 -54.23
N TRP E 170 -8.39 -42.66 -54.85
CA TRP E 170 -8.83 -44.05 -54.93
C TRP E 170 -8.87 -44.49 -56.38
N LYS E 171 -8.09 -45.52 -56.71
CA LYS E 171 -8.10 -46.14 -58.03
C LYS E 171 -8.85 -47.47 -57.94
N VAL E 172 -9.89 -47.62 -58.75
CA VAL E 172 -10.71 -48.82 -58.77
C VAL E 172 -11.01 -49.20 -60.21
N LEU E 176 -10.14 -44.40 -61.42
CA LEU E 176 -9.88 -43.31 -60.49
C LEU E 176 -11.18 -42.64 -60.08
N GLN E 177 -11.94 -43.31 -59.22
CA GLN E 177 -13.21 -42.77 -58.76
C GLN E 177 -12.97 -41.50 -57.95
N SER E 178 -13.74 -40.45 -58.27
CA SER E 178 -13.63 -39.16 -57.59
C SER E 178 -15.00 -38.53 -57.36
N GLY E 179 -16.03 -39.35 -57.16
CA GLY E 179 -17.39 -38.87 -56.97
C GLY E 179 -18.15 -39.57 -55.87
N ASN E 180 -17.48 -40.44 -55.11
CA ASN E 180 -18.13 -41.12 -53.99
C ASN E 180 -17.19 -41.22 -52.77
N SER E 181 -16.18 -40.36 -52.68
CA SER E 181 -15.24 -40.35 -51.58
C SER E 181 -15.59 -39.24 -50.60
N GLN E 182 -15.52 -39.56 -49.31
CA GLN E 182 -15.82 -38.60 -48.24
C GLN E 182 -14.80 -38.79 -47.14
N GLU E 183 -13.95 -37.79 -46.93
CA GLU E 183 -12.90 -37.83 -45.94
C GLU E 183 -13.28 -37.01 -44.71
N SER E 184 -12.59 -37.28 -43.60
CA SER E 184 -12.79 -36.55 -42.36
C SER E 184 -11.46 -36.49 -41.62
N VAL E 185 -11.19 -35.34 -41.00
CA VAL E 185 -9.95 -35.08 -40.29
C VAL E 185 -10.29 -34.75 -38.85
N THR E 186 -9.68 -35.46 -37.91
CA THR E 186 -9.85 -35.13 -36.51
C THR E 186 -9.08 -33.85 -36.17
N GLU E 187 -9.48 -33.21 -35.09
CA GLU E 187 -8.79 -32.01 -34.64
C GLU E 187 -7.36 -32.36 -34.22
N GLN E 188 -6.52 -31.33 -34.15
CA GLN E 188 -5.13 -31.53 -33.75
C GLN E 188 -5.06 -32.12 -32.35
N ASP E 189 -4.21 -33.12 -32.18
CA ASP E 189 -4.12 -33.83 -30.92
C ASP E 189 -3.59 -32.92 -29.83
N SER E 190 -4.01 -33.19 -28.60
CA SER E 190 -3.55 -32.43 -27.45
C SER E 190 -2.22 -32.92 -26.90
N LYS E 191 -1.86 -34.19 -27.16
CA LYS E 191 -0.64 -34.78 -26.61
C LYS E 191 0.56 -34.54 -27.51
N ASP E 192 0.51 -35.05 -28.74
CA ASP E 192 1.60 -34.94 -29.69
C ASP E 192 1.35 -33.96 -30.82
N SER E 193 0.15 -33.38 -30.92
CA SER E 193 -0.19 -32.39 -31.93
C SER E 193 0.01 -32.96 -33.34
N THR E 194 -0.73 -34.03 -33.63
CA THR E 194 -0.72 -34.66 -34.94
C THR E 194 -2.14 -35.02 -35.33
N TYR E 195 -2.37 -35.12 -36.63
CA TYR E 195 -3.70 -35.33 -37.19
C TYR E 195 -3.89 -36.78 -37.63
N SER E 196 -5.14 -37.11 -37.94
CA SER E 196 -5.51 -38.41 -38.45
C SER E 196 -6.64 -38.25 -39.46
N LEU E 197 -6.50 -38.92 -40.60
CA LEU E 197 -7.47 -38.89 -41.68
C LEU E 197 -8.04 -40.29 -41.89
N SER E 198 -9.29 -40.35 -42.32
CA SER E 198 -9.93 -41.63 -42.61
C SER E 198 -10.91 -41.40 -43.76
N SER E 199 -10.45 -41.66 -44.98
CA SER E 199 -11.29 -41.57 -46.16
C SER E 199 -12.04 -42.88 -46.37
N THR E 200 -13.25 -42.77 -46.92
CA THR E 200 -14.09 -43.91 -47.21
C THR E 200 -14.58 -43.84 -48.64
N LEU E 201 -14.73 -45.02 -49.26
CA LEU E 201 -15.25 -45.15 -50.60
C LEU E 201 -16.34 -46.22 -50.56
N THR E 202 -17.55 -45.83 -50.94
CA THR E 202 -18.73 -46.69 -50.84
C THR E 202 -19.18 -47.14 -52.22
N LEU E 203 -19.55 -48.42 -52.31
CA LEU E 203 -20.03 -49.01 -53.54
C LEU E 203 -21.19 -49.95 -53.23
N SER E 204 -22.02 -50.19 -54.24
CA SER E 204 -23.13 -51.12 -54.10
C SER E 204 -22.62 -52.56 -54.16
N LYS E 205 -23.53 -53.51 -53.94
CA LYS E 205 -23.19 -54.92 -54.11
C LYS E 205 -22.79 -55.23 -55.54
N ALA E 206 -23.68 -54.93 -56.50
CA ALA E 206 -23.35 -55.23 -57.88
C ALA E 206 -22.15 -54.42 -58.34
N ASP E 207 -22.00 -53.20 -57.79
CA ASP E 207 -20.85 -52.38 -58.12
C ASP E 207 -19.57 -52.94 -57.51
N TYR E 208 -19.65 -53.51 -56.30
CA TYR E 208 -18.45 -53.99 -55.63
C TYR E 208 -17.78 -55.12 -56.41
N GLU E 209 -18.57 -56.08 -56.91
CA GLU E 209 -18.04 -57.20 -57.67
C GLU E 209 -18.03 -56.87 -59.17
N LYS E 210 -17.23 -55.86 -59.51
CA LYS E 210 -16.97 -55.51 -60.90
C LYS E 210 -15.48 -55.38 -61.19
N HIS E 211 -14.70 -54.96 -60.19
CA HIS E 211 -13.28 -54.73 -60.34
C HIS E 211 -12.54 -55.38 -59.18
N LYS E 212 -11.30 -55.80 -59.43
CA LYS E 212 -10.56 -56.65 -58.51
C LYS E 212 -9.59 -55.88 -57.61
N VAL E 213 -8.90 -54.88 -58.14
CA VAL E 213 -7.82 -54.20 -57.43
C VAL E 213 -8.30 -52.80 -57.04
N TYR E 214 -8.32 -52.52 -55.74
CA TYR E 214 -8.64 -51.20 -55.21
C TYR E 214 -7.39 -50.67 -54.52
N ALA E 215 -6.91 -49.52 -54.97
CA ALA E 215 -5.69 -48.92 -54.46
C ALA E 215 -6.01 -47.53 -53.91
N CYS E 216 -5.34 -47.19 -52.81
CA CYS E 216 -5.39 -45.84 -52.26
C CYS E 216 -3.99 -45.25 -52.30
N GLU E 217 -3.84 -44.14 -53.02
CA GLU E 217 -2.57 -43.41 -53.09
C GLU E 217 -2.70 -42.14 -52.26
N VAL E 218 -1.79 -41.98 -51.30
CA VAL E 218 -1.78 -40.82 -50.42
C VAL E 218 -0.58 -39.96 -50.79
N THR E 219 -0.75 -38.65 -50.66
CA THR E 219 0.31 -37.69 -50.89
C THR E 219 0.36 -36.72 -49.70
N HIS E 220 1.57 -36.49 -49.20
CA HIS E 220 1.78 -35.67 -48.02
C HIS E 220 3.14 -35.00 -48.15
N GLN E 221 3.26 -33.80 -47.58
CA GLN E 221 4.53 -33.08 -47.60
C GLN E 221 5.64 -33.88 -46.92
N GLY E 222 5.30 -34.66 -45.90
CA GLY E 222 6.27 -35.47 -45.19
C GLY E 222 6.62 -36.78 -45.84
N LEU E 223 6.00 -37.12 -46.97
CA LEU E 223 6.27 -38.36 -47.68
C LEU E 223 7.14 -38.07 -48.90
N SER E 224 8.18 -38.88 -49.08
CA SER E 224 9.07 -38.72 -50.22
C SER E 224 8.47 -39.24 -51.53
N SER E 225 7.39 -40.01 -51.47
CA SER E 225 6.77 -40.56 -52.67
C SER E 225 5.30 -40.83 -52.37
N PRO E 226 4.45 -40.94 -53.41
CA PRO E 226 3.05 -41.34 -53.15
C PRO E 226 2.94 -42.79 -52.73
N VAL E 227 3.12 -43.05 -51.43
CA VAL E 227 3.09 -44.42 -50.91
C VAL E 227 1.68 -44.96 -51.09
N THR E 228 1.52 -45.89 -52.02
CA THR E 228 0.23 -46.49 -52.33
C THR E 228 0.04 -47.79 -51.56
N LYS E 229 -1.20 -48.05 -51.15
CA LYS E 229 -1.59 -49.32 -50.55
C LYS E 229 -2.70 -49.94 -51.38
N SER E 230 -2.49 -51.17 -51.80
CA SER E 230 -3.41 -51.88 -52.69
C SER E 230 -4.22 -52.91 -51.90
N PHE E 231 -5.26 -53.43 -52.56
CA PHE E 231 -6.14 -54.41 -51.94
C PHE E 231 -6.82 -55.19 -53.05
N ASN E 232 -6.59 -56.50 -53.09
CA ASN E 232 -7.05 -57.38 -54.18
C ASN E 232 -7.98 -58.43 -53.59
N ARG E 233 -9.27 -58.12 -53.54
CA ARG E 233 -10.30 -59.08 -53.18
C ARG E 233 -11.45 -59.12 -54.18
N GLY E 234 -11.81 -57.98 -54.76
CA GLY E 234 -12.90 -57.92 -55.73
C GLY E 234 -14.24 -58.32 -55.14
N GLU F 3 4.68 15.86 -31.17
CA GLU F 3 3.69 16.62 -30.40
C GLU F 3 2.94 17.58 -31.33
N VAL F 4 1.65 17.74 -31.08
CA VAL F 4 0.81 18.55 -31.96
C VAL F 4 1.15 20.01 -31.78
N GLN F 5 1.39 20.72 -32.89
CA GLN F 5 1.76 22.12 -32.85
C GLN F 5 1.17 22.84 -34.05
N LEU F 6 0.53 23.99 -33.79
CA LEU F 6 0.04 24.89 -34.82
C LEU F 6 0.52 26.28 -34.49
N VAL F 7 1.32 26.87 -35.37
CA VAL F 7 1.92 28.19 -35.15
C VAL F 7 1.44 29.11 -36.28
N GLN F 8 0.91 30.27 -35.90
CA GLN F 8 0.38 31.24 -36.82
C GLN F 8 1.36 32.38 -37.04
N SER F 9 1.22 33.05 -38.18
CA SER F 9 2.09 34.17 -38.53
C SER F 9 1.39 35.02 -39.57
N GLY F 10 1.90 36.24 -39.74
CA GLY F 10 1.39 37.16 -40.73
C GLY F 10 0.39 38.18 -40.24
N GLY F 11 0.26 38.36 -38.92
CA GLY F 11 -0.69 39.32 -38.40
C GLY F 11 -0.19 40.75 -38.54
N GLY F 12 -0.51 41.59 -37.54
CA GLY F 12 -0.05 42.96 -37.54
C GLY F 12 -1.02 43.93 -38.19
N LEU F 13 -0.65 45.20 -38.12
CA LEU F 13 -1.51 46.27 -38.61
C LEU F 13 -1.62 46.24 -40.12
N VAL F 14 -2.76 46.74 -40.63
CA VAL F 14 -2.94 46.93 -42.06
C VAL F 14 -3.94 48.06 -42.27
N GLN F 15 -3.79 48.79 -43.37
CA GLN F 15 -4.73 49.84 -43.70
C GLN F 15 -6.01 49.24 -44.26
N PRO F 16 -7.12 49.97 -44.22
CA PRO F 16 -8.37 49.45 -44.81
C PRO F 16 -8.24 49.27 -46.31
N GLY F 17 -8.92 48.24 -46.83
CA GLY F 17 -8.96 47.97 -48.25
C GLY F 17 -7.78 47.20 -48.79
N ARG F 18 -6.72 47.02 -48.02
CA ARG F 18 -5.55 46.26 -48.46
C ARG F 18 -5.85 44.77 -48.28
N SER F 19 -4.83 43.93 -48.46
CA SER F 19 -4.96 42.49 -48.33
C SER F 19 -3.86 41.95 -47.41
N LEU F 20 -4.16 40.80 -46.81
CA LEU F 20 -3.23 40.11 -45.93
C LEU F 20 -3.27 38.61 -46.19
N ARG F 21 -2.22 37.93 -45.76
CA ARG F 21 -2.05 36.49 -45.92
C ARG F 21 -1.63 35.92 -44.57
N LEU F 22 -2.58 35.36 -43.83
CA LEU F 22 -2.29 34.74 -42.54
C LEU F 22 -1.88 33.29 -42.77
N SER F 23 -0.68 32.94 -42.31
CA SER F 23 -0.13 31.60 -42.48
C SER F 23 -0.27 30.81 -41.19
N CYS F 24 -0.48 29.50 -41.35
CA CYS F 24 -0.69 28.59 -40.22
C CYS F 24 0.10 27.32 -40.52
N THR F 25 1.21 27.13 -39.80
CA THR F 25 2.09 25.99 -40.00
C THR F 25 1.78 24.93 -38.96
N ALA F 26 1.59 23.69 -39.43
CA ALA F 26 1.23 22.55 -38.61
C ALA F 26 2.40 21.58 -38.53
N SER F 27 2.60 20.98 -37.37
CA SER F 27 3.67 20.01 -37.17
C SER F 27 3.25 19.01 -36.12
N GLY F 28 3.75 17.78 -36.27
CA GLY F 28 3.48 16.71 -35.34
C GLY F 28 2.32 15.80 -35.69
N PHE F 29 1.74 15.93 -36.88
CA PHE F 29 0.64 15.07 -37.29
C PHE F 29 0.47 15.20 -38.79
N THR F 30 -0.33 14.28 -39.34
CA THR F 30 -0.62 14.27 -40.78
C THR F 30 -1.55 15.44 -41.09
N PHE F 31 -0.98 16.50 -41.67
CA PHE F 31 -1.76 17.70 -41.96
C PHE F 31 -2.83 17.43 -43.02
N GLY F 32 -2.58 16.50 -43.94
CA GLY F 32 -3.52 16.27 -45.02
C GLY F 32 -4.87 15.75 -44.56
N ASP F 33 -4.88 14.92 -43.52
CA ASP F 33 -6.13 14.30 -43.08
C ASP F 33 -7.11 15.33 -42.54
N TYR F 34 -6.63 16.26 -41.72
CA TYR F 34 -7.52 17.18 -41.01
C TYR F 34 -8.03 18.29 -41.91
N ALA F 35 -9.23 18.77 -41.59
CA ALA F 35 -9.81 19.95 -42.22
C ALA F 35 -9.52 21.16 -41.33
N MET F 36 -8.97 22.21 -41.91
CA MET F 36 -8.47 23.35 -41.16
C MET F 36 -9.51 24.45 -41.13
N SER F 37 -9.75 25.02 -39.93
CA SER F 37 -10.74 26.07 -39.73
C SER F 37 -10.06 27.31 -39.18
N TRP F 38 -10.66 28.46 -39.52
CA TRP F 38 -10.24 29.77 -39.04
C TRP F 38 -11.40 30.39 -38.28
N VAL F 39 -11.12 30.85 -37.05
CA VAL F 39 -12.12 31.42 -36.16
C VAL F 39 -11.56 32.72 -35.59
N ARG F 40 -12.33 33.81 -35.72
CA ARG F 40 -11.89 35.12 -35.26
C ARG F 40 -12.69 35.57 -34.04
N GLN F 41 -12.01 36.30 -33.16
CA GLN F 41 -12.61 36.89 -31.97
C GLN F 41 -12.37 38.39 -32.01
N ALA F 42 -13.45 39.16 -32.06
CA ALA F 42 -13.33 40.60 -31.94
C ALA F 42 -12.96 40.96 -30.51
N PRO F 43 -12.34 42.12 -30.28
CA PRO F 43 -11.87 42.44 -28.92
C PRO F 43 -13.01 42.83 -28.00
N GLY F 44 -13.69 41.83 -27.44
CA GLY F 44 -14.78 42.04 -26.51
C GLY F 44 -15.94 41.10 -26.72
N LYS F 45 -16.16 40.68 -27.97
CA LYS F 45 -17.28 39.82 -28.32
C LYS F 45 -16.85 38.35 -28.24
N GLY F 46 -17.81 37.45 -28.44
CA GLY F 46 -17.53 36.04 -28.43
C GLY F 46 -16.86 35.57 -29.71
N LEU F 47 -16.49 34.30 -29.71
CA LEU F 47 -15.81 33.71 -30.86
C LEU F 47 -16.74 33.67 -32.06
N GLU F 48 -16.18 33.98 -33.24
CA GLU F 48 -16.92 33.98 -34.50
C GLU F 48 -16.19 33.10 -35.50
N TRP F 49 -16.92 32.16 -36.10
CA TRP F 49 -16.33 31.21 -37.04
C TRP F 49 -16.20 31.89 -38.40
N VAL F 50 -14.97 31.95 -38.91
CA VAL F 50 -14.70 32.63 -40.17
C VAL F 50 -14.91 31.64 -41.32
N GLY F 51 -14.22 30.51 -41.29
CA GLY F 51 -14.36 29.57 -42.39
C GLY F 51 -13.61 28.30 -42.12
N PHE F 52 -13.63 27.42 -43.12
CA PHE F 52 -12.81 26.20 -43.05
C PHE F 52 -12.63 25.61 -44.43
N ILE F 53 -11.71 24.65 -44.51
CA ILE F 53 -11.34 23.96 -45.74
C ILE F 53 -11.17 22.48 -45.42
N ARG F 54 -11.69 21.63 -46.31
CA ARG F 54 -11.64 20.18 -46.13
C ARG F 54 -10.24 19.67 -46.51
N SER F 55 -10.10 18.35 -46.55
CA SER F 55 -8.84 17.72 -46.90
C SER F 55 -8.75 17.48 -48.41
N LYS F 56 -7.58 17.02 -48.85
CA LYS F 56 -7.40 16.72 -50.27
C LYS F 56 -8.28 15.57 -50.71
N ALA F 57 -8.48 14.57 -49.85
CA ALA F 57 -9.31 13.43 -50.20
C ALA F 57 -10.76 13.82 -50.44
N TYR F 58 -11.23 14.90 -49.82
CA TYR F 58 -12.56 15.43 -50.06
C TYR F 58 -12.61 16.48 -51.16
N GLY F 59 -11.50 16.70 -51.87
CA GLY F 59 -11.43 17.68 -52.92
C GLY F 59 -10.95 19.05 -52.49
N GLY F 60 -10.70 19.27 -51.20
CA GLY F 60 -10.20 20.55 -50.76
C GLY F 60 -11.20 21.68 -50.88
N THR F 61 -12.48 21.38 -50.94
CA THR F 61 -13.49 22.43 -51.03
C THR F 61 -13.51 23.25 -49.76
N THR F 62 -13.76 24.55 -49.91
CA THR F 62 -13.77 25.51 -48.81
C THR F 62 -15.20 25.95 -48.51
N GLU F 63 -15.34 26.63 -47.38
CA GLU F 63 -16.64 27.13 -46.93
C GLU F 63 -16.38 28.33 -46.04
N TYR F 64 -17.15 29.40 -46.24
CA TYR F 64 -16.89 30.69 -45.59
C TYR F 64 -18.16 31.22 -44.94
N ALA F 65 -17.98 32.01 -43.89
CA ALA F 65 -19.10 32.63 -43.22
C ALA F 65 -19.74 33.67 -44.14
N ALA F 66 -20.97 34.07 -43.77
CA ALA F 66 -21.71 35.01 -44.60
C ALA F 66 -21.04 36.37 -44.65
N SER F 67 -20.48 36.82 -43.54
CA SER F 67 -19.90 38.16 -43.46
C SER F 67 -18.56 38.30 -44.17
N VAL F 68 -17.97 37.19 -44.64
CA VAL F 68 -16.65 37.22 -45.27
C VAL F 68 -16.67 36.51 -46.60
N LYS F 69 -17.86 36.28 -47.17
CA LYS F 69 -17.94 35.58 -48.43
C LYS F 69 -17.35 36.42 -49.55
N GLY F 70 -16.55 35.79 -50.40
CA GLY F 70 -15.91 36.49 -51.51
C GLY F 70 -14.64 37.23 -51.15
N ARG F 71 -14.68 38.03 -50.09
CA ARG F 71 -13.49 38.78 -49.68
C ARG F 71 -12.37 37.83 -49.25
N PHE F 72 -12.72 36.79 -48.49
CA PHE F 72 -11.75 35.89 -47.89
C PHE F 72 -11.62 34.63 -48.73
N THR F 73 -10.43 34.02 -48.69
CA THR F 73 -10.20 32.76 -49.38
C THR F 73 -9.23 31.92 -48.57
N ILE F 74 -9.62 30.68 -48.27
CA ILE F 74 -8.79 29.76 -47.52
C ILE F 74 -8.15 28.79 -48.50
N SER F 75 -6.88 28.48 -48.28
CA SER F 75 -6.13 27.56 -49.13
C SER F 75 -5.19 26.75 -48.25
N ARG F 76 -4.60 25.72 -48.85
CA ARG F 76 -3.67 24.87 -48.10
C ARG F 76 -2.71 24.22 -49.08
N ASP F 77 -1.57 23.79 -48.56
CA ASP F 77 -0.63 22.96 -49.29
C ASP F 77 -0.06 21.89 -48.38
N ASP F 78 -0.19 20.63 -48.82
CA ASP F 78 0.27 19.49 -48.04
C ASP F 78 1.73 19.17 -48.25
N SER F 79 2.36 19.73 -49.28
CA SER F 79 3.80 19.55 -49.46
C SER F 79 4.57 20.14 -48.28
N LYS F 80 4.30 21.40 -47.96
CA LYS F 80 4.86 22.04 -46.78
C LYS F 80 3.97 21.90 -45.54
N SER F 81 2.75 21.41 -45.69
CA SER F 81 1.82 21.23 -44.57
C SER F 81 1.49 22.58 -43.92
N ILE F 82 0.99 23.49 -44.74
CA ILE F 82 0.66 24.84 -44.33
C ILE F 82 -0.76 25.17 -44.77
N ALA F 83 -1.42 26.04 -44.01
CA ALA F 83 -2.72 26.60 -44.37
C ALA F 83 -2.58 28.11 -44.49
N TYR F 84 -3.40 28.70 -45.35
CA TYR F 84 -3.33 30.12 -45.65
C TYR F 84 -4.73 30.70 -45.66
N LEU F 85 -4.88 31.89 -45.09
CA LEU F 85 -6.11 32.68 -45.14
C LEU F 85 -5.75 33.99 -45.81
N GLN F 86 -6.20 34.14 -47.07
CA GLN F 86 -5.97 35.36 -47.84
C GLN F 86 -7.19 36.24 -47.68
N MET F 87 -7.03 37.34 -46.96
CA MET F 87 -8.09 38.32 -46.75
C MET F 87 -7.86 39.47 -47.72
N ASN F 88 -8.92 39.86 -48.44
CA ASN F 88 -8.86 40.89 -49.45
C ASN F 88 -9.93 41.94 -49.18
N SER F 89 -9.55 43.21 -49.36
CA SER F 89 -10.45 44.34 -49.13
C SER F 89 -10.96 44.34 -47.70
N LEU F 90 -10.00 44.40 -46.76
CA LEU F 90 -10.33 44.33 -45.34
C LEU F 90 -11.12 45.56 -44.91
N LYS F 91 -12.04 45.34 -43.96
CA LYS F 91 -12.88 46.37 -43.38
C LYS F 91 -12.44 46.63 -41.95
N THR F 92 -12.97 47.72 -41.38
CA THR F 92 -12.58 48.13 -40.03
C THR F 92 -13.01 47.09 -39.00
N GLU F 93 -14.23 46.56 -39.13
CA GLU F 93 -14.72 45.60 -38.15
C GLU F 93 -14.00 44.25 -38.21
N ASP F 94 -13.19 44.00 -39.23
CA ASP F 94 -12.43 42.77 -39.30
C ASP F 94 -11.29 42.71 -38.28
N THR F 95 -10.99 43.81 -37.59
CA THR F 95 -9.97 43.79 -36.54
C THR F 95 -10.33 42.77 -35.48
N ALA F 96 -9.43 41.83 -35.24
CA ALA F 96 -9.74 40.71 -34.35
C ALA F 96 -8.50 39.85 -34.19
N VAL F 97 -8.59 38.88 -33.27
CA VAL F 97 -7.59 37.85 -33.10
C VAL F 97 -8.07 36.60 -33.83
N TYR F 98 -7.28 36.13 -34.78
CA TYR F 98 -7.64 35.00 -35.62
C TYR F 98 -6.90 33.75 -35.14
N TYR F 99 -7.64 32.65 -35.00
CA TYR F 99 -7.12 31.38 -34.54
C TYR F 99 -7.24 30.35 -35.66
N CYS F 100 -6.17 29.59 -35.85
CA CYS F 100 -6.13 28.45 -36.76
C CYS F 100 -6.32 27.18 -35.95
N THR F 101 -7.25 26.33 -36.40
CA THR F 101 -7.58 25.10 -35.69
C THR F 101 -7.66 23.95 -36.68
N ARG F 102 -7.41 22.75 -36.19
CA ARG F 102 -7.60 21.53 -36.97
C ARG F 102 -8.97 20.94 -36.67
N GLY F 103 -9.66 20.52 -37.73
CA GLY F 103 -11.01 19.99 -37.60
C GLY F 103 -12.06 20.97 -38.07
N GLY F 104 -12.91 20.53 -39.00
CA GLY F 104 -13.95 21.40 -39.54
C GLY F 104 -15.14 21.60 -38.63
N THR F 105 -15.38 20.67 -37.70
CA THR F 105 -16.53 20.74 -36.80
C THR F 105 -16.11 20.63 -35.35
N LEU F 106 -15.03 19.90 -35.07
CA LEU F 106 -14.49 19.73 -33.74
C LEU F 106 -13.13 20.43 -33.68
N PHE F 107 -13.09 21.57 -33.02
CA PHE F 107 -11.86 22.37 -32.92
C PHE F 107 -11.04 21.87 -31.74
N ASP F 108 -10.50 20.66 -31.91
CA ASP F 108 -9.84 19.96 -30.81
C ASP F 108 -8.50 20.60 -30.44
N TYR F 109 -7.86 21.31 -31.35
CA TYR F 109 -6.57 21.95 -31.09
C TYR F 109 -6.54 23.31 -31.76
N TRP F 110 -6.00 24.29 -31.04
CA TRP F 110 -6.02 25.69 -31.44
C TRP F 110 -4.61 26.25 -31.47
N GLY F 111 -4.35 27.12 -32.44
CA GLY F 111 -3.09 27.85 -32.47
C GLY F 111 -3.07 28.95 -31.43
N GLN F 112 -1.88 29.56 -31.28
CA GLN F 112 -1.75 30.62 -30.29
C GLN F 112 -2.55 31.86 -30.64
N GLY F 113 -2.94 32.02 -31.90
CA GLY F 113 -3.74 33.17 -32.31
C GLY F 113 -2.87 34.34 -32.73
N THR F 114 -3.29 35.06 -33.78
CA THR F 114 -2.57 36.20 -34.29
C THR F 114 -3.50 37.40 -34.37
N LEU F 115 -3.01 38.56 -33.96
CA LEU F 115 -3.82 39.77 -33.90
C LEU F 115 -3.72 40.53 -35.21
N VAL F 116 -4.86 41.00 -35.72
CA VAL F 116 -4.92 41.79 -36.94
C VAL F 116 -5.76 43.02 -36.66
N THR F 117 -5.24 44.20 -37.01
CA THR F 117 -5.92 45.47 -36.84
C THR F 117 -6.06 46.17 -38.18
N VAL F 118 -7.24 46.75 -38.40
CA VAL F 118 -7.59 47.45 -39.63
C VAL F 118 -8.00 48.86 -39.22
N SER F 119 -7.19 49.85 -39.59
CA SER F 119 -7.47 51.24 -39.25
C SER F 119 -6.53 52.14 -40.03
N SER F 120 -7.07 53.25 -40.53
CA SER F 120 -6.30 54.18 -41.33
C SER F 120 -5.52 55.20 -40.51
N ALA F 121 -5.78 55.31 -39.21
CA ALA F 121 -5.09 56.29 -38.39
C ALA F 121 -3.60 55.97 -38.28
N SER F 122 -2.77 57.01 -38.34
CA SER F 122 -1.33 56.87 -38.26
C SER F 122 -0.87 57.01 -36.81
N THR F 123 0.44 56.87 -36.61
CA THR F 123 1.01 56.93 -35.26
C THR F 123 0.82 58.31 -34.66
N LYS F 124 0.58 58.35 -33.35
CA LYS F 124 0.39 59.60 -32.64
C LYS F 124 0.60 59.35 -31.16
N GLY F 125 1.16 60.35 -30.46
CA GLY F 125 1.41 60.23 -29.05
C GLY F 125 0.18 60.55 -28.23
N PRO F 126 0.31 60.40 -26.91
CA PRO F 126 -0.83 60.59 -26.02
C PRO F 126 -1.11 62.07 -25.76
N SER F 127 -2.20 62.30 -25.02
CA SER F 127 -2.71 63.63 -24.68
C SER F 127 -3.08 63.67 -23.19
N VAL F 128 -2.13 63.26 -22.35
CA VAL F 128 -2.41 62.98 -20.95
C VAL F 128 -2.99 64.21 -20.25
N PHE F 129 -4.02 63.99 -19.44
CA PHE F 129 -4.66 65.00 -18.63
C PHE F 129 -4.80 64.50 -17.19
N PRO F 130 -4.97 65.40 -16.22
CA PRO F 130 -5.12 64.95 -14.82
C PRO F 130 -6.57 64.70 -14.42
N LEU F 131 -6.78 64.24 -13.19
CA LEU F 131 -8.12 64.13 -12.60
C LEU F 131 -8.06 64.68 -11.18
N ALA F 132 -8.77 65.77 -10.93
CA ALA F 132 -8.78 66.37 -9.61
C ALA F 132 -9.62 65.52 -8.66
N PRO F 133 -9.10 65.07 -7.48
CA PRO F 133 -9.85 64.16 -6.62
C PRO F 133 -10.79 64.87 -5.64
N SER F 134 -11.53 65.87 -6.13
CA SER F 134 -12.51 66.60 -5.33
C SER F 134 -11.88 67.19 -4.06
N SER F 135 -10.76 67.88 -4.25
CA SER F 135 -10.02 68.47 -3.15
C SER F 135 -9.57 67.41 -2.15
N THR F 142 -9.11 57.92 1.53
CA THR F 142 -10.08 57.29 0.65
C THR F 142 -10.33 58.16 -0.58
N ALA F 143 -9.31 58.89 -1.02
CA ALA F 143 -9.39 59.78 -2.17
C ALA F 143 -8.82 59.08 -3.39
N ALA F 144 -9.57 59.10 -4.49
CA ALA F 144 -9.17 58.48 -5.74
C ALA F 144 -8.76 59.56 -6.74
N LEU F 145 -7.55 59.42 -7.28
CA LEU F 145 -7.03 60.37 -8.26
C LEU F 145 -6.36 59.59 -9.38
N GLY F 146 -6.33 60.18 -10.57
CA GLY F 146 -5.77 59.49 -11.72
C GLY F 146 -5.40 60.44 -12.82
N CYS F 147 -4.88 59.85 -13.90
CA CYS F 147 -4.58 60.57 -15.13
C CYS F 147 -5.15 59.82 -16.32
N LEU F 148 -5.66 60.58 -17.28
CA LEU F 148 -6.42 60.10 -18.42
C LEU F 148 -5.55 60.25 -19.67
N VAL F 149 -5.23 59.12 -20.30
CA VAL F 149 -4.48 59.09 -21.55
C VAL F 149 -5.49 59.03 -22.68
N LYS F 150 -5.22 59.81 -23.74
CA LYS F 150 -6.17 59.93 -24.85
C LYS F 150 -5.42 60.02 -26.17
N ASP F 151 -6.09 59.58 -27.24
CA ASP F 151 -5.72 59.90 -28.62
C ASP F 151 -4.30 59.39 -28.95
N TYR F 152 -4.15 58.06 -28.90
CA TYR F 152 -2.97 57.39 -29.39
C TYR F 152 -3.42 56.19 -30.22
N PHE F 153 -2.95 56.10 -31.45
CA PHE F 153 -3.41 55.04 -32.34
C PHE F 153 -2.76 53.70 -32.04
N PRO F 154 -1.42 53.56 -32.09
CA PRO F 154 -0.83 52.22 -31.99
C PRO F 154 -0.62 51.79 -30.54
N GLU F 155 -1.09 50.58 -30.21
CA GLU F 155 -0.88 50.04 -28.89
C GLU F 155 0.57 49.61 -28.73
N PRO F 156 1.06 49.46 -27.48
CA PRO F 156 0.47 49.74 -26.17
C PRO F 156 1.03 51.02 -25.54
N VAL F 157 0.46 51.42 -24.41
CA VAL F 157 0.98 52.52 -23.61
C VAL F 157 1.12 52.02 -22.18
N THR F 158 2.28 52.26 -21.57
CA THR F 158 2.55 51.83 -20.20
C THR F 158 2.49 53.04 -19.28
N VAL F 159 1.65 52.94 -18.25
CA VAL F 159 1.46 54.01 -17.26
C VAL F 159 2.07 53.53 -15.94
N SER F 160 3.01 54.31 -15.41
CA SER F 160 3.68 54.00 -14.16
C SER F 160 3.57 55.19 -13.23
N TRP F 161 3.16 54.94 -11.99
CA TRP F 161 2.93 55.99 -11.01
C TRP F 161 4.18 56.20 -10.16
N ASN F 162 4.62 57.45 -10.07
CA ASN F 162 5.85 57.81 -9.34
C ASN F 162 7.04 57.01 -9.87
N SER F 163 7.09 56.82 -11.19
CA SER F 163 8.13 56.03 -11.83
C SER F 163 8.17 54.61 -11.26
N GLY F 164 6.99 54.06 -10.98
CA GLY F 164 6.88 52.73 -10.43
C GLY F 164 6.98 52.63 -8.92
N ALA F 165 7.26 53.73 -8.23
CA ALA F 165 7.35 53.69 -6.77
C ALA F 165 6.00 53.35 -6.16
N LEU F 166 4.93 53.95 -6.66
CA LEU F 166 3.58 53.71 -6.16
C LEU F 166 2.92 52.64 -7.01
N THR F 167 2.57 51.51 -6.38
CA THR F 167 1.96 50.36 -7.04
C THR F 167 0.67 49.91 -6.39
N SER F 168 0.57 49.97 -5.07
CA SER F 168 -0.61 49.47 -4.38
C SER F 168 -1.81 50.35 -4.68
N GLY F 169 -2.95 49.71 -4.90
CA GLY F 169 -4.21 50.41 -5.14
C GLY F 169 -4.36 50.98 -6.53
N VAL F 170 -3.42 50.73 -7.44
CA VAL F 170 -3.49 51.29 -8.78
C VAL F 170 -4.39 50.44 -9.66
N HIS F 171 -5.12 51.09 -10.56
CA HIS F 171 -5.97 50.42 -11.53
C HIS F 171 -5.76 51.08 -12.88
N THR F 172 -5.23 50.30 -13.84
CA THR F 172 -5.03 50.75 -15.22
C THR F 172 -6.07 50.04 -16.06
N PHE F 173 -7.11 50.77 -16.46
CA PHE F 173 -8.21 50.18 -17.17
C PHE F 173 -7.79 49.82 -18.60
N PRO F 174 -8.45 48.85 -19.24
CA PRO F 174 -8.11 48.54 -20.64
C PRO F 174 -8.46 49.70 -21.56
N ALA F 175 -7.71 49.80 -22.64
CA ALA F 175 -7.97 50.82 -23.64
C ALA F 175 -9.28 50.53 -24.37
N VAL F 176 -9.87 51.57 -24.94
CA VAL F 176 -11.13 51.47 -25.67
C VAL F 176 -11.00 52.25 -26.98
N LEU F 177 -11.55 51.68 -28.05
CA LEU F 177 -11.55 52.36 -29.33
C LEU F 177 -12.49 53.57 -29.26
N GLN F 178 -11.98 54.73 -29.65
CA GLN F 178 -12.80 55.92 -29.77
C GLN F 178 -13.53 55.92 -31.11
N SER F 179 -14.53 56.80 -31.22
CA SER F 179 -15.25 56.94 -32.49
C SER F 179 -14.33 57.44 -33.60
N SER F 180 -13.24 58.13 -33.26
CA SER F 180 -12.27 58.61 -34.24
C SER F 180 -11.22 57.57 -34.61
N GLY F 181 -11.32 56.36 -34.07
CA GLY F 181 -10.34 55.32 -34.37
C GLY F 181 -9.08 55.36 -33.53
N LEU F 182 -9.07 56.12 -32.44
CA LEU F 182 -7.92 56.23 -31.54
C LEU F 182 -8.27 55.63 -30.19
N TYR F 183 -7.24 55.31 -29.42
CA TYR F 183 -7.39 54.67 -28.12
C TYR F 183 -7.29 55.67 -26.99
N SER F 184 -7.95 55.36 -25.88
CA SER F 184 -7.92 56.18 -24.69
C SER F 184 -8.19 55.29 -23.48
N LEU F 185 -7.55 55.62 -22.36
CA LEU F 185 -7.74 54.90 -21.12
C LEU F 185 -7.56 55.86 -19.96
N SER F 186 -7.82 55.37 -18.75
CA SER F 186 -7.63 56.13 -17.52
C SER F 186 -6.94 55.25 -16.50
N SER F 187 -5.89 55.77 -15.88
CA SER F 187 -5.17 55.08 -14.82
C SER F 187 -5.41 55.83 -13.52
N VAL F 188 -5.99 55.14 -12.53
CA VAL F 188 -6.41 55.76 -11.29
C VAL F 188 -5.74 55.02 -10.12
N VAL F 189 -5.85 55.61 -8.94
CA VAL F 189 -5.26 55.05 -7.74
C VAL F 189 -5.93 55.71 -6.53
N THR F 190 -6.13 54.91 -5.49
CA THR F 190 -6.74 55.36 -4.24
C THR F 190 -5.67 55.51 -3.18
N VAL F 191 -5.70 56.64 -2.48
CA VAL F 191 -4.75 56.92 -1.40
C VAL F 191 -5.47 57.62 -0.27
N PRO F 192 -4.93 57.57 0.95
CA PRO F 192 -5.57 58.30 2.05
C PRO F 192 -5.51 59.80 1.81
N SER F 193 -6.50 60.51 2.35
CA SER F 193 -6.60 61.95 2.14
C SER F 193 -5.40 62.67 2.74
N SER F 194 -4.52 63.18 1.88
CA SER F 194 -3.31 63.87 2.34
C SER F 194 -2.83 64.85 1.28
N GLN F 199 2.22 63.76 -0.38
CA GLN F 199 3.14 63.60 -1.50
C GLN F 199 2.45 63.92 -2.82
N THR F 200 3.19 64.53 -3.74
CA THR F 200 2.67 64.88 -5.06
C THR F 200 2.87 63.70 -6.00
N TYR F 201 1.78 63.09 -6.43
CA TYR F 201 1.86 61.92 -7.30
C TYR F 201 2.03 62.34 -8.76
N ILE F 202 2.87 61.59 -9.48
CA ILE F 202 3.18 61.85 -10.87
C ILE F 202 3.04 60.55 -11.64
N CYS F 203 2.33 60.59 -12.77
CA CYS F 203 2.15 59.43 -13.65
C CYS F 203 2.94 59.66 -14.93
N ASN F 204 3.75 58.66 -15.29
CA ASN F 204 4.56 58.65 -16.50
C ASN F 204 3.92 57.71 -17.50
N VAL F 205 3.68 58.22 -18.71
CA VAL F 205 3.05 57.47 -19.79
C VAL F 205 4.08 57.30 -20.89
N ASN F 206 4.45 56.05 -21.16
CA ASN F 206 5.43 55.71 -22.20
C ASN F 206 4.70 55.04 -23.36
N HIS F 207 4.96 55.56 -24.56
CA HIS F 207 4.36 55.07 -25.81
C HIS F 207 5.51 54.72 -26.75
N LYS F 208 5.83 53.43 -26.84
CA LYS F 208 7.01 53.02 -27.60
C LYS F 208 6.97 53.40 -29.08
N PRO F 209 5.85 53.26 -29.81
CA PRO F 209 5.86 53.68 -31.22
C PRO F 209 6.24 55.14 -31.43
N SER F 210 5.59 56.06 -30.71
CA SER F 210 5.92 57.47 -30.82
C SER F 210 7.13 57.87 -29.97
N ASN F 211 7.62 56.98 -29.11
CA ASN F 211 8.76 57.26 -28.24
C ASN F 211 8.50 58.49 -27.37
N THR F 212 7.27 58.60 -26.87
CA THR F 212 6.83 59.72 -26.05
C THR F 212 6.80 59.28 -24.59
N LYS F 213 7.54 59.98 -23.74
CA LYS F 213 7.66 59.68 -22.32
C LYS F 213 7.06 60.83 -21.49
N VAL F 214 5.88 61.31 -21.90
CA VAL F 214 5.28 62.46 -21.25
C VAL F 214 4.89 62.10 -19.82
N ASP F 215 5.18 63.02 -18.90
CA ASP F 215 4.81 62.91 -17.49
C ASP F 215 3.65 63.85 -17.18
N LYS F 216 3.00 63.61 -16.05
CA LYS F 216 1.96 64.52 -15.58
C LYS F 216 1.83 64.40 -14.07
N LYS F 217 1.95 65.52 -13.38
CA LYS F 217 1.84 65.58 -11.92
C LYS F 217 0.40 65.99 -11.57
N VAL F 218 -0.37 65.02 -11.07
CA VAL F 218 -1.76 65.28 -10.68
C VAL F 218 -1.78 65.92 -9.31
N GLU F 219 -2.70 66.86 -9.13
CA GLU F 219 -2.84 67.58 -7.86
C GLU F 219 -4.26 68.10 -7.77
N PRO F 220 -4.73 68.48 -6.56
CA PRO F 220 -6.09 69.02 -6.45
C PRO F 220 -6.25 70.35 -7.21
N ASP G 17 -35.55 27.77 -38.51
CA ASP G 17 -35.57 26.72 -37.51
C ASP G 17 -34.16 26.43 -36.98
N VAL G 18 -33.34 27.48 -36.92
CA VAL G 18 -31.97 27.33 -36.41
C VAL G 18 -32.02 27.00 -34.92
N VAL G 19 -31.03 26.24 -34.47
CA VAL G 19 -30.94 25.84 -33.07
C VAL G 19 -30.13 26.89 -32.30
N MET G 20 -30.62 27.23 -31.11
CA MET G 20 -29.90 28.11 -30.20
C MET G 20 -29.89 27.48 -28.81
N THR G 21 -28.86 27.82 -28.04
CA THR G 21 -28.64 27.25 -26.71
C THR G 21 -28.58 28.37 -25.68
N GLN G 22 -29.14 28.11 -24.50
CA GLN G 22 -29.17 29.05 -23.40
C GLN G 22 -28.51 28.44 -22.17
N SER G 23 -27.69 29.23 -21.49
CA SER G 23 -26.96 28.84 -20.31
C SER G 23 -26.99 29.97 -19.30
N PRO G 24 -26.67 29.70 -18.03
CA PRO G 24 -26.55 30.80 -17.07
C PRO G 24 -25.45 31.76 -17.49
N LEU G 25 -25.76 33.05 -17.44
CA LEU G 25 -24.82 34.06 -17.94
C LEU G 25 -23.61 34.21 -17.02
N SER G 26 -23.75 33.91 -15.74
CA SER G 26 -22.63 33.98 -14.81
C SER G 26 -22.83 32.94 -13.72
N LEU G 27 -21.73 32.54 -13.11
CA LEU G 27 -21.76 31.50 -12.08
C LEU G 27 -20.55 31.67 -11.16
N PRO G 28 -20.69 32.28 -9.98
CA PRO G 28 -19.56 32.35 -9.06
C PRO G 28 -19.15 30.97 -8.57
N VAL G 29 -17.86 30.85 -8.22
CA VAL G 29 -17.27 29.61 -7.73
C VAL G 29 -16.40 29.93 -6.52
N THR G 30 -16.02 28.87 -5.81
CA THR G 30 -15.09 28.93 -4.69
C THR G 30 -13.95 27.95 -4.94
N PRO G 31 -12.73 28.23 -4.43
CA PRO G 31 -11.63 27.28 -4.68
C PRO G 31 -11.79 25.97 -3.92
N GLY G 32 -12.59 25.05 -4.48
CA GLY G 32 -12.74 23.72 -3.92
C GLY G 32 -14.13 23.13 -4.02
N GLU G 33 -15.15 23.98 -4.09
CA GLU G 33 -16.51 23.49 -4.13
C GLU G 33 -16.83 22.90 -5.50
N PRO G 34 -17.88 22.08 -5.60
CA PRO G 34 -18.35 21.67 -6.93
C PRO G 34 -19.00 22.82 -7.68
N ALA G 35 -18.99 22.71 -9.01
CA ALA G 35 -19.63 23.68 -9.88
C ALA G 35 -20.37 22.94 -10.97
N SER G 36 -21.42 23.57 -11.49
CA SER G 36 -22.26 22.93 -12.51
C SER G 36 -22.83 24.02 -13.41
N ILE G 37 -22.36 24.05 -14.66
CA ILE G 37 -22.90 24.93 -15.69
C ILE G 37 -23.91 24.13 -16.48
N SER G 38 -25.01 24.78 -16.88
CA SER G 38 -26.13 24.12 -17.55
C SER G 38 -26.35 24.74 -18.93
N CYS G 39 -26.89 23.92 -19.83
CA CYS G 39 -27.24 24.37 -21.18
C CYS G 39 -28.55 23.70 -21.59
N ARG G 40 -29.40 24.47 -22.28
CA ARG G 40 -30.67 23.98 -22.79
C ARG G 40 -30.81 24.42 -24.23
N SER G 41 -31.21 23.48 -25.09
CA SER G 41 -31.40 23.72 -26.51
C SER G 41 -32.88 23.67 -26.86
N SER G 42 -33.27 24.43 -27.88
CA SER G 42 -34.66 24.46 -28.33
C SER G 42 -35.04 23.26 -29.18
N GLN G 43 -34.07 22.42 -29.58
CA GLN G 43 -34.34 21.23 -30.36
C GLN G 43 -33.57 20.06 -29.77
N SER G 44 -34.09 18.86 -29.97
CA SER G 44 -33.43 17.66 -29.47
C SER G 44 -32.14 17.43 -30.26
N LEU G 45 -31.01 17.48 -29.56
CA LEU G 45 -29.71 17.29 -30.18
C LEU G 45 -29.34 15.82 -30.34
N LEU G 46 -30.18 14.90 -29.89
CA LEU G 46 -29.91 13.47 -30.05
C LEU G 46 -30.08 13.09 -31.52
N HIS G 47 -28.96 12.89 -32.21
CA HIS G 47 -29.00 12.47 -33.60
C HIS G 47 -29.49 11.03 -33.68
N SER G 48 -29.82 10.59 -34.91
CA SER G 48 -30.18 9.21 -35.15
C SER G 48 -29.05 8.24 -34.78
N ASN G 49 -27.81 8.72 -34.75
CA ASN G 49 -26.69 7.89 -34.33
C ASN G 49 -26.75 7.51 -32.85
N GLY G 50 -27.60 8.16 -32.06
CA GLY G 50 -27.60 7.94 -30.63
C GLY G 50 -26.54 8.74 -29.91
N TYR G 51 -26.18 9.90 -30.44
CA TYR G 51 -25.17 10.78 -29.87
C TYR G 51 -25.75 12.17 -29.68
N ASN G 52 -25.22 12.89 -28.70
CA ASN G 52 -25.58 14.28 -28.45
C ASN G 52 -24.51 15.16 -29.09
N TYR G 53 -24.89 15.89 -30.15
CA TYR G 53 -23.94 16.66 -30.94
C TYR G 53 -23.71 18.02 -30.25
N LEU G 54 -23.02 17.95 -29.11
CA LEU G 54 -22.71 19.12 -28.30
C LEU G 54 -21.25 19.06 -27.87
N ASP G 55 -20.62 20.23 -27.75
CA ASP G 55 -19.22 20.32 -27.35
C ASP G 55 -19.05 21.48 -26.38
N TRP G 56 -18.23 21.24 -25.35
CA TRP G 56 -17.87 22.24 -24.36
C TRP G 56 -16.41 22.63 -24.55
N TYR G 57 -16.17 23.92 -24.77
CA TYR G 57 -14.85 24.52 -24.84
C TYR G 57 -14.67 25.50 -23.68
N LEU G 58 -13.42 25.71 -23.30
CA LEU G 58 -13.05 26.65 -22.25
C LEU G 58 -12.03 27.63 -22.82
N GLN G 59 -12.27 28.92 -22.59
CA GLN G 59 -11.33 29.98 -22.93
C GLN G 59 -10.90 30.63 -21.61
N LYS G 60 -9.65 30.40 -21.23
CA LYS G 60 -9.09 31.06 -20.07
C LYS G 60 -8.76 32.51 -20.43
N PRO G 61 -8.65 33.39 -19.43
CA PRO G 61 -8.36 34.79 -19.74
C PRO G 61 -6.99 34.95 -20.38
N GLY G 62 -6.96 35.59 -21.53
CA GLY G 62 -5.69 35.80 -22.24
C GLY G 62 -5.05 34.51 -22.72
N GLN G 63 -5.86 33.58 -23.24
CA GLN G 63 -5.34 32.33 -23.76
C GLN G 63 -6.28 31.83 -24.86
N SER G 64 -5.76 30.93 -25.69
CA SER G 64 -6.57 30.38 -26.76
C SER G 64 -7.59 29.39 -26.20
N PRO G 65 -8.74 29.21 -26.85
CA PRO G 65 -9.69 28.21 -26.37
C PRO G 65 -9.15 26.80 -26.53
N GLN G 66 -9.69 25.89 -25.71
CA GLN G 66 -9.35 24.48 -25.77
C GLN G 66 -10.61 23.65 -25.62
N LEU G 67 -10.55 22.42 -26.11
CA LEU G 67 -11.69 21.51 -26.05
C LEU G 67 -11.71 20.80 -24.71
N LEU G 68 -12.86 20.88 -24.01
CA LEU G 68 -13.08 20.15 -22.77
C LEU G 68 -13.84 18.87 -23.00
N ILE G 69 -15.03 18.96 -23.60
CA ILE G 69 -15.93 17.81 -23.75
C ILE G 69 -16.45 17.79 -25.18
N TYR G 70 -16.57 16.59 -25.74
CA TYR G 70 -17.17 16.39 -27.05
C TYR G 70 -18.15 15.24 -26.99
N LEU G 71 -19.17 15.32 -27.84
CA LEU G 71 -20.26 14.34 -27.87
C LEU G 71 -20.93 14.20 -26.52
N GLY G 72 -21.09 15.33 -25.82
CA GLY G 72 -21.83 15.34 -24.57
C GLY G 72 -21.04 14.87 -23.37
N SER G 73 -20.54 13.64 -23.40
CA SER G 73 -19.94 12.99 -22.24
C SER G 73 -18.46 12.70 -22.39
N ASN G 74 -17.97 12.44 -23.60
CA ASN G 74 -16.58 12.03 -23.78
C ASN G 74 -15.65 13.19 -23.47
N ARG G 75 -14.65 12.93 -22.63
CA ARG G 75 -13.68 13.94 -22.22
C ARG G 75 -12.45 13.85 -23.11
N ALA G 76 -12.03 14.99 -23.65
CA ALA G 76 -10.85 15.03 -24.50
C ALA G 76 -9.59 14.70 -23.70
N SER G 77 -8.65 14.04 -24.38
CA SER G 77 -7.40 13.68 -23.73
C SER G 77 -6.59 14.91 -23.39
N GLY G 78 -5.89 14.86 -22.25
CA GLY G 78 -5.10 15.97 -21.77
C GLY G 78 -5.85 16.94 -20.88
N VAL G 79 -7.18 16.92 -20.90
CA VAL G 79 -7.99 17.74 -20.02
C VAL G 79 -7.86 17.13 -18.62
N PRO G 80 -7.94 17.90 -17.53
CA PRO G 80 -7.96 17.27 -16.22
C PRO G 80 -9.21 16.42 -16.02
N ASP G 81 -9.10 15.45 -15.11
CA ASP G 81 -10.21 14.55 -14.82
C ASP G 81 -11.36 15.24 -14.10
N ARG G 82 -11.20 16.49 -13.67
CA ARG G 82 -12.24 17.17 -12.90
C ARG G 82 -13.50 17.37 -13.74
N PHE G 83 -13.33 17.76 -15.00
CA PHE G 83 -14.47 18.08 -15.84
C PHE G 83 -15.24 16.82 -16.21
N SER G 84 -16.57 16.94 -16.30
CA SER G 84 -17.40 15.82 -16.72
C SER G 84 -18.70 16.35 -17.31
N GLY G 85 -19.03 15.89 -18.51
CA GLY G 85 -20.27 16.25 -19.17
C GLY G 85 -21.37 15.23 -18.89
N SER G 86 -22.61 15.70 -18.90
CA SER G 86 -23.76 14.83 -18.66
C SER G 86 -24.99 15.46 -19.28
N GLY G 87 -26.06 14.67 -19.35
CA GLY G 87 -27.32 15.10 -19.91
C GLY G 87 -27.54 14.50 -21.29
N SER G 88 -28.69 14.84 -21.88
CA SER G 88 -29.07 14.24 -23.14
C SER G 88 -30.31 14.94 -23.69
N GLY G 89 -30.44 14.91 -25.00
CA GLY G 89 -31.63 15.40 -25.68
C GLY G 89 -31.65 16.91 -25.84
N THR G 90 -32.00 17.61 -24.78
CA THR G 90 -32.04 19.07 -24.76
C THR G 90 -31.28 19.66 -23.58
N ASP G 91 -31.33 19.01 -22.41
CA ASP G 91 -30.68 19.51 -21.21
C ASP G 91 -29.32 18.87 -21.06
N PHE G 92 -28.29 19.68 -20.86
CA PHE G 92 -26.92 19.22 -20.68
C PHE G 92 -26.28 20.00 -19.54
N THR G 93 -25.25 19.41 -18.95
CA THR G 93 -24.58 20.02 -17.81
C THR G 93 -23.12 19.62 -17.80
N LEU G 94 -22.25 20.61 -17.61
CA LEU G 94 -20.84 20.39 -17.36
C LEU G 94 -20.58 20.57 -15.87
N LYS G 95 -20.03 19.53 -15.24
CA LYS G 95 -19.80 19.50 -13.81
C LYS G 95 -18.30 19.51 -13.56
N ILE G 96 -17.86 20.39 -12.67
CA ILE G 96 -16.48 20.50 -12.23
C ILE G 96 -16.42 20.07 -10.77
N SER G 97 -15.55 19.12 -10.47
CA SER G 97 -15.44 18.68 -9.08
C SER G 97 -14.72 19.73 -8.24
N ARG G 98 -13.44 19.95 -8.51
CA ARG G 98 -12.62 20.94 -7.81
C ARG G 98 -12.52 22.16 -8.71
N VAL G 99 -13.03 23.29 -8.25
CA VAL G 99 -12.78 24.56 -8.92
C VAL G 99 -11.48 25.14 -8.37
N GLU G 100 -10.60 25.57 -9.27
CA GLU G 100 -9.34 26.20 -8.93
C GLU G 100 -9.28 27.61 -9.52
N ALA G 101 -8.23 28.34 -9.14
CA ALA G 101 -8.06 29.69 -9.67
C ALA G 101 -7.88 29.68 -11.19
N GLU G 102 -7.19 28.67 -11.72
CA GLU G 102 -6.96 28.57 -13.15
C GLU G 102 -8.19 28.10 -13.92
N ASP G 103 -9.23 27.62 -13.24
CA ASP G 103 -10.45 27.19 -13.91
C ASP G 103 -11.38 28.35 -14.25
N VAL G 104 -11.04 29.58 -13.86
CA VAL G 104 -11.86 30.73 -14.21
C VAL G 104 -11.67 31.05 -15.69
N GLY G 105 -12.74 31.50 -16.33
CA GLY G 105 -12.71 31.79 -17.74
C GLY G 105 -14.12 31.87 -18.29
N VAL G 106 -14.25 31.52 -19.57
CA VAL G 106 -15.55 31.48 -20.25
C VAL G 106 -15.74 30.07 -20.79
N TYR G 107 -16.88 29.47 -20.47
CA TYR G 107 -17.23 28.12 -20.88
C TYR G 107 -18.31 28.19 -21.95
N TYR G 108 -17.97 27.78 -23.17
CA TYR G 108 -18.89 27.80 -24.31
C TYR G 108 -19.39 26.37 -24.56
N CYS G 109 -20.69 26.17 -24.41
CA CYS G 109 -21.35 24.97 -24.92
C CYS G 109 -21.96 25.31 -26.27
N MET G 110 -21.68 24.49 -27.27
CA MET G 110 -22.06 24.81 -28.64
C MET G 110 -22.39 23.51 -29.37
N GLN G 111 -23.48 23.54 -30.12
CA GLN G 111 -23.98 22.36 -30.80
C GLN G 111 -23.25 22.15 -32.12
N SER G 112 -23.41 20.94 -32.66
CA SER G 112 -22.89 20.58 -33.98
C SER G 112 -23.90 19.81 -34.81
N LEU G 113 -25.16 19.72 -34.36
CA LEU G 113 -26.19 19.07 -35.15
C LEU G 113 -26.43 19.83 -36.45
N GLN G 114 -26.54 21.16 -36.35
CA GLN G 114 -26.86 22.03 -37.48
C GLN G 114 -25.66 22.93 -37.75
N THR G 115 -24.87 22.57 -38.75
CA THR G 115 -23.70 23.33 -39.15
C THR G 115 -24.03 24.24 -40.34
N PRO G 116 -23.30 25.36 -40.54
CA PRO G 116 -22.22 25.91 -39.73
C PRO G 116 -22.74 26.71 -38.53
N ARG G 117 -21.89 26.94 -37.54
CA ARG G 117 -22.26 27.69 -36.35
C ARG G 117 -21.75 29.11 -36.49
N LEU G 118 -22.66 30.08 -36.53
CA LEU G 118 -22.28 31.46 -36.77
C LEU G 118 -21.42 32.00 -35.63
N THR G 119 -21.83 31.73 -34.39
CA THR G 119 -21.11 32.21 -33.21
C THR G 119 -21.16 31.15 -32.13
N PHE G 120 -20.23 31.25 -31.19
CA PHE G 120 -20.17 30.33 -30.07
C PHE G 120 -21.15 30.68 -28.95
N GLY G 121 -21.85 31.81 -29.05
CA GLY G 121 -22.78 32.23 -28.03
C GLY G 121 -22.12 33.11 -26.99
N PRO G 122 -22.93 33.70 -26.09
CA PRO G 122 -22.37 34.61 -25.09
C PRO G 122 -21.44 33.93 -24.09
N GLY G 123 -21.52 32.61 -23.94
CA GLY G 123 -20.68 31.92 -22.99
C GLY G 123 -21.21 32.04 -21.58
N THR G 124 -20.36 31.63 -20.63
CA THR G 124 -20.70 31.64 -19.21
C THR G 124 -19.48 32.09 -18.42
N LYS G 125 -19.50 33.32 -17.94
CA LYS G 125 -18.39 33.83 -17.14
C LYS G 125 -18.31 33.09 -15.82
N VAL G 126 -17.08 32.78 -15.40
CA VAL G 126 -16.81 32.10 -14.14
C VAL G 126 -15.75 32.90 -13.40
N ASP G 127 -16.03 33.19 -12.13
CA ASP G 127 -15.14 34.01 -11.31
C ASP G 127 -15.29 33.60 -9.85
N ILE G 128 -14.30 33.97 -9.05
CA ILE G 128 -14.26 33.53 -7.66
C ILE G 128 -15.39 34.22 -6.89
N LYS G 129 -15.98 33.48 -5.94
CA LYS G 129 -17.08 33.97 -5.14
C LYS G 129 -16.56 34.56 -3.84
N ARG G 130 -17.14 35.69 -3.43
CA ARG G 130 -16.82 36.33 -2.17
C ARG G 130 -18.07 37.06 -1.68
N THR G 131 -17.95 37.68 -0.51
CA THR G 131 -19.07 38.43 0.05
C THR G 131 -19.42 39.60 -0.84
N VAL G 132 -20.72 39.87 -0.97
CA VAL G 132 -21.19 40.97 -1.79
C VAL G 132 -20.72 42.28 -1.18
N ALA G 133 -20.12 43.14 -2.01
CA ALA G 133 -19.59 44.43 -1.58
C ALA G 133 -20.19 45.53 -2.45
N ALA G 134 -20.69 46.57 -1.80
CA ALA G 134 -21.25 47.70 -2.51
C ALA G 134 -20.12 48.53 -3.14
N PRO G 135 -20.42 49.30 -4.18
CA PRO G 135 -19.37 50.07 -4.84
C PRO G 135 -19.10 51.39 -4.14
N SER G 136 -17.80 51.70 -4.00
CA SER G 136 -17.37 53.01 -3.51
C SER G 136 -17.34 53.97 -4.70
N VAL G 137 -18.52 54.49 -5.02
CA VAL G 137 -18.67 55.32 -6.21
C VAL G 137 -17.85 56.60 -6.06
N PHE G 138 -17.30 57.07 -7.19
CA PHE G 138 -16.58 58.33 -7.25
C PHE G 138 -16.88 59.00 -8.58
N ILE G 139 -16.83 60.33 -8.57
CA ILE G 139 -17.04 61.14 -9.76
C ILE G 139 -16.01 62.26 -9.77
N PHE G 140 -15.45 62.54 -10.95
CA PHE G 140 -14.47 63.60 -11.13
C PHE G 140 -15.00 64.65 -12.09
N PRO G 141 -14.52 65.89 -12.03
CA PRO G 141 -14.90 66.88 -13.03
C PRO G 141 -13.96 66.84 -14.21
N PRO G 142 -14.30 67.50 -15.32
CA PRO G 142 -13.34 67.60 -16.42
C PRO G 142 -12.21 68.54 -16.05
N SER G 143 -11.05 68.33 -16.69
CA SER G 143 -9.89 69.17 -16.43
C SER G 143 -10.11 70.56 -17.03
N ASP G 144 -9.08 71.40 -16.91
CA ASP G 144 -9.11 72.75 -17.47
C ASP G 144 -8.50 72.79 -18.86
N GLU G 145 -7.31 72.19 -19.03
CA GLU G 145 -6.68 72.15 -20.35
C GLU G 145 -7.52 71.36 -21.34
N GLN G 146 -8.27 70.37 -20.87
CA GLN G 146 -9.12 69.61 -21.77
C GLN G 146 -10.22 70.49 -22.36
N LEU G 147 -10.80 71.38 -21.53
CA LEU G 147 -11.85 72.26 -22.02
C LEU G 147 -11.32 73.21 -23.09
N LYS G 148 -10.19 73.87 -22.83
CA LYS G 148 -9.63 74.78 -23.82
C LYS G 148 -9.10 74.03 -25.04
N SER G 149 -8.79 72.74 -24.90
CA SER G 149 -8.47 71.92 -26.07
C SER G 149 -9.66 71.78 -27.00
N GLY G 150 -10.88 71.80 -26.44
CA GLY G 150 -12.10 71.74 -27.23
C GLY G 150 -12.93 70.49 -26.97
N THR G 151 -12.82 69.93 -25.77
CA THR G 151 -13.58 68.73 -25.41
C THR G 151 -13.79 68.72 -23.91
N ALA G 152 -14.85 68.03 -23.49
CA ALA G 152 -15.16 67.81 -22.08
C ALA G 152 -15.36 66.32 -21.84
N SER G 153 -14.93 65.85 -20.67
CA SER G 153 -15.00 64.43 -20.34
C SER G 153 -15.23 64.29 -18.84
N VAL G 154 -16.49 64.15 -18.45
CA VAL G 154 -16.84 63.83 -17.07
C VAL G 154 -16.70 62.32 -16.88
N VAL G 155 -16.04 61.92 -15.80
CA VAL G 155 -15.66 60.54 -15.57
C VAL G 155 -16.12 60.10 -14.19
N CYS G 156 -16.99 59.10 -14.14
CA CYS G 156 -17.31 58.38 -12.93
C CYS G 156 -16.50 57.09 -12.87
N LEU G 157 -16.45 56.49 -11.68
CA LEU G 157 -15.83 55.19 -11.54
C LEU G 157 -16.27 54.56 -10.23
N LEU G 158 -16.68 53.30 -10.30
CA LEU G 158 -16.85 52.47 -9.12
C LEU G 158 -15.49 51.95 -8.68
N ASN G 159 -15.46 51.26 -7.55
CA ASN G 159 -14.20 50.69 -7.07
C ASN G 159 -14.50 49.62 -6.04
N ASN G 160 -13.94 48.43 -6.25
CA ASN G 160 -13.99 47.33 -5.28
C ASN G 160 -15.44 46.95 -4.95
N PHE G 161 -16.12 46.44 -5.98
CA PHE G 161 -17.48 45.96 -5.87
C PHE G 161 -17.55 44.54 -6.42
N TYR G 162 -18.60 43.82 -6.01
CA TYR G 162 -18.81 42.44 -6.44
C TYR G 162 -20.29 42.12 -6.33
N PRO G 163 -20.87 41.36 -7.28
CA PRO G 163 -20.37 40.83 -8.55
C PRO G 163 -20.44 41.87 -9.67
N ARG G 164 -19.75 41.63 -10.78
CA ARG G 164 -19.78 42.58 -11.88
C ARG G 164 -21.20 42.65 -12.45
N GLY G 165 -21.58 43.86 -12.88
CA GLY G 165 -22.89 44.10 -13.43
C GLY G 165 -23.59 45.32 -12.85
N ALA G 166 -22.89 46.10 -12.03
CA ALA G 166 -23.47 47.31 -11.46
C ALA G 166 -23.75 48.31 -12.58
N LYS G 167 -25.02 48.50 -12.90
CA LYS G 167 -25.37 49.37 -14.01
C LYS G 167 -25.24 50.83 -13.60
N VAL G 168 -24.93 51.67 -14.60
CA VAL G 168 -24.70 53.10 -14.38
C VAL G 168 -25.49 53.89 -15.41
N GLN G 169 -25.70 55.16 -15.10
CA GLN G 169 -26.46 56.06 -15.95
C GLN G 169 -25.96 57.48 -15.72
N TRP G 170 -25.97 58.28 -16.79
CA TRP G 170 -25.52 59.67 -16.76
C TRP G 170 -26.74 60.57 -16.90
N LYS G 171 -27.28 61.02 -15.77
CA LYS G 171 -28.41 61.93 -15.75
C LYS G 171 -27.88 63.32 -16.06
N VAL G 172 -27.77 63.62 -17.36
CA VAL G 172 -27.25 64.92 -17.79
C VAL G 172 -28.20 66.05 -17.41
N ASP G 173 -29.49 65.76 -17.26
CA ASP G 173 -30.46 66.78 -16.88
C ASP G 173 -31.69 66.09 -16.33
N ASN G 174 -32.59 66.88 -15.77
CA ASN G 174 -33.82 66.37 -15.17
C ASN G 174 -34.69 65.69 -16.22
N LEU G 176 -31.67 61.28 -18.73
CA LEU G 176 -30.90 60.11 -19.13
C LEU G 176 -30.10 60.41 -20.39
N GLN G 177 -29.13 59.54 -20.69
CA GLN G 177 -28.26 59.73 -21.85
C GLN G 177 -27.89 58.37 -22.43
N SER G 178 -27.52 58.39 -23.70
CA SER G 178 -27.06 57.18 -24.39
C SER G 178 -26.35 57.60 -25.67
N GLY G 179 -25.49 56.72 -26.16
CA GLY G 179 -24.76 56.96 -27.39
C GLY G 179 -23.53 57.84 -27.24
N ASN G 180 -23.18 58.27 -26.02
CA ASN G 180 -22.00 59.09 -25.78
C ASN G 180 -21.28 58.65 -24.52
N SER G 181 -21.34 57.35 -24.20
CA SER G 181 -20.70 56.78 -23.02
C SER G 181 -19.88 55.56 -23.43
N GLN G 182 -18.83 55.28 -22.66
CA GLN G 182 -17.95 54.16 -22.93
C GLN G 182 -17.49 53.59 -21.59
N GLU G 183 -18.00 52.40 -21.25
CA GLU G 183 -17.65 51.75 -20.00
C GLU G 183 -16.33 51.02 -20.13
N SER G 184 -15.79 50.58 -19.00
CA SER G 184 -14.56 49.80 -18.97
C SER G 184 -14.47 49.11 -17.62
N VAL G 185 -14.30 47.79 -17.64
CA VAL G 185 -14.25 46.97 -16.43
C VAL G 185 -12.91 46.26 -16.38
N THR G 186 -12.23 46.38 -15.24
CA THR G 186 -11.01 45.63 -15.01
C THR G 186 -11.35 44.19 -14.64
N GLU G 187 -10.43 43.29 -14.91
CA GLU G 187 -10.63 41.88 -14.57
C GLU G 187 -10.62 41.71 -13.04
N GLN G 188 -10.84 40.47 -12.61
CA GLN G 188 -10.88 40.17 -11.19
C GLN G 188 -9.54 40.50 -10.54
N ASP G 189 -9.59 41.16 -9.39
CA ASP G 189 -8.38 41.47 -8.65
C ASP G 189 -7.74 40.19 -8.14
N SER G 190 -6.41 40.16 -8.15
CA SER G 190 -5.69 38.94 -7.77
C SER G 190 -5.87 38.60 -6.30
N LYS G 191 -5.98 39.62 -5.44
CA LYS G 191 -6.06 39.42 -4.00
C LYS G 191 -7.48 39.61 -3.46
N ASP G 192 -8.07 40.78 -3.69
CA ASP G 192 -9.41 41.06 -3.18
C ASP G 192 -10.51 40.38 -3.98
N SER G 193 -10.24 40.04 -5.25
CA SER G 193 -11.23 39.41 -6.13
C SER G 193 -12.47 40.29 -6.28
N THR G 194 -12.25 41.47 -6.86
CA THR G 194 -13.31 42.44 -7.05
C THR G 194 -13.01 43.27 -8.29
N TYR G 195 -14.06 43.90 -8.81
CA TYR G 195 -14.00 44.63 -10.07
C TYR G 195 -13.88 46.13 -9.84
N SER G 196 -13.84 46.88 -10.93
CA SER G 196 -13.78 48.34 -10.89
C SER G 196 -14.26 48.87 -12.22
N LEU G 197 -15.33 49.66 -12.20
CA LEU G 197 -15.92 50.24 -13.40
C LEU G 197 -15.48 51.69 -13.57
N SER G 198 -15.51 52.16 -14.81
CA SER G 198 -15.19 53.56 -15.09
C SER G 198 -15.83 53.95 -16.41
N SER G 199 -16.87 54.77 -16.34
CA SER G 199 -17.50 55.35 -17.52
C SER G 199 -16.86 56.70 -17.81
N THR G 200 -16.88 57.08 -19.09
CA THR G 200 -16.30 58.35 -19.56
C THR G 200 -17.29 58.99 -20.52
N LEU G 201 -18.15 59.85 -19.98
CA LEU G 201 -19.12 60.59 -20.78
C LEU G 201 -18.45 61.84 -21.33
N THR G 202 -18.47 62.00 -22.65
CA THR G 202 -17.89 63.14 -23.33
C THR G 202 -18.89 63.65 -24.36
N LEU G 203 -19.19 64.96 -24.31
CA LEU G 203 -20.12 65.58 -25.24
C LEU G 203 -19.43 66.56 -26.19
N SER G 204 -18.86 67.63 -25.65
CA SER G 204 -18.13 68.64 -26.41
C SER G 204 -17.68 69.71 -25.43
N LYS G 205 -16.89 70.66 -25.94
CA LYS G 205 -16.63 71.89 -25.18
C LYS G 205 -17.91 72.68 -24.96
N ALA G 206 -18.70 72.86 -26.03
CA ALA G 206 -19.88 73.72 -25.94
C ALA G 206 -20.97 73.09 -25.09
N ASP G 207 -21.24 71.79 -25.31
CA ASP G 207 -22.34 71.15 -24.60
C ASP G 207 -22.06 70.99 -23.11
N TYR G 208 -20.81 71.15 -22.68
CA TYR G 208 -20.54 71.12 -21.24
C TYR G 208 -21.21 72.29 -20.54
N GLU G 209 -21.20 73.46 -21.14
CA GLU G 209 -21.78 74.68 -20.55
C GLU G 209 -23.19 74.92 -21.08
N LYS G 210 -24.08 73.98 -20.77
CA LYS G 210 -25.51 74.11 -21.07
C LYS G 210 -26.39 73.88 -19.85
N HIS G 211 -25.99 72.97 -18.96
CA HIS G 211 -26.65 72.79 -17.67
C HIS G 211 -25.60 72.66 -16.59
N LYS G 212 -25.98 73.04 -15.37
CA LYS G 212 -25.09 73.01 -14.22
C LYS G 212 -25.15 71.71 -13.44
N VAL G 213 -26.03 70.78 -13.80
CA VAL G 213 -26.23 69.52 -13.10
C VAL G 213 -25.95 68.39 -14.08
N TYR G 214 -24.87 67.65 -13.85
CA TYR G 214 -24.55 66.43 -14.59
C TYR G 214 -24.39 65.32 -13.55
N ALA G 215 -25.51 64.73 -13.15
CA ALA G 215 -25.50 63.74 -12.10
C ALA G 215 -25.21 62.36 -12.67
N CYS G 216 -24.71 61.47 -11.80
CA CYS G 216 -24.48 60.08 -12.16
C CYS G 216 -25.22 59.18 -11.20
N GLU G 217 -25.82 58.12 -11.73
CA GLU G 217 -26.59 57.16 -10.97
C GLU G 217 -25.98 55.78 -11.15
N VAL G 218 -25.98 55.00 -10.07
CA VAL G 218 -25.43 53.65 -10.08
C VAL G 218 -26.38 52.74 -9.30
N THR G 219 -26.61 51.54 -9.83
CA THR G 219 -27.44 50.53 -9.19
C THR G 219 -26.70 49.20 -9.18
N HIS G 220 -26.81 48.49 -8.06
CA HIS G 220 -26.06 47.27 -7.82
C HIS G 220 -26.81 46.46 -6.76
N GLN G 221 -26.59 45.16 -6.75
CA GLN G 221 -27.21 44.30 -5.74
C GLN G 221 -26.80 44.71 -4.34
N GLY G 222 -25.52 45.06 -4.15
CA GLY G 222 -25.07 45.51 -2.84
C GLY G 222 -25.74 46.77 -2.38
N LEU G 223 -26.17 47.62 -3.30
CA LEU G 223 -26.86 48.87 -2.97
C LEU G 223 -28.34 48.58 -2.77
N SER G 224 -28.87 48.97 -1.61
CA SER G 224 -30.29 48.80 -1.34
C SER G 224 -31.13 49.64 -2.29
N SER G 225 -30.69 50.87 -2.56
CA SER G 225 -31.38 51.82 -3.41
C SER G 225 -30.39 52.40 -4.42
N PRO G 226 -30.86 52.99 -5.52
CA PRO G 226 -29.92 53.55 -6.50
C PRO G 226 -29.17 54.73 -5.92
N VAL G 227 -27.84 54.63 -5.92
CA VAL G 227 -26.99 55.70 -5.39
C VAL G 227 -26.81 56.75 -6.48
N THR G 228 -26.77 58.02 -6.07
CA THR G 228 -26.64 59.15 -6.98
C THR G 228 -25.57 60.09 -6.47
N LYS G 229 -24.68 60.51 -7.36
CA LYS G 229 -23.66 61.52 -7.08
C LYS G 229 -23.89 62.72 -7.98
N SER G 230 -24.06 63.88 -7.37
CA SER G 230 -24.37 65.11 -8.10
C SER G 230 -23.09 65.85 -8.46
N PHE G 231 -23.24 66.83 -9.35
CA PHE G 231 -22.14 67.66 -9.84
C PHE G 231 -22.33 69.12 -9.48
N ASN G 232 -23.48 69.71 -9.82
CA ASN G 232 -23.82 71.09 -9.47
C ASN G 232 -22.76 72.07 -9.97
N ARG G 233 -22.27 71.84 -11.18
CA ARG G 233 -21.29 72.74 -11.78
C ARG G 233 -21.35 72.58 -13.29
N GLY G 234 -20.82 73.59 -13.99
CA GLY G 234 -20.78 73.60 -15.43
C GLY G 234 -21.39 74.87 -16.01
PB ATR H . 4.96 -11.61 73.01
O1B ATR H . 4.74 -12.80 72.17
O2B ATR H . 6.16 -10.69 72.85
O3B ATR H . 3.67 -10.57 72.44
PA ATR H . 5.27 -10.85 75.52
O1A ATR H . 6.71 -11.19 75.38
O2A ATR H . 4.57 -11.00 76.84
O3A ATR H . 4.61 -11.99 74.52
O5' ATR H . 5.01 -9.35 74.87
C5' ATR H . 3.65 -9.09 75.05
C4' ATR H . 3.50 -8.23 76.29
O4' ATR H . 2.99 -6.96 75.95
C3' ATR H . 2.47 -8.88 77.20
O3' ATR H . 3.08 -9.88 77.97
C2' ATR H . 2.09 -7.70 78.11
O2' ATR H . 2.87 -7.58 79.18
P2' ATR H . 2.06 -6.67 80.55
O1P ATR H . 0.77 -7.42 80.52
O2P ATR H . 3.00 -6.93 81.73
O3P ATR H . 2.08 -5.31 79.93
C1' ATR H . 2.33 -6.47 77.12
N9 ATR H . 1.06 -5.87 76.71
C8 ATR H . 0.04 -6.43 75.92
N7 ATR H . -1.02 -5.61 75.73
C5 ATR H . -0.65 -4.45 76.43
C6 ATR H . -1.32 -3.22 76.62
N6 ATR H . -2.55 -3.00 76.06
N1 ATR H . -0.76 -2.21 77.35
C2 ATR H . 0.48 -2.50 77.88
N3 ATR H . 1.23 -3.61 77.80
C4 ATR H . 0.63 -4.60 77.04
H5'1 ATR H . 3.26 -8.66 74.27
H5'2 ATR H . 3.17 -9.91 75.16
H4' ATR H . 4.35 -8.10 76.72
H3' ATR H . 1.68 -9.20 76.73
H2' ATR H . 1.14 -7.75 78.26
H1' ATR H . 2.85 -5.77 77.54
H8 ATR H . 0.11 -7.30 75.57
HN61 ATR H . -2.62 -2.92 75.21
HN62 ATR H . -3.24 -2.93 76.57
H2 ATR H . 0.84 -1.80 78.38
#